data_1ZM9
#
_entry.id   1ZM9
#
_cell.length_a   330.840
_cell.length_b   68.740
_cell.length_c   191.460
_cell.angle_alpha   90.00
_cell.angle_beta   103.50
_cell.angle_gamma   90.00
#
_symmetry.space_group_name_H-M   'C 1 2 1'
#
loop_
_entity.id
_entity.type
_entity.pdbx_description
1 polymer 'Elongation factor 2'
2 polymer 'exotoxin A'
3 non-polymer N~2~,N~2~-DIMETHYL-N~1~-(6-OXO-5,6-DIHYDROPHENANTHRIDIN-2-YL)GLYCINAMIDE
#
loop_
_entity_poly.entity_id
_entity_poly.type
_entity_poly.pdbx_seq_one_letter_code
_entity_poly.pdbx_strand_id
1 'polypeptide(L)'
;MVAFTVDQMRSLMDKVTNVRNMSVIAHVDHGKSTLTDSLVQRAGIISAAKAGEARFTDTRKDEQERGITIKSTAISLYSE
MSDEDVKEIKQKTDGNSFLINLIDSPGHVDFSSEVTAALRVTDGALVVVDTIEGVCVQTETVLRQALGERIKPVVVINKV
DRALLELQVSKEDLYQTFARTVESVNVIVSTYADEVLGDVQVYPARGTVAFGSGLHGWAFTIRQFATRYAKKFGVDKAKM
MDRLWGDSFFNPKTKKWTNKDTDAEGKPLERAFNMFILDPIFRLFTAIMNFKKDEIPVLLEKLEIVLKGDEKDLEGKALL
KVVMRKFLPAADALLEMIVLHLPSPVTAQAYRAEQLYEGPADDANCIAIKNCDPKADLMLYVSKMVPTSDKGRFYAFGRV
FAGTVKSGQKVRIQGPNYVPGKKDDLFIKAIQRVVLMMGRFVEPIDDCPAGNIIGLVGIDQFLLKTGTLTTSETAHNMKV
MKFSVSPVVQVAVEVKNANDLPKLVEGLKRLSKSDPCVLTYMSESGEHIVAGTGELHLEICLQDLEHDHAGVPLKISPPV
VAYRETVESESSQTALSKSPNKHNRIYLKAEPIDEEVSLAIENGIINPRDDFKARARIMADDYGWDVTDARKIWCFGPDG
NGPNLVIDQTKAVQYLHEIKDSVVAAFQWATKEGPIFGEEMRSVRVNILDVTLHADAI(DDE)RGGGQIIPTMRRATYAG
FLLADPKIQEPVFLVEIQCPEQAVGGIYSVLNKKRGQVVSEEQRPGTPLFTVKAYLPVNESFGFTGELRQATGGQAFPQM
VFDHWSTLGSDPLDPTSKAGEIVLAARKRHGMKEEVPGWQEYYDKL
;
A,C,E
2 'polypeptide(L)'
;EFLGDGGDVSFSTRGTQNWTVERLLQAHRQLEERGYVFVGYHGTFLEAAQSIVFGGVRARSQDLDAIWRGFYIAGDPALA
YGYAQDQEPDARGRIRNGALLRVYVPRSSLPGFYRTSLTLAAPEAAGEVERLIGHPLPLRLDAITGPEEEGGRLETILGW
PLAERTVVIPSAIPTDPRNVGGDLDPSSIPDKEQAISALPDYASQPG
;
B,D,F
#
# COMPACT_ATOMS: atom_id res chain seq x y z
N VAL A 2 -30.21 2.17 17.61
CA VAL A 2 -30.48 2.96 18.86
C VAL A 2 -29.21 3.64 19.35
N ALA A 3 -29.39 4.61 20.23
CA ALA A 3 -28.27 5.33 20.78
C ALA A 3 -27.91 4.79 22.15
N PHE A 4 -26.62 4.62 22.36
CA PHE A 4 -26.11 4.13 23.63
C PHE A 4 -25.04 5.04 24.18
N THR A 5 -24.89 5.03 25.49
CA THR A 5 -23.89 5.84 26.16
C THR A 5 -22.64 4.97 26.30
N VAL A 6 -21.51 5.58 26.61
CA VAL A 6 -20.30 4.81 26.75
C VAL A 6 -20.50 3.71 27.77
N ASP A 7 -21.21 4.03 28.84
CA ASP A 7 -21.48 3.06 29.89
C ASP A 7 -22.22 1.86 29.35
N GLN A 8 -23.36 2.13 28.72
CA GLN A 8 -24.19 1.08 28.14
C GLN A 8 -23.31 0.18 27.30
N MET A 9 -22.57 0.80 26.38
CA MET A 9 -21.67 0.05 25.50
C MET A 9 -20.71 -0.78 26.33
N ARG A 10 -20.02 -0.11 27.24
CA ARG A 10 -19.06 -0.80 28.10
C ARG A 10 -19.73 -1.97 28.81
N SER A 11 -20.85 -1.69 29.47
CA SER A 11 -21.61 -2.72 30.19
C SER A 11 -21.93 -3.93 29.29
N LEU A 12 -22.32 -3.63 28.05
CA LEU A 12 -22.64 -4.64 27.06
C LEU A 12 -21.41 -5.46 26.68
N MET A 13 -20.26 -4.80 26.66
CA MET A 13 -18.98 -5.43 26.30
C MET A 13 -18.43 -6.31 27.41
N ASP A 14 -19.08 -6.30 28.56
CA ASP A 14 -18.62 -7.11 29.68
C ASP A 14 -19.28 -8.49 29.60
N LYS A 15 -20.43 -8.55 28.98
CA LYS A 15 -21.10 -9.83 28.85
C LYS A 15 -20.73 -10.44 27.50
N VAL A 16 -19.49 -10.88 27.40
CA VAL A 16 -18.97 -11.48 26.18
C VAL A 16 -19.83 -12.65 25.71
N THR A 17 -20.41 -13.37 26.66
CA THR A 17 -21.27 -14.48 26.30
C THR A 17 -22.41 -13.99 25.44
N ASN A 18 -22.64 -12.67 25.45
CA ASN A 18 -23.71 -12.10 24.66
C ASN A 18 -23.20 -11.15 23.58
N VAL A 19 -22.08 -11.55 22.98
CA VAL A 19 -21.46 -10.79 21.90
C VAL A 19 -21.32 -11.72 20.73
N ARG A 20 -21.32 -11.17 19.52
CA ARG A 20 -21.19 -12.00 18.33
C ARG A 20 -20.29 -11.30 17.34
N ASN A 21 -19.11 -11.87 17.11
CA ASN A 21 -18.15 -11.31 16.15
C ASN A 21 -18.27 -12.03 14.81
N MET A 22 -18.80 -11.35 13.79
CA MET A 22 -18.95 -11.96 12.47
C MET A 22 -18.69 -11.10 11.24
N SER A 23 -18.79 -11.75 10.09
CA SER A 23 -18.59 -11.09 8.83
C SER A 23 -19.70 -11.55 7.91
N VAL A 24 -19.74 -10.99 6.71
CA VAL A 24 -20.73 -11.38 5.73
C VAL A 24 -19.98 -11.83 4.50
N ILE A 25 -20.06 -13.13 4.21
CA ILE A 25 -19.38 -13.65 3.05
C ILE A 25 -20.37 -13.64 1.91
N ALA A 26 -20.09 -12.85 0.90
CA ALA A 26 -21.00 -12.80 -0.22
C ALA A 26 -20.47 -12.04 -1.39
N HIS A 27 -20.87 -12.47 -2.58
CA HIS A 27 -20.45 -11.81 -3.78
C HIS A 27 -21.22 -10.51 -3.77
N VAL A 28 -20.57 -9.45 -4.22
CA VAL A 28 -21.20 -8.15 -4.25
C VAL A 28 -22.49 -8.12 -5.05
N ASP A 29 -22.53 -8.87 -6.15
CA ASP A 29 -23.71 -8.87 -7.00
C ASP A 29 -24.81 -9.74 -6.44
N HIS A 30 -24.69 -10.10 -5.17
CA HIS A 30 -25.72 -10.91 -4.54
C HIS A 30 -26.29 -10.21 -3.33
N GLY A 31 -26.47 -8.90 -3.47
CA GLY A 31 -27.03 -8.11 -2.39
C GLY A 31 -26.23 -8.02 -1.11
N LYS A 32 -24.92 -8.20 -1.19
CA LYS A 32 -24.07 -8.14 -0.01
C LYS A 32 -24.21 -6.82 0.73
N SER A 33 -24.06 -5.74 -0.02
CA SER A 33 -24.17 -4.43 0.56
C SER A 33 -25.59 -4.19 1.01
N THR A 34 -26.56 -4.60 0.20
CA THR A 34 -27.97 -4.39 0.55
C THR A 34 -28.36 -5.06 1.89
N LEU A 35 -28.14 -6.37 1.99
CA LEU A 35 -28.46 -7.09 3.23
C LEU A 35 -27.79 -6.45 4.43
N THR A 36 -26.48 -6.22 4.33
CA THR A 36 -25.75 -5.59 5.43
C THR A 36 -26.45 -4.31 5.93
N ASP A 37 -26.81 -3.41 5.00
CA ASP A 37 -27.48 -2.14 5.36
C ASP A 37 -28.69 -2.42 6.21
N SER A 38 -29.53 -3.30 5.69
CA SER A 38 -30.72 -3.64 6.40
C SER A 38 -30.45 -3.90 7.87
N LEU A 39 -29.33 -4.53 8.19
CA LEU A 39 -29.05 -4.81 9.60
C LEU A 39 -28.69 -3.53 10.31
N VAL A 40 -28.03 -2.65 9.58
CA VAL A 40 -27.62 -1.38 10.15
C VAL A 40 -28.84 -0.50 10.39
N GLN A 41 -29.69 -0.43 9.37
CA GLN A 41 -30.90 0.39 9.44
C GLN A 41 -31.86 -0.16 10.49
N ARG A 42 -31.52 -1.31 11.05
CA ARG A 42 -32.37 -1.96 12.01
C ARG A 42 -31.82 -2.03 13.42
N ALA A 43 -30.59 -2.50 13.54
CA ALA A 43 -29.96 -2.64 14.85
C ALA A 43 -28.65 -1.88 14.98
N GLY A 44 -28.41 -0.97 14.04
CA GLY A 44 -27.18 -0.18 14.07
C GLY A 44 -27.02 0.63 15.34
N ILE A 45 -25.86 0.53 15.99
CA ILE A 45 -25.61 1.25 17.22
C ILE A 45 -25.04 2.64 17.02
N ILE A 46 -25.70 3.63 17.60
CA ILE A 46 -25.24 5.00 17.50
C ILE A 46 -24.91 5.50 18.90
N SER A 47 -23.87 6.32 19.01
CA SER A 47 -23.46 6.84 20.30
C SER A 47 -24.31 8.02 20.74
N ALA A 48 -24.60 8.04 22.03
CA ALA A 48 -25.40 9.10 22.61
C ALA A 48 -24.56 10.36 22.80
N GLY A 67 -15.13 14.61 16.96
CA GLY A 67 -14.89 15.22 15.66
C GLY A 67 -13.89 14.47 14.81
N ILE A 68 -13.53 13.28 15.28
CA ILE A 68 -12.57 12.44 14.57
C ILE A 68 -13.32 11.37 13.80
N THR A 69 -13.18 11.38 12.48
CA THR A 69 -13.84 10.38 11.66
C THR A 69 -12.81 9.34 11.25
N ILE A 70 -13.28 8.13 10.94
CA ILE A 70 -12.37 7.07 10.52
C ILE A 70 -12.99 6.35 9.33
N LYS A 71 -12.22 5.43 8.77
CA LYS A 71 -12.69 4.64 7.63
C LYS A 71 -13.47 3.47 8.22
N SER A 72 -14.77 3.46 7.94
CA SER A 72 -15.65 2.43 8.44
C SER A 72 -15.07 1.04 8.30
N THR A 73 -14.77 0.43 9.45
CA THR A 73 -14.21 -0.90 9.51
C THR A 73 -15.11 -1.94 10.20
N ALA A 74 -15.90 -1.48 11.17
CA ALA A 74 -16.81 -2.37 11.88
C ALA A 74 -18.07 -1.61 12.33
N ILE A 75 -19.21 -2.29 12.29
CA ILE A 75 -20.47 -1.69 12.68
C ILE A 75 -20.98 -2.43 13.90
N SER A 76 -21.48 -1.68 14.88
CA SER A 76 -22.01 -2.26 16.11
C SER A 76 -23.51 -2.48 15.97
N LEU A 77 -23.99 -3.66 16.35
CA LEU A 77 -25.41 -3.99 16.26
C LEU A 77 -25.95 -4.42 17.60
N TYR A 78 -27.16 -4.00 17.92
CA TYR A 78 -27.79 -4.39 19.17
C TYR A 78 -29.07 -5.16 18.87
N SER A 79 -29.33 -6.21 19.63
CA SER A 79 -30.54 -7.01 19.44
C SER A 79 -30.95 -7.66 20.75
N GLU A 80 -32.24 -7.72 20.99
CA GLU A 80 -32.73 -8.33 22.22
C GLU A 80 -33.66 -9.47 21.88
N MET A 81 -33.74 -10.43 22.80
CA MET A 81 -34.60 -11.58 22.60
C MET A 81 -35.29 -11.98 23.91
N SER A 82 -36.33 -12.81 23.80
CA SER A 82 -37.08 -13.26 24.97
C SER A 82 -36.35 -14.34 25.75
N ASP A 83 -36.61 -14.39 27.06
CA ASP A 83 -35.96 -15.37 27.94
C ASP A 83 -36.19 -16.74 27.34
N GLU A 84 -37.24 -16.85 26.54
CA GLU A 84 -37.58 -18.11 25.92
C GLU A 84 -36.56 -18.38 24.83
N ASP A 85 -36.28 -17.36 24.02
CA ASP A 85 -35.33 -17.52 22.94
C ASP A 85 -33.92 -17.77 23.47
N VAL A 86 -33.57 -17.06 24.52
CA VAL A 86 -32.26 -17.20 25.10
C VAL A 86 -31.97 -18.66 25.41
N LYS A 87 -33.02 -19.41 25.69
CA LYS A 87 -32.86 -20.81 26.02
C LYS A 87 -32.50 -21.68 24.83
N GLU A 88 -33.01 -21.34 23.65
CA GLU A 88 -32.72 -22.13 22.47
C GLU A 88 -31.25 -22.04 22.10
N ILE A 89 -30.52 -21.20 22.82
CA ILE A 89 -29.11 -21.02 22.54
C ILE A 89 -28.23 -22.09 23.17
N LYS A 90 -27.79 -23.03 22.34
CA LYS A 90 -26.94 -24.13 22.81
C LYS A 90 -25.51 -23.65 23.06
N GLN A 91 -25.38 -22.71 23.98
CA GLN A 91 -24.10 -22.14 24.36
C GLN A 91 -24.35 -21.14 25.46
N LYS A 92 -23.55 -21.25 26.51
CA LYS A 92 -23.65 -20.35 27.64
C LYS A 92 -23.95 -18.91 27.26
N THR A 93 -24.95 -18.33 27.92
CA THR A 93 -25.35 -16.94 27.70
C THR A 93 -25.72 -16.29 29.04
N ASP A 94 -26.15 -15.03 28.97
CA ASP A 94 -26.52 -14.34 30.18
C ASP A 94 -27.14 -13.01 29.82
N GLY A 95 -28.44 -12.89 30.06
CA GLY A 95 -29.11 -11.66 29.73
C GLY A 95 -29.79 -11.80 28.39
N ASN A 96 -30.65 -10.85 28.07
CA ASN A 96 -31.38 -10.92 26.83
C ASN A 96 -30.77 -9.99 25.80
N SER A 97 -29.76 -9.25 26.21
CA SER A 97 -29.12 -8.31 25.30
C SER A 97 -27.94 -8.94 24.58
N PHE A 98 -27.72 -8.50 23.34
CA PHE A 98 -26.62 -9.01 22.52
C PHE A 98 -25.91 -7.94 21.69
N LEU A 99 -24.59 -8.04 21.63
CA LEU A 99 -23.79 -7.11 20.87
C LEU A 99 -23.16 -7.84 19.68
N ILE A 100 -23.53 -7.41 18.49
CA ILE A 100 -23.02 -8.04 17.28
C ILE A 100 -22.02 -7.12 16.61
N ASN A 101 -20.84 -7.64 16.32
CA ASN A 101 -19.84 -6.82 15.65
C ASN A 101 -19.77 -7.22 14.18
N LEU A 102 -20.32 -6.37 13.31
CA LEU A 102 -20.29 -6.65 11.88
C LEU A 102 -18.99 -6.08 11.31
N ILE A 103 -17.99 -6.94 11.12
CA ILE A 103 -16.69 -6.53 10.60
C ILE A 103 -16.69 -6.55 9.08
N ASP A 104 -16.32 -5.43 8.50
CA ASP A 104 -16.30 -5.26 7.05
C ASP A 104 -15.39 -6.15 6.26
N SER A 105 -15.82 -6.47 5.04
CA SER A 105 -15.07 -7.33 4.15
C SER A 105 -14.84 -6.63 2.83
N PRO A 106 -13.93 -7.17 2.02
CA PRO A 106 -13.61 -6.61 0.71
C PRO A 106 -14.71 -6.90 -0.32
N GLY A 107 -14.62 -6.29 -1.50
CA GLY A 107 -15.61 -6.51 -2.54
C GLY A 107 -15.21 -7.64 -3.50
N HIS A 108 -13.93 -7.67 -3.85
CA HIS A 108 -13.43 -8.70 -4.75
C HIS A 108 -12.51 -9.64 -4.01
N VAL A 109 -12.39 -10.86 -4.50
CA VAL A 109 -11.54 -11.84 -3.84
C VAL A 109 -10.03 -11.58 -3.97
N ASP A 110 -9.62 -10.87 -5.01
CA ASP A 110 -8.21 -10.60 -5.21
C ASP A 110 -7.54 -10.00 -3.96
N PHE A 111 -8.32 -9.32 -3.14
CA PHE A 111 -7.80 -8.72 -1.91
C PHE A 111 -7.39 -9.75 -0.87
N SER A 112 -7.15 -10.97 -1.35
CA SER A 112 -6.74 -12.11 -0.52
C SER A 112 -6.34 -11.83 0.92
N SER A 113 -5.19 -11.19 1.06
CA SER A 113 -4.64 -10.86 2.37
C SER A 113 -5.58 -10.18 3.36
N GLU A 114 -6.39 -9.23 2.89
CA GLU A 114 -7.30 -8.56 3.81
C GLU A 114 -8.60 -9.33 4.00
N VAL A 115 -8.84 -10.33 3.16
CA VAL A 115 -10.03 -11.13 3.32
C VAL A 115 -9.76 -11.96 4.56
N THR A 116 -8.55 -12.53 4.60
CA THR A 116 -8.12 -13.37 5.72
C THR A 116 -8.07 -12.55 7.00
N ALA A 117 -7.80 -11.26 6.85
CA ALA A 117 -7.69 -10.37 7.99
C ALA A 117 -9.02 -10.26 8.72
N ALA A 118 -10.08 -9.96 7.97
CA ALA A 118 -11.40 -9.83 8.56
C ALA A 118 -11.80 -11.15 9.17
N LEU A 119 -11.63 -12.22 8.41
CA LEU A 119 -12.00 -13.54 8.90
C LEU A 119 -11.29 -13.85 10.21
N ARG A 120 -9.96 -13.68 10.25
CA ARG A 120 -9.21 -14.01 11.45
C ARG A 120 -9.68 -13.38 12.77
N VAL A 121 -10.49 -12.33 12.70
CA VAL A 121 -11.00 -11.68 13.90
C VAL A 121 -12.48 -11.99 14.19
N THR A 122 -13.13 -12.76 13.32
CA THR A 122 -14.54 -13.11 13.51
C THR A 122 -14.70 -14.56 13.96
N ASP A 123 -15.90 -14.90 14.40
CA ASP A 123 -16.18 -16.24 14.86
C ASP A 123 -17.33 -16.81 14.04
N GLY A 124 -18.24 -15.96 13.66
CA GLY A 124 -19.35 -16.42 12.87
C GLY A 124 -19.26 -15.80 11.51
N ALA A 125 -20.21 -16.20 10.68
CA ALA A 125 -20.30 -15.72 9.31
C ALA A 125 -21.68 -15.92 8.66
N LEU A 126 -22.14 -14.87 8.00
CA LEU A 126 -23.41 -14.88 7.32
C LEU A 126 -23.13 -15.04 5.83
N VAL A 127 -23.18 -16.28 5.34
CA VAL A 127 -22.91 -16.59 3.94
C VAL A 127 -24.15 -16.31 3.10
N VAL A 128 -24.01 -15.45 2.09
CA VAL A 128 -25.16 -15.17 1.25
C VAL A 128 -25.05 -15.89 -0.07
N VAL A 129 -26.07 -16.68 -0.39
CA VAL A 129 -26.12 -17.45 -1.62
C VAL A 129 -27.32 -16.98 -2.45
N ASP A 130 -27.23 -17.14 -3.76
CA ASP A 130 -28.31 -16.70 -4.66
C ASP A 130 -29.29 -17.80 -5.03
N THR A 131 -30.57 -17.45 -5.12
CA THR A 131 -31.61 -18.42 -5.46
C THR A 131 -31.41 -19.11 -6.82
N ILE A 132 -31.35 -18.31 -7.87
CA ILE A 132 -31.18 -18.85 -9.21
C ILE A 132 -29.81 -19.46 -9.38
N GLU A 133 -28.78 -18.65 -9.18
CA GLU A 133 -27.39 -19.07 -9.35
C GLU A 133 -26.80 -19.98 -8.26
N GLY A 134 -27.33 -19.91 -7.06
CA GLY A 134 -26.81 -20.76 -5.98
C GLY A 134 -25.49 -20.29 -5.40
N VAL A 135 -24.58 -21.23 -5.13
CA VAL A 135 -23.30 -20.89 -4.57
C VAL A 135 -22.29 -20.68 -5.68
N CYS A 136 -21.91 -19.43 -5.90
CA CYS A 136 -20.95 -19.12 -6.94
C CYS A 136 -19.56 -19.43 -6.46
N VAL A 137 -18.67 -19.59 -7.42
CA VAL A 137 -17.30 -19.93 -7.16
C VAL A 137 -16.67 -19.07 -6.07
N GLN A 138 -16.70 -17.77 -6.29
CA GLN A 138 -16.11 -16.85 -5.34
C GLN A 138 -16.53 -17.14 -3.91
N THR A 139 -17.83 -17.10 -3.67
CA THR A 139 -18.33 -17.32 -2.33
C THR A 139 -17.89 -18.67 -1.82
N GLU A 140 -17.78 -19.61 -2.74
CA GLU A 140 -17.36 -20.94 -2.38
C GLU A 140 -15.98 -20.87 -1.80
N THR A 141 -15.12 -20.12 -2.46
CA THR A 141 -13.75 -20.00 -2.02
C THR A 141 -13.61 -19.35 -0.67
N VAL A 142 -14.24 -18.19 -0.49
CA VAL A 142 -14.13 -17.52 0.79
C VAL A 142 -14.67 -18.40 1.91
N LEU A 143 -15.74 -19.12 1.61
CA LEU A 143 -16.32 -19.99 2.63
C LEU A 143 -15.24 -20.99 3.05
N ARG A 144 -14.46 -21.53 2.11
CA ARG A 144 -13.39 -22.51 2.43
C ARG A 144 -12.43 -21.88 3.45
N GLN A 145 -11.95 -20.68 3.11
CA GLN A 145 -11.04 -19.96 3.98
C GLN A 145 -11.67 -19.77 5.36
N ALA A 146 -12.92 -19.32 5.40
CA ALA A 146 -13.59 -19.12 6.66
C ALA A 146 -13.57 -20.42 7.46
N LEU A 147 -13.87 -21.53 6.79
CA LEU A 147 -13.87 -22.83 7.46
C LEU A 147 -12.48 -23.16 7.96
N GLY A 148 -11.46 -22.71 7.24
CA GLY A 148 -10.10 -22.97 7.67
C GLY A 148 -9.77 -22.27 8.98
N GLU A 149 -10.45 -21.16 9.26
CA GLU A 149 -10.22 -20.40 10.49
C GLU A 149 -11.21 -20.86 11.56
N ARG A 150 -12.02 -21.84 11.20
CA ARG A 150 -13.01 -22.39 12.10
C ARG A 150 -14.13 -21.41 12.38
N ILE A 151 -14.73 -20.90 11.30
CA ILE A 151 -15.85 -19.96 11.39
C ILE A 151 -17.12 -20.77 11.17
N LYS A 152 -18.13 -20.54 12.00
CA LYS A 152 -19.39 -21.24 11.85
C LYS A 152 -20.24 -20.51 10.84
N PRO A 153 -20.69 -21.20 9.80
CA PRO A 153 -21.52 -20.53 8.79
C PRO A 153 -22.99 -20.55 9.08
N VAL A 154 -23.70 -19.61 8.50
CA VAL A 154 -25.13 -19.50 8.66
C VAL A 154 -25.47 -19.00 7.29
N VAL A 155 -26.41 -19.68 6.62
CA VAL A 155 -26.78 -19.32 5.26
C VAL A 155 -28.08 -18.52 5.05
N VAL A 156 -28.12 -17.84 3.91
CA VAL A 156 -29.24 -17.00 3.50
C VAL A 156 -29.35 -17.08 1.99
N ILE A 157 -30.49 -17.55 1.51
CA ILE A 157 -30.68 -17.59 0.07
C ILE A 157 -31.41 -16.28 -0.29
N ASN A 158 -30.67 -15.38 -0.92
CA ASN A 158 -31.17 -14.06 -1.30
C ASN A 158 -31.72 -14.07 -2.72
N LYS A 159 -32.34 -12.96 -3.08
CA LYS A 159 -32.87 -12.81 -4.41
C LYS A 159 -33.91 -13.87 -4.75
N VAL A 160 -34.86 -14.08 -3.87
CA VAL A 160 -35.87 -15.05 -4.17
C VAL A 160 -36.86 -14.45 -5.14
N ASP A 161 -37.06 -13.14 -5.03
CA ASP A 161 -37.99 -12.42 -5.89
C ASP A 161 -37.71 -12.74 -7.34
N ARG A 162 -36.46 -12.62 -7.73
CA ARG A 162 -36.05 -12.86 -9.10
C ARG A 162 -36.53 -14.22 -9.59
N ALA A 163 -36.87 -15.09 -8.66
CA ALA A 163 -37.32 -16.44 -9.01
C ALA A 163 -38.76 -16.43 -9.46
N LEU A 164 -39.57 -15.69 -8.72
CA LEU A 164 -40.98 -15.60 -8.99
C LEU A 164 -41.24 -14.68 -10.19
N LEU A 165 -41.08 -13.38 -9.97
CA LEU A 165 -41.29 -12.38 -11.03
C LEU A 165 -40.73 -12.80 -12.40
N GLU A 166 -39.48 -13.25 -12.44
CA GLU A 166 -38.85 -13.67 -13.70
C GLU A 166 -39.29 -15.04 -14.19
N LEU A 167 -38.75 -16.07 -13.54
CA LEU A 167 -39.02 -17.45 -13.89
C LEU A 167 -40.44 -17.91 -13.65
N GLN A 168 -41.16 -17.20 -12.80
CA GLN A 168 -42.53 -17.58 -12.47
C GLN A 168 -42.52 -19.08 -12.11
N VAL A 169 -41.60 -19.45 -11.24
CA VAL A 169 -41.44 -20.84 -10.82
C VAL A 169 -42.57 -21.30 -9.88
N SER A 170 -42.84 -22.60 -9.87
CA SER A 170 -43.88 -23.15 -9.02
C SER A 170 -43.41 -23.37 -7.60
N LYS A 171 -44.35 -23.50 -6.66
CA LYS A 171 -44.04 -23.72 -5.24
C LYS A 171 -43.08 -24.88 -5.05
N GLU A 172 -43.33 -25.99 -5.71
CA GLU A 172 -42.45 -27.15 -5.55
C GLU A 172 -41.08 -27.00 -6.21
N ASP A 173 -41.04 -26.34 -7.38
CA ASP A 173 -39.76 -26.15 -8.09
C ASP A 173 -38.84 -25.22 -7.29
N LEU A 174 -39.42 -24.20 -6.67
CA LEU A 174 -38.64 -23.26 -5.86
C LEU A 174 -38.07 -23.97 -4.64
N TYR A 175 -38.83 -24.94 -4.13
CA TYR A 175 -38.44 -25.73 -2.97
C TYR A 175 -37.26 -26.57 -3.36
N GLN A 176 -37.42 -27.29 -4.45
CA GLN A 176 -36.34 -28.11 -4.89
C GLN A 176 -35.12 -27.23 -5.06
N THR A 177 -35.31 -25.98 -5.49
CA THR A 177 -34.16 -25.10 -5.69
C THR A 177 -33.39 -24.92 -4.40
N PHE A 178 -34.06 -24.37 -3.40
CA PHE A 178 -33.41 -24.16 -2.11
C PHE A 178 -32.69 -25.45 -1.69
N ALA A 179 -33.40 -26.56 -1.83
CA ALA A 179 -32.89 -27.87 -1.43
C ALA A 179 -31.53 -28.16 -2.05
N ARG A 180 -31.44 -27.99 -3.36
CA ARG A 180 -30.19 -28.24 -4.04
C ARG A 180 -29.17 -27.26 -3.53
N THR A 181 -29.60 -26.02 -3.37
CA THR A 181 -28.69 -25.00 -2.91
C THR A 181 -28.15 -25.31 -1.54
N VAL A 182 -29.04 -25.55 -0.60
CA VAL A 182 -28.60 -25.86 0.73
C VAL A 182 -27.69 -27.06 0.67
N GLU A 183 -27.98 -27.96 -0.28
CA GLU A 183 -27.17 -29.16 -0.41
C GLU A 183 -25.74 -28.81 -0.89
N SER A 184 -25.63 -27.95 -1.89
CA SER A 184 -24.32 -27.53 -2.42
C SER A 184 -23.44 -26.98 -1.30
N VAL A 185 -24.01 -26.06 -0.54
CA VAL A 185 -23.33 -25.42 0.56
C VAL A 185 -22.77 -26.44 1.54
N ASN A 186 -23.64 -27.31 2.04
CA ASN A 186 -23.21 -28.31 3.00
C ASN A 186 -22.17 -29.24 2.41
N VAL A 187 -22.13 -29.37 1.08
CA VAL A 187 -21.13 -30.23 0.44
C VAL A 187 -19.79 -29.56 0.73
N ILE A 188 -19.83 -28.25 0.83
CA ILE A 188 -18.61 -27.51 1.10
C ILE A 188 -18.35 -27.50 2.58
N VAL A 189 -19.38 -27.22 3.34
CA VAL A 189 -19.24 -27.18 4.77
C VAL A 189 -18.69 -28.47 5.37
N SER A 190 -19.15 -29.61 4.88
CA SER A 190 -18.70 -30.89 5.43
C SER A 190 -17.32 -31.31 4.94
N THR A 191 -17.02 -30.98 3.69
CA THR A 191 -15.74 -31.32 3.12
C THR A 191 -14.59 -30.51 3.71
N TYR A 192 -14.84 -29.26 4.09
CA TYR A 192 -13.76 -28.42 4.63
C TYR A 192 -13.79 -28.00 6.10
N ALA A 193 -14.88 -28.26 6.81
CA ALA A 193 -14.94 -27.90 8.22
C ALA A 193 -14.15 -28.94 9.01
N ASP A 194 -13.65 -28.55 10.18
CA ASP A 194 -12.87 -29.45 11.03
C ASP A 194 -13.74 -30.43 11.76
N GLU A 195 -13.29 -31.68 11.81
CA GLU A 195 -14.05 -32.72 12.50
C GLU A 195 -14.26 -32.37 13.97
N VAL A 196 -13.27 -31.74 14.57
CA VAL A 196 -13.38 -31.36 15.97
C VAL A 196 -14.59 -30.50 16.19
N LEU A 197 -14.74 -29.49 15.34
CA LEU A 197 -15.87 -28.58 15.44
C LEU A 197 -17.22 -29.30 15.55
N GLY A 198 -17.32 -30.47 14.93
CA GLY A 198 -18.57 -31.22 14.95
C GLY A 198 -19.41 -30.85 13.73
N ASP A 199 -20.54 -31.51 13.53
CA ASP A 199 -21.34 -31.17 12.38
C ASP A 199 -21.71 -29.70 12.37
N VAL A 200 -21.21 -28.99 11.37
CA VAL A 200 -21.49 -27.57 11.28
C VAL A 200 -22.35 -27.26 10.05
N GLN A 201 -22.93 -28.28 9.43
CA GLN A 201 -23.78 -28.10 8.25
C GLN A 201 -25.01 -27.26 8.57
N VAL A 202 -25.54 -26.56 7.57
CA VAL A 202 -26.71 -25.74 7.80
C VAL A 202 -27.96 -26.52 7.50
N TYR A 203 -28.94 -26.39 8.37
CA TYR A 203 -30.18 -27.10 8.20
C TYR A 203 -31.37 -26.16 8.38
N PRO A 204 -32.16 -25.99 7.32
CA PRO A 204 -33.33 -25.09 7.35
C PRO A 204 -34.26 -25.37 8.53
N ALA A 205 -34.45 -26.65 8.82
CA ALA A 205 -35.33 -27.04 9.89
C ALA A 205 -34.78 -26.63 11.24
N ARG A 206 -33.49 -26.36 11.28
CA ARG A 206 -32.87 -25.97 12.53
C ARG A 206 -32.68 -24.46 12.67
N GLY A 207 -33.27 -23.70 11.76
CA GLY A 207 -33.16 -22.25 11.82
C GLY A 207 -31.82 -21.59 11.50
N THR A 208 -30.98 -22.25 10.70
CA THR A 208 -29.68 -21.70 10.31
C THR A 208 -29.60 -21.36 8.82
N VAL A 209 -30.76 -21.31 8.17
CA VAL A 209 -30.86 -20.96 6.76
C VAL A 209 -32.09 -20.06 6.60
N ALA A 210 -31.88 -18.84 6.13
CA ALA A 210 -32.99 -17.92 5.95
C ALA A 210 -33.16 -17.71 4.47
N PHE A 211 -34.36 -17.31 4.07
CA PHE A 211 -34.63 -17.07 2.67
C PHE A 211 -35.26 -15.71 2.58
N GLY A 212 -35.03 -15.03 1.46
CA GLY A 212 -35.60 -13.71 1.25
C GLY A 212 -35.09 -12.93 0.06
N SER A 213 -35.38 -11.63 0.11
CA SER A 213 -34.99 -10.70 -0.93
C SER A 213 -34.57 -9.35 -0.38
N GLY A 214 -33.29 -9.02 -0.58
CA GLY A 214 -32.77 -7.76 -0.12
C GLY A 214 -33.45 -6.62 -0.84
N LEU A 215 -33.70 -6.80 -2.14
CA LEU A 215 -34.35 -5.77 -2.90
C LEU A 215 -35.62 -5.34 -2.15
N HIS A 216 -36.61 -6.22 -2.11
CA HIS A 216 -37.85 -5.91 -1.44
C HIS A 216 -37.70 -5.73 0.05
N GLY A 217 -36.65 -6.30 0.62
CA GLY A 217 -36.42 -6.14 2.05
C GLY A 217 -37.07 -7.14 2.96
N TRP A 218 -37.30 -8.35 2.46
CA TRP A 218 -37.92 -9.38 3.28
C TRP A 218 -37.08 -10.64 3.33
N ALA A 219 -37.30 -11.44 4.36
CA ALA A 219 -36.58 -12.68 4.55
C ALA A 219 -37.19 -13.43 5.74
N PHE A 220 -37.13 -14.76 5.71
CA PHE A 220 -37.70 -15.53 6.81
C PHE A 220 -36.91 -16.81 7.13
N THR A 221 -37.24 -17.41 8.27
CA THR A 221 -36.61 -18.65 8.73
C THR A 221 -37.73 -19.59 9.13
N ILE A 222 -37.50 -20.88 8.97
CA ILE A 222 -38.53 -21.83 9.31
C ILE A 222 -38.96 -21.54 10.73
N ARG A 223 -38.00 -21.13 11.54
CA ARG A 223 -38.28 -20.84 12.94
C ARG A 223 -39.27 -19.68 13.12
N GLN A 224 -39.43 -18.83 12.12
CA GLN A 224 -40.36 -17.71 12.28
C GLN A 224 -41.79 -18.14 12.01
N PHE A 225 -41.99 -18.93 10.97
CA PHE A 225 -43.33 -19.38 10.65
C PHE A 225 -43.75 -20.43 11.67
N ALA A 226 -42.76 -21.06 12.29
CA ALA A 226 -43.05 -22.09 13.27
C ALA A 226 -43.52 -21.52 14.58
N THR A 227 -43.16 -20.27 14.85
CA THR A 227 -43.55 -19.63 16.10
C THR A 227 -44.95 -19.10 15.92
N ARG A 228 -45.31 -18.89 14.66
CA ARG A 228 -46.62 -18.38 14.29
C ARG A 228 -47.62 -19.55 14.26
N TYR A 229 -47.40 -20.50 13.36
CA TYR A 229 -48.29 -21.65 13.23
C TYR A 229 -48.23 -22.47 14.49
N ALA A 230 -47.31 -22.06 15.35
CA ALA A 230 -47.08 -22.70 16.63
C ALA A 230 -48.30 -23.32 17.33
N LYS A 231 -49.35 -22.56 17.57
CA LYS A 231 -50.47 -23.12 18.30
C LYS A 231 -51.73 -23.48 17.53
N LYS A 232 -51.91 -22.90 16.37
CA LYS A 232 -53.07 -23.16 15.53
C LYS A 232 -53.23 -24.67 15.27
N PHE A 233 -52.21 -25.44 15.66
CA PHE A 233 -52.13 -26.91 15.51
C PHE A 233 -51.85 -27.67 16.81
N GLY A 234 -51.53 -26.95 17.89
CA GLY A 234 -51.21 -27.61 19.14
C GLY A 234 -49.86 -28.27 18.98
N VAL A 235 -48.82 -27.45 18.89
CA VAL A 235 -47.48 -27.98 18.72
C VAL A 235 -46.48 -27.16 19.48
N ASP A 236 -45.40 -27.80 19.89
CA ASP A 236 -44.32 -27.07 20.51
C ASP A 236 -43.58 -26.83 19.21
N LYS A 237 -43.25 -25.57 18.94
CA LYS A 237 -42.60 -25.20 17.69
C LYS A 237 -41.48 -26.12 17.29
N ALA A 238 -40.85 -26.74 18.28
CA ALA A 238 -39.77 -27.66 18.00
C ALA A 238 -40.22 -28.57 16.87
N LYS A 239 -41.38 -29.18 17.02
CA LYS A 239 -41.88 -30.08 16.00
C LYS A 239 -42.65 -29.40 14.88
N MET A 240 -42.96 -28.12 15.05
CA MET A 240 -43.70 -27.40 14.01
C MET A 240 -42.73 -27.00 12.91
N MET A 241 -41.53 -26.57 13.32
CA MET A 241 -40.55 -26.17 12.34
C MET A 241 -39.88 -27.40 11.73
N ASP A 242 -39.89 -28.48 12.48
CA ASP A 242 -39.30 -29.72 12.01
C ASP A 242 -40.15 -30.26 10.87
N ARG A 243 -41.42 -29.93 10.89
CA ARG A 243 -42.34 -30.39 9.86
C ARG A 243 -42.32 -29.45 8.67
N LEU A 244 -42.10 -28.18 8.94
CA LEU A 244 -42.10 -27.18 7.88
C LEU A 244 -41.08 -27.37 6.78
N TRP A 245 -40.20 -28.37 6.93
CA TRP A 245 -39.18 -28.67 5.92
C TRP A 245 -39.08 -30.19 5.68
N GLY A 246 -38.57 -30.56 4.51
CA GLY A 246 -38.41 -31.97 4.18
C GLY A 246 -39.71 -32.60 3.79
N ASP A 247 -39.83 -33.89 4.06
CA ASP A 247 -41.04 -34.59 3.71
C ASP A 247 -42.01 -34.71 4.87
N SER A 248 -42.98 -33.79 4.89
CA SER A 248 -44.04 -33.72 5.89
C SER A 248 -45.27 -33.13 5.14
N PHE A 249 -46.41 -33.82 5.21
CA PHE A 249 -47.60 -33.35 4.51
C PHE A 249 -48.81 -33.22 5.41
N PHE A 250 -49.71 -32.32 5.05
CA PHE A 250 -50.92 -32.10 5.80
C PHE A 250 -52.12 -32.20 4.87
N ASN A 251 -52.86 -33.29 4.98
CA ASN A 251 -54.01 -33.47 4.13
C ASN A 251 -55.07 -32.51 4.53
N PRO A 252 -55.54 -31.71 3.57
CA PRO A 252 -56.58 -30.75 3.91
C PRO A 252 -57.83 -31.51 4.31
N LYS A 253 -58.12 -32.55 3.57
CA LYS A 253 -59.29 -33.36 3.84
C LYS A 253 -59.19 -34.13 5.15
N THR A 254 -58.24 -35.04 5.24
CA THR A 254 -58.09 -35.84 6.44
C THR A 254 -57.71 -34.98 7.62
N LYS A 255 -57.15 -33.81 7.35
CA LYS A 255 -56.73 -32.93 8.43
C LYS A 255 -55.76 -33.71 9.28
N LYS A 256 -54.88 -34.46 8.62
CA LYS A 256 -53.88 -35.25 9.34
C LYS A 256 -52.47 -35.01 8.79
N TRP A 257 -51.47 -35.29 9.62
CA TRP A 257 -50.07 -35.14 9.24
C TRP A 257 -49.54 -36.50 8.80
N THR A 258 -49.01 -36.57 7.59
CA THR A 258 -48.49 -37.82 7.05
C THR A 258 -47.08 -37.67 6.62
N ASN A 259 -46.44 -38.78 6.31
CA ASN A 259 -45.07 -38.71 5.85
C ASN A 259 -44.93 -39.23 4.45
N LYS A 260 -46.04 -39.25 3.71
CA LYS A 260 -46.00 -39.69 2.33
C LYS A 260 -46.68 -38.65 1.46
N ASP A 261 -46.09 -38.40 0.29
CA ASP A 261 -46.63 -37.40 -0.63
C ASP A 261 -47.98 -37.77 -1.24
N THR A 262 -48.59 -38.86 -0.77
CA THR A 262 -49.88 -39.29 -1.29
C THR A 262 -50.84 -39.75 -0.20
N ASP A 263 -52.14 -39.56 -0.43
CA ASP A 263 -53.13 -39.98 0.54
C ASP A 263 -53.45 -41.41 0.16
N ALA A 264 -54.19 -42.10 1.02
CA ALA A 264 -54.57 -43.49 0.79
C ALA A 264 -54.87 -43.91 -0.66
N GLU A 265 -55.56 -43.07 -1.42
CA GLU A 265 -55.93 -43.38 -2.80
C GLU A 265 -54.83 -43.22 -3.85
N GLY A 266 -53.91 -42.29 -3.63
CA GLY A 266 -52.83 -42.06 -4.57
C GLY A 266 -52.74 -40.64 -5.08
N LYS A 267 -53.57 -39.76 -4.56
CA LYS A 267 -53.53 -38.38 -4.98
C LYS A 267 -52.37 -37.67 -4.28
N PRO A 268 -51.73 -36.74 -4.97
CA PRO A 268 -50.60 -35.97 -4.44
C PRO A 268 -50.96 -35.09 -3.26
N LEU A 269 -49.95 -34.81 -2.43
CA LEU A 269 -50.09 -33.96 -1.24
C LEU A 269 -49.02 -32.88 -1.16
N GLU A 270 -49.47 -31.63 -1.00
CA GLU A 270 -48.57 -30.50 -0.90
C GLU A 270 -47.73 -30.58 0.39
N ARG A 271 -46.43 -30.44 0.22
CA ARG A 271 -45.47 -30.46 1.31
C ARG A 271 -45.83 -29.35 2.31
N ALA A 272 -45.46 -29.50 3.57
CA ALA A 272 -45.77 -28.48 4.58
C ALA A 272 -45.20 -27.10 4.25
N PHE A 273 -43.94 -27.07 3.82
CA PHE A 273 -43.24 -25.83 3.46
C PHE A 273 -44.03 -25.07 2.40
N ASN A 274 -44.42 -25.79 1.33
CA ASN A 274 -45.18 -25.21 0.20
C ASN A 274 -46.56 -24.78 0.68
N MET A 275 -47.08 -25.46 1.71
CA MET A 275 -48.42 -25.17 2.22
C MET A 275 -48.54 -24.01 3.17
N PHE A 276 -47.66 -23.94 4.16
CA PHE A 276 -47.76 -22.85 5.13
C PHE A 276 -46.75 -21.71 5.00
N ILE A 277 -45.74 -21.91 4.17
CA ILE A 277 -44.74 -20.87 3.97
C ILE A 277 -44.85 -20.26 2.58
N LEU A 278 -44.41 -21.00 1.57
CA LEU A 278 -44.44 -20.53 0.20
C LEU A 278 -45.80 -20.09 -0.35
N ASP A 279 -46.88 -20.72 0.10
CA ASP A 279 -48.22 -20.35 -0.38
C ASP A 279 -48.63 -18.93 0.03
N PRO A 280 -48.62 -18.62 1.34
CA PRO A 280 -49.00 -17.26 1.75
C PRO A 280 -48.25 -16.24 0.90
N ILE A 281 -46.91 -16.36 0.86
CA ILE A 281 -46.09 -15.44 0.08
C ILE A 281 -46.44 -15.44 -1.42
N PHE A 282 -46.65 -16.62 -1.99
CA PHE A 282 -46.98 -16.71 -3.41
C PHE A 282 -48.29 -16.01 -3.79
N ARG A 283 -49.25 -15.95 -2.89
CA ARG A 283 -50.51 -15.30 -3.21
C ARG A 283 -50.40 -13.80 -3.23
N LEU A 284 -49.82 -13.25 -2.17
CA LEU A 284 -49.65 -11.81 -2.06
C LEU A 284 -48.99 -11.32 -3.34
N PHE A 285 -48.01 -12.09 -3.82
CA PHE A 285 -47.30 -11.74 -5.04
C PHE A 285 -48.28 -11.78 -6.21
N THR A 286 -49.03 -12.89 -6.31
CA THR A 286 -49.99 -13.06 -7.41
C THR A 286 -51.13 -12.04 -7.32
N ALA A 287 -51.56 -11.76 -6.10
CA ALA A 287 -52.64 -10.80 -5.92
C ALA A 287 -52.17 -9.40 -6.30
N ILE A 288 -51.23 -8.89 -5.53
CA ILE A 288 -50.70 -7.56 -5.74
C ILE A 288 -50.16 -7.27 -7.13
N MET A 289 -49.32 -8.14 -7.66
CA MET A 289 -48.77 -7.88 -8.98
C MET A 289 -49.78 -8.01 -10.11
N ASN A 290 -51.02 -8.42 -9.81
CA ASN A 290 -52.02 -8.54 -10.86
C ASN A 290 -53.10 -7.50 -10.61
N PHE A 291 -52.83 -6.67 -9.61
CA PHE A 291 -53.74 -5.59 -9.26
C PHE A 291 -55.16 -6.01 -8.94
N LYS A 292 -55.36 -7.22 -8.47
CA LYS A 292 -56.71 -7.65 -8.12
C LYS A 292 -57.11 -7.03 -6.78
N LYS A 293 -57.53 -5.76 -6.83
CA LYS A 293 -57.91 -5.00 -5.64
C LYS A 293 -58.98 -5.60 -4.74
N ASP A 294 -59.72 -6.58 -5.24
CA ASP A 294 -60.75 -7.22 -4.42
C ASP A 294 -60.10 -8.17 -3.43
N GLU A 295 -59.08 -8.89 -3.89
CA GLU A 295 -58.38 -9.86 -3.07
C GLU A 295 -57.35 -9.25 -2.09
N ILE A 296 -56.48 -8.37 -2.61
CA ILE A 296 -55.42 -7.73 -1.82
C ILE A 296 -55.82 -7.37 -0.40
N PRO A 297 -56.92 -6.63 -0.23
CA PRO A 297 -57.37 -6.25 1.11
C PRO A 297 -57.73 -7.46 1.97
N VAL A 298 -58.45 -8.40 1.36
CA VAL A 298 -58.87 -9.61 2.04
C VAL A 298 -57.64 -10.41 2.42
N LEU A 299 -56.82 -10.69 1.42
CA LEU A 299 -55.60 -11.47 1.61
C LEU A 299 -54.71 -10.85 2.69
N LEU A 300 -54.57 -9.53 2.68
CA LEU A 300 -53.73 -8.84 3.64
C LEU A 300 -54.22 -9.01 5.09
N GLU A 301 -55.49 -8.71 5.32
CA GLU A 301 -56.08 -8.80 6.65
C GLU A 301 -55.89 -10.17 7.27
N LYS A 302 -55.86 -11.21 6.43
CA LYS A 302 -55.71 -12.57 6.92
C LYS A 302 -54.32 -12.78 7.50
N LEU A 303 -53.33 -12.09 6.95
CA LEU A 303 -51.96 -12.22 7.42
C LEU A 303 -51.69 -11.13 8.43
N GLU A 304 -52.75 -10.40 8.79
CA GLU A 304 -52.67 -9.31 9.76
C GLU A 304 -51.66 -8.25 9.36
N ILE A 305 -51.67 -7.91 8.08
CA ILE A 305 -50.75 -6.91 7.57
C ILE A 305 -51.50 -5.59 7.42
N VAL A 306 -51.23 -4.64 8.31
CA VAL A 306 -51.93 -3.37 8.26
C VAL A 306 -51.19 -2.27 7.53
N LEU A 307 -51.67 -1.92 6.34
CA LEU A 307 -51.05 -0.84 5.60
C LEU A 307 -51.36 0.43 6.38
N LYS A 308 -50.43 1.39 6.40
CA LYS A 308 -50.65 2.65 7.14
C LYS A 308 -50.96 3.88 6.26
N GLY A 309 -52.25 4.15 6.07
CA GLY A 309 -52.69 5.29 5.28
C GLY A 309 -52.10 5.41 3.88
N ASP A 310 -51.05 6.19 3.78
CA ASP A 310 -50.40 6.45 2.50
C ASP A 310 -49.99 5.21 1.69
N GLU A 311 -49.53 4.17 2.37
CA GLU A 311 -49.09 2.96 1.70
C GLU A 311 -50.29 2.25 1.04
N LYS A 312 -51.48 2.47 1.58
CA LYS A 312 -52.72 1.86 1.08
C LYS A 312 -52.97 2.06 -0.40
N ASP A 313 -52.64 3.24 -0.91
CA ASP A 313 -52.89 3.54 -2.31
C ASP A 313 -51.87 2.89 -3.27
N LEU A 314 -50.71 2.52 -2.75
CA LEU A 314 -49.67 1.91 -3.56
C LEU A 314 -50.16 0.68 -4.30
N GLU A 315 -49.55 0.39 -5.44
CA GLU A 315 -49.90 -0.77 -6.22
C GLU A 315 -48.72 -1.18 -7.08
N GLY A 316 -48.67 -2.45 -7.47
CA GLY A 316 -47.56 -2.93 -8.26
C GLY A 316 -46.36 -3.21 -7.38
N LYS A 317 -45.16 -3.06 -7.91
CA LYS A 317 -43.96 -3.29 -7.11
C LYS A 317 -44.04 -2.45 -5.86
N ALA A 318 -44.17 -1.14 -6.06
CA ALA A 318 -44.26 -0.20 -4.96
C ALA A 318 -45.02 -0.78 -3.77
N LEU A 319 -46.16 -1.41 -4.03
CA LEU A 319 -46.97 -1.98 -2.97
C LEU A 319 -46.33 -3.23 -2.37
N LEU A 320 -46.16 -4.26 -3.20
CA LEU A 320 -45.57 -5.51 -2.76
C LEU A 320 -44.39 -5.23 -1.87
N LYS A 321 -43.56 -4.28 -2.32
CA LYS A 321 -42.38 -3.91 -1.59
C LYS A 321 -42.70 -3.49 -0.18
N VAL A 322 -43.82 -2.84 0.02
CA VAL A 322 -44.15 -2.40 1.36
C VAL A 322 -44.83 -3.48 2.18
N VAL A 323 -45.57 -4.35 1.50
CA VAL A 323 -46.29 -5.42 2.17
C VAL A 323 -45.33 -6.44 2.73
N MET A 324 -44.42 -6.84 1.87
CA MET A 324 -43.43 -7.83 2.23
C MET A 324 -42.59 -7.36 3.44
N ARG A 325 -42.34 -6.05 3.54
CA ARG A 325 -41.52 -5.53 4.64
C ARG A 325 -42.24 -5.63 5.96
N LYS A 326 -43.53 -5.37 5.95
CA LYS A 326 -44.27 -5.44 7.19
C LYS A 326 -44.47 -6.91 7.49
N PHE A 327 -44.65 -7.69 6.44
CA PHE A 327 -44.87 -9.10 6.61
C PHE A 327 -43.63 -9.77 7.17
N LEU A 328 -42.57 -9.88 6.37
CA LEU A 328 -41.36 -10.55 6.84
C LEU A 328 -40.12 -9.68 6.81
N PRO A 329 -39.93 -8.89 7.86
CA PRO A 329 -38.79 -7.98 8.00
C PRO A 329 -37.45 -8.71 7.84
N ALA A 330 -36.85 -8.55 6.66
CA ALA A 330 -35.59 -9.21 6.38
C ALA A 330 -34.57 -9.10 7.49
N ALA A 331 -34.46 -7.90 8.04
CA ALA A 331 -33.48 -7.65 9.10
C ALA A 331 -33.56 -8.59 10.30
N ASP A 332 -34.77 -8.89 10.74
CA ASP A 332 -34.93 -9.73 11.91
C ASP A 332 -34.60 -11.20 11.66
N ALA A 333 -34.88 -11.68 10.46
CA ALA A 333 -34.59 -13.06 10.13
C ALA A 333 -33.11 -13.31 10.25
N LEU A 334 -32.35 -12.38 9.74
CA LEU A 334 -30.92 -12.52 9.81
C LEU A 334 -30.48 -12.37 11.26
N LEU A 335 -30.95 -11.34 11.95
CA LEU A 335 -30.55 -11.12 13.35
C LEU A 335 -30.93 -12.26 14.28
N GLU A 336 -31.88 -13.08 13.84
CA GLU A 336 -32.31 -14.23 14.63
C GLU A 336 -31.25 -15.33 14.57
N MET A 337 -30.77 -15.60 13.36
CA MET A 337 -29.75 -16.62 13.15
C MET A 337 -28.43 -16.23 13.82
N ILE A 338 -28.04 -14.96 13.68
CA ILE A 338 -26.80 -14.46 14.25
C ILE A 338 -26.71 -14.76 15.76
N VAL A 339 -27.76 -14.42 16.49
CA VAL A 339 -27.77 -14.62 17.93
C VAL A 339 -27.91 -16.06 18.37
N LEU A 340 -28.85 -16.76 17.77
CA LEU A 340 -29.16 -18.15 18.11
C LEU A 340 -28.21 -19.23 17.58
N HIS A 341 -27.39 -18.90 16.59
CA HIS A 341 -26.49 -19.90 16.02
C HIS A 341 -25.00 -19.57 15.92
N LEU A 342 -24.68 -18.29 15.74
CA LEU A 342 -23.27 -17.92 15.65
C LEU A 342 -22.66 -17.94 17.04
N PRO A 343 -21.45 -18.48 17.15
CA PRO A 343 -20.73 -18.58 18.42
C PRO A 343 -20.26 -17.25 18.98
N SER A 344 -20.23 -17.16 20.30
CA SER A 344 -19.80 -15.95 21.00
C SER A 344 -18.28 -15.95 21.10
N PRO A 345 -17.68 -14.83 21.51
CA PRO A 345 -16.22 -14.81 21.61
C PRO A 345 -15.75 -15.68 22.76
N VAL A 346 -16.54 -16.68 23.13
CA VAL A 346 -16.19 -17.57 24.24
C VAL A 346 -16.15 -19.01 23.80
N THR A 347 -17.13 -19.35 22.99
CA THR A 347 -17.26 -20.68 22.48
C THR A 347 -16.17 -20.93 21.45
N ALA A 348 -15.93 -19.95 20.59
CA ALA A 348 -14.96 -20.08 19.51
C ALA A 348 -13.49 -20.07 19.87
N GLN A 349 -13.13 -19.19 20.80
CA GLN A 349 -11.74 -19.05 21.22
C GLN A 349 -11.22 -20.30 21.89
N ALA A 350 -12.14 -21.12 22.36
CA ALA A 350 -11.75 -22.37 23.02
C ALA A 350 -11.18 -23.33 21.99
N TYR A 351 -11.69 -23.25 20.78
CA TYR A 351 -11.21 -24.14 19.73
C TYR A 351 -10.50 -23.41 18.63
N ARG A 352 -10.31 -22.11 18.81
CA ARG A 352 -9.64 -21.35 17.78
C ARG A 352 -8.29 -20.83 18.30
N ALA A 353 -8.14 -20.80 19.63
CA ALA A 353 -6.91 -20.31 20.24
C ALA A 353 -5.63 -20.93 19.69
N GLU A 354 -5.50 -22.24 19.87
CA GLU A 354 -4.33 -22.96 19.42
C GLU A 354 -3.92 -22.59 18.00
N GLN A 355 -4.93 -22.44 17.15
CA GLN A 355 -4.69 -22.12 15.77
C GLN A 355 -4.20 -20.69 15.59
N LEU A 356 -4.59 -19.80 16.51
CA LEU A 356 -4.19 -18.40 16.40
C LEU A 356 -2.97 -18.01 17.20
N TYR A 357 -2.47 -18.92 18.03
CA TYR A 357 -1.28 -18.62 18.80
C TYR A 357 -0.13 -19.44 18.22
N GLU A 358 0.98 -18.76 17.92
CA GLU A 358 2.14 -19.42 17.35
C GLU A 358 3.14 -19.80 18.44
N GLY A 359 2.62 -20.02 19.65
CA GLY A 359 3.47 -20.43 20.77
C GLY A 359 3.00 -21.79 21.28
N PRO A 360 3.40 -22.19 22.50
CA PRO A 360 3.01 -23.48 23.10
C PRO A 360 1.51 -23.58 23.39
N ALA A 361 0.87 -24.63 22.87
CA ALA A 361 -0.56 -24.82 23.05
C ALA A 361 -0.95 -24.97 24.52
N ASP A 362 0.05 -24.88 25.39
CA ASP A 362 -0.19 -24.98 26.81
C ASP A 362 0.41 -23.77 27.49
N ASP A 363 0.98 -22.88 26.67
CA ASP A 363 1.59 -21.65 27.15
C ASP A 363 0.58 -20.90 28.02
N ALA A 364 1.07 -20.13 28.99
CA ALA A 364 0.20 -19.39 29.89
C ALA A 364 -0.79 -18.52 29.15
N ASN A 365 -0.39 -18.01 27.99
CA ASN A 365 -1.26 -17.15 27.21
C ASN A 365 -2.24 -17.93 26.36
N CYS A 366 -1.74 -18.92 25.63
CA CYS A 366 -2.60 -19.72 24.79
C CYS A 366 -3.80 -20.16 25.60
N ILE A 367 -3.55 -20.51 26.87
CA ILE A 367 -4.63 -20.95 27.76
C ILE A 367 -5.57 -19.79 27.94
N ALA A 368 -4.99 -18.65 28.28
CA ALA A 368 -5.77 -17.45 28.49
C ALA A 368 -6.61 -17.13 27.26
N ILE A 369 -6.17 -17.59 26.09
CA ILE A 369 -6.91 -17.31 24.89
C ILE A 369 -8.16 -18.16 24.90
N LYS A 370 -7.96 -19.44 25.12
CA LYS A 370 -9.05 -20.40 25.17
C LYS A 370 -10.12 -19.99 26.16
N ASN A 371 -9.68 -19.63 27.36
CA ASN A 371 -10.59 -19.25 28.42
C ASN A 371 -11.07 -17.81 28.31
N CYS A 372 -10.69 -17.13 27.23
CA CYS A 372 -11.06 -15.73 27.02
C CYS A 372 -11.07 -15.00 28.37
N ASP A 373 -10.02 -15.24 29.15
CA ASP A 373 -9.86 -14.65 30.48
C ASP A 373 -9.37 -13.20 30.45
N PRO A 374 -10.18 -12.28 30.97
CA PRO A 374 -9.87 -10.85 31.03
C PRO A 374 -8.91 -10.49 32.15
N LYS A 375 -8.44 -11.51 32.86
CA LYS A 375 -7.52 -11.31 33.97
C LYS A 375 -6.08 -11.58 33.55
N ALA A 376 -5.92 -12.48 32.61
CA ALA A 376 -4.61 -12.86 32.13
C ALA A 376 -3.88 -11.75 31.42
N ASP A 377 -2.61 -12.02 31.10
CA ASP A 377 -1.76 -11.07 30.40
C ASP A 377 -2.42 -10.73 29.06
N LEU A 378 -2.27 -9.48 28.65
CA LEU A 378 -2.86 -9.03 27.42
C LEU A 378 -2.43 -9.84 26.21
N MET A 379 -3.37 -10.03 25.30
CA MET A 379 -3.16 -10.74 24.06
C MET A 379 -4.14 -10.07 23.11
N LEU A 380 -3.76 -8.92 22.60
CA LEU A 380 -4.62 -8.17 21.70
C LEU A 380 -4.10 -8.30 20.27
N TYR A 381 -4.97 -8.64 19.33
CA TYR A 381 -4.56 -8.82 17.94
C TYR A 381 -4.93 -7.65 17.02
N VAL A 382 -3.93 -7.09 16.36
CA VAL A 382 -4.16 -5.96 15.47
C VAL A 382 -4.27 -6.46 14.05
N SER A 383 -5.49 -6.46 13.54
CA SER A 383 -5.78 -6.94 12.19
C SER A 383 -5.49 -5.93 11.08
N LYS A 384 -5.64 -4.65 11.38
CA LYS A 384 -5.35 -3.61 10.38
C LYS A 384 -5.29 -2.18 10.96
N MET A 385 -4.60 -1.30 10.26
CA MET A 385 -4.46 0.10 10.67
C MET A 385 -5.44 0.89 9.83
N VAL A 386 -6.28 1.68 10.48
CA VAL A 386 -7.27 2.47 9.75
C VAL A 386 -7.02 3.98 9.84
N PRO A 387 -7.09 4.68 8.69
CA PRO A 387 -6.89 6.12 8.54
C PRO A 387 -7.90 6.95 9.32
N THR A 388 -7.41 7.94 10.06
CA THR A 388 -8.28 8.79 10.84
C THR A 388 -8.20 10.22 10.32
N SER A 389 -9.11 11.09 10.78
CA SER A 389 -9.14 12.49 10.37
C SER A 389 -8.06 13.26 11.14
N ASP A 390 -7.86 12.84 12.38
CA ASP A 390 -6.87 13.42 13.26
C ASP A 390 -5.47 13.24 12.69
N LYS A 391 -5.11 14.12 11.76
CA LYS A 391 -3.79 14.08 11.15
C LYS A 391 -3.74 12.93 10.16
N GLY A 392 -2.52 12.51 9.83
CA GLY A 392 -2.32 11.40 8.92
C GLY A 392 -2.07 10.17 9.78
N ARG A 393 -2.57 10.24 11.00
CA ARG A 393 -2.42 9.18 11.98
C ARG A 393 -3.36 8.03 11.66
N PHE A 394 -3.02 6.85 12.16
CA PHE A 394 -3.83 5.68 11.93
C PHE A 394 -4.16 5.01 13.25
N TYR A 395 -5.37 4.51 13.37
CA TYR A 395 -5.78 3.83 14.59
C TYR A 395 -5.74 2.32 14.34
N ALA A 396 -5.25 1.57 15.33
CA ALA A 396 -5.16 0.14 15.19
C ALA A 396 -6.52 -0.48 15.43
N PHE A 397 -6.84 -1.47 14.60
CA PHE A 397 -8.09 -2.20 14.71
C PHE A 397 -7.77 -3.66 14.99
N GLY A 398 -8.45 -4.22 15.98
CA GLY A 398 -8.19 -5.60 16.32
C GLY A 398 -9.16 -6.19 17.33
N ARG A 399 -8.71 -7.23 18.01
CA ARG A 399 -9.54 -7.90 18.99
C ARG A 399 -8.70 -8.28 20.20
N VAL A 400 -9.32 -8.21 21.36
CA VAL A 400 -8.65 -8.57 22.59
C VAL A 400 -8.96 -10.03 22.89
N PHE A 401 -8.00 -10.90 22.60
CA PHE A 401 -8.17 -12.33 22.83
C PHE A 401 -7.93 -12.75 24.28
N ALA A 402 -7.23 -11.92 25.05
CA ALA A 402 -6.91 -12.20 26.44
C ALA A 402 -6.55 -10.94 27.24
N GLY A 403 -6.95 -10.94 28.51
CA GLY A 403 -6.69 -9.80 29.37
C GLY A 403 -7.60 -8.65 28.97
N THR A 404 -7.27 -7.44 29.42
CA THR A 404 -8.05 -6.26 29.08
C THR A 404 -7.12 -5.09 28.79
N VAL A 405 -7.41 -4.39 27.70
CA VAL A 405 -6.60 -3.25 27.30
C VAL A 405 -7.24 -2.01 27.88
N LYS A 406 -6.42 -1.05 28.29
CA LYS A 406 -6.95 0.19 28.86
C LYS A 406 -6.09 1.43 28.59
N SER A 407 -6.74 2.55 28.32
CA SER A 407 -6.05 3.82 28.03
C SER A 407 -4.91 4.08 29.00
N GLY A 408 -3.76 4.44 28.44
CA GLY A 408 -2.61 4.71 29.29
C GLY A 408 -1.79 3.47 29.58
N GLN A 409 -2.45 2.32 29.65
CA GLN A 409 -1.74 1.08 29.92
C GLN A 409 -0.56 0.98 28.95
N LYS A 410 0.62 0.67 29.47
CA LYS A 410 1.77 0.53 28.60
C LYS A 410 1.78 -0.92 28.18
N VAL A 411 2.02 -1.14 26.89
CA VAL A 411 2.01 -2.47 26.36
C VAL A 411 3.23 -2.78 25.54
N ARG A 412 3.48 -4.07 25.31
CA ARG A 412 4.58 -4.53 24.48
C ARG A 412 3.99 -4.70 23.08
N ILE A 413 4.53 -3.96 22.11
CA ILE A 413 4.06 -4.04 20.74
C ILE A 413 5.01 -4.93 19.98
N GLN A 414 4.57 -6.17 19.78
CA GLN A 414 5.38 -7.17 19.09
C GLN A 414 5.08 -7.24 17.59
N GLY A 415 6.03 -6.75 16.80
CA GLY A 415 5.88 -6.74 15.36
C GLY A 415 6.07 -8.10 14.71
N PRO A 416 5.92 -8.17 13.38
CA PRO A 416 6.05 -9.36 12.55
C PRO A 416 7.29 -10.19 12.78
N ASN A 417 8.42 -9.52 12.92
CA ASN A 417 9.69 -10.23 13.10
C ASN A 417 10.04 -10.60 14.55
N TYR A 418 9.23 -10.16 15.50
CA TYR A 418 9.51 -10.44 16.91
C TYR A 418 9.58 -11.93 17.26
N VAL A 419 10.37 -12.21 18.29
CA VAL A 419 10.56 -13.56 18.79
C VAL A 419 10.95 -13.38 20.25
N PRO A 420 10.15 -13.95 21.17
CA PRO A 420 10.39 -13.87 22.61
C PRO A 420 11.86 -13.83 23.02
N GLY A 421 12.66 -14.61 22.30
CA GLY A 421 14.08 -14.67 22.59
C GLY A 421 14.80 -13.33 22.47
N LYS A 422 14.84 -12.76 21.27
CA LYS A 422 15.50 -11.47 21.03
C LYS A 422 14.68 -10.23 21.37
N LYS A 423 15.25 -9.07 21.07
CA LYS A 423 14.60 -7.79 21.32
C LYS A 423 14.27 -7.12 20.00
N ASP A 424 14.40 -7.87 18.92
CA ASP A 424 14.11 -7.33 17.60
C ASP A 424 12.64 -7.06 17.41
N ASP A 425 12.34 -5.94 16.75
CA ASP A 425 10.97 -5.56 16.43
C ASP A 425 10.06 -5.42 17.65
N LEU A 426 10.58 -4.84 18.72
CA LEU A 426 9.77 -4.67 19.91
C LEU A 426 9.66 -3.19 20.23
N PHE A 427 8.55 -2.77 20.81
CA PHE A 427 8.38 -1.37 21.13
C PHE A 427 7.55 -1.18 22.38
N ILE A 428 8.17 -1.29 23.56
CA ILE A 428 7.44 -1.11 24.80
C ILE A 428 6.96 0.33 24.98
N LYS A 429 5.73 0.60 24.57
CA LYS A 429 5.18 1.95 24.66
C LYS A 429 3.88 1.97 25.45
N ALA A 430 3.28 3.14 25.56
CA ALA A 430 2.04 3.31 26.28
C ALA A 430 0.86 3.56 25.34
N ILE A 431 -0.25 2.86 25.56
CA ILE A 431 -1.45 3.01 24.71
C ILE A 431 -2.12 4.35 25.02
N GLN A 432 -1.95 5.30 24.10
CA GLN A 432 -2.52 6.62 24.30
C GLN A 432 -4.01 6.62 24.59
N ARG A 433 -4.79 5.98 23.73
CA ARG A 433 -6.23 5.97 23.92
C ARG A 433 -6.94 4.77 23.31
N VAL A 434 -7.96 4.27 24.02
CA VAL A 434 -8.77 3.13 23.57
C VAL A 434 -10.11 3.69 23.09
N VAL A 435 -10.49 3.37 21.86
CA VAL A 435 -11.74 3.86 21.31
C VAL A 435 -12.55 2.79 20.62
N LEU A 436 -13.86 2.98 20.63
CA LEU A 436 -14.81 2.06 19.99
C LEU A 436 -14.96 2.45 18.51
N MET A 437 -14.83 1.46 17.63
CA MET A 437 -14.94 1.69 16.19
C MET A 437 -16.40 1.67 15.76
N MET A 438 -17.13 2.71 16.18
CA MET A 438 -18.53 2.85 15.86
C MET A 438 -18.69 3.20 14.39
N GLY A 439 -18.17 2.35 13.52
CA GLY A 439 -18.28 2.60 12.09
C GLY A 439 -17.37 3.70 11.57
N ARG A 440 -17.89 4.94 11.53
CA ARG A 440 -17.14 6.08 11.02
C ARG A 440 -16.62 6.96 12.15
N PHE A 441 -17.24 6.84 13.33
CA PHE A 441 -16.84 7.62 14.48
C PHE A 441 -16.23 6.75 15.57
N VAL A 442 -15.39 7.34 16.42
CA VAL A 442 -14.74 6.62 17.51
C VAL A 442 -15.26 7.16 18.84
N GLU A 443 -15.36 6.28 19.83
CA GLU A 443 -15.85 6.72 21.12
C GLU A 443 -14.93 6.21 22.22
N PRO A 444 -14.22 7.12 22.89
CA PRO A 444 -13.28 6.80 23.97
C PRO A 444 -13.89 5.93 25.06
N ILE A 445 -13.11 4.94 25.50
CA ILE A 445 -13.55 4.01 26.52
C ILE A 445 -12.34 3.64 27.35
N ASP A 446 -12.50 3.65 28.67
CA ASP A 446 -11.40 3.32 29.57
C ASP A 446 -10.70 2.03 29.19
N ASP A 447 -11.36 0.91 29.49
CA ASP A 447 -10.79 -0.39 29.20
C ASP A 447 -11.68 -1.22 28.29
N CYS A 448 -11.22 -2.43 27.98
CA CYS A 448 -11.96 -3.32 27.12
C CYS A 448 -11.49 -4.76 27.38
N PRO A 449 -12.36 -5.62 27.95
CA PRO A 449 -12.05 -7.01 28.26
C PRO A 449 -12.03 -7.96 27.05
N ALA A 450 -11.32 -9.08 27.20
CA ALA A 450 -11.20 -10.06 26.12
C ALA A 450 -12.53 -10.45 25.50
N GLY A 451 -12.50 -10.67 24.19
CA GLY A 451 -13.70 -11.06 23.49
C GLY A 451 -14.31 -9.98 22.60
N ASN A 452 -13.80 -8.75 22.65
CA ASN A 452 -14.36 -7.68 21.84
C ASN A 452 -13.46 -7.07 20.75
N ILE A 453 -14.10 -6.42 19.79
CA ILE A 453 -13.37 -5.79 18.72
C ILE A 453 -13.25 -4.35 19.18
N ILE A 454 -12.01 -3.88 19.33
CA ILE A 454 -11.77 -2.52 19.80
C ILE A 454 -10.75 -1.77 18.95
N GLY A 455 -10.59 -0.47 19.21
CA GLY A 455 -9.64 0.32 18.47
C GLY A 455 -8.65 0.99 19.41
N LEU A 456 -7.39 1.09 18.98
CA LEU A 456 -6.34 1.70 19.80
C LEU A 456 -5.77 2.97 19.16
N VAL A 457 -5.36 3.92 19.98
CA VAL A 457 -4.79 5.18 19.50
C VAL A 457 -3.35 5.41 19.97
N GLY A 458 -2.44 5.57 19.01
CA GLY A 458 -1.04 5.79 19.33
C GLY A 458 -0.03 4.69 18.99
N ILE A 459 -0.37 3.81 18.06
CA ILE A 459 0.55 2.73 17.69
C ILE A 459 1.11 2.93 16.30
N ASP A 460 0.38 3.70 15.49
CA ASP A 460 0.76 4.00 14.11
C ASP A 460 2.25 3.97 13.79
N GLN A 461 3.08 4.57 14.64
CA GLN A 461 4.52 4.58 14.38
C GLN A 461 5.28 3.38 14.93
N PHE A 462 4.56 2.33 15.26
CA PHE A 462 5.20 1.14 15.78
C PHE A 462 4.78 -0.05 14.95
N LEU A 463 3.52 -0.04 14.52
CA LEU A 463 2.97 -1.13 13.71
C LEU A 463 2.61 -0.65 12.31
N LEU A 464 3.19 -1.26 11.30
CA LEU A 464 2.90 -0.85 9.94
C LEU A 464 1.46 -1.16 9.64
N LYS A 465 1.10 -2.42 9.83
CA LYS A 465 -0.24 -2.81 9.55
C LYS A 465 -0.75 -3.85 10.54
N THR A 466 -0.06 -4.98 10.64
CA THR A 466 -0.47 -6.05 11.54
C THR A 466 0.47 -6.18 12.71
N GLY A 467 0.01 -6.84 13.77
CA GLY A 467 0.87 -7.01 14.91
C GLY A 467 0.16 -7.57 16.12
N THR A 468 0.94 -7.83 17.16
CA THR A 468 0.45 -8.38 18.43
C THR A 468 0.84 -7.48 19.63
N LEU A 469 -0.09 -7.26 20.54
CA LEU A 469 0.15 -6.45 21.73
C LEU A 469 -0.01 -7.37 22.95
N THR A 470 1.01 -7.39 23.80
CA THR A 470 1.00 -8.24 24.99
C THR A 470 1.53 -7.54 26.24
N THR A 471 1.65 -8.33 27.31
CA THR A 471 2.14 -7.84 28.57
C THR A 471 3.11 -8.91 29.08
N SER A 472 2.84 -10.16 28.72
CA SER A 472 3.70 -11.25 29.14
C SER A 472 5.01 -11.14 28.37
N GLU A 473 6.11 -11.16 29.09
CA GLU A 473 7.42 -11.03 28.46
C GLU A 473 7.78 -12.30 27.69
N THR A 474 7.06 -13.37 27.97
CA THR A 474 7.28 -14.66 27.32
C THR A 474 6.11 -15.01 26.42
N ALA A 475 5.56 -14.01 25.78
CA ALA A 475 4.43 -14.19 24.88
C ALA A 475 4.79 -14.13 23.39
N HIS A 476 4.48 -15.22 22.66
CA HIS A 476 4.75 -15.27 21.23
C HIS A 476 3.74 -14.42 20.49
N ASN A 477 3.95 -14.25 19.21
CA ASN A 477 3.01 -13.47 18.44
C ASN A 477 1.86 -14.38 18.03
N MET A 478 0.75 -13.78 17.62
CA MET A 478 -0.42 -14.52 17.14
C MET A 478 -0.35 -14.59 15.61
N LYS A 479 -0.84 -15.68 15.03
CA LYS A 479 -0.79 -15.88 13.58
C LYS A 479 -0.68 -14.59 12.81
N VAL A 480 0.53 -14.32 12.38
CA VAL A 480 0.83 -13.12 11.65
C VAL A 480 0.29 -13.20 10.24
N MET A 481 0.01 -12.03 9.67
CA MET A 481 -0.47 -11.91 8.31
C MET A 481 0.60 -11.16 7.52
N LYS A 482 1.34 -11.89 6.70
CA LYS A 482 2.41 -11.27 5.94
C LYS A 482 1.96 -10.12 5.06
N PHE A 483 2.52 -8.95 5.31
CA PHE A 483 2.25 -7.75 4.54
C PHE A 483 3.62 -7.16 4.25
N SER A 484 3.72 -6.33 3.22
CA SER A 484 5.02 -5.72 2.89
C SER A 484 4.87 -4.29 2.40
N VAL A 485 5.78 -3.45 2.86
CA VAL A 485 5.79 -2.04 2.51
C VAL A 485 6.82 -1.76 1.43
N SER A 486 7.24 -2.79 0.68
CA SER A 486 8.23 -2.61 -0.38
C SER A 486 7.68 -2.21 -1.76
N PRO A 487 7.89 -0.94 -2.15
CA PRO A 487 7.42 -0.41 -3.44
C PRO A 487 8.12 -1.16 -4.52
N VAL A 488 7.41 -2.05 -5.18
CA VAL A 488 8.00 -2.83 -6.24
C VAL A 488 7.35 -2.52 -7.59
N VAL A 489 6.22 -1.80 -7.55
CA VAL A 489 5.53 -1.45 -8.78
C VAL A 489 5.20 0.03 -8.68
N GLN A 490 5.40 0.77 -9.75
CA GLN A 490 5.12 2.22 -9.69
C GLN A 490 4.77 2.76 -11.03
N VAL A 491 4.24 3.97 -11.05
CA VAL A 491 3.88 4.62 -12.29
C VAL A 491 4.06 6.10 -12.14
N ALA A 492 4.06 6.79 -13.29
CA ALA A 492 4.19 8.24 -13.36
C ALA A 492 2.81 8.80 -13.69
N VAL A 493 2.39 9.78 -12.88
CA VAL A 493 1.10 10.42 -13.05
C VAL A 493 1.28 11.83 -13.56
N GLU A 494 0.47 12.17 -14.54
CA GLU A 494 0.55 13.47 -15.16
C GLU A 494 -0.89 13.95 -15.29
N VAL A 495 -1.09 15.27 -15.32
CA VAL A 495 -2.44 15.82 -15.49
C VAL A 495 -2.68 16.04 -16.98
N LYS A 496 -3.81 15.56 -17.49
CA LYS A 496 -4.11 15.74 -18.92
C LYS A 496 -4.36 17.20 -19.22
N ASN A 497 -4.88 17.93 -18.23
CA ASN A 497 -5.05 19.33 -18.46
C ASN A 497 -4.39 20.14 -17.36
N ALA A 498 -3.21 20.57 -17.78
CA ALA A 498 -2.24 21.34 -17.04
C ALA A 498 -2.80 22.27 -16.00
N ASN A 499 -4.03 22.72 -16.16
CA ASN A 499 -4.62 23.65 -15.21
C ASN A 499 -4.82 23.03 -13.83
N ASP A 500 -5.28 21.79 -13.81
CA ASP A 500 -5.53 21.12 -12.54
C ASP A 500 -4.29 20.60 -11.82
N LEU A 501 -3.11 20.87 -12.36
CA LEU A 501 -1.85 20.40 -11.75
C LEU A 501 -1.79 20.51 -10.21
N PRO A 502 -2.16 21.66 -9.65
CA PRO A 502 -2.11 21.79 -8.18
C PRO A 502 -3.05 20.83 -7.48
N LYS A 503 -4.11 20.43 -8.18
CA LYS A 503 -5.09 19.51 -7.61
C LYS A 503 -4.51 18.11 -7.56
N LEU A 504 -3.46 17.85 -8.35
CA LEU A 504 -2.82 16.55 -8.36
C LEU A 504 -1.80 16.56 -7.25
N VAL A 505 -1.15 17.71 -7.10
CA VAL A 505 -0.14 17.86 -6.07
C VAL A 505 -0.77 17.70 -4.70
N GLU A 506 -2.08 17.84 -4.64
CA GLU A 506 -2.76 17.73 -3.36
C GLU A 506 -3.22 16.32 -3.07
N GLY A 507 -3.84 15.68 -4.07
CA GLY A 507 -4.34 14.33 -3.90
C GLY A 507 -3.24 13.31 -3.64
N LEU A 508 -2.10 13.49 -4.29
CA LEU A 508 -0.98 12.59 -4.10
C LEU A 508 -0.63 12.67 -2.62
N LYS A 509 -0.59 13.90 -2.09
CA LYS A 509 -0.29 14.06 -0.69
C LYS A 509 -1.43 13.43 0.11
N ARG A 510 -2.64 13.52 -0.44
CA ARG A 510 -3.83 12.97 0.21
C ARG A 510 -3.83 11.44 0.19
N LEU A 511 -3.53 10.88 -0.96
CA LEU A 511 -3.49 9.44 -1.11
C LEU A 511 -2.53 8.79 -0.12
N SER A 512 -1.26 9.21 -0.14
CA SER A 512 -0.21 8.66 0.75
C SER A 512 -0.63 8.73 2.21
N LYS A 513 -1.51 9.67 2.49
CA LYS A 513 -2.00 9.89 3.84
C LYS A 513 -3.08 8.86 4.20
N SER A 514 -3.78 8.33 3.20
CA SER A 514 -4.82 7.36 3.46
C SER A 514 -4.32 5.93 3.56
N ASP A 515 -3.22 5.62 2.88
CA ASP A 515 -2.69 4.27 2.92
C ASP A 515 -1.24 4.26 3.39
N PRO A 516 -0.90 3.34 4.30
CA PRO A 516 0.47 3.24 4.82
C PRO A 516 1.48 2.73 3.82
N CYS A 517 1.01 1.88 2.92
CA CYS A 517 1.88 1.26 1.94
C CYS A 517 1.97 1.86 0.54
N VAL A 518 1.33 2.99 0.31
CA VAL A 518 1.43 3.61 -0.99
C VAL A 518 2.49 4.64 -0.84
N LEU A 519 3.07 5.02 -1.94
CA LEU A 519 4.11 5.99 -1.81
C LEU A 519 4.02 6.93 -2.97
N THR A 520 4.20 8.21 -2.70
CA THR A 520 4.18 9.23 -3.74
C THR A 520 5.44 10.06 -3.55
N TYR A 521 6.15 10.33 -4.63
CA TYR A 521 7.37 11.13 -4.54
C TYR A 521 7.69 11.71 -5.89
N MET A 522 8.70 12.57 -5.91
CA MET A 522 9.13 13.20 -7.14
C MET A 522 10.57 12.84 -7.48
N SER A 523 10.78 12.40 -8.72
CA SER A 523 12.10 12.01 -9.21
C SER A 523 12.86 13.24 -9.62
N GLU A 524 14.17 13.10 -9.77
CA GLU A 524 14.95 14.24 -10.16
C GLU A 524 14.32 14.80 -11.38
N SER A 525 13.89 13.90 -12.27
CA SER A 525 13.27 14.34 -13.51
C SER A 525 12.02 15.19 -13.26
N GLY A 526 11.60 15.28 -12.01
CA GLY A 526 10.44 16.09 -11.68
C GLY A 526 9.10 15.43 -11.91
N GLU A 527 9.12 14.12 -12.13
CA GLU A 527 7.89 13.42 -12.34
C GLU A 527 7.29 13.07 -10.99
N HIS A 528 5.99 12.82 -11.00
CA HIS A 528 5.29 12.44 -9.79
C HIS A 528 5.14 10.94 -9.85
N ILE A 529 5.65 10.25 -8.84
CA ILE A 529 5.56 8.79 -8.85
C ILE A 529 4.65 8.19 -7.80
N VAL A 530 4.00 7.11 -8.20
CA VAL A 530 3.10 6.37 -7.34
C VAL A 530 3.59 4.93 -7.36
N ALA A 531 3.96 4.45 -6.19
CA ALA A 531 4.48 3.10 -6.03
C ALA A 531 3.73 2.32 -4.98
N GLY A 532 3.44 1.07 -5.33
CA GLY A 532 2.70 0.23 -4.41
C GLY A 532 3.27 -1.16 -4.21
N THR A 533 2.52 -1.92 -3.45
CA THR A 533 2.85 -3.29 -3.09
C THR A 533 2.70 -4.26 -4.26
N GLY A 534 1.89 -3.92 -5.26
CA GLY A 534 1.71 -4.83 -6.39
C GLY A 534 0.91 -4.28 -7.56
N GLU A 535 0.61 -5.13 -8.53
CA GLU A 535 -0.16 -4.67 -9.67
C GLU A 535 -1.51 -4.12 -9.25
N LEU A 536 -2.30 -4.93 -8.55
CA LEU A 536 -3.61 -4.48 -8.15
C LEU A 536 -3.59 -3.36 -7.13
N HIS A 537 -2.79 -3.52 -6.08
CA HIS A 537 -2.68 -2.50 -5.02
C HIS A 537 -2.49 -1.11 -5.61
N LEU A 538 -1.62 -1.02 -6.60
CA LEU A 538 -1.34 0.25 -7.25
C LEU A 538 -2.56 0.62 -8.06
N GLU A 539 -3.04 -0.37 -8.82
CA GLU A 539 -4.21 -0.18 -9.66
C GLU A 539 -5.28 0.53 -8.88
N ILE A 540 -5.65 -0.04 -7.74
CA ILE A 540 -6.68 0.58 -6.91
C ILE A 540 -6.26 2.01 -6.56
N CYS A 541 -5.06 2.17 -6.02
CA CYS A 541 -4.56 3.50 -5.65
C CYS A 541 -4.74 4.53 -6.73
N LEU A 542 -4.47 4.15 -7.97
CA LEU A 542 -4.62 5.06 -9.10
C LEU A 542 -6.08 5.49 -9.34
N GLN A 543 -7.01 4.55 -9.20
CA GLN A 543 -8.44 4.84 -9.40
C GLN A 543 -8.84 5.90 -8.39
N ASP A 544 -8.68 5.55 -7.13
CA ASP A 544 -9.01 6.43 -6.02
C ASP A 544 -8.35 7.80 -6.13
N LEU A 545 -7.31 7.92 -6.96
CA LEU A 545 -6.63 9.22 -7.12
C LEU A 545 -7.33 10.07 -8.19
N GLU A 546 -7.59 9.47 -9.34
CA GLU A 546 -8.24 10.19 -10.41
C GLU A 546 -9.72 10.38 -10.12
N HIS A 547 -10.22 9.75 -9.06
CA HIS A 547 -11.63 9.85 -8.71
C HIS A 547 -11.98 10.57 -7.39
N ASP A 548 -11.08 10.54 -6.41
CA ASP A 548 -11.38 11.21 -5.15
C ASP A 548 -10.33 12.22 -4.76
N HIS A 549 -9.19 11.72 -4.30
CA HIS A 549 -8.09 12.57 -3.88
C HIS A 549 -7.76 13.73 -4.81
N ALA A 550 -7.95 13.55 -6.11
CA ALA A 550 -7.65 14.60 -7.09
C ALA A 550 -8.84 14.82 -7.98
N GLY A 551 -9.53 13.73 -8.25
CA GLY A 551 -10.71 13.81 -9.09
C GLY A 551 -10.42 14.59 -10.34
N VAL A 552 -9.15 14.77 -10.66
CA VAL A 552 -8.82 15.49 -11.88
C VAL A 552 -8.28 14.50 -12.86
N PRO A 553 -8.69 14.62 -14.14
CA PRO A 553 -8.22 13.71 -15.19
C PRO A 553 -6.69 13.66 -15.22
N LEU A 554 -6.14 12.45 -15.36
CA LEU A 554 -4.69 12.23 -15.35
C LEU A 554 -4.16 11.30 -16.45
N LYS A 555 -2.87 11.44 -16.73
CA LYS A 555 -2.18 10.61 -17.71
C LYS A 555 -1.28 9.67 -16.91
N ILE A 556 -1.68 8.41 -16.83
CA ILE A 556 -0.92 7.40 -16.09
C ILE A 556 -0.01 6.60 -17.01
N SER A 557 1.23 6.38 -16.61
CA SER A 557 2.17 5.61 -17.42
C SER A 557 1.98 4.13 -17.14
N PRO A 558 2.37 3.27 -18.08
CA PRO A 558 2.24 1.81 -17.93
C PRO A 558 2.98 1.33 -16.70
N PRO A 559 2.54 0.20 -16.11
CA PRO A 559 3.19 -0.34 -14.93
C PRO A 559 4.66 -0.67 -15.18
N VAL A 560 5.46 -0.63 -14.12
CA VAL A 560 6.90 -0.88 -14.17
C VAL A 560 7.40 -1.45 -12.86
N VAL A 561 8.34 -2.38 -12.97
CA VAL A 561 8.90 -2.99 -11.81
C VAL A 561 10.11 -2.21 -11.38
N ALA A 562 10.20 -1.99 -10.07
CA ALA A 562 11.31 -1.27 -9.50
C ALA A 562 12.50 -2.20 -9.32
N TYR A 563 13.65 -1.80 -9.85
CA TYR A 563 14.86 -2.60 -9.72
C TYR A 563 15.84 -1.96 -8.76
N ARG A 564 17.02 -2.55 -8.62
CA ARG A 564 18.03 -2.01 -7.74
C ARG A 564 19.34 -2.11 -8.45
N GLU A 565 20.18 -1.12 -8.23
CA GLU A 565 21.50 -1.09 -8.85
C GLU A 565 22.53 -1.47 -7.79
N THR A 566 23.39 -2.43 -8.10
CA THR A 566 24.41 -2.86 -7.15
C THR A 566 25.74 -3.22 -7.79
N VAL A 567 26.73 -3.45 -6.95
CA VAL A 567 28.07 -3.82 -7.40
C VAL A 567 28.42 -5.22 -6.95
N GLU A 568 29.28 -5.87 -7.73
CA GLU A 568 29.68 -7.24 -7.47
C GLU A 568 31.10 -7.34 -6.89
N SER A 569 31.89 -6.29 -7.05
CA SER A 569 33.25 -6.31 -6.56
C SER A 569 33.77 -4.92 -6.21
N GLU A 570 35.06 -4.85 -5.87
CA GLU A 570 35.67 -3.58 -5.54
C GLU A 570 36.04 -2.89 -6.84
N SER A 571 36.00 -1.58 -6.80
CA SER A 571 36.32 -0.77 -7.95
C SER A 571 37.64 -1.18 -8.58
N SER A 572 37.63 -1.41 -9.89
CA SER A 572 38.84 -1.79 -10.63
C SER A 572 40.03 -0.96 -10.19
N GLN A 573 39.83 0.35 -10.09
CA GLN A 573 40.91 1.22 -9.69
C GLN A 573 40.28 2.39 -8.98
N THR A 574 41.10 3.16 -8.28
CA THR A 574 40.57 4.30 -7.56
C THR A 574 39.76 5.28 -8.40
N ALA A 575 38.61 5.72 -7.88
CA ALA A 575 37.76 6.66 -8.59
C ALA A 575 38.09 8.04 -8.11
N LEU A 576 38.12 8.98 -9.04
CA LEU A 576 38.46 10.33 -8.69
C LEU A 576 37.70 11.39 -9.47
N SER A 577 37.34 12.47 -8.80
CA SER A 577 36.60 13.59 -9.42
C SER A 577 36.97 14.87 -8.74
N LYS A 578 36.83 15.98 -9.45
CA LYS A 578 37.13 17.26 -8.84
C LYS A 578 35.99 18.19 -9.11
N SER A 579 35.81 19.14 -8.20
CA SER A 579 34.75 20.14 -8.29
C SER A 579 34.97 21.03 -9.52
N PRO A 580 34.02 21.95 -9.82
CA PRO A 580 34.13 22.87 -10.96
C PRO A 580 35.30 23.80 -10.71
N ASN A 581 35.45 24.22 -9.46
CA ASN A 581 36.55 25.09 -9.06
C ASN A 581 37.86 24.54 -9.62
N LYS A 582 38.00 23.23 -9.45
CA LYS A 582 39.19 22.50 -9.84
C LYS A 582 40.15 22.64 -8.67
N HIS A 583 39.55 22.89 -7.51
CA HIS A 583 40.30 23.04 -6.28
C HIS A 583 40.04 21.92 -5.29
N ASN A 584 38.94 21.20 -5.45
CA ASN A 584 38.65 20.11 -4.52
C ASN A 584 38.60 18.78 -5.21
N ARG A 585 39.15 17.76 -4.54
CA ARG A 585 39.17 16.40 -5.09
C ARG A 585 38.66 15.38 -4.09
N ILE A 586 38.00 14.34 -4.60
CA ILE A 586 37.50 13.25 -3.76
C ILE A 586 37.96 11.95 -4.40
N TYR A 587 38.62 11.15 -3.60
CA TYR A 587 39.13 9.87 -4.05
C TYR A 587 38.40 8.79 -3.28
N LEU A 588 37.85 7.83 -4.02
CA LEU A 588 37.10 6.76 -3.38
C LEU A 588 37.05 5.49 -4.18
N LYS A 589 36.53 4.47 -3.52
CA LYS A 589 36.39 3.18 -4.13
C LYS A 589 35.08 2.62 -3.62
N ALA A 590 34.44 1.82 -4.44
CA ALA A 590 33.19 1.25 -4.03
C ALA A 590 33.36 -0.24 -3.90
N GLU A 591 32.63 -0.85 -2.97
CA GLU A 591 32.71 -2.29 -2.80
C GLU A 591 31.37 -2.84 -2.34
N PRO A 592 31.11 -4.13 -2.57
CA PRO A 592 29.85 -4.77 -2.18
C PRO A 592 29.61 -4.86 -0.66
N ILE A 593 28.34 -4.92 -0.27
CA ILE A 593 27.92 -5.10 1.13
C ILE A 593 27.24 -6.48 1.12
N ASP A 594 27.46 -7.28 2.16
CA ASP A 594 26.88 -8.63 2.25
C ASP A 594 25.36 -8.59 2.45
N GLU A 595 24.65 -9.42 1.69
CA GLU A 595 23.20 -9.47 1.80
C GLU A 595 22.80 -9.47 3.27
N GLU A 596 23.57 -10.14 4.10
CA GLU A 596 23.24 -10.17 5.51
C GLU A 596 23.20 -8.80 6.09
N VAL A 597 24.24 -8.04 5.82
CA VAL A 597 24.32 -6.70 6.36
C VAL A 597 23.20 -5.84 5.84
N SER A 598 22.94 -5.95 4.56
CA SER A 598 21.89 -5.16 3.96
C SER A 598 20.56 -5.47 4.62
N LEU A 599 20.29 -6.77 4.82
CA LEU A 599 19.06 -7.20 5.45
C LEU A 599 19.04 -6.66 6.87
N ALA A 600 20.20 -6.73 7.51
CA ALA A 600 20.34 -6.25 8.88
C ALA A 600 19.95 -4.79 8.92
N ILE A 601 20.39 -4.04 7.91
CA ILE A 601 20.08 -2.63 7.83
C ILE A 601 18.59 -2.48 7.53
N GLU A 602 18.10 -3.29 6.61
CA GLU A 602 16.69 -3.23 6.25
C GLU A 602 15.81 -3.65 7.42
N ASN A 603 16.30 -4.53 8.28
CA ASN A 603 15.53 -5.01 9.43
C ASN A 603 15.89 -4.40 10.78
N GLY A 604 16.22 -3.11 10.77
CA GLY A 604 16.54 -2.40 12.00
C GLY A 604 17.72 -2.81 12.88
N ILE A 605 18.36 -3.94 12.59
CA ILE A 605 19.50 -4.37 13.40
C ILE A 605 20.60 -3.32 13.37
N ILE A 606 21.13 -3.05 12.17
CA ILE A 606 22.15 -2.05 11.95
C ILE A 606 21.34 -0.78 11.77
N ASN A 607 21.28 0.08 12.78
CA ASN A 607 20.49 1.29 12.68
C ASN A 607 21.26 2.61 12.58
N PRO A 608 20.79 3.51 11.70
CA PRO A 608 21.38 4.82 11.45
C PRO A 608 21.37 5.73 12.68
N ARG A 609 20.34 5.57 13.49
CA ARG A 609 20.18 6.38 14.67
C ARG A 609 20.91 5.84 15.90
N ASP A 610 21.45 4.63 15.79
CA ASP A 610 22.16 4.00 16.91
C ASP A 610 23.39 4.78 17.35
N ASP A 611 24.03 4.29 18.41
CA ASP A 611 25.25 4.90 18.91
C ASP A 611 26.31 4.31 17.98
N PHE A 612 27.08 5.17 17.32
CA PHE A 612 28.08 4.69 16.38
C PHE A 612 28.93 3.58 16.98
N LYS A 613 29.21 3.68 18.28
CA LYS A 613 30.02 2.69 18.96
C LYS A 613 29.29 1.35 19.13
N ALA A 614 28.07 1.42 19.63
CA ALA A 614 27.30 0.21 19.84
C ALA A 614 27.14 -0.47 18.49
N ARG A 615 26.68 0.31 17.51
CA ARG A 615 26.45 -0.18 16.16
C ARG A 615 27.70 -0.84 15.60
N ALA A 616 28.84 -0.22 15.85
CA ALA A 616 30.10 -0.75 15.39
C ALA A 616 30.38 -2.10 16.02
N ARG A 617 30.12 -2.20 17.32
CA ARG A 617 30.35 -3.43 18.04
C ARG A 617 29.57 -4.54 17.36
N ILE A 618 28.32 -4.26 17.03
CA ILE A 618 27.45 -5.22 16.36
C ILE A 618 28.01 -5.67 15.01
N MET A 619 28.31 -4.71 14.15
CA MET A 619 28.83 -5.04 12.83
C MET A 619 30.13 -5.79 12.89
N ALA A 620 30.98 -5.40 13.82
CA ALA A 620 32.25 -6.04 13.97
C ALA A 620 32.02 -7.48 14.39
N ASP A 621 31.32 -7.64 15.52
CA ASP A 621 31.03 -8.96 16.07
C ASP A 621 30.23 -9.89 15.14
N ASP A 622 28.93 -9.62 15.03
CA ASP A 622 28.00 -10.45 14.25
C ASP A 622 28.11 -10.40 12.74
N TYR A 623 28.90 -9.49 12.21
CA TYR A 623 28.96 -9.40 10.77
C TYR A 623 30.34 -9.34 10.13
N GLY A 624 31.37 -9.54 10.93
CA GLY A 624 32.73 -9.53 10.39
C GLY A 624 33.13 -8.24 9.70
N TRP A 625 33.05 -7.14 10.43
CA TRP A 625 33.41 -5.83 9.91
C TRP A 625 34.53 -5.32 10.81
N ASP A 626 35.47 -4.56 10.29
CA ASP A 626 36.53 -4.02 11.14
C ASP A 626 35.94 -2.91 11.96
N VAL A 627 35.92 -3.08 13.28
CA VAL A 627 35.32 -2.08 14.16
C VAL A 627 35.87 -0.71 13.83
N THR A 628 36.98 -0.70 13.15
CA THR A 628 37.57 0.56 12.78
C THR A 628 36.70 1.20 11.71
N ASP A 629 36.50 0.48 10.61
CA ASP A 629 35.68 1.00 9.52
C ASP A 629 34.26 1.38 10.01
N ALA A 630 33.59 0.46 10.71
CA ALA A 630 32.24 0.68 11.22
C ALA A 630 32.09 1.94 12.07
N ARG A 631 33.16 2.31 12.77
CA ARG A 631 33.13 3.48 13.61
C ARG A 631 33.23 4.72 12.75
N LYS A 632 33.57 4.52 11.49
CA LYS A 632 33.73 5.66 10.60
C LYS A 632 32.57 5.82 9.64
N ILE A 633 31.43 5.19 9.91
CA ILE A 633 30.30 5.33 9.01
C ILE A 633 29.83 6.80 9.00
N TRP A 634 29.68 7.40 7.82
CA TRP A 634 29.24 8.80 7.73
C TRP A 634 27.75 8.91 7.50
N CYS A 635 27.15 7.91 6.87
CA CYS A 635 25.73 7.95 6.66
C CYS A 635 25.29 6.73 5.93
N PHE A 636 23.98 6.55 5.87
CA PHE A 636 23.38 5.45 5.15
C PHE A 636 22.63 6.11 4.02
N GLY A 637 22.00 5.32 3.16
CA GLY A 637 21.24 5.89 2.05
C GLY A 637 20.50 4.89 1.18
N PRO A 638 19.47 5.31 0.45
CA PRO A 638 18.94 6.68 0.38
C PRO A 638 18.11 6.98 1.59
N ASP A 639 17.47 8.13 1.53
CA ASP A 639 16.60 8.58 2.59
C ASP A 639 17.27 8.46 3.95
N GLY A 640 18.58 8.63 3.96
CA GLY A 640 19.30 8.54 5.20
C GLY A 640 19.23 7.23 5.98
N ASN A 641 18.72 6.14 5.39
CA ASN A 641 18.66 4.86 6.12
C ASN A 641 18.65 3.64 5.22
N GLY A 642 18.99 3.83 3.95
CA GLY A 642 19.02 2.71 3.02
C GLY A 642 20.22 1.79 3.22
N PRO A 643 20.20 0.61 2.59
CA PRO A 643 21.28 -0.37 2.70
C PRO A 643 22.52 -0.01 1.88
N ASN A 644 23.05 1.18 2.12
CA ASN A 644 24.25 1.63 1.45
C ASN A 644 24.94 2.48 2.46
N LEU A 645 26.27 2.47 2.40
CA LEU A 645 27.05 3.24 3.35
C LEU A 645 28.24 3.99 2.72
N VAL A 646 28.74 4.96 3.47
CA VAL A 646 29.89 5.74 3.08
C VAL A 646 30.78 5.59 4.29
N ILE A 647 31.98 5.10 4.06
CA ILE A 647 32.93 4.92 5.15
C ILE A 647 34.07 5.89 4.96
N ASP A 648 34.39 6.66 6.00
CA ASP A 648 35.48 7.65 5.95
C ASP A 648 36.84 7.03 6.23
N GLN A 649 37.53 6.57 5.20
CA GLN A 649 38.84 5.98 5.40
C GLN A 649 39.98 6.97 5.15
N THR A 650 39.65 8.27 5.04
CA THR A 650 40.69 9.25 4.81
C THR A 650 41.66 9.26 5.96
N LYS A 651 42.76 9.96 5.77
CA LYS A 651 43.80 10.03 6.79
C LYS A 651 44.39 11.43 6.80
N ALA A 652 44.16 12.14 7.90
CA ALA A 652 44.69 13.48 8.10
C ALA A 652 44.34 14.53 7.05
N VAL A 653 43.05 14.61 6.70
CA VAL A 653 42.62 15.58 5.72
C VAL A 653 42.06 16.78 6.44
N GLN A 654 42.84 17.85 6.49
CA GLN A 654 42.37 19.03 7.17
C GLN A 654 41.08 19.58 6.61
N TYR A 655 40.20 20.02 7.52
CA TYR A 655 38.90 20.58 7.20
C TYR A 655 37.88 19.53 6.74
N LEU A 656 38.28 18.27 6.72
CA LEU A 656 37.40 17.22 6.27
C LEU A 656 35.95 17.33 6.75
N HIS A 657 35.76 17.57 8.03
CA HIS A 657 34.42 17.67 8.58
C HIS A 657 33.57 18.81 8.00
N GLU A 658 34.22 19.82 7.46
CA GLU A 658 33.49 20.96 6.90
C GLU A 658 32.78 20.66 5.60
N ILE A 659 33.05 19.48 5.03
CA ILE A 659 32.42 19.08 3.78
C ILE A 659 31.54 17.84 3.96
N LYS A 660 31.48 17.34 5.18
CA LYS A 660 30.68 16.14 5.50
C LYS A 660 29.22 16.21 5.07
N ASP A 661 28.53 17.26 5.48
CA ASP A 661 27.14 17.40 5.12
C ASP A 661 26.96 17.33 3.60
N SER A 662 27.85 17.99 2.88
CA SER A 662 27.78 17.98 1.43
C SER A 662 27.96 16.56 0.97
N VAL A 663 29.03 15.94 1.44
CA VAL A 663 29.31 14.57 1.04
C VAL A 663 28.08 13.69 1.28
N VAL A 664 27.48 13.82 2.46
CA VAL A 664 26.33 12.99 2.76
C VAL A 664 25.20 13.29 1.79
N ALA A 665 24.93 14.58 1.61
CA ALA A 665 23.87 15.02 0.75
C ALA A 665 24.03 14.40 -0.60
N ALA A 666 25.24 14.49 -1.10
CA ALA A 666 25.49 13.92 -2.39
C ALA A 666 25.18 12.45 -2.37
N PHE A 667 25.61 11.78 -1.31
CA PHE A 667 25.39 10.36 -1.25
C PHE A 667 23.94 10.02 -1.30
N GLN A 668 23.11 10.89 -0.76
CA GLN A 668 21.69 10.60 -0.79
C GLN A 668 21.15 10.57 -2.21
N TRP A 669 21.64 11.47 -3.06
CA TRP A 669 21.18 11.50 -4.45
C TRP A 669 21.78 10.38 -5.27
N ALA A 670 23.06 10.10 -5.02
CA ALA A 670 23.76 9.04 -5.73
C ALA A 670 23.10 7.69 -5.52
N THR A 671 22.65 7.44 -4.30
CA THR A 671 22.00 6.16 -4.00
C THR A 671 20.54 6.10 -4.39
N LYS A 672 19.88 7.24 -4.53
CA LYS A 672 18.48 7.25 -4.90
C LYS A 672 18.30 6.98 -6.37
N GLU A 673 19.21 7.50 -7.19
CA GLU A 673 19.13 7.26 -8.62
C GLU A 673 20.51 6.99 -9.13
N GLY A 674 20.82 5.70 -9.25
CA GLY A 674 22.12 5.27 -9.72
C GLY A 674 22.42 5.55 -11.17
N PRO A 675 23.62 5.20 -11.65
CA PRO A 675 24.06 5.40 -13.02
C PRO A 675 23.74 4.33 -14.05
N ILE A 676 23.19 3.20 -13.65
CA ILE A 676 22.87 2.19 -14.64
C ILE A 676 21.62 2.59 -15.39
N PHE A 677 20.62 3.07 -14.66
CA PHE A 677 19.43 3.55 -15.31
C PHE A 677 18.40 4.19 -14.38
N GLY A 678 18.89 5.04 -13.48
CA GLY A 678 18.02 5.77 -12.57
C GLY A 678 17.40 5.07 -11.38
N GLU A 679 17.74 3.80 -11.21
CA GLU A 679 17.20 3.03 -10.10
C GLU A 679 17.98 3.19 -8.79
N GLU A 680 17.40 2.68 -7.71
CA GLU A 680 18.04 2.77 -6.41
C GLU A 680 19.18 1.78 -6.25
N MET A 681 20.18 2.23 -5.54
CA MET A 681 21.34 1.40 -5.25
C MET A 681 20.97 0.53 -4.05
N ARG A 682 21.59 -0.64 -3.97
CA ARG A 682 21.37 -1.54 -2.85
C ARG A 682 22.65 -2.34 -2.51
N SER A 683 23.05 -2.31 -1.25
CA SER A 683 24.24 -3.05 -0.82
C SER A 683 25.50 -2.45 -1.45
N VAL A 684 25.61 -1.12 -1.44
CA VAL A 684 26.76 -0.45 -2.02
C VAL A 684 27.57 0.24 -0.96
N ARG A 685 28.85 -0.11 -0.92
CA ARG A 685 29.81 0.42 0.04
C ARG A 685 30.75 1.40 -0.65
N VAL A 686 30.85 2.59 -0.08
CA VAL A 686 31.70 3.63 -0.61
C VAL A 686 32.72 4.05 0.42
N ASN A 687 33.99 3.80 0.12
CA ASN A 687 35.06 4.18 1.03
C ASN A 687 35.81 5.39 0.49
N ILE A 688 35.72 6.50 1.22
CA ILE A 688 36.41 7.73 0.84
C ILE A 688 37.89 7.58 1.20
N LEU A 689 38.70 7.37 0.17
CA LEU A 689 40.11 7.17 0.36
C LEU A 689 40.88 8.44 0.60
N ASP A 690 40.61 9.48 -0.17
CA ASP A 690 41.35 10.69 0.06
C ASP A 690 40.53 11.88 -0.38
N VAL A 691 40.92 13.04 0.14
CA VAL A 691 40.26 14.30 -0.16
C VAL A 691 41.25 15.47 -0.11
N THR A 692 41.13 16.40 -1.07
CA THR A 692 41.98 17.57 -1.11
C THR A 692 41.04 18.75 -1.19
N LEU A 693 41.14 19.62 -0.20
CA LEU A 693 40.27 20.78 -0.09
C LEU A 693 40.95 22.14 -0.12
N HIS A 694 40.33 23.09 -0.81
CA HIS A 694 40.88 24.43 -0.87
C HIS A 694 40.97 24.92 0.56
N ALA A 695 42.00 25.68 0.87
CA ALA A 695 42.14 26.16 2.21
C ALA A 695 40.96 27.05 2.65
N ASP A 696 40.41 27.87 1.75
CA ASP A 696 39.28 28.76 2.08
C ASP A 696 37.91 28.13 1.86
N ALA A 697 37.04 28.24 2.86
CA ALA A 697 35.70 27.66 2.78
C ALA A 697 34.89 28.12 1.58
N ILE A 698 35.02 29.41 1.24
CA ILE A 698 34.28 30.00 0.14
C ILE A 698 34.24 29.08 -1.05
N ARG A 700 34.75 25.81 -1.02
CA ARG A 700 34.40 24.42 -0.71
C ARG A 700 32.95 24.26 -0.36
N GLY A 701 32.12 25.10 -0.95
CA GLY A 701 30.69 25.04 -0.67
C GLY A 701 29.97 23.84 -1.27
N GLY A 702 28.69 23.72 -0.94
CA GLY A 702 27.91 22.60 -1.43
C GLY A 702 27.89 22.54 -2.94
N GLY A 703 27.67 23.70 -3.54
CA GLY A 703 27.61 23.75 -4.98
C GLY A 703 28.85 23.10 -5.54
N GLN A 704 29.93 23.15 -4.80
CA GLN A 704 31.16 22.56 -5.27
C GLN A 704 31.33 21.10 -4.86
N ILE A 705 31.22 20.78 -3.57
CA ILE A 705 31.43 19.39 -3.20
C ILE A 705 30.36 18.43 -3.67
N ILE A 706 29.11 18.78 -3.46
CA ILE A 706 28.05 17.88 -3.84
C ILE A 706 28.14 17.25 -5.23
N PRO A 707 28.43 18.04 -6.24
CA PRO A 707 28.49 17.37 -7.53
C PRO A 707 29.68 16.40 -7.63
N THR A 708 30.81 16.82 -7.07
CA THR A 708 32.04 16.03 -7.09
C THR A 708 31.81 14.63 -6.52
N MET A 709 31.44 14.57 -5.24
CA MET A 709 31.20 13.30 -4.59
C MET A 709 30.24 12.45 -5.40
N ARG A 710 29.18 13.09 -5.89
CA ARG A 710 28.16 12.41 -6.67
C ARG A 710 28.80 11.76 -7.85
N ARG A 711 29.66 12.51 -8.52
CA ARG A 711 30.29 11.97 -9.70
C ARG A 711 31.30 10.89 -9.36
N ALA A 712 32.04 11.09 -8.29
CA ALA A 712 33.04 10.11 -7.92
C ALA A 712 32.34 8.81 -7.62
N THR A 713 31.28 8.93 -6.84
CA THR A 713 30.54 7.77 -6.47
C THR A 713 30.11 7.02 -7.70
N TYR A 714 29.58 7.75 -8.67
CA TYR A 714 29.14 7.08 -9.88
C TYR A 714 30.32 6.35 -10.51
N ALA A 715 31.44 7.06 -10.60
CA ALA A 715 32.60 6.47 -11.21
C ALA A 715 32.97 5.21 -10.48
N GLY A 716 33.11 5.34 -9.17
CA GLY A 716 33.47 4.21 -8.37
C GLY A 716 32.53 3.09 -8.72
N PHE A 717 31.25 3.38 -8.62
CA PHE A 717 30.22 2.40 -8.89
C PHE A 717 30.44 1.68 -10.20
N LEU A 718 30.55 2.43 -11.26
CA LEU A 718 30.73 1.83 -12.57
C LEU A 718 32.00 1.03 -12.67
N LEU A 719 32.96 1.30 -11.79
CA LEU A 719 34.20 0.55 -11.85
C LEU A 719 34.18 -0.71 -11.00
N ALA A 720 33.24 -0.77 -10.07
CA ALA A 720 33.14 -1.92 -9.19
C ALA A 720 32.33 -3.08 -9.74
N ASP A 721 32.36 -3.27 -11.06
CA ASP A 721 31.60 -4.36 -11.67
C ASP A 721 30.11 -4.26 -11.35
N PRO A 722 29.38 -3.47 -12.15
CA PRO A 722 27.93 -3.24 -12.01
C PRO A 722 27.02 -4.43 -12.30
N LYS A 723 25.90 -4.44 -11.59
CA LYS A 723 24.89 -5.47 -11.72
C LYS A 723 23.56 -4.91 -11.21
N ILE A 724 22.44 -5.50 -11.61
CA ILE A 724 21.13 -5.03 -11.15
C ILE A 724 20.36 -6.14 -10.48
N GLN A 725 19.52 -5.77 -9.53
CA GLN A 725 18.73 -6.76 -8.82
C GLN A 725 17.26 -6.62 -9.16
N GLU A 726 16.55 -7.75 -9.15
CA GLU A 726 15.13 -7.78 -9.42
C GLU A 726 14.42 -8.29 -8.18
N PRO A 727 13.26 -7.71 -7.87
CA PRO A 727 12.53 -8.16 -6.68
C PRO A 727 11.76 -9.41 -7.01
N VAL A 728 11.51 -10.19 -5.97
CA VAL A 728 10.77 -11.42 -6.12
C VAL A 728 9.75 -11.65 -4.98
N PHE A 729 8.55 -12.07 -5.38
CA PHE A 729 7.44 -12.36 -4.47
C PHE A 729 7.52 -13.78 -3.89
N LEU A 730 6.83 -13.96 -2.77
CA LEU A 730 6.69 -15.26 -2.14
C LEU A 730 5.17 -15.48 -2.18
N VAL A 731 4.71 -16.30 -3.12
CA VAL A 731 3.28 -16.51 -3.23
C VAL A 731 2.81 -17.79 -2.58
N GLU A 732 1.84 -17.66 -1.68
CA GLU A 732 1.27 -18.80 -0.99
C GLU A 732 -0.08 -19.03 -1.70
N ILE A 733 -0.40 -20.28 -2.06
CA ILE A 733 -1.67 -20.60 -2.74
C ILE A 733 -2.49 -21.76 -2.13
N GLN A 734 -3.78 -21.50 -1.88
CA GLN A 734 -4.69 -22.51 -1.34
C GLN A 734 -5.41 -23.09 -2.53
N CYS A 735 -5.47 -24.41 -2.64
CA CYS A 735 -6.17 -24.96 -3.78
C CYS A 735 -6.43 -26.44 -3.66
N PRO A 736 -7.62 -26.88 -4.11
CA PRO A 736 -8.02 -28.29 -4.06
C PRO A 736 -7.04 -29.16 -4.84
N GLU A 737 -6.66 -30.28 -4.24
CA GLU A 737 -5.73 -31.20 -4.86
C GLU A 737 -5.99 -31.32 -6.36
N GLN A 738 -7.26 -31.31 -6.74
CA GLN A 738 -7.67 -31.44 -8.13
C GLN A 738 -7.20 -30.30 -9.04
N ALA A 739 -7.15 -29.08 -8.52
CA ALA A 739 -6.75 -27.94 -9.34
C ALA A 739 -5.29 -27.57 -9.17
N VAL A 740 -4.64 -28.16 -8.20
CA VAL A 740 -3.26 -27.85 -7.98
C VAL A 740 -2.48 -27.96 -9.28
N GLY A 741 -3.07 -28.68 -10.23
CA GLY A 741 -2.41 -28.83 -11.51
C GLY A 741 -2.16 -27.48 -12.13
N GLY A 742 -3.21 -26.69 -12.28
CA GLY A 742 -3.06 -25.39 -12.89
C GLY A 742 -1.98 -24.52 -12.25
N ILE A 743 -1.70 -24.73 -10.97
CA ILE A 743 -0.69 -23.94 -10.29
C ILE A 743 0.67 -24.08 -10.95
N TYR A 744 1.29 -25.24 -10.79
CA TYR A 744 2.60 -25.53 -11.37
C TYR A 744 2.62 -25.20 -12.87
N SER A 745 1.44 -25.26 -13.49
CA SER A 745 1.30 -24.98 -14.91
C SER A 745 1.70 -23.57 -15.22
N VAL A 746 1.10 -22.63 -14.49
CA VAL A 746 1.37 -21.23 -14.69
C VAL A 746 2.70 -20.81 -14.09
N LEU A 747 3.07 -21.45 -12.99
CA LEU A 747 4.34 -21.11 -12.38
C LEU A 747 5.49 -21.35 -13.35
N ASN A 748 5.35 -22.38 -14.20
CA ASN A 748 6.40 -22.72 -15.16
C ASN A 748 6.49 -21.81 -16.40
N LYS A 749 5.57 -20.87 -16.50
CA LYS A 749 5.55 -19.95 -17.64
C LYS A 749 5.79 -18.53 -17.10
N LYS A 750 6.33 -18.45 -15.89
CA LYS A 750 6.60 -17.18 -15.27
C LYS A 750 7.94 -17.22 -14.55
N ARG A 751 8.67 -18.31 -14.69
CA ARG A 751 9.94 -18.44 -13.98
C ARG A 751 9.71 -18.57 -12.48
N GLY A 752 8.60 -19.21 -12.11
CA GLY A 752 8.27 -19.42 -10.71
C GLY A 752 9.07 -20.56 -10.11
N GLN A 753 9.30 -20.50 -8.80
CA GLN A 753 10.09 -21.53 -8.16
C GLN A 753 9.38 -22.07 -6.94
N VAL A 754 8.93 -23.30 -7.05
CA VAL A 754 8.22 -23.92 -5.98
C VAL A 754 9.09 -24.09 -4.73
N VAL A 755 8.63 -23.55 -3.61
CA VAL A 755 9.36 -23.65 -2.36
C VAL A 755 8.85 -24.80 -1.48
N SER A 756 7.54 -25.03 -1.51
CA SER A 756 6.93 -26.10 -0.72
C SER A 756 5.44 -26.30 -1.03
N GLU A 757 5.00 -27.54 -0.89
CA GLU A 757 3.60 -27.85 -1.14
C GLU A 757 3.16 -28.84 -0.06
N GLU A 758 2.11 -28.49 0.67
CA GLU A 758 1.61 -29.35 1.73
C GLU A 758 0.12 -29.55 1.61
N GLN A 759 -0.41 -30.44 2.44
CA GLN A 759 -1.83 -30.70 2.44
C GLN A 759 -2.37 -30.55 3.84
N ARG A 760 -3.62 -30.11 3.93
CA ARG A 760 -4.30 -29.93 5.20
C ARG A 760 -4.81 -31.32 5.59
N PRO A 761 -4.24 -31.90 6.64
CA PRO A 761 -4.61 -33.22 7.13
C PRO A 761 -5.89 -33.82 6.56
N GLY A 762 -7.04 -33.41 7.11
CA GLY A 762 -8.29 -33.96 6.64
C GLY A 762 -8.68 -33.78 5.19
N THR A 763 -9.01 -32.55 4.85
CA THR A 763 -9.48 -32.15 3.51
C THR A 763 -8.58 -32.37 2.29
N PRO A 764 -9.10 -32.11 1.07
CA PRO A 764 -8.34 -32.26 -0.16
C PRO A 764 -7.81 -30.87 -0.54
N LEU A 765 -7.32 -30.13 0.45
CA LEU A 765 -6.82 -28.76 0.24
C LEU A 765 -5.32 -28.58 0.34
N PHE A 766 -4.68 -28.51 -0.81
CA PHE A 766 -3.25 -28.32 -0.84
C PHE A 766 -2.97 -26.82 -0.67
N THR A 767 -1.73 -26.53 -0.29
CA THR A 767 -1.29 -25.17 -0.09
C THR A 767 0.14 -25.05 -0.65
N VAL A 768 0.27 -24.57 -1.88
CA VAL A 768 1.56 -24.42 -2.53
C VAL A 768 2.21 -23.06 -2.28
N LYS A 769 3.51 -23.08 -1.99
CA LYS A 769 4.25 -21.84 -1.76
C LYS A 769 5.39 -21.78 -2.77
N ALA A 770 5.53 -20.66 -3.44
CA ALA A 770 6.59 -20.51 -4.44
C ALA A 770 7.09 -19.08 -4.58
N TYR A 771 8.14 -18.93 -5.36
CA TYR A 771 8.72 -17.63 -5.59
C TYR A 771 8.30 -17.14 -6.96
N LEU A 772 7.76 -15.94 -7.00
CA LEU A 772 7.33 -15.40 -8.27
C LEU A 772 7.99 -14.05 -8.50
N PRO A 773 8.79 -13.94 -9.58
CA PRO A 773 9.50 -12.71 -9.95
C PRO A 773 8.52 -11.55 -10.18
N VAL A 774 8.61 -10.51 -9.37
CA VAL A 774 7.69 -9.43 -9.53
C VAL A 774 7.50 -8.98 -10.97
N ASN A 775 8.59 -8.89 -11.73
CA ASN A 775 8.48 -8.43 -13.12
C ASN A 775 7.84 -9.46 -14.03
N GLU A 776 7.29 -10.49 -13.42
CA GLU A 776 6.65 -11.54 -14.19
C GLU A 776 5.26 -11.78 -13.63
N SER A 777 4.89 -10.99 -12.62
CA SER A 777 3.60 -11.14 -11.96
C SER A 777 2.45 -10.30 -12.52
N PHE A 778 2.67 -9.64 -13.64
CA PHE A 778 1.60 -8.82 -14.19
C PHE A 778 0.45 -9.65 -14.76
N GLY A 779 -0.73 -9.43 -14.22
CA GLY A 779 -1.92 -10.16 -14.65
C GLY A 779 -1.86 -11.59 -14.16
N PHE A 780 -1.06 -11.86 -13.14
CA PHE A 780 -0.91 -13.21 -12.59
C PHE A 780 -2.23 -13.80 -12.13
N THR A 781 -2.93 -13.09 -11.25
CA THR A 781 -4.19 -13.58 -10.76
C THR A 781 -5.14 -13.91 -11.91
N GLY A 782 -5.21 -13.01 -12.89
CA GLY A 782 -6.08 -13.26 -14.02
C GLY A 782 -5.84 -14.60 -14.70
N GLU A 783 -4.56 -14.90 -14.93
CA GLU A 783 -4.17 -16.14 -15.58
C GLU A 783 -4.38 -17.34 -14.67
N LEU A 784 -4.10 -17.17 -13.38
CA LEU A 784 -4.28 -18.27 -12.44
C LEU A 784 -5.74 -18.60 -12.40
N ARG A 785 -6.57 -17.60 -12.64
CA ARG A 785 -8.00 -17.79 -12.62
C ARG A 785 -8.33 -18.88 -13.62
N GLN A 786 -8.08 -18.58 -14.90
CA GLN A 786 -8.40 -19.55 -15.93
C GLN A 786 -7.84 -20.92 -15.59
N ALA A 787 -6.53 -20.95 -15.31
CA ALA A 787 -5.84 -22.19 -15.01
C ALA A 787 -6.52 -23.15 -14.03
N THR A 788 -6.68 -22.71 -12.78
CA THR A 788 -7.27 -23.54 -11.75
C THR A 788 -8.78 -23.44 -11.58
N GLY A 789 -9.49 -23.28 -12.68
CA GLY A 789 -10.94 -23.20 -12.63
C GLY A 789 -11.47 -22.27 -11.55
N GLY A 790 -10.64 -21.31 -11.18
CA GLY A 790 -11.05 -20.34 -10.18
C GLY A 790 -11.10 -20.87 -8.77
N GLN A 791 -10.64 -22.09 -8.55
CA GLN A 791 -10.68 -22.65 -7.21
C GLN A 791 -9.49 -22.20 -6.38
N ALA A 792 -8.47 -21.66 -7.03
CA ALA A 792 -7.26 -21.22 -6.33
C ALA A 792 -7.39 -19.86 -5.61
N PHE A 793 -6.80 -19.77 -4.43
CA PHE A 793 -6.83 -18.56 -3.61
C PHE A 793 -5.42 -18.10 -3.29
N PRO A 794 -4.89 -17.11 -4.03
CA PRO A 794 -3.55 -16.56 -3.86
C PRO A 794 -3.31 -15.63 -2.66
N GLN A 795 -2.04 -15.54 -2.24
CA GLN A 795 -1.60 -14.70 -1.12
C GLN A 795 -0.10 -14.52 -1.43
N MET A 796 0.27 -13.37 -1.96
CA MET A 796 1.68 -13.13 -2.28
C MET A 796 2.23 -11.84 -1.69
N VAL A 797 3.50 -11.88 -1.27
CA VAL A 797 4.18 -10.75 -0.63
C VAL A 797 5.63 -10.61 -1.10
N PHE A 798 6.20 -9.44 -0.97
CA PHE A 798 7.58 -9.26 -1.38
C PHE A 798 8.45 -10.14 -0.50
N ASP A 799 9.40 -10.84 -1.12
CA ASP A 799 10.26 -11.72 -0.36
C ASP A 799 11.76 -11.35 -0.36
N HIS A 800 12.36 -11.11 -1.53
CA HIS A 800 13.80 -10.79 -1.59
C HIS A 800 14.31 -10.16 -2.91
N TRP A 801 15.54 -9.67 -2.91
CA TRP A 801 16.08 -9.10 -4.14
C TRP A 801 17.02 -10.10 -4.78
N SER A 802 16.85 -10.32 -6.08
CA SER A 802 17.70 -11.28 -6.78
C SER A 802 18.63 -10.58 -7.78
N THR A 803 19.93 -10.83 -7.63
CA THR A 803 20.92 -10.23 -8.50
C THR A 803 21.01 -10.97 -9.81
N LEU A 804 20.61 -10.33 -10.89
CA LEU A 804 20.70 -10.99 -12.20
C LEU A 804 22.18 -11.22 -12.53
N GLY A 805 22.47 -12.31 -13.25
CA GLY A 805 23.84 -12.63 -13.62
C GLY A 805 24.38 -11.83 -14.79
N SER A 806 23.56 -11.72 -15.84
CA SER A 806 23.93 -10.98 -17.03
C SER A 806 24.47 -9.56 -16.76
N ASP A 807 25.20 -9.01 -17.74
CA ASP A 807 25.80 -7.67 -17.65
C ASP A 807 24.83 -6.56 -18.08
N PRO A 808 24.43 -5.73 -17.14
CA PRO A 808 23.52 -4.64 -17.46
C PRO A 808 24.09 -3.77 -18.56
N LEU A 809 25.40 -3.82 -18.73
CA LEU A 809 26.03 -3.00 -19.75
C LEU A 809 25.90 -3.54 -21.16
N ASP A 810 25.67 -4.84 -21.29
CA ASP A 810 25.52 -5.45 -22.61
C ASP A 810 24.06 -5.46 -23.04
N PRO A 811 23.69 -4.56 -23.98
CA PRO A 811 22.34 -4.40 -24.55
C PRO A 811 21.57 -5.69 -24.86
N THR A 812 22.23 -6.70 -25.41
CA THR A 812 21.59 -7.98 -25.76
C THR A 812 21.39 -8.93 -24.59
N SER A 813 22.20 -8.79 -23.55
CA SER A 813 22.07 -9.64 -22.37
C SER A 813 20.66 -9.46 -21.86
N LYS A 814 20.31 -10.21 -20.82
CA LYS A 814 18.97 -10.13 -20.27
C LYS A 814 18.75 -8.88 -19.40
N ALA A 815 19.74 -8.54 -18.59
CA ALA A 815 19.61 -7.35 -17.74
C ALA A 815 19.73 -6.12 -18.61
N GLY A 816 20.71 -6.13 -19.51
CA GLY A 816 20.92 -5.02 -20.41
C GLY A 816 19.65 -4.69 -21.18
N GLU A 817 18.85 -5.73 -21.42
CA GLU A 817 17.60 -5.56 -22.14
C GLU A 817 16.72 -4.70 -21.26
N ILE A 818 16.62 -5.07 -19.99
CA ILE A 818 15.83 -4.32 -19.07
C ILE A 818 16.35 -2.88 -19.06
N VAL A 819 17.65 -2.73 -18.85
CA VAL A 819 18.26 -1.41 -18.80
C VAL A 819 17.99 -0.55 -20.03
N LEU A 820 18.22 -1.11 -21.21
CA LEU A 820 18.01 -0.35 -22.43
C LEU A 820 16.59 0.17 -22.52
N ALA A 821 15.62 -0.71 -22.35
CA ALA A 821 14.22 -0.31 -22.42
C ALA A 821 13.93 0.80 -21.43
N ALA A 822 14.36 0.59 -20.20
CA ALA A 822 14.12 1.57 -19.17
C ALA A 822 14.75 2.88 -19.57
N ARG A 823 16.01 2.83 -19.98
CA ARG A 823 16.72 4.05 -20.39
C ARG A 823 15.93 4.80 -21.46
N LYS A 824 15.47 4.07 -22.47
CA LYS A 824 14.71 4.65 -23.57
C LYS A 824 13.44 5.26 -23.01
N ARG A 825 12.75 4.49 -22.18
CA ARG A 825 11.52 4.92 -21.57
C ARG A 825 11.72 6.27 -20.89
N HIS A 826 12.83 6.42 -20.18
CA HIS A 826 13.13 7.66 -19.47
C HIS A 826 13.75 8.70 -20.39
N GLY A 827 13.82 8.37 -21.67
CA GLY A 827 14.38 9.29 -22.63
C GLY A 827 15.82 9.66 -22.29
N MET A 828 16.60 8.69 -21.81
CA MET A 828 18.00 8.95 -21.52
C MET A 828 18.80 8.46 -22.72
N LYS A 829 20.11 8.69 -22.69
CA LYS A 829 20.98 8.26 -23.78
C LYS A 829 20.88 6.75 -23.75
N GLU A 830 20.57 6.16 -24.89
CA GLU A 830 20.43 4.71 -24.95
C GLU A 830 21.55 3.89 -24.32
N GLU A 831 22.77 4.39 -24.36
CA GLU A 831 23.88 3.64 -23.82
C GLU A 831 24.21 4.05 -22.39
N VAL A 832 24.81 3.14 -21.63
CA VAL A 832 25.16 3.45 -20.25
C VAL A 832 26.50 4.16 -20.16
N PRO A 833 26.51 5.28 -19.44
CA PRO A 833 27.75 6.04 -19.30
C PRO A 833 28.89 5.18 -18.78
N GLY A 834 30.04 5.28 -19.43
CA GLY A 834 31.19 4.53 -18.95
C GLY A 834 31.69 5.32 -17.75
N TRP A 835 32.60 4.76 -16.97
CA TRP A 835 33.10 5.47 -15.79
C TRP A 835 33.86 6.76 -16.14
N GLN A 836 34.53 6.76 -17.29
CA GLN A 836 35.28 7.94 -17.72
C GLN A 836 34.44 9.25 -17.70
N GLU A 837 33.15 9.16 -17.93
CA GLU A 837 32.30 10.35 -17.95
C GLU A 837 32.23 10.96 -16.59
N TYR A 838 32.41 10.16 -15.57
CA TYR A 838 32.33 10.77 -14.28
C TYR A 838 33.68 10.93 -13.66
N TYR A 839 34.67 10.21 -14.17
CA TYR A 839 36.03 10.32 -13.63
C TYR A 839 36.51 11.68 -14.11
N ASP A 840 37.59 12.21 -13.53
CA ASP A 840 38.12 13.51 -13.93
C ASP A 840 38.48 13.45 -15.42
N LYS A 841 38.15 14.49 -16.18
CA LYS A 841 38.44 14.45 -17.60
C LYS A 841 39.89 14.67 -17.89
N LEU A 842 40.74 13.91 -17.20
CA LEU A 842 42.17 14.00 -17.40
C LEU A 842 42.55 12.95 -18.42
N GLU B 1 9.85 39.58 -31.29
CA GLU B 1 10.09 38.20 -30.82
C GLU B 1 11.16 37.59 -31.70
N PHE B 2 12.22 37.12 -31.08
CA PHE B 2 13.31 36.56 -31.84
C PHE B 2 13.40 35.04 -31.70
N LEU B 3 12.41 34.45 -31.02
CA LEU B 3 12.43 33.00 -30.79
C LEU B 3 11.89 32.11 -31.87
N GLY B 4 11.67 32.64 -33.06
CA GLY B 4 11.13 31.83 -34.13
C GLY B 4 9.75 31.46 -33.63
N ASP B 5 9.06 30.55 -34.32
CA ASP B 5 7.72 30.17 -33.88
C ASP B 5 7.53 28.69 -33.54
N GLY B 6 6.51 28.37 -32.74
CA GLY B 6 6.23 26.99 -32.39
C GLY B 6 5.84 26.67 -30.94
N GLY B 7 5.23 27.62 -30.25
CA GLY B 7 4.84 27.34 -28.88
C GLY B 7 5.80 27.85 -27.82
N ASP B 8 5.21 28.24 -26.68
CA ASP B 8 5.95 28.78 -25.55
C ASP B 8 7.20 28.05 -25.15
N VAL B 9 8.26 28.82 -25.07
CA VAL B 9 9.54 28.29 -24.70
C VAL B 9 9.79 28.44 -23.19
N SER B 10 10.25 27.37 -22.56
CA SER B 10 10.56 27.37 -21.12
C SER B 10 11.82 26.56 -20.82
N PHE B 11 12.35 26.73 -19.62
CA PHE B 11 13.56 26.01 -19.26
C PHE B 11 13.33 24.98 -18.16
N SER B 12 13.67 23.73 -18.45
CA SER B 12 13.51 22.62 -17.50
C SER B 12 14.81 21.87 -17.21
N THR B 13 14.82 21.14 -16.10
CA THR B 13 15.98 20.36 -15.73
C THR B 13 15.95 19.19 -16.69
N ARG B 14 14.75 18.99 -17.20
CA ARG B 14 14.36 17.96 -18.14
C ARG B 14 14.87 18.24 -19.56
N GLY B 15 15.10 19.52 -19.85
CA GLY B 15 15.55 19.96 -21.16
C GLY B 15 14.80 21.23 -21.58
N THR B 16 15.22 21.94 -22.61
CA THR B 16 14.49 23.13 -22.98
C THR B 16 13.23 22.74 -23.76
N GLN B 17 12.08 23.08 -23.22
CA GLN B 17 10.78 22.76 -23.83
C GLN B 17 10.50 23.51 -25.10
N ASN B 18 10.18 22.81 -26.17
CA ASN B 18 9.84 23.47 -27.45
C ASN B 18 10.97 24.20 -28.14
N TRP B 19 12.09 23.54 -28.37
CA TRP B 19 13.18 24.23 -28.99
C TRP B 19 14.02 23.23 -29.72
N THR B 20 13.63 22.96 -30.95
CA THR B 20 14.33 22.02 -31.79
C THR B 20 15.46 22.69 -32.53
N VAL B 21 16.31 21.91 -33.17
CA VAL B 21 17.42 22.49 -33.90
C VAL B 21 16.86 23.33 -35.01
N GLU B 22 15.83 22.79 -35.65
CA GLU B 22 15.19 23.48 -36.74
C GLU B 22 14.72 24.86 -36.32
N ARG B 23 14.03 24.94 -35.18
CA ARG B 23 13.55 26.23 -34.73
C ARG B 23 14.74 27.17 -34.54
N LEU B 24 15.81 26.66 -33.91
CA LEU B 24 17.02 27.44 -33.66
C LEU B 24 17.43 28.12 -34.97
N LEU B 25 17.60 27.28 -35.99
CA LEU B 25 17.99 27.75 -37.31
C LEU B 25 17.10 28.90 -37.79
N GLN B 26 15.79 28.78 -37.63
CA GLN B 26 14.92 29.85 -38.06
C GLN B 26 15.21 31.11 -37.24
N ALA B 27 15.27 30.97 -35.92
CA ALA B 27 15.54 32.11 -35.06
C ALA B 27 16.82 32.82 -35.42
N HIS B 28 17.87 32.06 -35.61
CA HIS B 28 19.16 32.62 -35.96
C HIS B 28 19.15 33.39 -37.27
N ARG B 29 18.51 32.82 -38.29
CA ARG B 29 18.42 33.42 -39.62
C ARG B 29 17.71 34.78 -39.56
N GLN B 30 16.64 34.82 -38.78
CA GLN B 30 15.85 36.02 -38.64
C GLN B 30 16.52 37.09 -37.77
N LEU B 31 17.44 36.69 -36.91
CA LEU B 31 18.14 37.67 -36.11
C LEU B 31 19.12 38.35 -37.07
N GLU B 32 19.73 37.57 -37.95
CA GLU B 32 20.67 38.14 -38.91
C GLU B 32 19.93 39.08 -39.85
N GLU B 33 18.71 38.71 -40.23
CA GLU B 33 17.97 39.55 -41.13
C GLU B 33 17.63 40.92 -40.57
N ARG B 34 17.72 41.09 -39.27
CA ARG B 34 17.43 42.38 -38.68
C ARG B 34 18.75 43.02 -38.29
N GLY B 35 19.84 42.41 -38.73
CA GLY B 35 21.15 42.96 -38.41
C GLY B 35 21.75 42.64 -37.04
N TYR B 36 21.64 41.40 -36.57
CA TYR B 36 22.24 41.03 -35.29
C TYR B 36 23.28 39.98 -35.59
N VAL B 37 24.21 39.79 -34.68
CA VAL B 37 25.22 38.81 -34.92
C VAL B 37 25.42 38.07 -33.61
N PHE B 38 25.79 36.81 -33.72
CA PHE B 38 26.04 35.95 -32.57
C PHE B 38 27.43 36.26 -32.04
N VAL B 39 27.59 36.43 -30.73
CA VAL B 39 28.91 36.72 -30.20
C VAL B 39 29.43 35.72 -29.21
N GLY B 40 28.59 34.80 -28.78
CA GLY B 40 29.08 33.83 -27.83
C GLY B 40 27.99 33.12 -27.09
N TYR B 41 28.40 32.18 -26.23
CA TYR B 41 27.47 31.40 -25.44
C TYR B 41 27.47 31.89 -23.99
N HIS B 42 26.34 31.71 -23.33
CA HIS B 42 26.21 32.06 -21.92
C HIS B 42 25.43 30.99 -21.19
N GLY B 43 26.14 30.28 -20.33
CA GLY B 43 25.54 29.23 -19.52
C GLY B 43 25.12 29.86 -18.21
N THR B 44 24.11 29.28 -17.59
CA THR B 44 23.62 29.79 -16.32
C THR B 44 22.45 28.93 -15.83
N PHE B 45 21.83 29.30 -14.71
CA PHE B 45 20.72 28.49 -14.21
C PHE B 45 19.34 28.72 -14.78
N LEU B 46 18.53 27.66 -14.73
CA LEU B 46 17.19 27.69 -15.26
C LEU B 46 16.44 28.94 -14.90
N GLU B 47 16.38 29.27 -13.61
CA GLU B 47 15.67 30.47 -13.25
C GLU B 47 16.27 31.62 -14.05
N ALA B 48 17.59 31.78 -13.98
CA ALA B 48 18.26 32.87 -14.69
C ALA B 48 17.95 32.82 -16.17
N ALA B 49 18.18 31.67 -16.77
CA ALA B 49 17.93 31.52 -18.17
C ALA B 49 16.60 32.15 -18.55
N GLN B 50 15.55 31.81 -17.82
CA GLN B 50 14.22 32.34 -18.09
C GLN B 50 14.15 33.85 -18.12
N SER B 51 14.84 34.49 -17.18
CA SER B 51 14.85 35.94 -17.06
C SER B 51 15.52 36.62 -18.24
N ILE B 52 16.64 36.05 -18.66
CA ILE B 52 17.36 36.62 -19.77
C ILE B 52 16.59 36.51 -21.09
N VAL B 53 15.94 35.38 -21.35
CA VAL B 53 15.22 35.20 -22.62
C VAL B 53 13.88 35.93 -22.69
N PHE B 54 13.24 36.13 -21.56
CA PHE B 54 11.98 36.84 -21.53
C PHE B 54 12.19 37.98 -20.54
N GLY B 55 12.77 39.08 -21.00
CA GLY B 55 13.03 40.21 -20.10
C GLY B 55 14.42 40.76 -20.33
N GLY B 56 15.23 39.98 -21.02
CA GLY B 56 16.58 40.39 -21.37
C GLY B 56 17.59 40.50 -20.26
N VAL B 57 18.85 40.49 -20.66
CA VAL B 57 19.94 40.63 -19.72
C VAL B 57 19.89 42.04 -19.12
N ARG B 58 19.99 42.14 -17.78
CA ARG B 58 20.02 43.45 -17.09
C ARG B 58 20.94 43.42 -15.88
N ALA B 59 21.82 44.41 -15.77
CA ALA B 59 22.69 44.48 -14.63
C ALA B 59 21.74 44.81 -13.50
N ARG B 60 22.19 44.70 -12.26
CA ARG B 60 21.33 45.03 -11.13
C ARG B 60 22.18 45.22 -9.89
N SER B 61 22.44 46.47 -9.54
CA SER B 61 23.23 46.75 -8.35
C SER B 61 24.62 46.15 -8.43
N GLN B 62 25.41 46.61 -9.39
CA GLN B 62 26.75 46.10 -9.51
C GLN B 62 27.60 46.92 -8.57
N ASP B 63 28.80 46.44 -8.32
CA ASP B 63 29.72 47.16 -7.47
C ASP B 63 30.37 48.18 -8.37
N LEU B 64 30.00 49.44 -8.19
CA LEU B 64 30.58 50.47 -9.02
C LEU B 64 32.10 50.52 -8.94
N ASP B 65 32.66 50.10 -7.81
CA ASP B 65 34.11 50.12 -7.68
C ASP B 65 34.72 48.89 -8.33
N ALA B 66 33.88 47.99 -8.84
CA ALA B 66 34.36 46.78 -9.50
C ALA B 66 34.55 47.02 -10.99
N ILE B 67 35.79 47.29 -11.37
CA ILE B 67 36.14 47.62 -12.74
C ILE B 67 35.97 46.59 -13.87
N TRP B 68 35.74 45.31 -13.54
CA TRP B 68 35.57 44.31 -14.59
C TRP B 68 34.14 43.83 -14.59
N ARG B 69 33.27 44.65 -14.04
CA ARG B 69 31.87 44.28 -13.99
C ARG B 69 31.35 44.22 -15.43
N GLY B 70 30.52 43.22 -15.71
CA GLY B 70 29.97 43.06 -17.04
C GLY B 70 29.26 41.73 -17.16
N PHE B 71 28.96 41.31 -18.38
CA PHE B 71 28.25 40.07 -18.64
C PHE B 71 29.20 39.15 -19.40
N TYR B 72 29.71 38.13 -18.72
CA TYR B 72 30.64 37.18 -19.31
C TYR B 72 29.95 36.10 -20.16
N ILE B 73 30.53 35.81 -21.31
CA ILE B 73 30.01 34.78 -22.18
C ILE B 73 31.23 34.16 -22.84
N ALA B 74 31.02 33.24 -23.78
CA ALA B 74 32.16 32.60 -24.40
C ALA B 74 31.88 32.10 -25.77
N GLY B 75 32.87 32.18 -26.63
CA GLY B 75 32.66 31.67 -27.97
C GLY B 75 32.43 30.17 -27.92
N ASP B 76 33.23 29.48 -27.10
CA ASP B 76 33.16 28.02 -26.97
C ASP B 76 32.05 27.54 -26.02
N PRO B 77 31.02 26.89 -26.57
CA PRO B 77 29.99 26.47 -25.62
C PRO B 77 30.52 25.64 -24.44
N ALA B 78 31.57 24.86 -24.66
CA ALA B 78 32.12 24.05 -23.58
C ALA B 78 32.49 24.88 -22.37
N LEU B 79 33.08 26.04 -22.58
CA LEU B 79 33.45 26.86 -21.44
C LEU B 79 32.23 27.47 -20.82
N ALA B 80 31.22 27.71 -21.64
CA ALA B 80 30.01 28.29 -21.14
C ALA B 80 29.34 27.21 -20.32
N TYR B 81 29.31 26.03 -20.90
CA TYR B 81 28.71 24.88 -20.30
C TYR B 81 28.95 24.80 -18.80
N GLY B 82 30.20 25.03 -18.39
CA GLY B 82 30.57 24.95 -16.98
C GLY B 82 29.71 25.71 -15.99
N TYR B 83 29.18 26.82 -16.46
CA TYR B 83 28.38 27.68 -15.61
C TYR B 83 26.90 27.35 -15.68
N ALA B 84 26.56 26.33 -16.45
CA ALA B 84 25.18 25.92 -16.62
C ALA B 84 24.72 25.04 -15.50
N GLN B 85 24.55 25.61 -14.31
CA GLN B 85 24.13 24.81 -13.19
C GLN B 85 24.00 25.62 -11.93
N ASP B 86 23.08 25.22 -11.06
CA ASP B 86 22.89 25.92 -9.80
C ASP B 86 24.28 26.07 -9.20
N GLN B 87 24.52 27.15 -8.49
CA GLN B 87 25.82 27.33 -7.88
C GLN B 87 25.80 26.85 -6.43
N GLU B 88 24.59 26.69 -5.90
CA GLU B 88 24.42 26.20 -4.55
C GLU B 88 23.28 25.21 -4.43
N PRO B 89 23.25 24.45 -3.34
CA PRO B 89 22.18 23.48 -3.21
C PRO B 89 20.87 24.04 -2.76
N ASP B 90 19.83 23.33 -3.14
CA ASP B 90 18.51 23.69 -2.74
C ASP B 90 18.49 23.13 -1.34
N ALA B 91 17.48 23.50 -0.59
CA ALA B 91 17.33 23.04 0.79
C ALA B 91 17.55 21.53 0.92
N ARG B 92 16.95 20.76 0.02
CA ARG B 92 17.10 19.31 0.12
C ARG B 92 18.56 18.86 -0.12
N GLY B 93 19.25 19.56 -1.02
CA GLY B 93 20.64 19.20 -1.29
C GLY B 93 20.82 18.90 -2.76
N ARG B 94 19.90 19.35 -3.61
CA ARG B 94 20.03 19.08 -5.02
C ARG B 94 20.61 20.29 -5.75
N ILE B 95 21.50 19.97 -6.67
CA ILE B 95 22.18 20.93 -7.51
C ILE B 95 21.74 20.53 -8.89
N ARG B 96 20.74 21.20 -9.44
CA ARG B 96 20.30 20.78 -10.75
C ARG B 96 21.00 21.49 -11.87
N ASN B 97 20.98 20.85 -13.03
CA ASN B 97 21.60 21.36 -14.24
C ASN B 97 20.93 22.65 -14.70
N GLY B 98 21.58 23.35 -15.62
CA GLY B 98 21.04 24.59 -16.13
C GLY B 98 20.92 24.58 -17.64
N ALA B 99 21.06 25.74 -18.24
CA ALA B 99 20.93 25.83 -19.67
C ALA B 99 21.92 26.76 -20.37
N LEU B 100 22.22 26.43 -21.62
CA LEU B 100 23.13 27.23 -22.43
C LEU B 100 22.40 28.27 -23.25
N LEU B 101 22.87 29.51 -23.16
CA LEU B 101 22.23 30.57 -23.91
C LEU B 101 23.11 31.11 -25.00
N ARG B 102 22.50 31.46 -26.14
CA ARG B 102 23.22 32.04 -27.29
C ARG B 102 23.03 33.56 -27.28
N VAL B 103 24.16 34.26 -27.21
CA VAL B 103 24.14 35.71 -27.17
C VAL B 103 24.35 36.39 -28.54
N TYR B 104 23.43 37.32 -28.83
CA TYR B 104 23.44 38.12 -30.05
C TYR B 104 23.43 39.63 -29.75
N VAL B 105 24.24 40.42 -30.45
CA VAL B 105 24.23 41.88 -30.26
C VAL B 105 23.86 42.53 -31.58
N PRO B 106 23.43 43.79 -31.53
CA PRO B 106 23.06 44.46 -32.77
C PRO B 106 24.35 44.52 -33.53
N ARG B 107 24.30 44.11 -34.79
CA ARG B 107 25.51 44.12 -35.60
C ARG B 107 26.21 45.47 -35.45
N SER B 108 25.41 46.51 -35.32
CA SER B 108 25.93 47.86 -35.19
C SER B 108 26.87 48.11 -34.02
N SER B 109 27.15 47.13 -33.18
CA SER B 109 28.03 47.38 -32.04
C SER B 109 29.43 46.81 -32.18
N LEU B 110 29.61 45.93 -33.17
CA LEU B 110 30.89 45.32 -33.43
C LEU B 110 32.04 46.28 -33.36
N PRO B 111 31.82 47.55 -33.72
CA PRO B 111 32.96 48.45 -33.65
C PRO B 111 33.58 48.52 -32.27
N GLY B 112 32.88 47.99 -31.28
CA GLY B 112 33.39 48.05 -29.92
C GLY B 112 33.85 46.73 -29.31
N PHE B 113 33.99 45.70 -30.12
CA PHE B 113 34.47 44.42 -29.61
C PHE B 113 35.99 44.37 -29.84
N TYR B 114 36.77 44.20 -28.78
CA TYR B 114 38.21 44.12 -28.98
C TYR B 114 38.73 42.83 -28.37
N ARG B 115 39.93 42.43 -28.79
CA ARG B 115 40.56 41.22 -28.29
C ARG B 115 42.00 41.49 -27.82
N THR B 116 42.49 40.63 -26.93
CA THR B 116 43.83 40.75 -26.40
C THR B 116 44.35 39.38 -26.05
N SER B 117 45.66 39.28 -25.80
CA SER B 117 46.23 37.98 -25.44
C SER B 117 46.54 37.92 -23.97
N LEU B 118 46.50 39.05 -23.30
CA LEU B 118 46.75 39.08 -21.87
C LEU B 118 45.56 38.43 -21.15
N THR B 119 45.78 37.90 -19.94
CA THR B 119 44.71 37.27 -19.17
C THR B 119 44.04 38.38 -18.34
N LEU B 120 42.77 38.63 -18.60
CA LEU B 120 42.03 39.71 -17.94
C LEU B 120 42.33 40.12 -16.50
N ALA B 121 42.87 39.22 -15.67
CA ALA B 121 43.18 39.56 -14.29
C ALA B 121 44.55 40.22 -14.14
N ALA B 122 45.48 39.80 -14.98
CA ALA B 122 46.87 40.30 -15.00
C ALA B 122 47.04 41.83 -14.93
N PRO B 123 48.02 42.31 -14.14
CA PRO B 123 48.27 43.74 -14.00
C PRO B 123 48.21 44.53 -15.29
N GLU B 124 48.86 44.02 -16.32
CA GLU B 124 48.87 44.72 -17.59
C GLU B 124 47.47 44.79 -18.19
N ALA B 125 46.69 43.74 -17.98
CA ALA B 125 45.34 43.67 -18.53
C ALA B 125 44.60 44.97 -18.40
N ALA B 126 44.40 45.39 -17.17
CA ALA B 126 43.69 46.62 -16.94
C ALA B 126 44.12 47.69 -17.95
N GLY B 127 45.37 48.12 -17.87
CA GLY B 127 45.85 49.18 -18.74
C GLY B 127 45.75 48.96 -20.23
N GLU B 128 46.00 47.73 -20.64
CA GLU B 128 45.97 47.37 -22.05
C GLU B 128 44.53 47.30 -22.58
N VAL B 129 43.60 46.90 -21.73
CA VAL B 129 42.21 46.80 -22.12
C VAL B 129 41.79 48.23 -22.36
N GLU B 130 42.13 49.07 -21.39
CA GLU B 130 41.78 50.46 -21.45
C GLU B 130 42.42 51.11 -22.65
N ARG B 131 43.61 50.67 -23.00
CA ARG B 131 44.26 51.26 -24.15
C ARG B 131 43.42 50.95 -25.38
N LEU B 132 42.96 49.72 -25.46
CA LEU B 132 42.17 49.28 -26.60
C LEU B 132 40.78 49.92 -26.72
N ILE B 133 40.12 50.16 -25.60
CA ILE B 133 38.77 50.71 -25.63
C ILE B 133 38.63 52.22 -25.63
N GLY B 134 39.74 52.92 -25.40
CA GLY B 134 39.68 54.37 -25.42
C GLY B 134 39.20 55.09 -24.16
N HIS B 135 39.12 54.39 -23.03
CA HIS B 135 38.69 55.02 -21.79
C HIS B 135 38.95 54.12 -20.59
N PRO B 136 38.93 54.66 -19.36
CA PRO B 136 39.19 53.79 -18.20
C PRO B 136 38.10 52.74 -18.00
N LEU B 137 38.40 51.64 -17.30
CA LEU B 137 37.39 50.62 -17.05
C LEU B 137 36.42 51.23 -16.09
N PRO B 138 35.26 50.60 -15.91
CA PRO B 138 34.78 49.38 -16.55
C PRO B 138 34.49 49.60 -18.02
N LEU B 139 34.16 48.50 -18.73
CA LEU B 139 33.79 48.57 -20.14
C LEU B 139 32.37 49.13 -20.16
N ARG B 140 31.98 49.72 -21.28
CA ARG B 140 30.64 50.25 -21.36
C ARG B 140 30.01 49.74 -22.63
N LEU B 141 30.00 50.56 -23.67
CA LEU B 141 29.42 50.10 -24.90
C LEU B 141 30.47 49.36 -25.69
N ASP B 142 31.32 48.61 -24.99
CA ASP B 142 32.37 47.84 -25.63
C ASP B 142 32.56 46.47 -24.99
N ALA B 143 33.39 45.63 -25.61
CA ALA B 143 33.63 44.28 -25.12
C ALA B 143 35.05 43.82 -25.32
N ILE B 144 35.54 43.02 -24.39
CA ILE B 144 36.90 42.52 -24.49
C ILE B 144 36.92 41.00 -24.44
N THR B 145 37.71 40.41 -25.32
CA THR B 145 37.85 38.97 -25.41
C THR B 145 39.30 38.56 -25.14
N GLY B 146 39.49 37.64 -24.21
CA GLY B 146 40.83 37.19 -23.88
C GLY B 146 40.87 35.90 -23.07
N PRO B 147 42.05 35.30 -22.91
CA PRO B 147 42.21 34.06 -22.16
C PRO B 147 41.57 34.11 -20.76
N GLU B 148 40.79 33.09 -20.43
CA GLU B 148 40.13 33.04 -19.14
C GLU B 148 41.21 33.13 -18.07
N GLU B 149 42.35 32.56 -18.39
CA GLU B 149 43.52 32.54 -17.54
C GLU B 149 44.57 31.85 -18.39
N GLU B 150 45.84 32.02 -18.04
CA GLU B 150 46.93 31.45 -18.83
C GLU B 150 46.62 30.10 -19.44
N GLY B 151 46.67 30.07 -20.76
CA GLY B 151 46.42 28.85 -21.48
C GLY B 151 44.96 28.43 -21.50
N GLY B 152 44.11 29.04 -20.68
CA GLY B 152 42.71 28.67 -20.67
C GLY B 152 41.95 29.04 -21.95
N ARG B 153 40.67 28.73 -22.00
CA ARG B 153 39.87 29.06 -23.17
C ARG B 153 39.60 30.56 -23.09
N LEU B 154 38.97 31.12 -24.11
CA LEU B 154 38.71 32.56 -24.12
C LEU B 154 37.33 32.94 -23.68
N GLU B 155 37.25 33.97 -22.86
CA GLU B 155 35.97 34.46 -22.39
C GLU B 155 35.77 35.86 -22.93
N THR B 156 34.53 36.31 -22.95
CA THR B 156 34.23 37.65 -23.44
C THR B 156 33.44 38.43 -22.40
N ILE B 157 33.81 39.68 -22.21
CA ILE B 157 33.11 40.49 -21.24
C ILE B 157 32.47 41.68 -21.91
N LEU B 158 31.18 41.58 -22.15
CA LEU B 158 30.45 42.68 -22.74
C LEU B 158 30.26 43.64 -21.55
N GLY B 159 30.37 44.96 -21.78
CA GLY B 159 30.16 45.95 -20.72
C GLY B 159 28.69 45.97 -20.37
N TRP B 160 28.27 46.46 -19.19
CA TRP B 160 26.84 46.38 -18.92
C TRP B 160 25.98 47.12 -19.91
N PRO B 161 26.46 48.25 -20.40
CA PRO B 161 25.58 48.90 -21.36
C PRO B 161 25.28 48.03 -22.57
N LEU B 162 26.33 47.52 -23.20
CA LEU B 162 26.18 46.68 -24.39
C LEU B 162 25.32 45.45 -24.09
N ALA B 163 25.62 44.81 -22.98
CA ALA B 163 24.89 43.59 -22.60
C ALA B 163 23.40 43.81 -22.52
N GLU B 164 23.01 45.02 -22.13
CA GLU B 164 21.61 45.28 -22.03
C GLU B 164 20.99 45.39 -23.39
N ARG B 165 21.82 45.41 -24.43
CA ARG B 165 21.30 45.55 -25.79
C ARG B 165 21.30 44.25 -26.56
N THR B 166 21.60 43.20 -25.84
CA THR B 166 21.65 41.88 -26.43
C THR B 166 20.27 41.26 -26.60
N VAL B 167 20.26 40.16 -27.33
CA VAL B 167 19.06 39.39 -27.59
C VAL B 167 19.52 37.96 -27.41
N VAL B 168 18.99 37.28 -26.41
CA VAL B 168 19.43 35.93 -26.18
C VAL B 168 18.34 34.92 -26.41
N ILE B 169 18.72 33.78 -26.96
CA ILE B 169 17.76 32.73 -27.20
C ILE B 169 18.39 31.43 -26.78
N PRO B 170 17.60 30.36 -26.63
CA PRO B 170 18.08 29.04 -26.22
C PRO B 170 19.03 28.38 -27.22
N SER B 171 19.87 27.47 -26.74
CA SER B 171 20.79 26.72 -27.58
C SER B 171 20.23 25.32 -27.79
N ALA B 172 20.67 24.65 -28.84
CA ALA B 172 20.19 23.30 -29.10
C ALA B 172 21.19 22.33 -28.47
N ILE B 173 22.05 22.86 -27.65
CA ILE B 173 23.01 22.04 -26.98
C ILE B 173 22.43 21.82 -25.61
N PRO B 174 22.06 20.57 -25.29
CA PRO B 174 21.49 20.28 -23.97
C PRO B 174 22.49 20.07 -22.86
N THR B 175 22.09 20.37 -21.63
CA THR B 175 22.94 20.14 -20.47
C THR B 175 22.52 18.74 -20.00
N ASP B 176 23.40 18.02 -19.33
CA ASP B 176 23.05 16.69 -18.86
C ASP B 176 22.51 16.71 -17.45
N PRO B 177 21.29 16.22 -17.28
CA PRO B 177 20.68 16.20 -15.95
C PRO B 177 21.25 15.10 -15.06
N ARG B 178 21.85 14.07 -15.67
CA ARG B 178 22.42 12.95 -14.93
C ARG B 178 23.94 12.99 -14.79
N ASN B 179 24.53 14.16 -15.06
CA ASN B 179 25.99 14.34 -14.98
C ASN B 179 26.38 15.79 -14.71
N VAL B 180 25.66 16.42 -13.79
CA VAL B 180 25.95 17.79 -13.43
C VAL B 180 27.35 17.92 -12.88
N GLY B 181 28.25 18.48 -13.67
CA GLY B 181 29.63 18.65 -13.22
C GLY B 181 30.57 18.11 -14.25
N GLY B 182 30.00 17.37 -15.20
CA GLY B 182 30.81 16.81 -16.25
C GLY B 182 31.11 17.90 -17.26
N ASP B 183 31.98 17.60 -18.21
CA ASP B 183 32.31 18.56 -19.22
C ASP B 183 31.48 18.29 -20.46
N LEU B 184 31.05 19.34 -21.12
CA LEU B 184 30.25 19.20 -22.30
C LEU B 184 30.85 18.22 -23.27
N ASP B 185 30.04 17.28 -23.73
CA ASP B 185 30.48 16.28 -24.69
C ASP B 185 30.37 16.81 -26.14
N PRO B 186 31.51 16.98 -26.81
CA PRO B 186 31.58 17.47 -28.19
C PRO B 186 30.61 16.87 -29.16
N SER B 187 30.16 15.64 -28.92
CA SER B 187 29.24 14.99 -29.84
C SER B 187 27.78 15.33 -29.60
N SER B 188 27.48 16.04 -28.52
CA SER B 188 26.09 16.39 -28.24
C SER B 188 25.75 17.76 -28.80
N ILE B 189 26.74 18.37 -29.41
CA ILE B 189 26.53 19.64 -30.03
C ILE B 189 25.93 19.27 -31.38
N PRO B 190 24.81 19.89 -31.77
CA PRO B 190 24.25 19.53 -33.09
C PRO B 190 25.15 20.09 -34.20
N ASP B 191 25.31 19.38 -35.31
CA ASP B 191 26.18 19.89 -36.35
C ASP B 191 25.63 21.20 -36.88
N LYS B 192 24.33 21.22 -37.11
CA LYS B 192 23.71 22.40 -37.64
C LYS B 192 23.88 23.60 -36.75
N GLU B 193 24.04 23.40 -35.45
CA GLU B 193 24.21 24.59 -34.61
C GLU B 193 25.63 25.02 -34.81
N GLN B 194 26.49 24.05 -35.03
CA GLN B 194 27.88 24.37 -35.21
C GLN B 194 28.03 25.28 -36.40
N ALA B 195 27.24 25.04 -37.43
CA ALA B 195 27.31 25.83 -38.65
C ALA B 195 27.00 27.31 -38.46
N ILE B 196 26.10 27.59 -37.53
CA ILE B 196 25.72 28.96 -37.30
C ILE B 196 26.40 29.54 -36.07
N SER B 197 27.59 29.05 -35.74
CA SER B 197 28.25 29.53 -34.55
C SER B 197 29.63 30.19 -34.72
N ALA B 198 29.89 30.74 -35.88
CA ALA B 198 31.17 31.38 -36.07
C ALA B 198 31.17 32.68 -35.30
N LEU B 199 32.33 33.14 -34.89
CA LEU B 199 32.40 34.39 -34.15
C LEU B 199 32.89 35.54 -35.00
N PRO B 200 32.52 36.79 -34.66
CA PRO B 200 33.02 37.89 -35.49
C PRO B 200 34.51 38.03 -35.23
N ASP B 201 35.20 38.71 -36.13
CA ASP B 201 36.64 38.89 -36.00
C ASP B 201 36.87 40.18 -35.23
N TYR B 202 37.37 40.05 -33.99
CA TYR B 202 37.59 41.22 -33.15
C TYR B 202 38.91 41.96 -33.41
N ALA B 203 38.89 43.28 -33.18
CA ALA B 203 40.04 44.15 -33.40
C ALA B 203 41.05 44.06 -32.28
N SER B 204 42.33 44.03 -32.66
CA SER B 204 43.41 43.93 -31.69
C SER B 204 44.14 45.25 -31.50
N GLN B 205 43.73 46.25 -32.27
CA GLN B 205 44.33 47.55 -32.17
C GLN B 205 43.20 48.53 -31.93
N PRO B 206 43.44 49.54 -31.08
CA PRO B 206 42.45 50.57 -30.73
C PRO B 206 41.81 51.29 -31.93
N GLY B 207 40.71 52.01 -31.70
CA GLY B 207 40.04 52.71 -32.78
C GLY B 207 40.28 54.21 -32.82
N VAL C 2 -67.83 25.46 -27.32
CA VAL C 2 -68.46 26.29 -26.23
C VAL C 2 -67.52 27.39 -25.80
N ALA C 3 -67.96 28.14 -24.80
CA ALA C 3 -67.20 29.25 -24.27
C ALA C 3 -66.83 28.95 -22.84
N PHE C 4 -65.55 29.12 -22.57
CA PHE C 4 -65.01 28.91 -21.25
C PHE C 4 -64.20 30.15 -20.88
N THR C 5 -64.11 30.39 -19.58
CA THR C 5 -63.36 31.52 -19.07
C THR C 5 -61.96 31.02 -18.80
N VAL C 6 -61.04 31.92 -18.56
CA VAL C 6 -59.68 31.51 -18.28
C VAL C 6 -59.69 30.57 -17.09
N ASP C 7 -60.52 30.85 -16.10
CA ASP C 7 -60.61 30.02 -14.89
C ASP C 7 -61.00 28.59 -15.23
N GLN C 8 -62.12 28.46 -15.92
CA GLN C 8 -62.62 27.15 -16.32
C GLN C 8 -61.51 26.36 -17.02
N MET C 9 -60.90 26.98 -18.03
CA MET C 9 -59.81 26.33 -18.74
C MET C 9 -58.73 25.90 -17.76
N ARG C 10 -58.23 26.86 -16.97
CA ARG C 10 -57.19 26.58 -15.98
C ARG C 10 -57.59 25.40 -15.10
N SER C 11 -58.77 25.52 -14.51
CA SER C 11 -59.29 24.48 -13.64
C SER C 11 -59.26 23.12 -14.33
N LEU C 12 -59.67 23.13 -15.59
CA LEU C 12 -59.72 21.92 -16.41
C LEU C 12 -58.31 21.38 -16.64
N MET C 13 -57.34 22.28 -16.74
CA MET C 13 -55.95 21.92 -16.97
C MET C 13 -55.25 21.39 -15.74
N ASP C 14 -55.94 21.42 -14.61
CA ASP C 14 -55.35 20.92 -13.37
C ASP C 14 -55.63 19.42 -13.23
N LYS C 15 -56.74 18.98 -13.83
CA LYS C 15 -57.10 17.58 -13.78
C LYS C 15 -56.52 16.88 -15.00
N VAL C 16 -55.20 16.72 -14.96
CA VAL C 16 -54.49 16.08 -16.05
C VAL C 16 -55.02 14.71 -16.35
N THR C 17 -55.49 14.03 -15.31
CA THR C 17 -56.05 12.70 -15.48
C THR C 17 -57.25 12.77 -16.42
N ASN C 18 -57.73 13.98 -16.68
CA ASN C 18 -58.87 14.17 -17.56
C ASN C 18 -58.54 15.03 -18.78
N VAL C 19 -57.33 14.82 -19.30
CA VAL C 19 -56.85 15.51 -20.48
C VAL C 19 -56.40 14.44 -21.47
N ARG C 20 -56.47 14.75 -22.76
CA ARG C 20 -56.06 13.79 -23.76
C ARG C 20 -55.32 14.54 -24.84
N ASN C 21 -54.03 14.25 -25.00
CA ASN C 21 -53.23 14.90 -26.02
C ASN C 21 -53.11 14.01 -27.24
N MET C 22 -53.74 14.40 -28.34
CA MET C 22 -53.67 13.59 -29.56
C MET C 22 -53.56 14.28 -30.92
N SER C 23 -53.45 13.42 -31.92
CA SER C 23 -53.29 13.84 -33.28
C SER C 23 -54.25 12.98 -34.10
N VAL C 24 -54.38 13.30 -35.39
CA VAL C 24 -55.22 12.53 -36.30
C VAL C 24 -54.31 12.07 -37.44
N ILE C 25 -54.00 10.78 -37.49
CA ILE C 25 -53.14 10.27 -38.55
C ILE C 25 -54.04 9.85 -39.69
N ALA C 26 -53.93 10.52 -40.83
CA ALA C 26 -54.79 10.16 -41.94
C ALA C 26 -54.42 10.83 -43.22
N HIS C 27 -54.59 10.13 -44.32
CA HIS C 27 -54.28 10.70 -45.61
C HIS C 27 -55.35 11.79 -45.80
N VAL C 28 -54.98 12.88 -46.43
CA VAL C 28 -55.93 13.98 -46.65
C VAL C 28 -57.15 13.58 -47.46
N ASP C 29 -56.96 12.68 -48.43
CA ASP C 29 -58.05 12.21 -49.30
C ASP C 29 -58.96 11.17 -48.64
N HIS C 30 -58.83 11.02 -47.33
CA HIS C 30 -59.67 10.10 -46.60
C HIS C 30 -60.43 10.87 -45.54
N GLY C 31 -60.90 12.08 -45.91
CA GLY C 31 -61.65 12.91 -45.00
C GLY C 31 -60.96 13.36 -43.73
N LYS C 32 -59.63 13.45 -43.76
CA LYS C 32 -58.87 13.86 -42.57
C LYS C 32 -59.36 15.18 -42.01
N SER C 33 -59.49 16.15 -42.91
CA SER C 33 -59.94 17.47 -42.53
C SER C 33 -61.44 17.48 -42.18
N THR C 34 -62.23 16.71 -42.92
CA THR C 34 -63.66 16.66 -42.67
C THR C 34 -63.93 16.17 -41.27
N LEU C 35 -63.40 14.98 -40.96
CA LEU C 35 -63.60 14.41 -39.64
C LEU C 35 -63.16 15.37 -38.55
N THR C 36 -61.94 15.89 -38.66
CA THR C 36 -61.41 16.82 -37.65
C THR C 36 -62.38 17.97 -37.35
N ASP C 37 -62.89 18.58 -38.41
CA ASP C 37 -63.82 19.69 -38.28
C ASP C 37 -65.02 19.26 -37.41
N SER C 38 -65.59 18.12 -37.76
CA SER C 38 -66.72 17.61 -37.03
C SER C 38 -66.49 17.67 -35.53
N LEU C 39 -65.27 17.36 -35.07
CA LEU C 39 -65.00 17.41 -33.64
C LEU C 39 -64.96 18.83 -33.19
N VAL C 40 -64.55 19.71 -34.09
CA VAL C 40 -64.46 21.13 -33.76
C VAL C 40 -65.87 21.69 -33.70
N GLN C 41 -66.65 21.42 -34.73
CA GLN C 41 -68.01 21.93 -34.77
C GLN C 41 -68.85 21.34 -33.65
N ARG C 42 -68.27 20.43 -32.88
CA ARG C 42 -69.01 19.78 -31.79
C ARG C 42 -68.56 20.09 -30.37
N ALA C 43 -67.26 19.93 -30.12
CA ALA C 43 -66.70 20.15 -28.79
C ALA C 43 -65.64 21.22 -28.80
N GLY C 44 -65.59 21.98 -29.88
CA GLY C 44 -64.60 23.04 -30.00
C GLY C 44 -64.70 24.04 -28.87
N ILE C 45 -63.55 24.35 -28.27
CA ILE C 45 -63.52 25.28 -27.17
C ILE C 45 -63.25 26.70 -27.61
N ILE C 46 -64.15 27.60 -27.22
CA ILE C 46 -64.01 29.01 -27.55
C ILE C 46 -63.87 29.80 -26.24
N SER C 47 -63.06 30.85 -26.26
CA SER C 47 -62.84 31.64 -25.07
C SER C 47 -63.96 32.63 -24.79
N ALA C 48 -64.33 32.75 -23.52
CA ALA C 48 -65.39 33.66 -23.11
C ALA C 48 -64.88 35.09 -23.10
N GLY C 67 -56.64 40.54 -29.58
CA GLY C 67 -56.43 40.96 -30.96
C GLY C 67 -55.20 40.36 -31.62
N ILE C 68 -54.57 39.38 -30.96
CA ILE C 68 -53.39 38.73 -31.52
C ILE C 68 -53.81 37.40 -32.09
N THR C 69 -53.57 37.21 -33.38
CA THR C 69 -53.93 35.95 -34.01
C THR C 69 -52.67 35.15 -34.24
N ILE C 70 -52.81 33.84 -34.32
CA ILE C 70 -51.69 32.94 -34.55
C ILE C 70 -52.04 31.92 -35.63
N LYS C 71 -51.05 31.15 -36.07
CA LYS C 71 -51.25 30.11 -37.07
C LYS C 71 -51.79 28.89 -36.34
N SER C 72 -53.03 28.53 -36.59
CA SER C 72 -53.65 27.41 -35.91
C SER C 72 -52.73 26.19 -35.81
N THR C 73 -52.36 25.83 -34.58
CA THR C 73 -51.49 24.69 -34.29
C THR C 73 -52.15 23.60 -33.43
N ALA C 74 -53.12 24.00 -32.61
CA ALA C 74 -53.85 23.08 -31.74
C ALA C 74 -55.25 23.57 -31.44
N ILE C 75 -56.19 22.65 -31.33
CA ILE C 75 -57.55 23.00 -31.05
C ILE C 75 -57.93 22.37 -29.72
N SER C 76 -58.66 23.10 -28.89
CA SER C 76 -59.10 22.60 -27.59
C SER C 76 -60.50 21.98 -27.71
N LEU C 77 -60.70 20.77 -27.19
CA LEU C 77 -62.00 20.10 -27.24
C LEU C 77 -62.50 19.75 -25.83
N TYR C 78 -63.77 19.96 -25.58
CA TYR C 78 -64.32 19.62 -24.28
C TYR C 78 -65.38 18.53 -24.45
N SER C 79 -65.41 17.58 -23.53
CA SER C 79 -66.40 16.50 -23.59
C SER C 79 -66.71 16.00 -22.20
N GLU C 80 -67.97 15.69 -21.95
CA GLU C 80 -68.35 15.19 -20.65
C GLU C 80 -68.97 13.81 -20.79
N MET C 81 -68.88 13.01 -19.73
CA MET C 81 -69.44 11.66 -19.76
C MET C 81 -70.10 11.30 -18.42
N SER C 82 -70.91 10.26 -18.42
CA SER C 82 -71.62 9.82 -17.23
C SER C 82 -70.67 9.12 -16.25
N ASP C 83 -71.00 9.18 -14.95
CA ASP C 83 -70.15 8.56 -13.93
C ASP C 83 -70.01 7.11 -14.29
N GLU C 84 -70.99 6.62 -15.06
CA GLU C 84 -70.99 5.24 -15.49
C GLU C 84 -69.89 5.04 -16.53
N ASP C 85 -69.77 5.98 -17.47
CA ASP C 85 -68.76 5.88 -18.50
C ASP C 85 -67.35 6.05 -17.92
N VAL C 86 -67.23 6.96 -16.98
CA VAL C 86 -65.96 7.23 -16.35
C VAL C 86 -65.36 5.97 -15.77
N LYS C 87 -66.20 5.00 -15.42
CA LYS C 87 -65.70 3.77 -14.84
C LYS C 87 -65.10 2.81 -15.85
N GLU C 88 -65.65 2.80 -17.06
CA GLU C 88 -65.15 1.92 -18.09
C GLU C 88 -63.71 2.30 -18.44
N ILE C 89 -63.24 3.42 -17.90
CA ILE C 89 -61.89 3.88 -18.19
C ILE C 89 -60.79 3.17 -17.39
N LYS C 90 -60.09 2.25 -18.04
CA LYS C 90 -59.03 1.50 -17.38
C LYS C 90 -57.79 2.37 -17.22
N GLN C 91 -57.94 3.46 -16.47
CA GLN C 91 -56.84 4.38 -16.21
C GLN C 91 -57.35 5.48 -15.32
N LYS C 92 -56.63 5.76 -14.24
CA LYS C 92 -57.02 6.77 -13.28
C LYS C 92 -57.64 8.00 -13.89
N THR C 93 -58.77 8.42 -13.33
CA THR C 93 -59.43 9.61 -13.82
C THR C 93 -60.01 10.33 -12.60
N ASP C 94 -60.68 11.44 -12.87
CA ASP C 94 -61.28 12.25 -11.81
C ASP C 94 -62.20 13.34 -12.39
N GLY C 95 -63.51 13.16 -12.20
CA GLY C 95 -64.47 14.13 -12.72
C GLY C 95 -65.06 13.60 -14.01
N ASN C 96 -66.13 14.23 -14.48
CA ASN C 96 -66.76 13.79 -15.71
C ASN C 96 -66.37 14.66 -16.86
N SER C 97 -65.50 15.62 -16.60
CA SER C 97 -65.06 16.52 -17.65
C SER C 97 -63.72 16.08 -18.26
N PHE C 98 -63.55 16.35 -19.55
CA PHE C 98 -62.34 15.99 -20.28
C PHE C 98 -61.86 17.05 -21.26
N LEU C 99 -60.56 17.29 -21.23
CA LEU C 99 -59.96 18.25 -22.12
C LEU C 99 -59.10 17.54 -23.15
N ILE C 100 -59.51 17.67 -24.40
CA ILE C 100 -58.81 17.05 -25.53
C ILE C 100 -58.00 18.06 -26.32
N ASN C 101 -56.71 17.78 -26.51
CA ASN C 101 -55.88 18.68 -27.29
C ASN C 101 -55.62 18.08 -28.65
N LEU C 102 -56.33 18.58 -29.66
CA LEU C 102 -56.17 18.09 -31.02
C LEU C 102 -55.02 18.86 -31.66
N ILE C 103 -53.85 18.24 -31.69
CA ILE C 103 -52.67 18.88 -32.26
C ILE C 103 -52.61 18.63 -33.76
N ASP C 104 -52.44 19.72 -34.52
CA ASP C 104 -52.41 19.66 -35.98
C ASP C 104 -51.26 18.95 -36.64
N SER C 105 -51.56 18.32 -37.78
CA SER C 105 -50.57 17.58 -38.51
C SER C 105 -50.46 18.08 -39.91
N PRO C 106 -49.42 17.65 -40.60
CA PRO C 106 -49.13 18.02 -41.98
C PRO C 106 -50.04 17.28 -42.95
N GLY C 107 -49.86 17.55 -44.24
CA GLY C 107 -50.62 16.92 -45.30
C GLY C 107 -49.82 15.87 -46.03
N HIS C 108 -48.57 16.18 -46.34
CA HIS C 108 -47.71 15.23 -47.03
C HIS C 108 -46.62 14.71 -46.11
N VAL C 109 -46.16 13.50 -46.39
CA VAL C 109 -45.12 12.90 -45.57
C VAL C 109 -43.73 13.50 -45.75
N ASP C 110 -43.45 14.10 -46.90
CA ASP C 110 -42.12 14.68 -47.11
C ASP C 110 -41.83 15.66 -45.98
N PHE C 111 -42.88 16.09 -45.31
CA PHE C 111 -42.74 17.00 -44.18
C PHE C 111 -42.21 16.28 -42.96
N SER C 112 -41.68 15.08 -43.19
CA SER C 112 -41.11 14.18 -42.18
C SER C 112 -40.88 14.80 -40.80
N SER C 113 -39.95 15.75 -40.77
CA SER C 113 -39.56 16.44 -39.56
C SER C 113 -40.69 16.99 -38.70
N GLU C 114 -41.64 17.67 -39.31
CA GLU C 114 -42.72 18.22 -38.51
C GLU C 114 -43.79 17.19 -38.17
N VAL C 115 -43.75 16.04 -38.86
CA VAL C 115 -44.71 14.98 -38.58
C VAL C 115 -44.30 14.44 -37.22
N THR C 116 -43.01 14.15 -37.09
CA THR C 116 -42.47 13.63 -35.85
C THR C 116 -42.68 14.65 -34.75
N ALA C 117 -42.75 15.92 -35.12
CA ALA C 117 -42.92 16.99 -34.16
C ALA C 117 -44.26 16.89 -33.47
N ALA C 118 -45.31 16.80 -34.26
CA ALA C 118 -46.64 16.71 -33.70
C ALA C 118 -46.74 15.46 -32.85
N LEU C 119 -46.31 14.34 -33.42
CA LEU C 119 -46.38 13.08 -32.71
C LEU C 119 -45.69 13.16 -31.35
N ARG C 120 -44.45 13.64 -31.32
CA ARG C 120 -43.70 13.70 -30.07
C ARG C 120 -44.38 14.39 -28.88
N VAL C 121 -45.39 15.22 -29.15
CA VAL C 121 -46.08 15.89 -28.05
C VAL C 121 -47.45 15.30 -27.74
N THR C 122 -47.82 14.23 -28.44
CA THR C 122 -49.12 13.58 -28.23
C THR C 122 -48.96 12.22 -27.56
N ASP C 123 -50.07 11.65 -27.09
CA ASP C 123 -50.05 10.36 -26.43
C ASP C 123 -50.95 9.38 -27.15
N GLY C 124 -52.04 9.92 -27.68
CA GLY C 124 -52.99 9.11 -28.39
C GLY C 124 -53.06 9.47 -29.86
N ALA C 125 -53.83 8.70 -30.61
CA ALA C 125 -53.95 8.95 -32.02
C ALA C 125 -55.20 8.31 -32.64
N LEU C 126 -55.86 9.10 -33.48
CA LEU C 126 -57.06 8.71 -34.20
C LEU C 126 -56.69 8.38 -35.64
N VAL C 127 -56.38 7.12 -35.90
CA VAL C 127 -56.01 6.67 -37.22
C VAL C 127 -57.22 6.52 -38.10
N VAL C 128 -57.26 7.23 -39.23
CA VAL C 128 -58.40 7.11 -40.11
C VAL C 128 -58.07 6.24 -41.31
N VAL C 129 -58.86 5.20 -41.50
CA VAL C 129 -58.66 4.27 -42.59
C VAL C 129 -59.88 4.33 -43.49
N ASP C 130 -59.69 4.00 -44.76
CA ASP C 130 -60.79 4.01 -45.73
C ASP C 130 -61.48 2.64 -45.92
N THR C 131 -62.79 2.63 -46.14
CA THR C 131 -63.53 1.37 -46.32
C THR C 131 -63.12 0.56 -47.54
N ILE C 132 -63.18 1.18 -48.70
CA ILE C 132 -62.81 0.47 -49.90
C ILE C 132 -61.31 0.16 -49.99
N GLU C 133 -60.48 1.21 -49.90
CA GLU C 133 -59.01 1.10 -50.01
C GLU C 133 -58.26 0.54 -48.81
N GLY C 134 -58.85 0.66 -47.63
CA GLY C 134 -58.19 0.17 -46.44
C GLY C 134 -57.05 1.04 -45.94
N VAL C 135 -56.00 0.38 -45.47
CA VAL C 135 -54.86 1.11 -44.96
C VAL C 135 -53.88 1.37 -46.06
N CYS C 136 -53.79 2.63 -46.45
CA CYS C 136 -52.89 3.04 -47.50
C CYS C 136 -51.49 3.12 -46.97
N VAL C 137 -50.54 3.05 -47.89
CA VAL C 137 -49.12 3.10 -47.56
C VAL C 137 -48.80 4.26 -46.65
N GLN C 138 -49.16 5.46 -47.07
CA GLN C 138 -48.87 6.64 -46.28
C GLN C 138 -49.31 6.53 -44.83
N THR C 139 -50.58 6.27 -44.60
CA THR C 139 -51.06 6.17 -43.24
C THR C 139 -50.34 5.05 -42.49
N GLU C 140 -49.94 4.04 -43.23
CA GLU C 140 -49.25 2.91 -42.64
C GLU C 140 -47.93 3.36 -42.05
N THR C 141 -47.21 4.17 -42.81
CA THR C 141 -45.93 4.67 -42.37
C THR C 141 -45.99 5.56 -41.15
N VAL C 142 -46.90 6.53 -41.18
CA VAL C 142 -47.05 7.45 -40.04
C VAL C 142 -47.41 6.64 -38.81
N LEU C 143 -48.28 5.65 -39.00
CA LEU C 143 -48.67 4.83 -37.86
C LEU C 143 -47.40 4.21 -37.27
N ARG C 144 -46.50 3.76 -38.13
CA ARG C 144 -45.24 3.15 -37.67
C ARG C 144 -44.54 4.13 -36.75
N GLN C 145 -44.30 5.32 -37.28
CA GLN C 145 -43.66 6.38 -36.54
C GLN C 145 -44.39 6.61 -35.21
N ALA C 146 -45.71 6.74 -35.26
CA ALA C 146 -46.48 6.97 -34.04
C ALA C 146 -46.19 5.84 -33.04
N LEU C 147 -46.20 4.61 -33.53
CA LEU C 147 -45.94 3.48 -32.65
C LEU C 147 -44.54 3.59 -32.07
N GLY C 148 -43.61 4.16 -32.82
CA GLY C 148 -42.26 4.32 -32.33
C GLY C 148 -42.16 5.28 -31.14
N GLU C 149 -43.08 6.24 -31.10
CA GLU C 149 -43.10 7.21 -30.01
C GLU C 149 -43.99 6.68 -28.89
N ARG C 150 -44.52 5.47 -29.10
CA ARG C 150 -45.40 4.82 -28.14
C ARG C 150 -46.75 5.53 -28.02
N ILE C 151 -47.36 5.76 -29.17
CA ILE C 151 -48.65 6.40 -29.22
C ILE C 151 -49.69 5.30 -29.31
N LYS C 152 -50.79 5.49 -28.59
CA LYS C 152 -51.88 4.52 -28.58
C LYS C 152 -52.86 4.78 -29.75
N PRO C 153 -52.99 3.83 -30.68
CA PRO C 153 -53.92 4.09 -31.79
C PRO C 153 -55.35 3.76 -31.51
N VAL C 154 -56.22 4.44 -32.23
CA VAL C 154 -57.63 4.22 -32.13
C VAL C 154 -58.05 4.39 -33.57
N VAL C 155 -58.73 3.39 -34.13
CA VAL C 155 -59.14 3.41 -35.53
C VAL C 155 -60.58 3.81 -35.88
N VAL C 156 -60.72 4.32 -37.10
CA VAL C 156 -61.97 4.79 -37.68
C VAL C 156 -61.99 4.46 -39.17
N ILE C 157 -62.91 3.59 -39.59
CA ILE C 157 -63.02 3.26 -41.01
C ILE C 157 -63.99 4.30 -41.57
N ASN C 158 -63.46 5.25 -42.35
CA ASN C 158 -64.26 6.33 -42.93
C ASN C 158 -64.75 6.00 -44.33
N LYS C 159 -65.61 6.85 -44.85
CA LYS C 159 -66.14 6.68 -46.20
C LYS C 159 -66.87 5.36 -46.39
N VAL C 160 -67.80 5.07 -45.49
CA VAL C 160 -68.56 3.84 -45.61
C VAL C 160 -69.60 4.03 -46.69
N ASP C 161 -70.09 5.26 -46.81
CA ASP C 161 -71.09 5.58 -47.81
C ASP C 161 -70.60 5.14 -49.19
N ARG C 162 -69.34 5.45 -49.49
CA ARG C 162 -68.69 5.10 -50.76
C ARG C 162 -68.67 3.62 -51.07
N ALA C 163 -68.93 2.80 -50.07
CA ALA C 163 -68.89 1.34 -50.23
C ALA C 163 -70.19 0.76 -50.77
N LEU C 164 -71.27 1.33 -50.27
CA LEU C 164 -72.61 0.92 -50.61
C LEU C 164 -73.11 1.64 -51.88
N LEU C 165 -73.12 2.96 -51.83
CA LEU C 165 -73.60 3.85 -52.89
C LEU C 165 -72.92 3.75 -54.26
N GLU C 166 -71.77 3.10 -54.30
CA GLU C 166 -70.98 3.00 -55.53
C GLU C 166 -70.88 1.59 -56.10
N LEU C 167 -71.11 0.57 -55.27
CA LEU C 167 -71.00 -0.82 -55.72
C LEU C 167 -72.17 -1.63 -55.20
N GLN C 168 -72.31 -2.85 -55.70
CA GLN C 168 -73.37 -3.74 -55.23
C GLN C 168 -72.69 -4.50 -54.09
N VAL C 169 -72.86 -4.03 -52.86
CA VAL C 169 -72.22 -4.72 -51.76
C VAL C 169 -73.11 -5.03 -50.57
N SER C 170 -73.14 -6.32 -50.25
CA SER C 170 -73.91 -6.90 -49.15
C SER C 170 -73.46 -6.50 -47.76
N LYS C 171 -74.30 -6.79 -46.77
CA LYS C 171 -73.96 -6.49 -45.39
C LYS C 171 -72.73 -7.32 -45.09
N GLU C 172 -72.86 -8.64 -45.23
CA GLU C 172 -71.75 -9.54 -44.99
C GLU C 172 -70.48 -9.10 -45.74
N ASP C 173 -70.59 -8.85 -47.04
CA ASP C 173 -69.39 -8.41 -47.76
C ASP C 173 -68.77 -7.19 -47.09
N LEU C 174 -69.61 -6.26 -46.64
CA LEU C 174 -69.15 -5.03 -45.99
C LEU C 174 -68.52 -5.37 -44.64
N TYR C 175 -69.06 -6.39 -43.99
CA TYR C 175 -68.53 -6.82 -42.69
C TYR C 175 -67.16 -7.42 -42.92
N GLN C 176 -67.06 -8.29 -43.92
CA GLN C 176 -65.81 -8.94 -44.25
C GLN C 176 -64.80 -7.88 -44.56
N THR C 177 -65.27 -6.77 -45.12
CA THR C 177 -64.37 -5.69 -45.44
C THR C 177 -63.74 -5.12 -44.18
N PHE C 178 -64.57 -4.61 -43.28
CA PHE C 178 -64.07 -4.05 -42.03
C PHE C 178 -63.09 -5.02 -41.39
N ALA C 179 -63.50 -6.29 -41.33
CA ALA C 179 -62.70 -7.35 -40.73
C ALA C 179 -61.29 -7.44 -41.32
N ARG C 180 -61.17 -7.40 -42.64
CA ARG C 180 -59.86 -7.48 -43.26
C ARG C 180 -59.12 -6.19 -42.94
N THR C 181 -59.83 -5.08 -42.98
CA THR C 181 -59.21 -3.80 -42.69
C THR C 181 -58.67 -3.75 -41.28
N VAL C 182 -59.52 -4.03 -40.31
CA VAL C 182 -59.08 -4.01 -38.91
C VAL C 182 -57.93 -4.98 -38.73
N GLU C 183 -57.92 -6.02 -39.55
CA GLU C 183 -56.87 -7.03 -39.48
C GLU C 183 -55.55 -6.42 -40.00
N SER C 184 -55.61 -5.75 -41.14
CA SER C 184 -54.42 -5.11 -41.72
C SER C 184 -53.76 -4.20 -40.69
N VAL C 185 -54.57 -3.31 -40.14
CA VAL C 185 -54.13 -2.35 -39.13
C VAL C 185 -53.38 -3.07 -38.01
N ASN C 186 -54.06 -4.01 -37.35
CA ASN C 186 -53.46 -4.75 -36.24
C ASN C 186 -52.18 -5.49 -36.66
N VAL C 187 -52.03 -5.79 -37.95
CA VAL C 187 -50.83 -6.47 -38.38
C VAL C 187 -49.70 -5.48 -38.19
N ILE C 188 -50.03 -4.21 -38.37
CA ILE C 188 -49.05 -3.17 -38.20
C ILE C 188 -48.85 -2.88 -36.74
N VAL C 189 -49.97 -2.69 -36.04
CA VAL C 189 -49.90 -2.39 -34.63
C VAL C 189 -49.11 -3.40 -33.83
N SER C 190 -49.29 -4.69 -34.12
CA SER C 190 -48.59 -5.74 -33.38
C SER C 190 -47.14 -5.87 -33.77
N THR C 191 -46.86 -5.60 -35.04
CA THR C 191 -45.52 -5.71 -35.52
C THR C 191 -44.61 -4.60 -35.04
N TYR C 192 -45.16 -3.40 -34.86
CA TYR C 192 -44.31 -2.30 -34.46
C TYR C 192 -44.50 -1.67 -33.10
N ALA C 193 -45.55 -2.04 -32.39
CA ALA C 193 -45.76 -1.48 -31.06
C ALA C 193 -44.80 -2.16 -30.08
N ASP C 194 -44.53 -1.50 -28.96
CA ASP C 194 -43.63 -2.03 -27.94
C ASP C 194 -44.30 -3.08 -27.07
N GLU C 195 -43.59 -4.17 -26.84
CA GLU C 195 -44.09 -5.24 -26.01
C GLU C 195 -44.43 -4.70 -24.64
N VAL C 196 -43.56 -3.83 -24.13
CA VAL C 196 -43.82 -3.27 -22.82
C VAL C 196 -45.23 -2.70 -22.80
N LEU C 197 -45.56 -1.92 -23.83
CA LEU C 197 -46.88 -1.32 -23.92
C LEU C 197 -48.00 -2.31 -23.68
N GLY C 198 -47.77 -3.56 -24.07
CA GLY C 198 -48.80 -4.56 -23.91
C GLY C 198 -49.62 -4.56 -25.18
N ASP C 199 -50.60 -5.45 -25.30
CA ASP C 199 -51.41 -5.51 -26.50
C ASP C 199 -52.10 -4.18 -26.77
N VAL C 200 -51.76 -3.57 -27.88
CA VAL C 200 -52.35 -2.29 -28.23
C VAL C 200 -53.17 -2.37 -29.50
N GLN C 201 -53.44 -3.59 -29.96
CA GLN C 201 -54.25 -3.80 -31.16
C GLN C 201 -55.66 -3.23 -30.99
N VAL C 202 -56.33 -2.93 -32.09
CA VAL C 202 -57.68 -2.39 -32.02
C VAL C 202 -58.71 -3.46 -32.23
N TYR C 203 -59.69 -3.48 -31.34
CA TYR C 203 -60.77 -4.46 -31.34
C TYR C 203 -62.15 -3.81 -31.34
N PRO C 204 -62.91 -3.95 -32.43
CA PRO C 204 -64.25 -3.38 -32.57
C PRO C 204 -65.15 -3.70 -31.38
N ALA C 205 -64.99 -4.91 -30.88
CA ALA C 205 -65.80 -5.33 -29.76
C ALA C 205 -65.43 -4.57 -28.52
N ARG C 206 -64.23 -4.05 -28.50
CA ARG C 206 -63.78 -3.32 -27.33
C ARG C 206 -64.04 -1.81 -27.43
N GLY C 207 -64.69 -1.37 -28.49
CA GLY C 207 -64.97 0.06 -28.63
C GLY C 207 -63.83 0.99 -29.05
N THR C 208 -62.81 0.45 -29.71
CA THR C 208 -61.67 1.25 -30.16
C THR C 208 -61.62 1.35 -31.69
N VAL C 209 -62.72 1.00 -32.34
CA VAL C 209 -62.79 1.09 -33.78
C VAL C 209 -64.15 1.63 -34.11
N ALA C 210 -64.20 2.74 -34.80
CA ALA C 210 -65.49 3.30 -35.14
C ALA C 210 -65.67 3.22 -36.66
N PHE C 211 -66.91 3.24 -37.12
CA PHE C 211 -67.21 3.19 -38.56
C PHE C 211 -68.16 4.31 -38.89
N GLY C 212 -68.04 4.86 -40.10
CA GLY C 212 -68.91 5.95 -40.50
C GLY C 212 -68.52 6.66 -41.79
N SER C 213 -69.07 7.84 -41.98
CA SER C 213 -68.78 8.61 -43.17
C SER C 213 -68.73 10.09 -42.83
N GLY C 214 -67.58 10.71 -43.11
CA GLY C 214 -67.40 12.13 -42.86
C GLY C 214 -68.30 13.00 -43.71
N LEU C 215 -68.47 12.61 -44.97
CA LEU C 215 -69.32 13.35 -45.90
C LEU C 215 -70.71 13.60 -45.27
N HIS C 216 -71.46 12.52 -45.08
CA HIS C 216 -72.80 12.60 -44.51
C HIS C 216 -72.75 13.02 -43.05
N GLY C 217 -71.63 12.78 -42.37
CA GLY C 217 -71.53 13.19 -40.99
C GLY C 217 -71.97 12.17 -39.95
N TRP C 218 -71.84 10.88 -40.24
CA TRP C 218 -72.23 9.87 -39.26
C TRP C 218 -71.12 8.88 -39.00
N ALA C 219 -71.19 8.24 -37.84
CA ALA C 219 -70.20 7.27 -37.42
C ALA C 219 -70.65 6.63 -36.11
N PHE C 220 -70.36 5.34 -35.93
CA PHE C 220 -70.77 4.64 -34.72
C PHE C 220 -69.73 3.68 -34.17
N THR C 221 -69.96 3.22 -32.95
CA THR C 221 -69.08 2.27 -32.26
C THR C 221 -69.94 1.10 -31.74
N ILE C 222 -69.41 -0.11 -31.73
CA ILE C 222 -70.20 -1.24 -31.24
C ILE C 222 -70.75 -0.89 -29.88
N ARG C 223 -70.00 -0.11 -29.13
CA ARG C 223 -70.40 0.29 -27.79
C ARG C 223 -71.63 1.22 -27.80
N GLN C 224 -71.89 1.88 -28.92
CA GLN C 224 -73.03 2.78 -28.97
C GLN C 224 -74.33 1.99 -29.18
N PHE C 225 -74.30 1.04 -30.11
CA PHE C 225 -75.47 0.22 -30.37
C PHE C 225 -75.68 -0.72 -29.19
N ALA C 226 -74.60 -0.98 -28.47
CA ALA C 226 -74.62 -1.87 -27.32
C ALA C 226 -75.29 -1.22 -26.13
N THR C 227 -75.30 0.10 -26.12
CA THR C 227 -75.91 0.79 -25.01
C THR C 227 -77.39 0.93 -25.32
N ARG C 228 -77.72 0.85 -26.59
CA ARG C 228 -79.11 0.97 -27.00
C ARG C 228 -79.79 -0.38 -26.83
N TYR C 229 -79.29 -1.39 -27.56
CA TYR C 229 -79.86 -2.73 -27.47
C TYR C 229 -79.73 -3.32 -26.07
N ALA C 230 -79.12 -2.55 -25.19
CA ALA C 230 -78.92 -3.00 -23.82
C ALA C 230 -80.13 -2.74 -22.94
N LYS C 231 -80.58 -1.50 -22.95
CA LYS C 231 -81.71 -1.06 -22.14
C LYS C 231 -83.09 -1.54 -22.59
N LYS C 232 -83.50 -1.11 -23.77
CA LYS C 232 -84.80 -1.50 -24.28
C LYS C 232 -84.96 -3.01 -24.40
N PHE C 233 -83.86 -3.75 -24.39
CA PHE C 233 -84.04 -5.18 -24.51
C PHE C 233 -83.73 -5.97 -23.24
N GLY C 234 -82.97 -5.38 -22.33
CA GLY C 234 -82.67 -6.04 -21.08
C GLY C 234 -81.42 -6.87 -20.98
N VAL C 235 -80.32 -6.26 -20.52
CA VAL C 235 -79.02 -6.94 -20.36
C VAL C 235 -77.85 -5.93 -20.28
N ASP C 236 -76.69 -6.34 -19.76
CA ASP C 236 -75.54 -5.43 -19.67
C ASP C 236 -74.79 -5.33 -21.01
N LYS C 237 -74.43 -4.11 -21.41
CA LYS C 237 -73.76 -3.89 -22.68
C LYS C 237 -72.40 -4.56 -22.81
N ALA C 238 -71.85 -5.02 -21.70
CA ALA C 238 -70.55 -5.66 -21.76
C ALA C 238 -70.64 -6.83 -22.72
N LYS C 239 -71.62 -7.69 -22.50
CA LYS C 239 -71.78 -8.86 -23.35
C LYS C 239 -72.66 -8.58 -24.54
N MET C 240 -73.27 -7.41 -24.56
CA MET C 240 -74.10 -7.11 -25.69
C MET C 240 -73.19 -6.65 -26.82
N MET C 241 -72.18 -5.86 -26.47
CA MET C 241 -71.27 -5.39 -27.50
C MET C 241 -70.31 -6.51 -27.90
N ASP C 242 -70.09 -7.45 -26.98
CA ASP C 242 -69.19 -8.59 -27.23
C ASP C 242 -69.81 -9.47 -28.32
N ARG C 243 -71.12 -9.48 -28.36
CA ARG C 243 -71.81 -10.28 -29.32
C ARG C 243 -71.93 -9.57 -30.64
N LEU C 244 -72.10 -8.25 -30.58
CA LEU C 244 -72.25 -7.44 -31.77
C LEU C 244 -71.13 -7.54 -32.78
N TRP C 245 -70.07 -8.27 -32.42
CA TRP C 245 -68.96 -8.46 -33.36
C TRP C 245 -68.53 -9.93 -33.30
N GLY C 246 -67.95 -10.38 -34.41
CA GLY C 246 -67.49 -11.73 -34.52
C GLY C 246 -68.61 -12.70 -34.87
N ASP C 247 -68.44 -13.94 -34.43
CA ASP C 247 -69.43 -14.97 -34.72
C ASP C 247 -70.39 -15.14 -33.57
N SER C 248 -71.48 -14.40 -33.66
CA SER C 248 -72.54 -14.45 -32.68
C SER C 248 -73.79 -14.29 -33.50
N PHE C 249 -74.74 -15.20 -33.33
CA PHE C 249 -75.97 -15.16 -34.11
C PHE C 249 -77.22 -15.16 -33.26
N PHE C 250 -78.29 -14.59 -33.81
CA PHE C 250 -79.55 -14.57 -33.11
C PHE C 250 -80.57 -15.22 -34.02
N ASN C 251 -80.73 -16.53 -33.85
CA ASN C 251 -81.64 -17.32 -34.63
C ASN C 251 -83.06 -16.80 -34.62
N PRO C 252 -83.68 -16.74 -35.81
CA PRO C 252 -85.03 -16.26 -36.07
C PRO C 252 -86.22 -17.20 -35.80
N LYS C 253 -85.96 -18.48 -35.58
CA LYS C 253 -87.05 -19.40 -35.30
C LYS C 253 -86.81 -20.08 -33.98
N THR C 254 -86.02 -19.40 -33.15
CA THR C 254 -85.66 -19.92 -31.85
C THR C 254 -85.54 -18.78 -30.86
N LYS C 255 -85.31 -17.57 -31.36
CA LYS C 255 -85.14 -16.41 -30.49
C LYS C 255 -84.05 -16.77 -29.50
N LYS C 256 -83.01 -17.39 -30.04
CA LYS C 256 -81.87 -17.80 -29.24
C LYS C 256 -80.52 -17.32 -29.78
N TRP C 257 -79.53 -17.23 -28.89
CA TRP C 257 -78.17 -16.80 -29.25
C TRP C 257 -77.29 -18.03 -29.42
N THR C 258 -76.66 -18.14 -30.58
CA THR C 258 -75.82 -19.28 -30.90
C THR C 258 -74.42 -18.84 -31.31
N ASN C 259 -73.52 -19.78 -31.53
CA ASN C 259 -72.18 -19.45 -31.94
C ASN C 259 -71.91 -20.25 -33.18
N LYS C 260 -72.71 -21.29 -33.37
CA LYS C 260 -72.59 -22.14 -34.54
C LYS C 260 -73.20 -21.22 -35.61
N ASP C 261 -72.80 -21.45 -36.86
CA ASP C 261 -73.27 -20.65 -37.98
C ASP C 261 -74.56 -21.17 -38.52
N THR C 262 -75.13 -22.13 -37.79
CA THR C 262 -76.37 -22.80 -38.15
C THR C 262 -77.24 -23.12 -36.92
N ASP C 263 -78.41 -23.75 -37.16
CA ASP C 263 -79.41 -24.11 -36.20
C ASP C 263 -79.26 -25.66 -36.12
N ALA C 264 -79.88 -26.26 -35.09
CA ALA C 264 -79.84 -27.68 -34.84
C ALA C 264 -80.34 -28.54 -36.00
N GLU C 265 -79.72 -28.33 -37.15
CA GLU C 265 -80.00 -29.08 -38.38
C GLU C 265 -78.84 -28.78 -39.34
N GLY C 266 -78.85 -27.61 -40.00
CA GLY C 266 -77.77 -27.26 -40.93
C GLY C 266 -77.85 -26.00 -41.77
N LYS C 267 -78.84 -25.14 -41.49
CA LYS C 267 -79.05 -23.88 -42.23
C LYS C 267 -78.16 -22.68 -41.77
N PRO C 268 -77.68 -21.83 -42.71
CA PRO C 268 -76.81 -20.66 -42.39
C PRO C 268 -77.36 -19.61 -41.38
N LEU C 269 -76.46 -18.97 -40.63
CA LEU C 269 -76.89 -18.00 -39.62
C LEU C 269 -76.38 -16.57 -39.77
N GLU C 270 -77.31 -15.60 -39.70
CA GLU C 270 -76.95 -14.18 -39.83
C GLU C 270 -76.32 -13.61 -38.58
N ARG C 271 -75.20 -12.92 -38.80
CA ARG C 271 -74.40 -12.31 -37.75
C ARG C 271 -75.14 -11.24 -37.00
N ALA C 272 -74.77 -11.10 -35.73
CA ALA C 272 -75.38 -10.09 -34.89
C ALA C 272 -75.11 -8.71 -35.48
N PHE C 273 -73.87 -8.49 -35.93
CA PHE C 273 -73.48 -7.20 -36.49
C PHE C 273 -74.35 -6.81 -37.66
N ASN C 274 -74.52 -7.76 -38.57
CA ASN C 274 -75.34 -7.54 -39.75
C ASN C 274 -76.80 -7.40 -39.36
N MET C 275 -77.16 -7.99 -38.23
CA MET C 275 -78.53 -7.98 -37.74
C MET C 275 -79.02 -6.68 -37.09
N PHE C 276 -78.32 -6.26 -36.03
CA PHE C 276 -78.69 -5.07 -35.27
C PHE C 276 -77.96 -3.77 -35.59
N ILE C 277 -76.90 -3.84 -36.38
CA ILE C 277 -76.17 -2.64 -36.74
C ILE C 277 -76.34 -2.27 -38.21
N LEU C 278 -75.69 -3.05 -39.07
CA LEU C 278 -75.73 -2.82 -40.51
C LEU C 278 -77.13 -2.81 -41.12
N ASP C 279 -78.04 -3.64 -40.61
CA ASP C 279 -79.41 -3.70 -41.14
C ASP C 279 -80.13 -2.36 -41.00
N PRO C 280 -80.29 -1.88 -39.75
CA PRO C 280 -80.98 -0.61 -39.56
C PRO C 280 -80.47 0.45 -40.55
N ILE C 281 -79.16 0.62 -40.59
CA ILE C 281 -78.54 1.59 -41.47
C ILE C 281 -78.83 1.30 -42.95
N PHE C 282 -78.72 0.03 -43.33
CA PHE C 282 -78.97 -0.39 -44.71
C PHE C 282 -80.39 -0.12 -45.24
N ARG C 283 -81.40 -0.31 -44.40
CA ARG C 283 -82.79 -0.10 -44.78
C ARG C 283 -83.02 1.35 -45.11
N LEU C 284 -82.38 2.20 -44.34
CA LEU C 284 -82.51 3.61 -44.54
C LEU C 284 -81.91 3.94 -45.90
N PHE C 285 -80.87 3.21 -46.31
CA PHE C 285 -80.25 3.46 -47.61
C PHE C 285 -81.13 2.94 -48.78
N THR C 286 -81.55 1.66 -48.73
CA THR C 286 -82.37 1.09 -49.79
C THR C 286 -83.79 1.68 -49.83
N ALA C 287 -84.28 2.16 -48.69
CA ALA C 287 -85.61 2.75 -48.60
C ALA C 287 -85.62 4.20 -49.09
N ILE C 288 -84.86 5.04 -48.40
CA ILE C 288 -84.77 6.44 -48.72
C ILE C 288 -84.32 6.75 -50.14
N MET C 289 -83.22 6.15 -50.58
CA MET C 289 -82.77 6.46 -51.93
C MET C 289 -83.73 6.04 -53.05
N ASN C 290 -84.69 5.14 -52.78
CA ASN C 290 -85.66 4.76 -53.84
C ASN C 290 -86.94 5.62 -53.66
N PHE C 291 -86.88 6.56 -52.71
CA PHE C 291 -87.97 7.49 -52.39
C PHE C 291 -89.27 6.90 -51.98
N LYS C 292 -89.19 5.72 -51.44
CA LYS C 292 -90.39 5.06 -50.99
C LYS C 292 -90.92 5.82 -49.76
N LYS C 293 -91.63 6.92 -50.05
CA LYS C 293 -92.21 7.81 -49.03
C LYS C 293 -93.14 7.11 -48.04
N ASP C 294 -93.61 5.91 -48.37
CA ASP C 294 -94.49 5.19 -47.46
C ASP C 294 -93.66 4.59 -46.32
N GLU C 295 -92.48 4.09 -46.65
CA GLU C 295 -91.60 3.48 -45.66
C GLU C 295 -90.81 4.46 -44.82
N ILE C 296 -90.12 5.39 -45.46
CA ILE C 296 -89.29 6.38 -44.78
C ILE C 296 -89.86 6.86 -43.43
N PRO C 297 -91.12 7.33 -43.41
CA PRO C 297 -91.71 7.81 -42.15
C PRO C 297 -91.83 6.70 -41.12
N VAL C 298 -92.28 5.54 -41.56
CA VAL C 298 -92.43 4.41 -40.67
C VAL C 298 -91.08 3.98 -40.14
N LEU C 299 -90.14 3.81 -41.06
CA LEU C 299 -88.78 3.37 -40.72
C LEU C 299 -88.08 4.34 -39.75
N LEU C 300 -88.28 5.64 -39.98
CA LEU C 300 -87.68 6.67 -39.14
C LEU C 300 -88.18 6.62 -37.71
N GLU C 301 -89.50 6.62 -37.56
CA GLU C 301 -90.14 6.58 -36.24
C GLU C 301 -89.67 5.40 -35.41
N LYS C 302 -89.33 4.29 -36.09
CA LYS C 302 -88.88 3.09 -35.38
C LYS C 302 -87.48 3.28 -34.78
N LEU C 303 -86.67 4.16 -35.38
CA LEU C 303 -85.34 4.43 -34.88
C LEU C 303 -85.37 5.70 -34.03
N GLU C 304 -86.58 6.19 -33.79
CA GLU C 304 -86.82 7.39 -32.99
C GLU C 304 -86.08 8.58 -33.59
N ILE C 305 -86.16 8.70 -34.90
CA ILE C 305 -85.50 9.79 -35.58
C ILE C 305 -86.54 10.84 -35.95
N VAL C 306 -86.55 11.96 -35.24
CA VAL C 306 -87.50 13.03 -35.49
C VAL C 306 -86.97 14.16 -36.39
N LEU C 307 -87.50 14.26 -37.62
CA LEU C 307 -87.10 15.31 -38.58
C LEU C 307 -87.62 16.68 -38.12
N LYS C 308 -86.93 17.77 -38.45
CA LYS C 308 -87.38 19.09 -37.97
C LYS C 308 -88.11 19.97 -38.96
N GLY C 309 -89.43 19.90 -38.95
CA GLY C 309 -90.25 20.72 -39.82
C GLY C 309 -89.87 20.73 -41.29
N ASP C 310 -88.94 21.62 -41.65
CA ASP C 310 -88.47 21.76 -43.04
C ASP C 310 -87.75 20.50 -43.48
N GLU C 311 -87.16 19.79 -42.52
CA GLU C 311 -86.45 18.56 -42.80
C GLU C 311 -87.42 17.45 -43.18
N LYS C 312 -88.65 17.55 -42.71
CA LYS C 312 -89.67 16.53 -42.98
C LYS C 312 -89.90 16.21 -44.46
N ASP C 313 -89.63 17.15 -45.36
CA ASP C 313 -89.88 16.99 -46.80
C ASP C 313 -88.71 16.49 -47.66
N LEU C 314 -87.51 16.45 -47.07
CA LEU C 314 -86.25 16.08 -47.74
C LEU C 314 -86.15 14.87 -48.65
N GLU C 315 -85.23 14.92 -49.62
CA GLU C 315 -85.09 13.80 -50.48
C GLU C 315 -83.86 13.64 -51.36
N GLY C 316 -83.75 12.40 -51.84
CA GLY C 316 -82.68 12.00 -52.70
C GLY C 316 -81.40 11.95 -51.93
N LYS C 317 -80.40 12.57 -52.52
CA LYS C 317 -79.12 12.63 -51.90
C LYS C 317 -79.21 13.63 -50.75
N ALA C 318 -80.35 14.31 -50.68
CA ALA C 318 -80.60 15.29 -49.63
C ALA C 318 -81.39 14.62 -48.52
N LEU C 319 -82.04 13.52 -48.88
CA LEU C 319 -82.87 12.79 -47.93
C LEU C 319 -82.14 12.12 -46.77
N LEU C 320 -81.03 11.45 -47.03
CA LEU C 320 -80.33 10.74 -45.96
C LEU C 320 -79.24 11.47 -45.21
N LYS C 321 -78.66 12.52 -45.77
CA LYS C 321 -77.61 13.25 -45.07
C LYS C 321 -78.07 13.82 -43.73
N VAL C 322 -79.35 14.19 -43.61
CA VAL C 322 -79.86 14.76 -42.38
C VAL C 322 -80.33 13.71 -41.37
N VAL C 323 -80.78 12.58 -41.89
CA VAL C 323 -81.25 11.50 -41.06
C VAL C 323 -80.07 10.84 -40.33
N MET C 324 -79.05 10.49 -41.09
CA MET C 324 -77.86 9.84 -40.54
C MET C 324 -77.18 10.68 -39.48
N ARG C 325 -77.28 12.00 -39.60
CA ARG C 325 -76.64 12.89 -38.62
C ARG C 325 -77.39 12.84 -37.31
N LYS C 326 -78.71 12.80 -37.37
CA LYS C 326 -79.49 12.76 -36.15
C LYS C 326 -79.36 11.37 -35.57
N PHE C 327 -79.28 10.39 -36.47
CA PHE C 327 -79.17 8.99 -36.08
C PHE C 327 -77.85 8.70 -35.39
N LEU C 328 -76.76 8.78 -36.15
CA LEU C 328 -75.45 8.51 -35.57
C LEU C 328 -74.45 9.66 -35.73
N PRO C 329 -74.50 10.64 -34.80
CA PRO C 329 -73.61 11.82 -34.79
C PRO C 329 -72.13 11.42 -34.80
N ALA C 330 -71.51 11.45 -35.98
CA ALA C 330 -70.12 11.07 -36.15
C ALA C 330 -69.20 11.64 -35.10
N ALA C 331 -69.41 12.91 -34.76
CA ALA C 331 -68.59 13.57 -33.78
C ALA C 331 -68.54 12.85 -32.45
N ASP C 332 -69.67 12.34 -32.01
CA ASP C 332 -69.69 11.66 -30.72
C ASP C 332 -69.02 10.27 -30.68
N ALA C 333 -69.11 9.53 -31.78
CA ALA C 333 -68.49 8.20 -31.84
C ALA C 333 -66.97 8.32 -31.65
N LEU C 334 -66.39 9.35 -32.27
CA LEU C 334 -64.97 9.59 -32.18
C LEU C 334 -64.62 10.07 -30.75
N LEU C 335 -65.34 11.08 -30.25
CA LEU C 335 -65.09 11.61 -28.92
C LEU C 335 -65.26 10.57 -27.81
N GLU C 336 -65.98 9.50 -28.14
CA GLU C 336 -66.22 8.43 -27.20
C GLU C 336 -64.93 7.65 -27.07
N MET C 337 -64.35 7.31 -28.23
CA MET C 337 -63.11 6.56 -28.28
C MET C 337 -61.94 7.37 -27.69
N ILE C 338 -61.86 8.65 -28.02
CA ILE C 338 -60.79 9.50 -27.51
C ILE C 338 -60.69 9.46 -25.98
N VAL C 339 -61.83 9.63 -25.30
CA VAL C 339 -61.87 9.64 -23.83
C VAL C 339 -61.67 8.29 -23.15
N LEU C 340 -62.42 7.28 -23.60
CA LEU C 340 -62.40 5.93 -23.04
C LEU C 340 -61.20 5.04 -23.38
N HIS C 341 -60.42 5.41 -24.39
CA HIS C 341 -59.28 4.59 -24.77
C HIS C 341 -57.93 5.27 -24.92
N LEU C 342 -57.91 6.53 -25.32
CA LEU C 342 -56.65 7.24 -25.46
C LEU C 342 -56.11 7.62 -24.09
N PRO C 343 -54.80 7.40 -23.88
CA PRO C 343 -54.14 7.69 -22.63
C PRO C 343 -54.04 9.17 -22.26
N SER C 344 -54.07 9.42 -20.96
CA SER C 344 -53.95 10.76 -20.43
C SER C 344 -52.46 11.06 -20.29
N PRO C 345 -52.11 12.34 -20.14
CA PRO C 345 -50.72 12.72 -20.00
C PRO C 345 -50.14 12.14 -18.73
N VAL C 346 -50.92 11.33 -18.09
CA VAL C 346 -50.48 10.72 -16.86
C VAL C 346 -50.11 9.28 -17.07
N THR C 347 -50.95 8.58 -17.82
CA THR C 347 -50.75 7.16 -18.11
C THR C 347 -49.57 6.94 -19.08
N ALA C 348 -49.46 7.82 -20.07
CA ALA C 348 -48.43 7.75 -21.11
C ALA C 348 -47.03 8.18 -20.73
N GLN C 349 -46.95 9.28 -20.00
CA GLN C 349 -45.66 9.79 -19.60
C GLN C 349 -44.92 8.78 -18.77
N ALA C 350 -45.68 7.89 -18.13
CA ALA C 350 -45.07 6.88 -17.27
C ALA C 350 -44.25 5.93 -18.11
N TYR C 351 -44.74 5.65 -19.31
CA TYR C 351 -44.01 4.74 -20.14
C TYR C 351 -43.42 5.43 -21.34
N ARG C 352 -43.51 6.76 -21.36
CA ARG C 352 -42.96 7.52 -22.46
C ARG C 352 -41.80 8.40 -22.03
N ALA C 353 -41.71 8.65 -20.73
CA ALA C 353 -40.65 9.49 -20.19
C ALA C 353 -39.23 9.10 -20.60
N GLU C 354 -38.80 7.91 -20.21
CA GLU C 354 -37.45 7.42 -20.50
C GLU C 354 -37.06 7.61 -21.96
N GLN C 355 -38.02 7.39 -22.86
CA GLN C 355 -37.79 7.51 -24.29
C GLN C 355 -37.63 8.98 -24.71
N LEU C 356 -38.26 9.89 -23.97
CA LEU C 356 -38.20 11.32 -24.30
C LEU C 356 -37.12 12.09 -23.55
N TYR C 357 -36.52 11.46 -22.56
CA TYR C 357 -35.46 12.13 -21.81
C TYR C 357 -34.12 11.50 -22.21
N GLU C 358 -33.18 12.33 -22.60
CA GLU C 358 -31.84 11.87 -23.02
C GLU C 358 -30.82 11.89 -21.88
N GLY C 359 -31.34 11.80 -20.66
CA GLY C 359 -30.50 11.77 -19.48
C GLY C 359 -30.70 10.44 -18.78
N PRO C 360 -30.30 10.32 -17.49
CA PRO C 360 -30.43 9.10 -16.68
C PRO C 360 -31.88 8.70 -16.41
N ALA C 361 -32.23 7.46 -16.76
CA ALA C 361 -33.59 6.98 -16.57
C ALA C 361 -34.03 7.01 -15.12
N ASP C 362 -33.15 7.49 -14.24
CA ASP C 362 -33.44 7.58 -12.82
C ASP C 362 -33.14 8.99 -12.32
N ASP C 363 -32.70 9.84 -13.24
CA ASP C 363 -32.40 11.23 -12.98
C ASP C 363 -33.61 11.86 -12.28
N ALA C 364 -33.38 12.88 -11.47
CA ALA C 364 -34.46 13.55 -10.75
C ALA C 364 -35.57 14.06 -11.68
N ASN C 365 -35.22 14.42 -12.89
CA ASN C 365 -36.22 14.92 -13.80
C ASN C 365 -36.97 13.82 -14.50
N CYS C 366 -36.25 12.86 -15.06
CA CYS C 366 -36.89 11.76 -15.77
C CYS C 366 -38.00 11.18 -14.89
N ILE C 367 -37.75 11.13 -13.59
CA ILE C 367 -38.73 10.59 -12.66
C ILE C 367 -39.92 11.53 -12.67
N ALA C 368 -39.62 12.80 -12.49
CA ALA C 368 -40.64 13.81 -12.48
C ALA C 368 -41.49 13.70 -13.74
N ILE C 369 -40.85 13.25 -14.84
CA ILE C 369 -41.56 13.12 -16.10
C ILE C 369 -42.57 12.00 -15.96
N LYS C 370 -42.09 10.85 -15.49
CA LYS C 370 -42.95 9.69 -15.31
C LYS C 370 -44.12 10.03 -14.42
N ASN C 371 -43.83 10.71 -13.33
CA ASN C 371 -44.87 11.06 -12.39
C ASN C 371 -45.64 12.29 -12.76
N CYS C 372 -45.37 12.83 -13.94
CA CYS C 372 -46.05 14.02 -14.43
C CYS C 372 -46.26 14.94 -13.23
N ASP C 373 -45.24 15.06 -12.40
CA ASP C 373 -45.32 15.88 -11.21
C ASP C 373 -45.17 17.39 -11.48
N PRO C 374 -46.18 18.19 -11.11
CA PRO C 374 -46.18 19.64 -11.30
C PRO C 374 -45.40 20.40 -10.25
N LYS C 375 -44.77 19.68 -9.33
CA LYS C 375 -44.01 20.30 -8.26
C LYS C 375 -42.52 20.31 -8.55
N ALA C 376 -42.11 19.34 -9.34
CA ALA C 376 -40.71 19.18 -9.69
C ALA C 376 -40.20 20.28 -10.59
N ASP C 377 -38.89 20.23 -10.86
CA ASP C 377 -38.21 21.18 -11.72
C ASP C 377 -38.85 21.17 -13.11
N LEU C 378 -38.93 22.34 -13.71
CA LEU C 378 -39.54 22.44 -15.01
C LEU C 378 -38.88 21.55 -16.05
N MET C 379 -39.73 20.99 -16.90
CA MET C 379 -39.34 20.12 -18.01
C MET C 379 -40.38 20.37 -19.10
N LEU C 380 -40.23 21.49 -19.80
CA LEU C 380 -41.14 21.91 -20.87
C LEU C 380 -40.50 21.69 -22.25
N TYR C 381 -41.21 20.95 -23.11
CA TYR C 381 -40.71 20.66 -24.45
C TYR C 381 -41.27 21.55 -25.53
N VAL C 382 -40.39 22.21 -26.26
CA VAL C 382 -40.82 23.10 -27.34
C VAL C 382 -40.72 22.36 -28.65
N SER C 383 -41.88 21.99 -29.21
CA SER C 383 -41.94 21.26 -30.47
C SER C 383 -41.78 22.12 -31.72
N LYS C 384 -42.22 23.37 -31.65
CA LYS C 384 -42.11 24.25 -32.79
C LYS C 384 -42.40 25.70 -32.45
N MET C 385 -41.94 26.59 -33.32
CA MET C 385 -42.15 28.03 -33.14
C MET C 385 -43.23 28.46 -34.15
N VAL C 386 -44.26 29.12 -33.65
CA VAL C 386 -45.36 29.57 -34.49
C VAL C 386 -45.45 31.09 -34.64
N PRO C 387 -45.62 31.56 -35.89
CA PRO C 387 -45.73 32.96 -36.30
C PRO C 387 -46.94 33.66 -35.70
N THR C 388 -46.71 34.84 -35.16
CA THR C 388 -47.80 35.59 -34.56
C THR C 388 -48.01 36.89 -35.31
N SER C 389 -49.11 37.58 -34.99
CA SER C 389 -49.45 38.86 -35.61
C SER C 389 -48.64 39.96 -34.93
N ASP C 390 -48.40 39.79 -33.64
CA ASP C 390 -47.62 40.74 -32.87
C ASP C 390 -46.17 40.80 -33.36
N LYS C 391 -45.91 41.58 -34.40
CA LYS C 391 -44.58 41.71 -34.99
C LYS C 391 -44.18 40.45 -35.73
N GLY C 392 -42.88 40.31 -36.00
CA GLY C 392 -42.39 39.12 -36.68
C GLY C 392 -41.95 38.12 -35.62
N ARG C 393 -42.52 38.32 -34.44
CA ARG C 393 -42.21 37.47 -33.32
C ARG C 393 -42.89 36.12 -33.48
N PHE C 394 -42.36 35.14 -32.77
CA PHE C 394 -42.89 33.79 -32.81
C PHE C 394 -43.15 33.30 -31.38
N TYR C 395 -44.22 32.55 -31.18
CA TYR C 395 -44.50 32.03 -29.85
C TYR C 395 -44.10 30.58 -29.82
N ALA C 396 -43.48 30.13 -28.75
CA ALA C 396 -43.07 28.74 -28.67
C ALA C 396 -44.27 27.86 -28.36
N PHE C 397 -44.34 26.70 -29.01
CA PHE C 397 -45.44 25.74 -28.81
C PHE C 397 -44.84 24.44 -28.26
N GLY C 398 -45.42 23.91 -27.20
CA GLY C 398 -44.89 22.69 -26.63
C GLY C 398 -45.75 22.05 -25.56
N ARG C 399 -45.13 21.23 -24.73
CA ARG C 399 -45.84 20.54 -23.68
C ARG C 399 -45.03 20.55 -22.40
N VAL C 400 -45.73 20.67 -21.27
CA VAL C 400 -45.07 20.67 -19.98
C VAL C 400 -45.05 19.24 -19.45
N PHE C 401 -43.88 18.63 -19.53
CA PHE C 401 -43.71 17.27 -19.07
C PHE C 401 -43.49 17.19 -17.58
N ALA C 402 -43.06 18.30 -16.98
CA ALA C 402 -42.79 18.32 -15.55
C ALA C 402 -42.76 19.71 -14.94
N GLY C 403 -43.24 19.81 -13.70
CA GLY C 403 -43.29 21.08 -13.02
C GLY C 403 -44.40 21.88 -13.65
N THR C 404 -44.36 23.20 -13.44
CA THR C 404 -45.35 24.12 -13.99
C THR C 404 -44.70 25.42 -14.48
N VAL C 405 -45.07 25.86 -15.68
CA VAL C 405 -44.50 27.07 -16.23
C VAL C 405 -45.44 28.20 -15.84
N LYS C 406 -44.88 29.39 -15.63
CA LYS C 406 -45.68 30.56 -15.24
C LYS C 406 -45.08 31.90 -15.67
N SER C 407 -45.93 32.80 -16.19
CA SER C 407 -45.50 34.12 -16.67
C SER C 407 -44.54 34.79 -15.73
N GLY C 408 -43.46 35.31 -16.29
CA GLY C 408 -42.46 35.98 -15.47
C GLY C 408 -41.39 35.02 -14.97
N GLN C 409 -41.78 33.77 -14.74
CA GLN C 409 -40.83 32.78 -14.25
C GLN C 409 -39.61 32.77 -15.15
N LYS C 410 -38.44 32.83 -14.55
CA LYS C 410 -37.23 32.81 -15.34
C LYS C 410 -36.88 31.35 -15.54
N VAL C 411 -36.52 31.01 -16.78
CA VAL C 411 -36.20 29.64 -17.14
C VAL C 411 -34.89 29.47 -17.89
N ARG C 412 -34.35 28.27 -17.85
CA ARG C 412 -33.12 27.93 -18.57
C ARG C 412 -33.61 27.42 -19.91
N ILE C 413 -33.18 28.08 -20.97
CA ILE C 413 -33.56 27.67 -22.30
C ILE C 413 -32.40 26.89 -22.89
N GLN C 414 -32.54 25.57 -22.91
CA GLN C 414 -31.49 24.70 -23.40
C GLN C 414 -31.67 24.32 -24.87
N GLY C 415 -30.79 24.87 -25.70
CA GLY C 415 -30.86 24.60 -27.12
C GLY C 415 -30.32 23.25 -27.54
N PRO C 416 -30.43 22.93 -28.83
CA PRO C 416 -29.99 21.68 -29.44
C PRO C 416 -28.59 21.20 -29.04
N ASN C 417 -27.64 22.12 -28.99
CA ASN C 417 -26.26 21.76 -28.67
C ASN C 417 -25.92 21.72 -27.17
N TYR C 418 -26.86 22.09 -26.31
CA TYR C 418 -26.63 22.12 -24.86
C TYR C 418 -26.27 20.78 -24.26
N VAL C 419 -25.48 20.85 -23.19
CA VAL C 419 -25.03 19.67 -22.46
C VAL C 419 -24.78 20.15 -21.05
N PRO C 420 -25.47 19.56 -20.08
CA PRO C 420 -25.33 19.93 -18.67
C PRO C 420 -23.92 20.35 -18.28
N GLY C 421 -22.92 19.65 -18.80
CA GLY C 421 -21.56 19.99 -18.47
C GLY C 421 -21.13 21.43 -18.77
N LYS C 422 -21.17 21.81 -20.04
CA LYS C 422 -20.77 23.15 -20.47
C LYS C 422 -21.85 24.21 -20.38
N LYS C 423 -21.53 25.40 -20.88
CA LYS C 423 -22.47 26.52 -20.89
C LYS C 423 -22.86 26.92 -22.31
N ASP C 424 -22.52 26.07 -23.26
CA ASP C 424 -22.83 26.31 -24.65
C ASP C 424 -24.32 26.20 -24.95
N ASP C 425 -24.84 27.12 -25.76
CA ASP C 425 -26.24 27.10 -26.18
C ASP C 425 -27.23 27.21 -25.03
N LEU C 426 -26.91 28.02 -24.04
CA LEU C 426 -27.81 28.18 -22.91
C LEU C 426 -28.22 29.63 -22.84
N PHE C 427 -29.44 29.89 -22.40
CA PHE C 427 -29.92 31.27 -22.28
C PHE C 427 -30.87 31.43 -21.10
N ILE C 428 -30.31 31.67 -19.91
CA ILE C 428 -31.14 31.85 -18.73
C ILE C 428 -31.91 33.16 -18.82
N LYS C 429 -33.14 33.06 -19.32
CA LYS C 429 -34.00 34.23 -19.50
C LYS C 429 -35.35 34.09 -18.80
N ALA C 430 -36.15 35.14 -18.87
CA ALA C 430 -37.47 35.17 -18.23
C ALA C 430 -38.60 34.98 -19.24
N ILE C 431 -39.52 34.09 -18.91
CA ILE C 431 -40.67 33.82 -19.77
C ILE C 431 -41.65 34.98 -19.69
N GLN C 432 -41.67 35.81 -20.73
CA GLN C 432 -42.52 36.98 -20.77
C GLN C 432 -44.01 36.70 -20.49
N ARG C 433 -44.56 35.73 -21.22
CA ARG C 433 -45.97 35.44 -21.03
C ARG C 433 -46.34 34.04 -21.44
N VAL C 434 -47.28 33.47 -20.70
CA VAL C 434 -47.78 32.13 -20.98
C VAL C 434 -49.18 32.27 -21.56
N VAL C 435 -49.40 31.67 -22.71
CA VAL C 435 -50.72 31.78 -23.34
C VAL C 435 -51.22 30.45 -23.85
N LEU C 436 -52.55 30.34 -23.93
CA LEU C 436 -53.21 29.13 -24.45
C LEU C 436 -53.31 29.24 -25.97
N MET C 437 -52.92 28.18 -26.68
CA MET C 437 -52.99 28.15 -28.15
C MET C 437 -54.39 27.75 -28.60
N MET C 438 -55.35 28.64 -28.40
CA MET C 438 -56.74 28.38 -28.78
C MET C 438 -56.90 28.44 -30.29
N GLY C 439 -56.19 27.57 -30.99
CA GLY C 439 -56.30 27.55 -32.44
C GLY C 439 -55.62 28.73 -33.11
N ARG C 440 -56.37 29.82 -33.32
CA ARG C 440 -55.85 31.01 -33.99
C ARG C 440 -55.61 32.17 -33.05
N PHE C 441 -56.20 32.09 -31.87
CA PHE C 441 -56.05 33.15 -30.89
C PHE C 441 -55.34 32.60 -29.66
N VAL C 442 -54.71 33.49 -28.91
CA VAL C 442 -54.01 33.11 -27.70
C VAL C 442 -54.70 33.72 -26.49
N GLU C 443 -54.66 33.02 -25.36
CA GLU C 443 -55.31 33.53 -24.17
C GLU C 443 -54.37 33.44 -22.99
N PRO C 444 -53.92 34.59 -22.49
CA PRO C 444 -53.02 34.68 -21.34
C PRO C 444 -53.48 33.87 -20.13
N ILE C 445 -52.56 33.16 -19.51
CA ILE C 445 -52.86 32.35 -18.34
C ILE C 445 -51.65 32.39 -17.42
N ASP C 446 -51.89 32.55 -16.12
CA ASP C 446 -50.78 32.62 -15.18
C ASP C 446 -49.79 31.49 -15.30
N ASP C 447 -50.18 30.31 -14.83
CA ASP C 447 -49.29 29.17 -14.88
C ASP C 447 -49.93 28.02 -15.62
N CYS C 448 -49.18 26.94 -15.76
CA CYS C 448 -49.67 25.76 -16.45
C CYS C 448 -48.90 24.54 -15.97
N PRO C 449 -49.58 23.61 -15.29
CA PRO C 449 -49.00 22.38 -14.75
C PRO C 449 -48.71 21.30 -15.77
N ALA C 450 -47.77 20.44 -15.42
CA ALA C 450 -47.35 19.36 -16.29
C ALA C 450 -48.51 18.60 -16.88
N GLY C 451 -48.35 18.19 -18.13
CA GLY C 451 -49.39 17.45 -18.81
C GLY C 451 -50.18 18.19 -19.85
N ASN C 452 -49.99 19.50 -19.97
CA ASN C 452 -50.77 20.21 -20.98
C ASN C 452 -49.96 20.76 -22.12
N ILE C 453 -50.67 21.13 -23.17
CA ILE C 453 -50.04 21.72 -24.33
C ILE C 453 -50.24 23.22 -24.14
N ILE C 454 -49.15 23.98 -24.06
CA ILE C 454 -49.26 25.41 -23.83
C ILE C 454 -48.38 26.19 -24.79
N GLY C 455 -48.50 27.51 -24.70
CA GLY C 455 -47.70 28.38 -25.53
C GLY C 455 -46.92 29.37 -24.70
N LEU C 456 -45.71 29.72 -25.15
CA LEU C 456 -44.84 30.67 -24.44
C LEU C 456 -44.49 31.89 -25.30
N VAL C 457 -44.41 33.06 -24.65
CA VAL C 457 -44.11 34.31 -25.33
C VAL C 457 -42.78 34.90 -24.87
N GLY C 458 -41.86 35.11 -25.81
CA GLY C 458 -40.57 35.72 -25.47
C GLY C 458 -39.32 34.84 -25.57
N ILE C 459 -39.38 33.79 -26.38
CA ILE C 459 -38.24 32.89 -26.52
C ILE C 459 -37.66 32.98 -27.92
N ASP C 460 -38.48 33.47 -28.85
CA ASP C 460 -38.10 33.60 -30.25
C ASP C 460 -36.63 33.83 -30.52
N GLN C 461 -36.01 34.75 -29.80
CA GLN C 461 -34.61 35.03 -30.04
C GLN C 461 -33.65 34.12 -29.29
N PHE C 462 -34.15 33.00 -28.81
CA PHE C 462 -33.29 32.09 -28.08
C PHE C 462 -33.39 30.71 -28.69
N LEU C 463 -34.59 30.37 -29.15
CA LEU C 463 -34.84 29.08 -29.76
C LEU C 463 -35.21 29.25 -31.22
N LEU C 464 -34.45 28.64 -32.11
CA LEU C 464 -34.76 28.75 -33.52
C LEU C 464 -36.08 28.07 -33.81
N LYS C 465 -36.18 26.82 -33.41
CA LYS C 465 -37.40 26.05 -33.63
C LYS C 465 -37.73 25.09 -32.48
N THR C 466 -36.81 24.19 -32.18
CA THR C 466 -37.00 23.20 -31.11
C THR C 466 -36.08 23.47 -29.91
N GLY C 467 -36.49 22.98 -28.74
CA GLY C 467 -35.70 23.19 -27.55
C GLY C 467 -36.33 22.68 -26.28
N THR C 468 -35.56 22.74 -25.20
CA THR C 468 -36.01 22.30 -23.90
C THR C 468 -35.89 23.45 -22.92
N LEU C 469 -36.85 23.57 -22.02
CA LEU C 469 -36.85 24.60 -20.99
C LEU C 469 -36.87 23.89 -19.63
N THR C 470 -35.91 24.22 -18.76
CA THR C 470 -35.87 23.58 -17.45
C THR C 470 -35.59 24.56 -16.35
N THR C 471 -35.37 24.02 -15.17
CA THR C 471 -35.07 24.82 -14.00
C THR C 471 -33.90 24.12 -13.30
N SER C 472 -33.84 22.80 -13.49
CA SER C 472 -32.78 22.00 -12.89
C SER C 472 -31.48 22.29 -13.63
N GLU C 473 -30.45 22.62 -12.85
CA GLU C 473 -29.17 22.95 -13.43
C GLU C 473 -28.52 21.69 -13.96
N THR C 474 -28.99 20.53 -13.51
CA THR C 474 -28.43 19.27 -13.95
C THR C 474 -29.41 18.51 -14.82
N ALA C 475 -30.19 19.25 -15.59
CA ALA C 475 -31.20 18.66 -16.46
C ALA C 475 -30.77 18.53 -17.92
N HIS C 476 -30.84 17.32 -18.47
CA HIS C 476 -30.50 17.08 -19.87
C HIS C 476 -31.62 17.55 -20.79
N ASN C 477 -31.35 17.59 -22.09
CA ASN C 477 -32.39 18.01 -23.01
C ASN C 477 -33.27 16.82 -23.26
N MET C 478 -34.47 17.07 -23.78
CA MET C 478 -35.40 15.99 -24.12
C MET C 478 -35.24 15.68 -25.61
N LYS C 479 -35.45 14.42 -25.99
CA LYS C 479 -35.30 14.00 -27.39
C LYS C 479 -35.43 15.14 -28.37
N VAL C 480 -34.28 15.61 -28.82
CA VAL C 480 -34.18 16.72 -29.76
C VAL C 480 -34.62 16.32 -31.15
N MET C 481 -35.09 17.30 -31.91
CA MET C 481 -35.48 17.02 -33.27
C MET C 481 -34.60 17.88 -34.15
N LYS C 482 -33.70 17.23 -34.86
CA LYS C 482 -32.74 17.89 -35.73
C LYS C 482 -33.31 18.73 -36.87
N PHE C 483 -32.87 19.98 -36.96
CA PHE C 483 -33.28 20.89 -38.04
C PHE C 483 -32.00 21.57 -38.51
N SER C 484 -31.96 22.06 -39.74
CA SER C 484 -30.76 22.74 -40.20
C SER C 484 -31.08 24.16 -40.60
N VAL C 485 -30.07 25.04 -40.54
CA VAL C 485 -30.27 26.44 -40.92
C VAL C 485 -29.36 26.82 -42.09
N SER C 486 -28.54 25.87 -42.52
CA SER C 486 -27.62 26.08 -43.63
C SER C 486 -28.28 26.22 -45.00
N PRO C 487 -28.13 27.39 -45.65
CA PRO C 487 -28.71 27.61 -46.97
C PRO C 487 -27.87 26.91 -48.01
N VAL C 488 -28.27 25.70 -48.40
CA VAL C 488 -27.49 24.96 -49.38
C VAL C 488 -28.11 25.06 -50.76
N VAL C 489 -29.22 25.78 -50.84
CA VAL C 489 -29.90 25.93 -52.12
C VAL C 489 -30.44 27.35 -52.23
N GLN C 490 -30.41 27.91 -53.44
CA GLN C 490 -30.88 29.28 -53.63
C GLN C 490 -31.49 29.54 -55.00
N VAL C 491 -32.03 30.74 -55.19
CA VAL C 491 -32.65 31.16 -56.45
C VAL C 491 -32.98 32.65 -56.47
N ALA C 492 -33.48 33.11 -57.62
CA ALA C 492 -33.94 34.48 -57.83
C ALA C 492 -35.44 34.31 -58.06
N VAL C 493 -36.19 35.41 -58.06
CA VAL C 493 -37.63 35.33 -58.28
C VAL C 493 -38.22 36.58 -58.92
N GLU C 494 -37.81 36.89 -60.16
CA GLU C 494 -38.36 38.08 -60.83
C GLU C 494 -39.82 37.78 -61.14
N VAL C 495 -40.58 38.78 -61.55
CA VAL C 495 -41.99 38.55 -61.87
C VAL C 495 -42.13 38.29 -63.40
N LYS C 496 -43.33 38.02 -63.90
CA LYS C 496 -43.47 37.81 -65.35
C LYS C 496 -44.00 39.11 -65.95
N ASN C 497 -44.51 39.95 -65.07
CA ASN C 497 -45.06 41.24 -65.44
C ASN C 497 -44.12 42.29 -64.81
N ALA C 498 -44.46 43.57 -64.71
CA ALA C 498 -43.42 44.43 -64.16
C ALA C 498 -43.64 45.54 -63.15
N ASN C 499 -44.60 46.43 -63.39
CA ASN C 499 -44.76 47.50 -62.43
C ASN C 499 -45.14 46.96 -61.05
N ASP C 500 -45.65 45.73 -61.01
CA ASP C 500 -46.05 45.06 -59.76
C ASP C 500 -44.86 44.64 -58.90
N LEU C 501 -43.71 45.23 -59.21
CA LEU C 501 -42.46 44.96 -58.53
C LEU C 501 -42.34 45.55 -57.11
N PRO C 502 -42.72 46.82 -56.92
CA PRO C 502 -42.63 47.46 -55.60
C PRO C 502 -43.00 46.55 -54.43
N LYS C 503 -43.93 45.62 -54.66
CA LYS C 503 -44.38 44.68 -53.63
C LYS C 503 -43.31 43.63 -53.31
N LEU C 504 -42.37 43.46 -54.24
CA LEU C 504 -41.28 42.48 -54.12
C LEU C 504 -40.14 42.91 -53.18
N VAL C 505 -39.33 43.88 -53.61
CA VAL C 505 -38.21 44.36 -52.80
C VAL C 505 -38.63 44.56 -51.33
N GLU C 506 -39.94 44.73 -51.12
CA GLU C 506 -40.49 44.92 -49.78
C GLU C 506 -40.89 43.57 -49.19
N GLY C 507 -41.69 42.83 -49.95
CA GLY C 507 -42.13 41.51 -49.52
C GLY C 507 -40.98 40.54 -49.25
N LEU C 508 -39.88 40.68 -49.98
CA LEU C 508 -38.72 39.79 -49.78
C LEU C 508 -38.20 39.93 -48.37
N LYS C 509 -38.12 41.17 -47.90
CA LYS C 509 -37.64 41.47 -46.57
C LYS C 509 -38.74 41.29 -45.53
N ARG C 510 -39.87 40.76 -45.99
CA ARG C 510 -41.01 40.46 -45.12
C ARG C 510 -40.93 38.94 -44.91
N LEU C 511 -40.53 38.24 -45.97
CA LEU C 511 -40.37 36.79 -45.96
C LEU C 511 -39.24 36.44 -45.00
N SER C 512 -38.13 37.15 -45.15
CA SER C 512 -36.97 36.96 -44.29
C SER C 512 -37.37 37.10 -42.83
N LYS C 513 -38.35 37.97 -42.59
CA LYS C 513 -38.83 38.20 -41.24
C LYS C 513 -39.72 37.04 -40.82
N SER C 514 -40.47 36.50 -41.77
CA SER C 514 -41.39 35.40 -41.48
C SER C 514 -40.76 34.04 -41.23
N ASP C 515 -39.52 33.85 -41.64
CA ASP C 515 -38.84 32.56 -41.43
C ASP C 515 -37.38 32.80 -41.00
N PRO C 516 -36.88 32.00 -40.04
CA PRO C 516 -35.49 32.14 -39.55
C PRO C 516 -34.48 31.45 -40.50
N CYS C 517 -34.94 30.38 -41.15
CA CYS C 517 -34.11 29.60 -42.06
C CYS C 517 -33.97 30.17 -43.46
N VAL C 518 -34.94 30.96 -43.90
CA VAL C 518 -34.89 31.52 -45.23
C VAL C 518 -33.96 32.72 -45.26
N LEU C 519 -33.27 32.89 -46.37
CA LEU C 519 -32.34 33.99 -46.47
C LEU C 519 -32.50 34.75 -47.78
N THR C 520 -32.87 36.03 -47.73
CA THR C 520 -33.01 36.85 -48.95
C THR C 520 -31.86 37.87 -49.00
N TYR C 521 -31.28 38.08 -50.18
CA TYR C 521 -30.18 39.03 -50.35
C TYR C 521 -30.00 39.35 -51.84
N MET C 522 -29.18 40.36 -52.16
CA MET C 522 -28.93 40.75 -53.57
C MET C 522 -27.46 40.57 -53.97
N SER C 523 -27.20 39.86 -55.06
CA SER C 523 -25.82 39.62 -55.52
C SER C 523 -25.27 40.76 -56.36
N GLU C 524 -23.94 40.92 -56.35
CA GLU C 524 -23.30 41.98 -57.12
C GLU C 524 -24.01 42.17 -58.46
N SER C 525 -24.27 41.07 -59.17
CA SER C 525 -24.94 41.16 -60.46
C SER C 525 -26.37 41.73 -60.34
N GLY C 526 -26.68 42.33 -59.19
CA GLY C 526 -27.99 42.91 -58.98
C GLY C 526 -29.11 41.89 -58.89
N GLU C 527 -28.74 40.65 -58.59
CA GLU C 527 -29.64 39.49 -58.47
C GLU C 527 -30.40 39.37 -57.14
N HIS C 528 -31.68 38.97 -57.15
CA HIS C 528 -32.39 38.77 -55.88
C HIS C 528 -32.30 37.29 -55.52
N ILE C 529 -31.95 36.97 -54.28
CA ILE C 529 -31.87 35.56 -53.89
C ILE C 529 -32.78 35.16 -52.74
N VAL C 530 -33.09 33.86 -52.67
CA VAL C 530 -33.94 33.27 -51.63
C VAL C 530 -33.47 31.86 -51.32
N ALA C 531 -32.38 31.77 -50.57
CA ALA C 531 -31.83 30.49 -50.20
C ALA C 531 -32.63 29.86 -49.09
N GLY C 532 -32.74 28.54 -49.19
CA GLY C 532 -33.47 27.76 -48.21
C GLY C 532 -32.68 26.54 -47.78
N THR C 533 -33.32 25.71 -46.97
CA THR C 533 -32.69 24.52 -46.44
C THR C 533 -32.61 23.39 -47.46
N GLY C 534 -33.66 23.22 -48.24
CA GLY C 534 -33.67 22.15 -49.23
C GLY C 534 -34.70 22.45 -50.30
N GLU C 535 -34.69 21.63 -51.35
CA GLU C 535 -35.59 21.82 -52.47
C GLU C 535 -36.96 22.30 -52.05
N LEU C 536 -37.63 21.50 -51.23
CA LEU C 536 -38.96 21.87 -50.81
C LEU C 536 -39.00 23.18 -50.05
N HIS C 537 -38.21 23.29 -48.98
CA HIS C 537 -38.21 24.50 -48.17
C HIS C 537 -38.17 25.71 -49.09
N LEU C 538 -37.29 25.66 -50.08
CA LEU C 538 -37.15 26.75 -51.03
C LEU C 538 -38.42 26.93 -51.84
N GLU C 539 -38.89 25.82 -52.42
CA GLU C 539 -40.10 25.85 -53.20
C GLU C 539 -41.25 26.50 -52.44
N ILE C 540 -41.44 26.12 -51.19
CA ILE C 540 -42.51 26.68 -50.38
C ILE C 540 -42.38 28.20 -50.28
N CYS C 541 -41.24 28.64 -49.75
CA CYS C 541 -40.97 30.06 -49.60
C CYS C 541 -41.21 30.83 -50.90
N LEU C 542 -41.10 30.12 -52.02
CA LEU C 542 -41.31 30.71 -53.34
C LEU C 542 -42.80 30.98 -53.60
N GLN C 543 -43.66 29.97 -53.34
CA GLN C 543 -45.11 30.09 -53.53
C GLN C 543 -45.62 31.16 -52.66
N ASP C 544 -45.30 31.04 -51.38
CA ASP C 544 -45.77 32.02 -50.43
C ASP C 544 -45.40 33.41 -50.88
N LEU C 545 -44.18 33.42 -51.32
CA LEU C 545 -43.57 34.57 -51.89
C LEU C 545 -44.43 34.96 -53.09
N GLU C 546 -44.66 34.07 -54.04
CA GLU C 546 -45.50 34.62 -55.10
C GLU C 546 -46.62 35.41 -54.38
N HIS C 547 -47.78 34.82 -54.41
CA HIS C 547 -49.06 35.38 -53.94
C HIS C 547 -49.32 35.63 -52.44
N ASP C 548 -48.84 34.78 -51.53
CA ASP C 548 -49.13 34.98 -50.09
C ASP C 548 -48.29 36.07 -49.42
N HIS C 549 -47.11 36.34 -49.92
CA HIS C 549 -46.24 37.35 -49.31
C HIS C 549 -46.47 38.73 -49.87
N ALA C 550 -46.32 38.67 -51.17
CA ALA C 550 -46.42 39.79 -52.06
C ALA C 550 -47.84 40.13 -52.46
N GLY C 551 -48.65 39.15 -52.85
CA GLY C 551 -49.99 39.50 -53.27
C GLY C 551 -50.11 39.24 -54.76
N VAL C 552 -49.02 39.09 -55.49
CA VAL C 552 -49.12 38.81 -56.93
C VAL C 552 -48.31 37.60 -57.34
N PRO C 553 -48.62 37.15 -58.57
CA PRO C 553 -48.03 35.98 -59.24
C PRO C 553 -46.55 36.18 -59.65
N LEU C 554 -45.73 35.07 -59.75
CA LEU C 554 -44.28 35.21 -60.00
C LEU C 554 -43.53 34.33 -61.06
N LYS C 555 -42.16 34.60 -61.16
CA LYS C 555 -41.14 33.93 -62.01
C LYS C 555 -40.03 33.29 -61.13
N ILE C 556 -39.76 32.00 -61.33
CA ILE C 556 -38.80 31.33 -60.54
C ILE C 556 -37.74 30.75 -61.63
N SER C 557 -36.49 30.47 -61.30
CA SER C 557 -35.50 29.94 -62.20
C SER C 557 -34.86 28.78 -61.49
N PRO C 558 -34.18 27.94 -62.26
CA PRO C 558 -33.54 26.75 -61.68
C PRO C 558 -32.84 26.87 -60.32
N PRO C 559 -32.74 25.74 -59.60
CA PRO C 559 -32.09 25.67 -58.29
C PRO C 559 -30.60 25.62 -58.44
N VAL C 560 -29.92 26.54 -57.79
CA VAL C 560 -28.47 26.51 -57.79
C VAL C 560 -28.12 26.17 -56.36
N VAL C 561 -26.98 25.52 -56.23
CA VAL C 561 -26.46 25.09 -54.97
C VAL C 561 -25.26 25.97 -54.63
N ALA C 562 -25.16 26.35 -53.37
CA ALA C 562 -24.05 27.18 -52.92
C ALA C 562 -22.83 26.30 -52.70
N TYR C 563 -21.72 26.72 -53.28
CA TYR C 563 -20.47 25.99 -53.13
C TYR C 563 -19.51 26.75 -52.24
N ARG C 564 -18.28 26.25 -52.15
CA ARG C 564 -17.23 26.87 -51.37
C ARG C 564 -15.90 26.78 -52.11
N GLU C 565 -15.13 27.86 -52.05
CA GLU C 565 -13.83 27.89 -52.71
C GLU C 565 -12.73 27.68 -51.70
N THR C 566 -11.87 26.72 -51.95
CA THR C 566 -10.81 26.43 -51.00
C THR C 566 -9.50 26.06 -51.67
N VAL C 567 -8.48 25.91 -50.83
CA VAL C 567 -7.15 25.54 -51.28
C VAL C 567 -6.72 24.19 -50.73
N GLU C 568 -5.84 23.55 -51.47
CA GLU C 568 -5.37 22.24 -51.10
C GLU C 568 -3.95 22.26 -50.57
N SER C 569 -3.21 23.32 -50.84
CA SER C 569 -1.82 23.44 -50.39
C SER C 569 -1.34 24.87 -50.17
N GLU C 570 -0.06 25.03 -49.88
CA GLU C 570 0.47 26.35 -49.67
C GLU C 570 0.74 26.92 -51.04
N SER C 571 0.69 28.25 -51.15
CA SER C 571 0.92 28.95 -52.41
C SER C 571 2.24 28.54 -53.07
N SER C 572 2.20 28.17 -54.36
CA SER C 572 3.41 27.78 -55.12
C SER C 572 4.60 28.66 -54.82
N GLN C 573 4.34 29.95 -54.75
CA GLN C 573 5.38 30.92 -54.48
C GLN C 573 4.71 32.10 -53.83
N THR C 574 5.50 32.97 -53.25
CA THR C 574 4.98 34.15 -52.59
C THR C 574 4.09 35.02 -53.49
N ALA C 575 2.93 35.44 -52.95
CA ALA C 575 1.99 36.29 -53.68
C ALA C 575 2.26 37.76 -53.35
N LEU C 576 2.25 38.60 -54.37
CA LEU C 576 2.55 39.99 -54.16
C LEU C 576 1.72 40.95 -55.01
N SER C 577 1.35 42.08 -54.42
CA SER C 577 0.57 43.11 -55.11
C SER C 577 0.89 44.45 -54.54
N LYS C 578 0.65 45.48 -55.31
CA LYS C 578 0.90 46.78 -54.79
C LYS C 578 -0.32 47.63 -55.11
N SER C 579 -0.49 48.69 -54.33
CA SER C 579 -1.61 49.63 -54.49
C SER C 579 -1.46 50.45 -55.78
N PRO C 580 -2.48 51.26 -56.15
CA PRO C 580 -2.41 52.08 -57.36
C PRO C 580 -1.29 53.07 -57.24
N ASN C 581 -1.13 53.60 -56.02
CA ASN C 581 -0.07 54.54 -55.74
C ASN C 581 1.22 54.00 -56.28
N LYS C 582 1.45 52.74 -55.99
CA LYS C 582 2.68 52.03 -56.38
C LYS C 582 3.68 52.30 -55.28
N HIS C 583 3.10 52.67 -54.13
CA HIS C 583 3.85 52.94 -52.93
C HIS C 583 3.67 51.92 -51.82
N ASN C 584 2.63 51.09 -51.91
CA ASN C 584 2.42 50.08 -50.88
C ASN C 584 2.38 48.66 -51.46
N ARG C 585 3.00 47.72 -50.74
CA ARG C 585 3.06 46.34 -51.17
C ARG C 585 2.65 45.41 -50.07
N ILE C 586 2.06 44.29 -50.46
CA ILE C 586 1.67 43.30 -49.49
C ILE C 586 2.16 41.96 -50.04
N TYR C 587 2.86 41.23 -49.19
CA TYR C 587 3.41 39.93 -49.55
C TYR C 587 2.74 38.89 -48.68
N LEU C 588 2.19 37.86 -49.32
CA LEU C 588 1.51 36.83 -48.57
C LEU C 588 1.47 35.51 -49.25
N LYS C 589 1.09 34.52 -48.48
CA LYS C 589 0.99 33.19 -49.00
C LYS C 589 -0.23 32.62 -48.35
N ALA C 590 -0.85 31.68 -49.03
CA ALA C 590 -2.05 31.05 -48.52
C ALA C 590 -1.84 29.57 -48.27
N GLU C 591 -2.52 29.04 -47.28
CA GLU C 591 -2.39 27.65 -47.01
C GLU C 591 -3.70 27.15 -46.46
N PRO C 592 -3.95 25.85 -46.57
CA PRO C 592 -5.16 25.19 -46.09
C PRO C 592 -5.34 25.22 -44.57
N ILE C 593 -6.59 25.10 -44.10
CA ILE C 593 -6.88 25.04 -42.68
C ILE C 593 -7.57 23.70 -42.51
N ASP C 594 -7.22 22.96 -41.46
CA ASP C 594 -7.80 21.63 -41.23
C ASP C 594 -9.30 21.61 -40.97
N GLU C 595 -9.99 20.66 -41.59
CA GLU C 595 -11.44 20.55 -41.44
C GLU C 595 -11.78 20.66 -39.97
N GLU C 596 -10.94 20.07 -39.13
CA GLU C 596 -11.21 20.14 -37.73
C GLU C 596 -11.30 21.56 -37.25
N VAL C 597 -10.29 22.35 -37.58
CA VAL C 597 -10.26 23.72 -37.15
C VAL C 597 -11.45 24.46 -37.70
N SER C 598 -11.72 24.23 -38.97
CA SER C 598 -12.83 24.88 -39.62
C SER C 598 -14.12 24.59 -38.85
N LEU C 599 -14.34 23.31 -38.54
CA LEU C 599 -15.52 22.91 -37.81
C LEU C 599 -15.49 23.60 -36.45
N ALA C 600 -14.32 23.61 -35.85
CA ALA C 600 -14.16 24.24 -34.55
C ALA C 600 -14.64 25.68 -34.64
N ILE C 601 -14.23 26.37 -35.70
CA ILE C 601 -14.64 27.75 -35.88
C ILE C 601 -16.15 27.79 -36.12
N GLU C 602 -16.63 26.91 -36.98
CA GLU C 602 -18.05 26.87 -37.28
C GLU C 602 -18.88 26.53 -36.05
N ASN C 603 -18.31 25.74 -35.15
CA ASN C 603 -19.04 25.35 -33.96
C ASN C 603 -18.68 26.11 -32.71
N GLY C 604 -18.37 27.38 -32.86
CA GLY C 604 -18.05 28.20 -31.69
C GLY C 604 -16.83 27.91 -30.81
N ILE C 605 -16.15 26.78 -31.00
CA ILE C 605 -14.97 26.46 -30.18
C ILE C 605 -13.94 27.57 -30.39
N ILE C 606 -13.48 27.75 -31.62
CA ILE C 606 -12.51 28.79 -31.98
C ILE C 606 -13.37 30.01 -32.24
N ASN C 607 -13.43 30.92 -31.28
CA ASN C 607 -14.28 32.08 -31.44
C ASN C 607 -13.55 33.39 -31.69
N PRO C 608 -14.09 34.22 -32.59
CA PRO C 608 -13.59 35.54 -33.00
C PRO C 608 -13.56 36.56 -31.88
N ARG C 609 -14.56 36.45 -31.00
CA ARG C 609 -14.71 37.36 -29.88
C ARG C 609 -13.91 36.96 -28.64
N ASP C 610 -13.34 35.75 -28.66
CA ASP C 610 -12.56 35.25 -27.52
C ASP C 610 -11.34 36.11 -27.19
N ASP C 611 -10.66 35.76 -26.11
CA ASP C 611 -9.45 36.45 -25.71
C ASP C 611 -8.39 35.82 -26.62
N PHE C 612 -7.68 36.65 -27.40
CA PHE C 612 -6.68 36.11 -28.32
C PHE C 612 -5.76 35.12 -27.64
N LYS C 613 -5.43 35.35 -26.37
CA LYS C 613 -4.55 34.43 -25.65
C LYS C 613 -5.20 33.08 -25.36
N ALA C 614 -6.44 33.10 -24.88
CA ALA C 614 -7.14 31.85 -24.56
C ALA C 614 -7.38 31.05 -25.82
N ARG C 615 -7.89 31.74 -26.82
CA ARG C 615 -8.18 31.12 -28.09
C ARG C 615 -6.91 30.46 -28.59
N ALA C 616 -5.79 31.17 -28.46
CA ALA C 616 -4.51 30.66 -28.93
C ALA C 616 -4.11 29.40 -28.18
N ARG C 617 -4.32 29.42 -26.89
CA ARG C 617 -3.97 28.29 -26.09
C ARG C 617 -4.74 27.10 -26.65
N ILE C 618 -6.02 27.32 -26.96
CA ILE C 618 -6.87 26.26 -27.50
C ILE C 618 -6.35 25.68 -28.83
N MET C 619 -6.13 26.55 -29.79
CA MET C 619 -5.65 26.09 -31.09
C MET C 619 -4.33 25.39 -30.98
N ALA C 620 -3.49 25.91 -30.10
CA ALA C 620 -2.17 25.35 -29.90
C ALA C 620 -2.31 23.96 -29.32
N ASP C 621 -2.95 23.87 -28.17
CA ASP C 621 -3.13 22.60 -27.52
C ASP C 621 -3.92 21.61 -28.36
N ASP C 622 -5.23 21.81 -28.42
CA ASP C 622 -6.12 20.89 -29.13
C ASP C 622 -6.07 20.82 -30.65
N TYR C 623 -5.38 21.76 -31.28
CA TYR C 623 -5.37 21.73 -32.72
C TYR C 623 -4.01 21.75 -33.42
N GLY C 624 -2.92 21.62 -32.68
CA GLY C 624 -1.61 21.61 -33.32
C GLY C 624 -1.27 22.83 -34.14
N TRP C 625 -1.39 23.99 -33.50
CA TRP C 625 -1.09 25.26 -34.13
C TRP C 625 0.05 25.89 -33.29
N ASP C 626 0.91 26.70 -33.90
CA ASP C 626 1.98 27.37 -33.14
C ASP C 626 1.33 28.50 -32.35
N VAL C 627 1.36 28.43 -31.02
CA VAL C 627 0.72 29.45 -30.22
C VAL C 627 1.14 30.82 -30.71
N THR C 628 2.26 30.85 -31.41
CA THR C 628 2.76 32.10 -31.94
C THR C 628 1.85 32.59 -33.06
N ASP C 629 1.65 31.76 -34.07
CA ASP C 629 0.81 32.17 -35.16
C ASP C 629 -0.58 32.51 -34.62
N ALA C 630 -1.13 31.60 -33.83
CA ALA C 630 -2.46 31.79 -33.29
C ALA C 630 -2.64 33.11 -32.57
N ARG C 631 -1.60 33.58 -31.90
CA ARG C 631 -1.71 34.84 -31.18
C ARG C 631 -1.72 36.01 -32.13
N LYS C 632 -1.35 35.72 -33.37
CA LYS C 632 -1.28 36.75 -34.41
C LYS C 632 -2.50 36.79 -35.34
N ILE C 633 -3.62 36.19 -34.93
CA ILE C 633 -4.81 36.22 -35.79
C ILE C 633 -5.32 37.66 -35.91
N TRP C 634 -5.50 38.13 -37.13
CA TRP C 634 -5.98 39.50 -37.35
C TRP C 634 -7.47 39.53 -37.51
N CYS C 635 -8.03 38.48 -38.09
CA CYS C 635 -9.46 38.42 -38.27
C CYS C 635 -9.91 37.10 -38.88
N PHE C 636 -11.21 36.89 -38.86
CA PHE C 636 -11.80 35.69 -39.45
C PHE C 636 -12.63 36.22 -40.60
N GLY C 637 -13.22 35.32 -41.37
CA GLY C 637 -14.04 35.74 -42.50
C GLY C 637 -14.80 34.61 -43.17
N PRO C 638 -15.90 34.91 -43.88
CA PRO C 638 -16.46 36.24 -44.09
C PRO C 638 -17.25 36.68 -42.88
N ASP C 639 -17.97 37.78 -43.03
CA ASP C 639 -18.80 38.31 -41.97
C ASP C 639 -18.08 38.33 -40.61
N GLY C 640 -16.78 38.56 -40.65
CA GLY C 640 -15.99 38.62 -39.43
C GLY C 640 -15.97 37.39 -38.52
N ASN C 641 -16.43 36.23 -38.99
CA ASN C 641 -16.45 34.99 -38.20
C ASN C 641 -16.44 33.69 -39.02
N GLY C 642 -16.10 33.78 -40.31
CA GLY C 642 -16.08 32.60 -41.15
C GLY C 642 -14.85 31.76 -40.91
N PRO C 643 -14.87 30.52 -41.41
CA PRO C 643 -13.77 29.58 -41.27
C PRO C 643 -12.61 29.93 -42.17
N ASN C 644 -12.08 31.11 -41.95
CA ASN C 644 -10.95 31.58 -42.70
C ASN C 644 -10.23 32.57 -41.81
N LEU C 645 -8.91 32.59 -41.91
CA LEU C 645 -8.11 33.48 -41.10
C LEU C 645 -7.01 34.21 -41.87
N VAL C 646 -6.51 35.25 -41.20
CA VAL C 646 -5.42 36.07 -41.68
C VAL C 646 -4.45 36.10 -40.52
N ILE C 647 -3.24 35.61 -40.77
CA ILE C 647 -2.21 35.58 -39.75
C ILE C 647 -1.11 36.59 -40.06
N ASP C 648 -0.83 37.47 -39.09
CA ASP C 648 0.21 38.47 -39.25
C ASP C 648 1.59 37.94 -38.98
N GLN C 649 2.25 37.46 -40.02
CA GLN C 649 3.59 36.93 -39.84
C GLN C 649 4.66 37.97 -40.22
N THR C 650 4.28 39.23 -40.39
CA THR C 650 5.28 40.24 -40.74
C THR C 650 6.29 40.38 -39.63
N LYS C 651 7.40 41.02 -39.94
CA LYS C 651 8.46 41.25 -38.98
C LYS C 651 8.96 42.66 -39.11
N ALA C 652 8.76 43.45 -38.07
CA ALA C 652 9.22 44.84 -38.02
C ALA C 652 8.75 45.79 -39.14
N VAL C 653 7.47 45.78 -39.44
CA VAL C 653 6.93 46.65 -40.46
C VAL C 653 6.35 47.87 -39.79
N GLN C 654 7.10 48.97 -39.82
CA GLN C 654 6.63 50.18 -39.20
C GLN C 654 5.28 50.62 -39.76
N TYR C 655 4.42 51.10 -38.87
CA TYR C 655 3.07 51.59 -39.19
C TYR C 655 2.05 50.48 -39.52
N LEU C 656 2.50 49.22 -39.46
CA LEU C 656 1.65 48.09 -39.78
C LEU C 656 0.20 48.18 -39.30
N HIS C 657 0.05 48.46 -38.02
CA HIS C 657 -1.28 48.58 -37.44
C HIS C 657 -2.19 49.62 -38.12
N GLU C 658 -1.59 50.64 -38.72
CA GLU C 658 -2.39 51.69 -39.35
C GLU C 658 -3.11 51.22 -40.58
N ILE C 659 -2.75 50.05 -41.09
CA ILE C 659 -3.42 49.53 -42.27
C ILE C 659 -4.26 48.32 -41.95
N LYS C 660 -4.26 47.93 -40.68
CA LYS C 660 -5.00 46.75 -40.23
C LYS C 660 -6.47 46.71 -40.64
N ASP C 661 -7.22 47.75 -40.29
CA ASP C 661 -8.63 47.77 -40.61
C ASP C 661 -8.87 47.55 -42.09
N SER C 662 -8.05 48.17 -42.91
CA SER C 662 -8.17 48.00 -44.35
C SER C 662 -7.93 46.54 -44.70
N VAL C 663 -6.81 46.00 -44.23
CA VAL C 663 -6.44 44.61 -44.53
C VAL C 663 -7.58 43.70 -44.17
N VAL C 664 -8.18 43.93 -43.00
CA VAL C 664 -9.27 43.10 -42.56
C VAL C 664 -10.45 43.28 -43.50
N ALA C 665 -10.78 44.55 -43.74
CA ALA C 665 -11.90 44.89 -44.60
C ALA C 665 -11.75 44.19 -45.92
N ALA C 666 -10.53 44.20 -46.43
CA ALA C 666 -10.30 43.56 -47.69
C ALA C 666 -10.57 42.08 -47.56
N PHE C 667 -10.12 41.49 -46.46
CA PHE C 667 -10.28 40.05 -46.27
C PHE C 667 -11.71 39.62 -46.22
N GLN C 668 -12.52 40.38 -45.51
CA GLN C 668 -13.92 40.09 -45.41
C GLN C 668 -14.44 39.94 -46.81
N TRP C 669 -14.03 40.87 -47.66
CA TRP C 669 -14.47 40.85 -49.02
C TRP C 669 -13.94 39.62 -49.76
N ALA C 670 -12.62 39.50 -49.85
CA ALA C 670 -12.02 38.37 -50.55
C ALA C 670 -12.61 37.02 -50.20
N THR C 671 -12.98 36.84 -48.95
CA THR C 671 -13.50 35.55 -48.54
C THR C 671 -14.98 35.36 -48.86
N LYS C 672 -15.70 36.46 -49.04
CA LYS C 672 -17.12 36.35 -49.37
C LYS C 672 -17.33 35.89 -50.80
N GLU C 673 -16.52 36.42 -51.71
CA GLU C 673 -16.63 36.06 -53.11
C GLU C 673 -15.23 35.82 -53.67
N GLY C 674 -14.88 34.55 -53.74
CA GLY C 674 -13.57 34.17 -54.23
C GLY C 674 -13.35 34.37 -55.71
N PRO C 675 -12.16 34.05 -56.20
CA PRO C 675 -11.76 34.18 -57.60
C PRO C 675 -12.05 32.96 -58.48
N ILE C 676 -12.54 31.86 -57.93
CA ILE C 676 -12.85 30.72 -58.79
C ILE C 676 -14.11 31.04 -59.52
N PHE C 677 -15.11 31.50 -58.78
CA PHE C 677 -16.37 31.87 -59.41
C PHE C 677 -17.36 32.57 -58.49
N GLY C 678 -16.85 33.51 -57.70
CA GLY C 678 -17.71 34.29 -56.82
C GLY C 678 -18.24 33.63 -55.59
N GLU C 679 -17.85 32.38 -55.33
CA GLU C 679 -18.33 31.66 -54.16
C GLU C 679 -17.53 31.94 -52.89
N GLU C 680 -18.10 31.59 -51.74
CA GLU C 680 -17.42 31.79 -50.46
C GLU C 680 -16.24 30.89 -50.25
N MET C 681 -15.22 31.43 -49.60
CA MET C 681 -14.01 30.67 -49.30
C MET C 681 -14.27 29.91 -48.00
N ARG C 682 -13.61 28.78 -47.83
CA ARG C 682 -13.74 28.00 -46.60
C ARG C 682 -12.44 27.31 -46.24
N SER C 683 -12.03 27.44 -45.00
CA SER C 683 -10.80 26.79 -44.56
C SER C 683 -9.56 27.34 -45.28
N VAL C 684 -9.51 28.66 -45.50
CA VAL C 684 -8.39 29.29 -46.18
C VAL C 684 -7.54 30.09 -45.21
N ARG C 685 -6.25 29.80 -45.19
CA ARG C 685 -5.31 30.48 -44.30
C ARG C 685 -4.47 31.44 -45.10
N VAL C 686 -4.40 32.67 -44.63
CA VAL C 686 -3.62 33.68 -45.30
C VAL C 686 -2.57 34.22 -44.35
N ASN C 687 -1.30 34.04 -44.70
CA ASN C 687 -0.23 34.55 -43.86
C ASN C 687 0.43 35.77 -44.50
N ILE C 688 0.33 36.91 -43.81
CA ILE C 688 0.94 38.13 -44.31
C ILE C 688 2.43 38.04 -44.02
N LEU C 689 3.21 37.82 -45.06
CA LEU C 689 4.64 37.69 -44.93
C LEU C 689 5.37 39.00 -44.83
N ASP C 690 5.06 39.93 -45.71
CA ASP C 690 5.74 41.21 -45.66
C ASP C 690 4.86 42.33 -46.15
N VAL C 691 5.16 43.55 -45.71
CA VAL C 691 4.43 44.77 -46.10
C VAL C 691 5.39 45.98 -46.18
N THR C 692 5.22 46.81 -47.21
CA THR C 692 6.05 48.01 -47.37
C THR C 692 5.03 49.15 -47.51
N LEU C 693 5.09 50.12 -46.59
CA LEU C 693 4.14 51.24 -46.59
C LEU C 693 4.74 52.60 -46.77
N HIS C 694 4.05 53.45 -47.52
CA HIS C 694 4.55 54.79 -47.72
C HIS C 694 4.65 55.38 -46.33
N ALA C 695 5.64 56.25 -46.11
CA ALA C 695 5.82 56.86 -44.80
C ALA C 695 4.64 57.76 -44.36
N ASP C 696 4.00 58.45 -45.32
CA ASP C 696 2.85 59.35 -45.05
C ASP C 696 1.48 58.65 -45.16
N ALA C 697 0.67 58.78 -44.11
CA ALA C 697 -0.64 58.13 -44.09
C ALA C 697 -1.50 58.46 -45.29
N ILE C 698 -1.46 59.71 -45.71
CA ILE C 698 -2.27 60.14 -46.83
C ILE C 698 -2.31 59.15 -47.98
N ARG C 700 -1.64 55.91 -47.73
CA ARG C 700 -1.91 54.53 -47.31
C ARG C 700 -3.36 54.37 -46.93
N GLY C 701 -4.22 55.14 -47.59
CA GLY C 701 -5.64 55.07 -47.29
C GLY C 701 -6.30 53.76 -47.67
N GLY C 702 -7.53 53.60 -47.22
CA GLY C 702 -8.25 52.38 -47.54
C GLY C 702 -8.33 52.18 -49.01
N GLY C 703 -8.65 53.26 -49.72
CA GLY C 703 -8.76 53.16 -51.16
C GLY C 703 -7.52 52.51 -51.72
N GLN C 704 -6.41 52.69 -51.03
CA GLN C 704 -5.17 52.11 -51.54
C GLN C 704 -4.88 50.72 -51.06
N ILE C 705 -4.98 50.48 -49.76
CA ILE C 705 -4.65 49.16 -49.33
C ILE C 705 -5.71 48.12 -49.62
N ILE C 706 -6.96 48.42 -49.32
CA ILE C 706 -7.99 47.43 -49.54
C ILE C 706 -7.93 46.70 -50.85
N PRO C 707 -7.72 47.43 -51.93
CA PRO C 707 -7.68 46.65 -53.17
C PRO C 707 -6.45 45.75 -53.22
N THR C 708 -5.33 46.28 -52.76
CA THR C 708 -4.08 45.55 -52.76
C THR C 708 -4.24 44.19 -52.07
N MET C 709 -4.60 44.22 -50.79
CA MET C 709 -4.77 43.00 -50.01
C MET C 709 -5.67 42.02 -50.74
N ARG C 710 -6.77 42.55 -51.25
CA ARG C 710 -7.77 41.76 -51.95
C ARG C 710 -7.14 41.05 -53.13
N ARG C 711 -6.30 41.75 -53.85
CA ARG C 711 -5.71 41.14 -55.01
C ARG C 711 -4.64 40.16 -54.60
N ALA C 712 -3.87 40.51 -53.59
CA ALA C 712 -2.81 39.61 -53.16
C ALA C 712 -3.45 38.32 -52.73
N THR C 713 -4.47 38.46 -51.92
CA THR C 713 -5.12 37.28 -51.43
C THR C 713 -5.61 36.43 -52.58
N TYR C 714 -6.15 37.06 -53.62
CA TYR C 714 -6.63 36.26 -54.74
C TYR C 714 -5.46 35.53 -55.36
N ALA C 715 -4.37 36.27 -55.54
CA ALA C 715 -3.19 35.69 -56.14
C ALA C 715 -2.74 34.50 -55.32
N GLY C 716 -2.54 34.74 -54.03
CA GLY C 716 -2.10 33.66 -53.19
C GLY C 716 -3.01 32.47 -53.41
N PHE C 717 -4.30 32.72 -53.26
CA PHE C 717 -5.30 31.69 -53.38
C PHE C 717 -5.13 30.88 -54.63
N LEU C 718 -5.09 31.56 -55.76
CA LEU C 718 -4.94 30.85 -56.99
C LEU C 718 -3.64 30.11 -57.05
N LEU C 719 -2.68 30.51 -56.24
CA LEU C 719 -1.39 29.82 -56.25
C LEU C 719 -1.29 28.67 -55.30
N ALA C 720 -2.23 28.58 -54.39
CA ALA C 720 -2.21 27.52 -53.41
C ALA C 720 -2.99 26.25 -53.82
N ASP C 721 -3.01 25.95 -55.12
CA ASP C 721 -3.71 24.77 -55.63
C ASP C 721 -5.19 24.82 -55.28
N PRO C 722 -5.97 25.53 -56.09
CA PRO C 722 -7.41 25.71 -55.92
C PRO C 722 -8.28 24.47 -56.06
N LYS C 723 -9.40 24.49 -55.33
CA LYS C 723 -10.39 23.43 -55.33
C LYS C 723 -11.71 23.97 -54.78
N ILE C 724 -12.82 23.29 -55.08
CA ILE C 724 -14.10 23.75 -54.60
C ILE C 724 -14.81 22.66 -53.80
N GLN C 725 -15.65 23.07 -52.86
CA GLN C 725 -16.35 22.09 -52.05
C GLN C 725 -17.84 22.16 -52.29
N GLU C 726 -18.50 21.03 -52.09
CA GLU C 726 -19.95 20.94 -52.27
C GLU C 726 -20.57 20.59 -50.91
N PRO C 727 -21.86 20.89 -50.71
CA PRO C 727 -22.51 20.58 -49.44
C PRO C 727 -23.14 19.19 -49.46
N VAL C 728 -23.08 18.53 -48.31
CA VAL C 728 -23.60 17.18 -48.16
C VAL C 728 -24.64 17.03 -47.07
N PHE C 729 -25.63 16.17 -47.34
CA PHE C 729 -26.74 15.88 -46.42
C PHE C 729 -26.55 14.59 -45.64
N LEU C 730 -27.04 14.60 -44.42
CA LEU C 730 -26.97 13.41 -43.60
C LEU C 730 -28.40 12.96 -43.61
N VAL C 731 -28.71 11.93 -44.37
CA VAL C 731 -30.08 11.45 -44.42
C VAL C 731 -30.34 10.21 -43.54
N GLU C 732 -31.35 10.30 -42.67
CA GLU C 732 -31.74 9.22 -41.76
C GLU C 732 -33.03 8.63 -42.32
N ILE C 733 -33.06 7.31 -42.49
CA ILE C 733 -34.24 6.68 -43.06
C ILE C 733 -34.80 5.51 -42.27
N GLN C 734 -36.10 5.53 -42.04
CA GLN C 734 -36.79 4.46 -41.34
C GLN C 734 -37.40 3.58 -42.43
N CYS C 735 -37.23 2.27 -42.33
CA CYS C 735 -37.81 1.41 -43.34
C CYS C 735 -37.79 -0.06 -42.97
N PRO C 736 -38.89 -0.76 -43.28
CA PRO C 736 -38.99 -2.18 -42.98
C PRO C 736 -37.89 -2.97 -43.70
N GLU C 737 -37.25 -3.88 -42.99
CA GLU C 737 -36.17 -4.70 -43.53
C GLU C 737 -36.41 -5.16 -44.98
N GLN C 738 -37.68 -5.39 -45.31
CA GLN C 738 -38.08 -5.84 -46.65
C GLN C 738 -37.86 -4.81 -47.71
N ALA C 739 -38.06 -3.54 -47.36
CA ALA C 739 -37.90 -2.47 -48.32
C ALA C 739 -36.54 -1.78 -48.25
N VAL C 740 -35.73 -2.11 -47.25
CA VAL C 740 -34.41 -1.49 -47.10
C VAL C 740 -33.57 -1.62 -48.39
N GLY C 741 -33.98 -2.56 -49.26
CA GLY C 741 -33.27 -2.76 -50.51
C GLY C 741 -33.31 -1.52 -51.38
N GLY C 742 -34.51 -1.01 -51.61
CA GLY C 742 -34.65 0.17 -52.42
C GLY C 742 -33.77 1.29 -51.91
N ILE C 743 -33.50 1.32 -50.61
CA ILE C 743 -32.67 2.38 -50.07
C ILE C 743 -31.32 2.37 -50.76
N TYR C 744 -30.51 1.39 -50.41
CA TYR C 744 -29.18 1.26 -50.98
C TYR C 744 -29.23 1.38 -52.50
N SER C 745 -30.36 0.97 -53.08
CA SER C 745 -30.54 1.02 -54.51
C SER C 745 -30.40 2.44 -55.06
N VAL C 746 -31.14 3.37 -54.48
CA VAL C 746 -31.12 4.77 -54.91
C VAL C 746 -29.88 5.51 -54.44
N LEU C 747 -29.39 5.16 -53.26
CA LEU C 747 -28.21 5.81 -52.75
C LEU C 747 -27.03 5.58 -53.69
N ASN C 748 -27.02 4.44 -54.38
CA ASN C 748 -25.92 4.15 -55.29
C ASN C 748 -26.04 4.85 -56.63
N LYS C 749 -27.14 5.56 -56.83
CA LYS C 749 -27.34 6.27 -58.08
C LYS C 749 -27.37 7.78 -57.77
N LYS C 750 -26.83 8.16 -56.62
CA LYS C 750 -26.80 9.56 -56.21
C LYS C 750 -25.49 9.90 -55.54
N ARG C 751 -24.58 8.95 -55.52
CA ARG C 751 -23.29 9.16 -54.86
C ARG C 751 -23.49 9.21 -53.35
N GLY C 752 -24.45 8.43 -52.87
CA GLY C 752 -24.73 8.37 -51.45
C GLY C 752 -23.70 7.51 -50.74
N GLN C 753 -23.47 7.80 -49.47
CA GLN C 753 -22.50 7.07 -48.70
C GLN C 753 -23.12 6.58 -47.39
N VAL C 754 -23.31 5.27 -47.28
CA VAL C 754 -23.91 4.71 -46.08
C VAL C 754 -23.02 4.86 -44.86
N VAL C 755 -23.56 5.51 -43.83
CA VAL C 755 -22.82 5.74 -42.60
C VAL C 755 -23.13 4.70 -41.54
N SER C 756 -24.38 4.27 -41.50
CA SER C 756 -24.78 3.26 -40.51
C SER C 756 -26.20 2.77 -40.74
N GLU C 757 -26.41 1.50 -40.41
CA GLU C 757 -27.69 0.84 -40.54
C GLU C 757 -27.93 -0.05 -39.32
N GLU C 758 -29.01 0.21 -38.60
CA GLU C 758 -29.33 -0.57 -37.43
C GLU C 758 -30.75 -1.05 -37.49
N GLN C 759 -31.11 -1.84 -36.50
CA GLN C 759 -32.46 -2.35 -36.44
C GLN C 759 -33.00 -2.11 -35.05
N ARG C 760 -34.31 -1.88 -34.98
CA ARG C 760 -35.00 -1.65 -33.73
C ARG C 760 -35.25 -3.02 -33.10
N PRO C 761 -34.60 -3.31 -31.97
CA PRO C 761 -34.71 -4.58 -31.26
C PRO C 761 -35.84 -5.51 -31.67
N GLY C 762 -37.05 -5.23 -31.18
CA GLY C 762 -38.17 -6.08 -31.52
C GLY C 762 -38.58 -6.20 -32.98
N THR C 763 -39.10 -5.11 -33.52
CA THR C 763 -39.60 -5.04 -34.90
C THR C 763 -38.58 -5.27 -36.04
N PRO C 764 -39.06 -5.42 -37.28
CA PRO C 764 -38.15 -5.62 -38.41
C PRO C 764 -37.89 -4.27 -39.08
N LEU C 765 -37.99 -3.20 -38.30
CA LEU C 765 -37.78 -1.82 -38.77
C LEU C 765 -36.33 -1.35 -38.75
N PHE C 766 -35.70 -1.31 -39.91
CA PHE C 766 -34.32 -0.86 -39.99
C PHE C 766 -34.27 0.66 -40.13
N THR C 767 -33.16 1.25 -39.70
CA THR C 767 -32.97 2.68 -39.79
C THR C 767 -31.60 2.99 -40.40
N VAL C 768 -31.59 3.29 -41.70
CA VAL C 768 -30.36 3.58 -42.40
C VAL C 768 -29.97 5.05 -42.38
N LYS C 769 -28.69 5.31 -42.13
CA LYS C 769 -28.17 6.65 -42.11
C LYS C 769 -27.08 6.78 -43.16
N ALA C 770 -27.19 7.79 -44.02
CA ALA C 770 -26.23 8.03 -45.10
C ALA C 770 -26.00 9.48 -45.48
N TYR C 771 -24.95 9.71 -46.25
CA TYR C 771 -24.61 11.03 -46.69
C TYR C 771 -25.10 11.18 -48.10
N LEU C 772 -25.85 12.25 -48.34
CA LEU C 772 -26.36 12.50 -49.67
C LEU C 772 -25.93 13.90 -50.15
N PRO C 773 -25.20 13.97 -51.29
CA PRO C 773 -24.75 15.24 -51.87
C PRO C 773 -25.94 16.13 -52.20
N VAL C 774 -26.01 17.28 -51.57
CA VAL C 774 -27.14 18.16 -51.81
C VAL C 774 -27.44 18.33 -53.27
N ASN C 775 -26.40 18.51 -54.06
CA ASN C 775 -26.56 18.71 -55.50
C ASN C 775 -27.00 17.42 -56.20
N GLU C 776 -27.32 16.41 -55.41
CA GLU C 776 -27.78 15.12 -55.95
C GLU C 776 -29.10 14.74 -55.32
N SER C 777 -29.60 15.62 -54.46
CA SER C 777 -30.84 15.35 -53.76
C SER C 777 -32.10 15.88 -54.40
N PHE C 778 -32.03 16.39 -55.63
CA PHE C 778 -33.24 16.92 -56.26
C PHE C 778 -34.25 15.83 -56.65
N GLY C 779 -35.45 15.90 -56.07
CA GLY C 779 -36.47 14.91 -56.35
C GLY C 779 -36.10 13.59 -55.69
N PHE C 780 -35.21 13.62 -54.69
CA PHE C 780 -34.79 12.38 -54.00
C PHE C 780 -36.03 11.70 -53.46
N THR C 781 -36.82 12.45 -52.71
CA THR C 781 -38.03 11.91 -52.11
C THR C 781 -38.96 11.27 -53.13
N GLY C 782 -39.03 11.86 -54.32
CA GLY C 782 -39.91 11.29 -55.33
C GLY C 782 -39.42 9.91 -55.72
N GLU C 783 -38.13 9.81 -55.97
CA GLU C 783 -37.52 8.56 -56.38
C GLU C 783 -37.49 7.52 -55.28
N LEU C 784 -37.27 7.95 -54.05
CA LEU C 784 -37.23 6.99 -52.95
C LEU C 784 -38.62 6.38 -52.80
N ARG C 785 -39.62 7.15 -53.20
CA ARG C 785 -40.99 6.69 -53.12
C ARG C 785 -41.12 5.39 -53.94
N GLN C 786 -40.96 5.49 -55.26
CA GLN C 786 -41.07 4.32 -56.11
C GLN C 786 -40.25 3.14 -55.59
N ALA C 787 -38.97 3.39 -55.35
CA ALA C 787 -38.06 2.37 -54.89
C ALA C 787 -38.54 1.49 -53.74
N THR C 788 -38.73 2.07 -52.56
CA THR C 788 -39.15 1.32 -51.37
C THR C 788 -40.65 1.16 -51.14
N GLY C 789 -41.40 1.03 -52.23
CA GLY C 789 -42.84 0.84 -52.12
C GLY C 789 -43.54 1.82 -51.21
N GLY C 790 -42.92 2.97 -51.01
CA GLY C 790 -43.50 4.01 -50.18
C GLY C 790 -43.45 3.73 -48.70
N GLN C 791 -42.75 2.68 -48.31
CA GLN C 791 -42.67 2.35 -46.91
C GLN C 791 -41.58 3.13 -46.21
N ALA C 792 -40.67 3.69 -46.97
CA ALA C 792 -39.57 4.45 -46.38
C ALA C 792 -39.98 5.84 -45.90
N PHE C 793 -39.45 6.23 -44.75
CA PHE C 793 -39.73 7.53 -44.13
C PHE C 793 -38.41 8.32 -44.04
N PRO C 794 -38.10 9.10 -45.09
CA PRO C 794 -36.90 9.94 -45.22
C PRO C 794 -36.79 11.08 -44.21
N GLN C 795 -35.57 11.52 -43.97
CA GLN C 795 -35.32 12.60 -43.04
C GLN C 795 -33.89 12.99 -43.35
N MET C 796 -33.65 14.26 -43.72
CA MET C 796 -32.30 14.71 -44.04
C MET C 796 -32.00 16.13 -43.58
N VAL C 797 -30.75 16.38 -43.19
CA VAL C 797 -30.32 17.68 -42.70
C VAL C 797 -28.94 17.99 -43.25
N PHE C 798 -28.60 19.27 -43.32
CA PHE C 798 -27.29 19.61 -43.81
C PHE C 798 -26.24 19.08 -42.86
N ASP C 799 -25.18 18.45 -43.38
CA ASP C 799 -24.13 17.89 -42.54
C ASP C 799 -22.71 18.47 -42.67
N HIS C 800 -22.14 18.40 -43.88
CA HIS C 800 -20.77 18.89 -44.07
C HIS C 800 -20.47 19.24 -45.51
N TRP C 801 -19.21 19.64 -45.75
CA TRP C 801 -18.72 20.02 -47.08
C TRP C 801 -17.73 18.98 -47.65
N SER C 802 -17.88 18.67 -48.94
CA SER C 802 -17.01 17.70 -49.58
C SER C 802 -16.21 18.40 -50.66
N THR C 803 -14.90 18.22 -50.58
CA THR C 803 -13.99 18.82 -51.55
C THR C 803 -13.92 17.94 -52.81
N LEU C 804 -14.36 18.46 -53.96
CA LEU C 804 -14.30 17.67 -55.20
C LEU C 804 -12.84 17.46 -55.58
N GLY C 805 -12.52 16.28 -56.11
CA GLY C 805 -11.12 16.03 -56.44
C GLY C 805 -10.72 16.56 -57.80
N SER C 806 -11.69 16.88 -58.63
CA SER C 806 -11.40 17.38 -59.96
C SER C 806 -11.09 18.87 -59.85
N ASP C 807 -10.22 19.34 -60.72
CA ASP C 807 -9.79 20.71 -60.74
C ASP C 807 -10.90 21.66 -61.19
N PRO C 808 -10.94 22.84 -60.58
CA PRO C 808 -11.97 23.79 -60.99
C PRO C 808 -11.46 24.59 -62.19
N LEU C 809 -10.17 24.51 -62.46
CA LEU C 809 -9.60 25.25 -63.57
C LEU C 809 -9.74 24.56 -64.92
N ASP C 810 -9.97 23.25 -64.92
CA ASP C 810 -10.14 22.53 -66.18
C ASP C 810 -11.59 22.40 -66.59
N PRO C 811 -12.02 23.20 -67.57
CA PRO C 811 -13.38 23.22 -68.11
C PRO C 811 -14.06 21.86 -68.25
N THR C 812 -13.36 20.88 -68.81
CA THR C 812 -13.97 19.58 -68.99
C THR C 812 -14.12 18.75 -67.74
N SER C 813 -13.32 19.05 -66.73
CA SER C 813 -13.41 18.28 -65.50
C SER C 813 -14.81 18.42 -64.93
N LYS C 814 -15.07 17.70 -63.85
CA LYS C 814 -16.38 17.75 -63.21
C LYS C 814 -16.62 19.07 -62.49
N ALA C 815 -15.65 19.52 -61.71
CA ALA C 815 -15.78 20.77 -60.98
C ALA C 815 -15.74 21.93 -61.95
N GLY C 816 -14.81 21.86 -62.90
CA GLY C 816 -14.67 22.91 -63.88
C GLY C 816 -15.97 23.10 -64.60
N GLU C 817 -16.71 22.02 -64.73
CA GLU C 817 -17.99 22.07 -65.40
C GLU C 817 -18.88 22.97 -64.58
N ILE C 818 -18.89 22.73 -63.28
CA ILE C 818 -19.70 23.53 -62.40
C ILE C 818 -19.25 24.98 -62.50
N VAL C 819 -17.95 25.20 -62.36
CA VAL C 819 -17.38 26.54 -62.43
C VAL C 819 -17.68 27.30 -63.71
N LEU C 820 -17.53 26.62 -64.83
CA LEU C 820 -17.75 27.26 -66.10
C LEU C 820 -19.22 27.66 -66.28
N ALA C 821 -20.15 26.78 -65.92
CA ALA C 821 -21.57 27.11 -66.06
C ALA C 821 -21.96 28.29 -65.17
N ALA C 822 -21.46 28.25 -63.93
CA ALA C 822 -21.73 29.32 -62.98
C ALA C 822 -21.13 30.64 -63.50
N ARG C 823 -19.88 30.60 -63.95
CA ARG C 823 -19.23 31.80 -64.46
C ARG C 823 -20.10 32.43 -65.54
N LYS C 824 -20.56 31.59 -66.46
CA LYS C 824 -21.39 32.01 -67.58
C LYS C 824 -22.68 32.60 -67.05
N ARG C 825 -23.33 31.87 -66.15
CA ARG C 825 -24.57 32.30 -65.54
C ARG C 825 -24.42 33.70 -64.95
N HIS C 826 -23.28 33.97 -64.31
CA HIS C 826 -23.02 35.27 -63.70
C HIS C 826 -22.50 36.27 -64.72
N GLY C 827 -22.40 35.82 -65.96
CA GLY C 827 -21.93 36.68 -67.03
C GLY C 827 -20.50 37.14 -66.82
N MET C 828 -19.66 36.26 -66.26
CA MET C 828 -18.26 36.60 -66.03
C MET C 828 -17.46 36.06 -67.21
N LYS C 829 -16.16 36.36 -67.24
CA LYS C 829 -15.31 35.85 -68.31
C LYS C 829 -15.31 34.36 -68.12
N GLU C 830 -15.64 33.64 -69.18
CA GLU C 830 -15.74 32.19 -69.12
C GLU C 830 -14.54 31.46 -68.52
N GLU C 831 -13.36 32.03 -68.66
CA GLU C 831 -12.18 31.38 -68.12
C GLU C 831 -11.84 31.96 -66.75
N VAL C 832 -11.21 31.15 -65.90
CA VAL C 832 -10.82 31.59 -64.56
C VAL C 832 -9.52 32.36 -64.61
N PRO C 833 -9.51 33.57 -64.05
CA PRO C 833 -8.30 34.39 -64.05
C PRO C 833 -7.11 33.65 -63.46
N GLY C 834 -5.98 33.75 -64.13
CA GLY C 834 -4.76 33.12 -63.66
C GLY C 834 -4.25 34.01 -62.54
N TRP C 835 -3.33 33.52 -61.74
CA TRP C 835 -2.83 34.32 -60.63
C TRP C 835 -2.16 35.59 -61.12
N GLN C 836 -1.55 35.50 -62.29
CA GLN C 836 -0.88 36.66 -62.84
C GLN C 836 -1.78 37.91 -62.89
N GLU C 837 -3.08 37.72 -63.07
CA GLU C 837 -3.98 38.86 -63.14
C GLU C 837 -3.98 39.65 -61.86
N TYR C 838 -3.74 38.97 -60.76
CA TYR C 838 -3.76 39.67 -59.51
C TYR C 838 -2.40 39.91 -58.97
N TYR C 839 -1.40 39.21 -59.48
CA TYR C 839 -0.04 39.43 -59.00
C TYR C 839 0.35 40.79 -59.59
N ASP C 840 1.41 41.42 -59.09
CA ASP C 840 1.83 42.72 -59.62
C ASP C 840 2.15 42.56 -61.09
N LYS C 841 1.75 43.53 -61.91
CA LYS C 841 2.01 43.37 -63.34
C LYS C 841 3.45 43.59 -63.71
N LEU C 842 4.34 42.92 -63.00
CA LEU C 842 5.76 43.00 -63.29
C LEU C 842 6.16 41.86 -64.22
N GLU D 1 -25.65 68.31 -77.51
CA GLU D 1 -25.43 66.87 -77.17
C GLU D 1 -24.31 66.26 -78.03
N PHE D 2 -23.23 65.80 -77.39
CA PHE D 2 -22.12 65.22 -78.14
C PHE D 2 -21.99 63.76 -77.89
N LEU D 3 -23.05 63.15 -77.39
CA LEU D 3 -23.06 61.73 -77.06
C LEU D 3 -23.49 60.74 -78.12
N GLY D 4 -23.67 61.21 -79.35
CA GLY D 4 -24.10 60.30 -80.39
C GLY D 4 -25.54 59.98 -80.05
N ASP D 5 -26.15 58.99 -80.69
CA ASP D 5 -27.53 58.66 -80.38
C ASP D 5 -27.83 57.17 -80.05
N GLY D 6 -28.88 56.94 -79.29
CA GLY D 6 -29.27 55.59 -78.92
C GLY D 6 -29.57 55.34 -77.44
N GLY D 7 -30.54 56.06 -76.87
CA GLY D 7 -30.89 55.84 -75.46
C GLY D 7 -29.97 56.37 -74.38
N ASP D 8 -30.56 56.94 -73.33
CA ASP D 8 -29.82 57.51 -72.21
C ASP D 8 -28.56 56.77 -71.75
N VAL D 9 -27.50 57.54 -71.57
CA VAL D 9 -26.23 56.99 -71.14
C VAL D 9 -26.11 57.17 -69.62
N SER D 10 -25.59 56.15 -68.93
CA SER D 10 -25.39 56.22 -67.48
C SER D 10 -24.20 55.38 -67.01
N PHE D 11 -23.61 55.73 -65.87
CA PHE D 11 -22.48 54.98 -65.42
C PHE D 11 -22.88 54.00 -64.35
N SER D 12 -22.39 52.78 -64.48
CA SER D 12 -22.70 51.70 -63.53
C SER D 12 -21.49 50.86 -63.17
N THR D 13 -21.53 50.30 -61.96
CA THR D 13 -20.45 49.46 -61.46
C THR D 13 -20.35 48.26 -62.38
N ARG D 14 -21.44 47.96 -63.05
CA ARG D 14 -21.51 46.85 -63.97
C ARG D 14 -20.98 47.25 -65.35
N GLY D 15 -20.72 48.55 -65.53
CA GLY D 15 -20.23 49.07 -66.79
C GLY D 15 -21.02 50.30 -67.26
N THR D 16 -20.57 50.95 -68.31
CA THR D 16 -21.30 52.12 -68.80
C THR D 16 -22.43 51.63 -69.73
N GLN D 17 -23.66 52.08 -69.44
CA GLN D 17 -24.88 51.69 -70.17
C GLN D 17 -25.15 52.42 -71.50
N ASN D 18 -25.54 51.66 -72.52
CA ASN D 18 -25.84 52.27 -73.80
C ASN D 18 -24.65 53.05 -74.30
N TRP D 19 -23.54 52.36 -74.51
CA TRP D 19 -22.37 53.03 -75.00
C TRP D 19 -21.49 51.97 -75.60
N THR D 20 -21.69 51.75 -76.89
CA THR D 20 -20.93 50.78 -77.66
C THR D 20 -19.84 51.50 -78.40
N VAL D 21 -18.98 50.75 -79.06
CA VAL D 21 -17.89 51.36 -79.78
C VAL D 21 -18.47 52.12 -80.91
N GLU D 22 -19.37 51.47 -81.62
CA GLU D 22 -19.99 52.10 -82.73
C GLU D 22 -20.51 53.47 -82.32
N ARG D 23 -21.10 53.58 -81.14
CA ARG D 23 -21.64 54.87 -80.73
C ARG D 23 -20.54 55.90 -80.46
N LEU D 24 -19.40 55.42 -79.94
CA LEU D 24 -18.26 56.28 -79.62
C LEU D 24 -17.76 56.89 -80.92
N LEU D 25 -17.55 56.03 -81.90
CA LEU D 25 -17.05 56.48 -83.17
C LEU D 25 -17.94 57.56 -83.75
N GLN D 26 -19.24 57.46 -83.52
CA GLN D 26 -20.15 58.45 -84.04
C GLN D 26 -20.01 59.76 -83.28
N ALA D 27 -19.96 59.68 -81.96
CA ALA D 27 -19.84 60.89 -81.17
C ALA D 27 -18.52 61.56 -81.50
N HIS D 28 -17.49 60.76 -81.74
CA HIS D 28 -16.18 61.28 -82.06
C HIS D 28 -16.22 62.09 -83.35
N ARG D 29 -16.65 61.49 -84.45
CA ARG D 29 -16.73 62.20 -85.72
C ARG D 29 -17.38 63.56 -85.59
N GLN D 30 -18.58 63.54 -85.03
CA GLN D 30 -19.39 64.74 -84.82
C GLN D 30 -18.73 65.80 -83.95
N LEU D 31 -17.78 65.42 -83.11
CA LEU D 31 -17.09 66.39 -82.28
C LEU D 31 -15.98 67.03 -83.14
N GLU D 32 -15.51 66.27 -84.12
CA GLU D 32 -14.45 66.74 -85.02
C GLU D 32 -15.05 67.64 -86.07
N GLU D 33 -16.27 67.32 -86.47
CA GLU D 33 -16.98 68.10 -87.46
C GLU D 33 -17.34 69.44 -86.84
N ARG D 34 -17.44 69.46 -85.52
CA ARG D 34 -17.79 70.69 -84.83
C ARG D 34 -16.53 71.41 -84.43
N GLY D 35 -15.40 70.90 -84.91
CA GLY D 35 -14.13 71.52 -84.60
C GLY D 35 -13.54 71.21 -83.22
N TYR D 36 -13.78 70.02 -82.69
CA TYR D 36 -13.20 69.69 -81.39
C TYR D 36 -12.11 68.64 -81.58
N VAL D 37 -11.13 68.63 -80.68
CA VAL D 37 -10.07 67.66 -80.79
C VAL D 37 -9.90 66.98 -79.45
N PHE D 38 -9.59 65.70 -79.50
CA PHE D 38 -9.39 64.87 -78.32
C PHE D 38 -8.00 65.15 -77.74
N VAL D 39 -7.92 65.49 -76.46
CA VAL D 39 -6.64 65.76 -75.78
C VAL D 39 -6.23 64.73 -74.74
N GLY D 40 -7.16 63.86 -74.34
CA GLY D 40 -6.81 62.84 -73.36
C GLY D 40 -7.92 62.09 -72.64
N TYR D 41 -7.51 61.17 -71.78
CA TYR D 41 -8.43 60.38 -70.99
C TYR D 41 -8.39 60.87 -69.55
N HIS D 42 -9.50 60.69 -68.83
CA HIS D 42 -9.63 61.07 -67.41
C HIS D 42 -10.41 59.99 -66.68
N GLY D 43 -9.77 59.34 -65.70
CA GLY D 43 -10.42 58.31 -64.92
C GLY D 43 -11.02 58.92 -63.67
N THR D 44 -12.12 58.37 -63.18
CA THR D 44 -12.73 58.92 -61.97
C THR D 44 -13.84 58.00 -61.45
N PHE D 45 -14.46 58.35 -60.32
CA PHE D 45 -15.51 57.50 -59.78
C PHE D 45 -16.89 57.79 -60.32
N LEU D 46 -17.70 56.72 -60.36
CA LEU D 46 -19.04 56.76 -60.89
C LEU D 46 -19.80 58.05 -60.80
N GLU D 47 -20.01 58.54 -59.59
CA GLU D 47 -20.76 59.76 -59.48
C GLU D 47 -20.08 60.89 -60.26
N ALA D 48 -18.78 61.11 -60.01
CA ALA D 48 -18.05 62.16 -60.70
C ALA D 48 -18.29 62.10 -62.21
N ALA D 49 -17.95 60.98 -62.82
CA ALA D 49 -18.15 60.81 -64.24
C ALA D 49 -19.48 61.42 -64.65
N GLN D 50 -20.56 60.83 -64.17
CA GLN D 50 -21.90 61.29 -64.45
C GLN D 50 -21.93 62.81 -64.43
N SER D 51 -21.42 63.38 -63.35
CA SER D 51 -21.40 64.81 -63.20
C SER D 51 -20.71 65.45 -64.39
N ILE D 52 -19.51 64.98 -64.68
CA ILE D 52 -18.75 65.54 -65.78
C ILE D 52 -19.49 65.47 -67.11
N VAL D 53 -19.96 64.27 -67.47
CA VAL D 53 -20.61 64.11 -68.76
C VAL D 53 -21.96 64.83 -68.89
N PHE D 54 -22.58 65.16 -67.77
CA PHE D 54 -23.84 65.90 -67.81
C PHE D 54 -23.71 67.08 -66.84
N GLY D 55 -23.23 68.22 -67.34
CA GLY D 55 -23.04 69.40 -66.50
C GLY D 55 -21.63 69.91 -66.72
N GLY D 56 -20.81 69.05 -67.31
CA GLY D 56 -19.44 69.39 -67.63
C GLY D 56 -18.43 69.57 -66.52
N VAL D 57 -17.17 69.35 -66.85
CA VAL D 57 -16.06 69.49 -65.91
C VAL D 57 -16.24 70.86 -65.38
N ARG D 58 -15.82 71.10 -64.15
CA ARG D 58 -15.98 72.44 -63.58
C ARG D 58 -15.26 72.59 -62.25
N ALA D 59 -14.35 73.54 -62.15
CA ALA D 59 -13.66 73.77 -60.90
C ALA D 59 -14.70 74.08 -59.83
N ARG D 60 -14.33 74.03 -58.56
CA ARG D 60 -15.28 74.34 -57.49
C ARG D 60 -14.49 74.55 -56.23
N SER D 61 -14.41 75.79 -55.79
CA SER D 61 -13.68 76.08 -54.56
C SER D 61 -12.29 75.50 -54.56
N GLN D 62 -11.44 75.92 -55.48
CA GLN D 62 -10.09 75.40 -55.47
C GLN D 62 -9.31 76.27 -54.50
N ASP D 63 -8.16 75.78 -54.07
CA ASP D 63 -7.33 76.54 -53.16
C ASP D 63 -6.63 77.56 -54.05
N LEU D 64 -7.04 78.82 -53.96
CA LEU D 64 -6.45 79.87 -54.79
C LEU D 64 -4.94 80.10 -54.61
N ASP D 65 -4.31 79.46 -53.62
CA ASP D 65 -2.87 79.64 -53.39
C ASP D 65 -2.10 78.54 -54.10
N ALA D 66 -2.80 77.46 -54.44
CA ALA D 66 -2.23 76.31 -55.12
C ALA D 66 -2.02 76.62 -56.61
N ILE D 67 -0.76 76.67 -57.03
CA ILE D 67 -0.44 77.01 -58.41
C ILE D 67 -0.60 75.94 -59.48
N TRP D 68 -0.51 74.67 -59.13
CA TRP D 68 -0.71 73.66 -60.15
C TRP D 68 -2.14 73.14 -60.12
N ARG D 69 -3.10 73.97 -59.70
CA ARG D 69 -4.49 73.52 -59.66
C ARG D 69 -5.01 73.42 -61.10
N GLY D 70 -5.99 72.57 -61.34
CA GLY D 70 -6.51 72.40 -62.69
C GLY D 70 -7.06 70.99 -62.92
N PHE D 71 -7.31 70.62 -64.17
CA PHE D 71 -7.88 69.30 -64.51
C PHE D 71 -6.80 68.38 -65.08
N TYR D 72 -6.50 67.34 -64.35
CA TYR D 72 -5.48 66.40 -64.76
C TYR D 72 -6.02 65.31 -65.67
N ILE D 73 -5.34 65.12 -66.79
CA ILE D 73 -5.72 64.07 -67.74
C ILE D 73 -4.47 63.41 -68.32
N ALA D 74 -4.66 62.42 -69.19
CA ALA D 74 -3.53 61.73 -69.74
C ALA D 74 -3.83 61.11 -71.08
N GLY D 75 -2.81 61.13 -71.92
CA GLY D 75 -2.96 60.55 -73.24
C GLY D 75 -3.04 59.03 -73.17
N ASP D 76 -2.33 58.40 -72.23
CA ASP D 76 -2.36 56.93 -72.11
C ASP D 76 -3.54 56.53 -71.21
N PRO D 77 -4.57 55.85 -71.77
CA PRO D 77 -5.66 55.49 -70.87
C PRO D 77 -5.09 54.81 -69.63
N ALA D 78 -4.13 53.93 -69.86
CA ALA D 78 -3.47 53.20 -68.79
C ALA D 78 -3.18 54.05 -67.56
N LEU D 79 -2.71 55.27 -67.74
CA LEU D 79 -2.41 56.09 -66.58
C LEU D 79 -3.66 56.71 -65.97
N ALA D 80 -4.67 56.91 -66.79
CA ALA D 80 -5.88 57.50 -66.28
C ALA D 80 -6.61 56.43 -65.51
N TYR D 81 -6.66 55.27 -66.13
CA TYR D 81 -7.32 54.11 -65.60
C TYR D 81 -7.15 53.94 -64.10
N GLY D 82 -5.91 54.03 -63.64
CA GLY D 82 -5.67 53.85 -62.22
C GLY D 82 -6.45 54.71 -61.27
N TYR D 83 -7.12 55.73 -61.79
CA TYR D 83 -7.89 56.65 -60.96
C TYR D 83 -9.38 56.39 -61.06
N ALA D 84 -9.77 55.46 -61.93
CA ALA D 84 -11.18 55.13 -62.11
C ALA D 84 -11.71 54.19 -61.03
N GLN D 85 -11.79 54.67 -59.79
CA GLN D 85 -12.25 53.85 -58.70
C GLN D 85 -12.40 54.74 -57.49
N ASP D 86 -13.32 54.37 -56.58
CA ASP D 86 -13.53 55.15 -55.36
C ASP D 86 -12.20 55.20 -54.66
N GLN D 87 -11.93 56.31 -53.98
CA GLN D 87 -10.67 56.39 -53.28
C GLN D 87 -10.87 56.31 -51.80
N GLU D 88 -11.90 55.57 -51.43
CA GLU D 88 -12.25 55.31 -50.06
C GLU D 88 -13.52 54.48 -50.07
N PRO D 89 -13.59 53.49 -49.16
CA PRO D 89 -14.69 52.54 -48.97
C PRO D 89 -16.05 53.11 -48.72
N ASP D 90 -17.00 52.19 -48.62
CA ASP D 90 -18.40 52.47 -48.35
C ASP D 90 -18.62 51.86 -46.96
N ALA D 91 -19.78 52.08 -46.37
CA ALA D 91 -20.08 51.55 -45.04
C ALA D 91 -19.83 50.03 -44.90
N ARG D 92 -19.78 49.31 -46.01
CA ARG D 92 -19.54 47.86 -45.97
C ARG D 92 -18.23 47.38 -46.64
N GLY D 93 -17.13 48.01 -46.22
CA GLY D 93 -15.81 47.68 -46.71
C GLY D 93 -15.48 47.76 -48.18
N ARG D 94 -16.49 47.82 -49.05
CA ARG D 94 -16.25 47.85 -50.48
C ARG D 94 -15.80 49.18 -51.14
N ILE D 95 -15.05 49.03 -52.23
CA ILE D 95 -14.51 50.12 -53.05
C ILE D 95 -14.78 49.73 -54.49
N ARG D 96 -15.81 50.31 -55.10
CA ARG D 96 -16.15 49.94 -56.47
C ARG D 96 -15.43 50.68 -57.59
N ASN D 97 -15.32 50.03 -58.74
CA ASN D 97 -14.67 50.61 -59.90
C ASN D 97 -15.32 51.91 -60.31
N GLY D 98 -14.64 52.62 -61.19
CA GLY D 98 -15.15 53.88 -61.68
C GLY D 98 -15.31 53.78 -63.18
N ALA D 99 -14.99 54.86 -63.90
CA ALA D 99 -15.12 54.87 -65.34
C ALA D 99 -14.11 55.77 -66.05
N LEU D 100 -13.84 55.44 -67.31
CA LEU D 100 -12.90 56.20 -68.10
C LEU D 100 -13.55 57.22 -69.02
N LEU D 101 -13.15 58.48 -68.86
CA LEU D 101 -13.69 59.56 -69.66
C LEU D 101 -12.70 60.07 -70.72
N ARG D 102 -13.24 60.48 -71.86
CA ARG D 102 -12.45 61.02 -72.99
C ARG D 102 -12.58 62.53 -73.01
N VAL D 103 -11.45 63.22 -72.97
CA VAL D 103 -11.52 64.66 -72.98
C VAL D 103 -11.31 65.25 -74.36
N TYR D 104 -12.18 66.21 -74.69
CA TYR D 104 -12.13 66.95 -75.95
C TYR D 104 -12.18 68.46 -75.63
N VAL D 105 -11.40 69.25 -76.37
CA VAL D 105 -11.40 70.70 -76.18
C VAL D 105 -11.67 71.36 -77.54
N PRO D 106 -11.97 72.65 -77.53
CA PRO D 106 -12.22 73.29 -78.81
C PRO D 106 -10.84 73.38 -79.43
N ARG D 107 -10.76 72.96 -80.67
CA ARG D 107 -9.51 72.98 -81.39
C ARG D 107 -8.89 74.35 -81.29
N SER D 108 -9.74 75.36 -81.26
CA SER D 108 -9.32 76.74 -81.18
C SER D 108 -8.47 77.04 -79.98
N SER D 109 -8.08 76.02 -79.23
CA SER D 109 -7.29 76.32 -78.06
C SER D 109 -5.94 75.62 -78.10
N LEU D 110 -5.72 74.85 -79.16
CA LEU D 110 -4.45 74.14 -79.31
C LEU D 110 -3.26 75.06 -79.09
N PRO D 111 -3.39 76.35 -79.47
CA PRO D 111 -2.30 77.31 -79.28
C PRO D 111 -1.82 77.38 -77.82
N GLY D 112 -2.67 76.97 -76.89
CA GLY D 112 -2.30 77.04 -75.48
C GLY D 112 -1.78 75.76 -74.86
N PHE D 113 -1.66 74.70 -75.65
CA PHE D 113 -1.16 73.43 -75.13
C PHE D 113 0.35 73.35 -75.35
N TYR D 114 1.12 73.19 -74.26
CA TYR D 114 2.57 73.07 -74.37
C TYR D 114 3.03 71.77 -73.69
N ARG D 115 4.31 71.46 -73.81
CA ARG D 115 4.85 70.26 -73.21
C ARG D 115 6.24 70.52 -72.66
N THR D 116 6.73 69.59 -71.85
CA THR D 116 8.06 69.73 -71.25
C THR D 116 8.56 68.39 -70.78
N SER D 117 9.86 68.31 -70.51
CA SER D 117 10.41 67.06 -70.06
C SER D 117 10.54 67.01 -68.56
N LEU D 118 10.39 68.17 -67.92
CA LEU D 118 10.52 68.25 -66.47
C LEU D 118 9.28 67.62 -65.82
N THR D 119 9.34 67.32 -64.54
CA THR D 119 8.19 66.71 -63.90
C THR D 119 7.34 67.76 -63.23
N LEU D 120 6.06 67.74 -63.59
CA LEU D 120 5.05 68.70 -63.14
C LEU D 120 4.88 69.25 -61.73
N ALA D 121 4.37 68.44 -60.81
CA ALA D 121 4.10 68.88 -59.43
C ALA D 121 5.08 69.78 -58.65
N ALA D 122 6.38 69.73 -58.96
CA ALA D 122 7.35 70.53 -58.18
C ALA D 122 7.76 71.93 -58.68
N PRO D 123 8.51 72.67 -57.86
CA PRO D 123 8.97 74.02 -58.19
C PRO D 123 9.94 74.08 -59.38
N GLU D 124 10.91 73.17 -59.40
CA GLU D 124 11.90 73.17 -60.47
C GLU D 124 11.27 73.38 -61.82
N ALA D 125 10.07 72.87 -62.03
CA ALA D 125 9.38 73.01 -63.31
C ALA D 125 8.53 74.26 -63.44
N ALA D 126 8.08 74.77 -62.30
CA ALA D 126 7.25 75.94 -62.29
C ALA D 126 7.74 76.93 -63.34
N GLY D 127 8.89 77.53 -63.09
CA GLY D 127 9.44 78.52 -64.00
C GLY D 127 9.44 78.18 -65.47
N GLU D 128 9.88 76.97 -65.77
CA GLU D 128 9.96 76.56 -67.15
C GLU D 128 8.55 76.52 -67.68
N VAL D 129 7.64 76.05 -66.85
CA VAL D 129 6.30 75.98 -67.32
C VAL D 129 5.87 77.38 -67.60
N GLU D 130 6.13 78.27 -66.66
CA GLU D 130 5.72 79.65 -66.82
C GLU D 130 6.40 80.29 -68.01
N ARG D 131 7.62 79.89 -68.31
CA ARG D 131 8.28 80.48 -69.44
C ARG D 131 7.48 80.15 -70.70
N LEU D 132 7.01 78.90 -70.79
CA LEU D 132 6.25 78.45 -71.96
C LEU D 132 4.86 79.04 -72.00
N ILE D 133 4.14 78.92 -70.90
CA ILE D 133 2.78 79.41 -70.82
C ILE D 133 2.67 80.88 -71.17
N GLY D 134 3.65 81.68 -70.73
CA GLY D 134 3.61 83.11 -71.02
C GLY D 134 3.11 83.99 -69.89
N HIS D 135 3.03 83.46 -68.69
CA HIS D 135 2.56 84.20 -67.52
C HIS D 135 2.79 83.35 -66.27
N PRO D 136 2.66 83.93 -65.08
CA PRO D 136 2.89 83.08 -63.89
C PRO D 136 1.79 82.04 -63.72
N LEU D 137 2.05 80.99 -62.96
CA LEU D 137 1.03 79.97 -62.73
C LEU D 137 -0.02 80.60 -61.84
N PRO D 138 -1.19 79.98 -61.72
CA PRO D 138 -1.62 78.73 -62.34
C PRO D 138 -1.83 78.87 -63.84
N LEU D 139 -2.09 77.75 -64.49
CA LEU D 139 -2.35 77.77 -65.90
C LEU D 139 -3.75 78.32 -65.97
N ARG D 140 -4.09 78.95 -67.07
CA ARG D 140 -5.44 79.49 -67.23
C ARG D 140 -6.05 78.92 -68.51
N LEU D 141 -5.89 79.65 -69.61
CA LEU D 141 -6.42 79.18 -70.89
C LEU D 141 -5.24 78.59 -71.67
N ASP D 142 -4.63 77.56 -71.07
CA ASP D 142 -3.51 76.86 -71.65
C ASP D 142 -3.35 75.58 -70.86
N ALA D 143 -2.51 74.68 -71.37
CA ALA D 143 -2.28 73.42 -70.70
C ALA D 143 -0.81 73.03 -70.82
N ILE D 144 -0.32 72.15 -69.95
CA ILE D 144 1.07 71.70 -70.02
C ILE D 144 1.16 70.22 -69.86
N THR D 145 2.00 69.58 -70.67
CA THR D 145 2.17 68.13 -70.59
C THR D 145 3.59 67.78 -70.18
N GLY D 146 3.69 66.83 -69.25
CA GLY D 146 4.99 66.38 -68.77
C GLY D 146 4.96 65.11 -67.93
N PRO D 147 6.11 64.44 -67.82
CA PRO D 147 6.24 63.22 -67.02
C PRO D 147 5.57 63.34 -65.66
N GLU D 148 4.73 62.38 -65.34
CA GLU D 148 4.00 62.35 -64.06
C GLU D 148 5.05 62.49 -62.93
N GLU D 149 6.20 61.87 -63.16
CA GLU D 149 7.35 61.88 -62.24
C GLU D 149 8.44 61.18 -63.04
N GLU D 150 9.68 61.39 -62.62
CA GLU D 150 10.80 60.79 -63.32
C GLU D 150 10.55 59.43 -63.92
N GLY D 151 10.66 59.38 -65.26
CA GLY D 151 10.43 58.14 -65.97
C GLY D 151 8.99 57.66 -66.02
N GLY D 152 8.10 58.28 -65.28
CA GLY D 152 6.71 57.87 -65.34
C GLY D 152 6.08 58.28 -66.67
N ARG D 153 4.80 57.95 -66.83
CA ARG D 153 4.09 58.29 -68.05
C ARG D 153 3.73 59.78 -68.01
N LEU D 154 3.23 60.30 -69.11
CA LEU D 154 2.89 61.72 -69.18
C LEU D 154 1.49 62.07 -68.73
N GLU D 155 1.37 63.20 -68.07
CA GLU D 155 0.08 63.63 -67.63
C GLU D 155 -0.10 65.05 -68.05
N THR D 156 -1.31 65.36 -68.48
CA THR D 156 -1.64 66.70 -68.93
C THR D 156 -2.41 67.46 -67.84
N ILE D 157 -2.06 68.73 -67.64
CA ILE D 157 -2.74 69.51 -66.64
C ILE D 157 -3.45 70.67 -67.27
N LEU D 158 -4.71 70.47 -67.61
CA LEU D 158 -5.48 71.54 -68.23
C LEU D 158 -5.79 72.55 -67.14
N GLY D 159 -5.69 73.85 -67.46
CA GLY D 159 -6.02 74.90 -66.50
C GLY D 159 -7.53 75.00 -66.34
N TRP D 160 -8.00 75.43 -65.18
CA TRP D 160 -9.44 75.49 -64.97
C TRP D 160 -10.23 76.25 -66.04
N PRO D 161 -9.72 77.39 -66.50
CA PRO D 161 -10.52 78.08 -67.51
C PRO D 161 -10.63 77.26 -68.80
N LEU D 162 -9.53 76.62 -69.20
CA LEU D 162 -9.53 75.80 -70.39
C LEU D 162 -10.43 74.61 -70.16
N ALA D 163 -10.26 73.98 -69.00
CA ALA D 163 -11.02 72.80 -68.64
C ALA D 163 -12.52 72.93 -68.72
N GLU D 164 -13.01 74.11 -68.36
CA GLU D 164 -14.44 74.31 -68.39
C GLU D 164 -14.90 74.36 -69.83
N ARG D 165 -14.00 74.64 -70.75
CA ARG D 165 -14.49 74.69 -72.09
C ARG D 165 -14.46 73.31 -72.72
N THR D 166 -14.04 72.34 -71.93
CA THR D 166 -13.98 70.98 -72.42
C THR D 166 -15.35 70.40 -72.63
N VAL D 167 -15.36 69.22 -73.24
CA VAL D 167 -16.55 68.43 -73.51
C VAL D 167 -16.12 67.00 -73.26
N VAL D 168 -16.79 66.34 -72.33
CA VAL D 168 -16.39 64.99 -72.00
C VAL D 168 -17.43 63.93 -72.28
N ILE D 169 -16.98 62.82 -72.82
CA ILE D 169 -17.85 61.68 -73.13
C ILE D 169 -17.24 60.39 -72.58
N PRO D 170 -18.00 59.29 -72.57
CA PRO D 170 -17.53 58.00 -72.06
C PRO D 170 -16.56 57.31 -72.98
N SER D 171 -15.79 56.38 -72.44
CA SER D 171 -14.82 55.62 -73.20
C SER D 171 -15.40 54.25 -73.47
N ALA D 172 -14.82 53.53 -74.42
CA ALA D 172 -15.32 52.20 -74.70
C ALA D 172 -14.43 51.26 -73.92
N ILE D 173 -13.45 51.82 -73.26
CA ILE D 173 -12.54 51.02 -72.45
C ILE D 173 -13.22 50.84 -71.11
N PRO D 174 -13.44 49.59 -70.71
CA PRO D 174 -14.10 49.34 -69.43
C PRO D 174 -13.20 49.12 -68.21
N THR D 175 -13.71 49.47 -67.04
CA THR D 175 -12.99 49.27 -65.80
C THR D 175 -13.45 47.91 -65.29
N ASP D 176 -12.60 47.19 -64.57
CA ASP D 176 -12.98 45.87 -64.07
C ASP D 176 -13.58 45.86 -62.65
N PRO D 177 -14.82 45.40 -62.52
CA PRO D 177 -15.52 45.34 -61.24
C PRO D 177 -14.93 44.25 -60.36
N ARG D 178 -14.61 43.13 -60.99
CA ARG D 178 -14.05 42.01 -60.28
C ARG D 178 -12.54 42.13 -60.15
N ASN D 179 -11.97 43.31 -60.37
CA ASN D 179 -10.52 43.49 -60.27
C ASN D 179 -10.05 44.91 -59.96
N VAL D 180 -10.85 45.63 -59.21
CA VAL D 180 -10.50 46.96 -58.85
C VAL D 180 -9.07 46.94 -58.37
N GLY D 181 -8.29 47.93 -58.79
CA GLY D 181 -6.93 47.98 -58.34
C GLY D 181 -5.97 47.50 -59.37
N GLY D 182 -6.44 46.64 -60.27
CA GLY D 182 -5.53 46.14 -61.30
C GLY D 182 -5.20 47.15 -62.38
N ASP D 183 -4.07 46.97 -63.07
CA ASP D 183 -3.63 47.85 -64.16
C ASP D 183 -4.33 47.49 -65.45
N LEU D 184 -4.65 48.51 -66.24
CA LEU D 184 -5.35 48.32 -67.49
C LEU D 184 -4.67 47.34 -68.45
N ASP D 185 -5.42 46.30 -68.80
CA ASP D 185 -4.99 45.28 -69.74
C ASP D 185 -5.10 45.85 -71.17
N PRO D 186 -3.96 46.13 -71.81
CA PRO D 186 -3.99 46.68 -73.17
C PRO D 186 -4.88 45.97 -74.15
N SER D 187 -5.14 44.70 -73.93
CA SER D 187 -5.99 43.99 -74.86
C SER D 187 -7.47 44.33 -74.68
N SER D 188 -7.79 45.13 -73.67
CA SER D 188 -9.19 45.48 -73.45
C SER D 188 -9.58 46.80 -74.09
N ILE D 189 -8.60 47.47 -74.71
CA ILE D 189 -8.87 48.72 -75.40
C ILE D 189 -9.42 48.30 -76.78
N PRO D 190 -10.61 48.80 -77.19
CA PRO D 190 -11.13 48.41 -78.51
C PRO D 190 -10.30 49.04 -79.63
N ASP D 191 -9.78 48.22 -80.54
CA ASP D 191 -8.96 48.74 -81.63
C ASP D 191 -9.57 50.01 -82.20
N LYS D 192 -10.80 49.93 -82.67
CA LYS D 192 -11.44 51.09 -83.22
C LYS D 192 -11.24 52.28 -82.32
N GLU D 193 -11.16 52.06 -81.02
CA GLU D 193 -10.96 53.21 -80.16
C GLU D 193 -9.51 53.66 -80.23
N GLN D 194 -8.61 52.71 -80.44
CA GLN D 194 -7.20 53.06 -80.51
C GLN D 194 -6.97 53.87 -81.77
N ALA D 195 -7.83 53.66 -82.76
CA ALA D 195 -7.71 54.37 -84.01
C ALA D 195 -8.09 55.86 -83.91
N ILE D 196 -8.91 56.21 -82.92
CA ILE D 196 -9.32 57.60 -82.75
C ILE D 196 -8.69 58.28 -81.54
N SER D 197 -7.60 57.72 -81.02
CA SER D 197 -6.99 58.29 -79.83
C SER D 197 -5.64 58.94 -79.98
N ALA D 198 -5.24 59.24 -81.20
CA ALA D 198 -3.96 59.87 -81.37
C ALA D 198 -4.09 61.23 -80.74
N LEU D 199 -2.99 61.74 -80.24
CA LEU D 199 -2.99 63.03 -79.60
C LEU D 199 -2.45 64.12 -80.52
N PRO D 200 -2.70 65.38 -80.17
CA PRO D 200 -2.22 66.51 -80.95
C PRO D 200 -0.73 66.67 -80.69
N ASP D 201 0.00 67.28 -81.62
CA ASP D 201 1.42 67.50 -81.38
C ASP D 201 1.47 68.84 -80.62
N TYR D 202 2.07 68.83 -79.44
CA TYR D 202 2.15 70.03 -78.60
C TYR D 202 3.39 70.93 -78.81
N ALA D 203 3.24 72.20 -78.49
CA ALA D 203 4.31 73.17 -78.64
C ALA D 203 5.36 72.98 -77.57
N SER D 204 6.61 73.00 -77.97
CA SER D 204 7.66 72.82 -77.00
C SER D 204 8.44 74.10 -76.79
N GLN D 205 8.02 75.16 -77.47
CA GLN D 205 8.71 76.43 -77.37
C GLN D 205 7.66 77.52 -77.17
N PRO D 206 7.92 78.46 -76.26
CA PRO D 206 7.02 79.57 -75.94
C PRO D 206 6.18 80.13 -77.11
N GLY D 207 4.95 80.53 -76.80
CA GLY D 207 4.05 81.07 -77.80
C GLY D 207 4.67 82.16 -78.65
N VAL E 2 3.94 -26.94 65.20
CA VAL E 2 3.57 -26.11 66.38
C VAL E 2 4.80 -25.42 66.99
N ALA E 3 4.62 -24.23 67.55
CA ALA E 3 5.72 -23.48 68.15
C ALA E 3 6.03 -23.97 69.56
N PHE E 4 7.28 -24.37 69.78
CA PHE E 4 7.68 -24.85 71.10
C PHE E 4 8.78 -23.96 71.68
N THR E 5 8.83 -23.88 73.00
CA THR E 5 9.84 -23.09 73.69
C THR E 5 11.05 -23.99 73.89
N VAL E 6 12.23 -23.39 74.05
CA VAL E 6 13.43 -24.17 74.23
C VAL E 6 13.21 -25.24 75.32
N ASP E 7 12.46 -24.88 76.36
CA ASP E 7 12.17 -25.82 77.45
C ASP E 7 11.40 -27.02 76.94
N GLN E 8 10.25 -26.77 76.32
CA GLN E 8 9.40 -27.82 75.78
C GLN E 8 10.24 -28.79 74.97
N MET E 9 10.95 -28.27 73.98
CA MET E 9 11.83 -29.11 73.18
C MET E 9 12.73 -29.84 74.15
N ARG E 10 13.48 -29.06 74.92
CA ARG E 10 14.41 -29.58 75.93
C ARG E 10 13.81 -30.73 76.73
N SER E 11 12.63 -30.50 77.31
CA SER E 11 11.95 -31.52 78.09
C SER E 11 11.64 -32.73 77.20
N LEU E 12 11.25 -32.44 75.96
CA LEU E 12 10.91 -33.46 74.98
C LEU E 12 12.11 -34.37 74.71
N MET E 13 13.29 -33.76 74.55
CA MET E 13 14.52 -34.48 74.28
C MET E 13 15.04 -35.37 75.41
N ASP E 14 14.46 -35.23 76.60
CA ASP E 14 14.88 -36.06 77.72
C ASP E 14 14.21 -37.40 77.58
N LYS E 15 12.98 -37.37 77.10
CA LYS E 15 12.24 -38.60 76.89
C LYS E 15 12.70 -39.23 75.58
N VAL E 16 13.90 -39.82 75.61
CA VAL E 16 14.50 -40.46 74.44
C VAL E 16 13.66 -41.62 73.90
N THR E 17 13.02 -42.37 74.80
CA THR E 17 12.18 -43.49 74.38
C THR E 17 11.00 -43.01 73.52
N ASN E 18 10.80 -41.69 73.49
CA ASN E 18 9.73 -41.11 72.70
C ASN E 18 10.30 -40.26 71.59
N VAL E 19 11.44 -40.68 71.08
CA VAL E 19 12.08 -39.96 70.01
C VAL E 19 12.27 -40.85 68.81
N ARG E 20 12.21 -40.24 67.64
CA ARG E 20 12.36 -40.98 66.40
C ARG E 20 13.30 -40.28 65.42
N ASN E 21 14.52 -40.80 65.31
CA ASN E 21 15.49 -40.24 64.38
C ASN E 21 15.44 -41.09 63.10
N MET E 22 15.12 -40.47 61.97
CA MET E 22 15.04 -41.19 60.71
C MET E 22 15.26 -40.33 59.47
N SER E 23 15.18 -40.96 58.30
CA SER E 23 15.36 -40.29 57.03
C SER E 23 14.38 -40.88 56.02
N VAL E 24 14.26 -40.27 54.84
CA VAL E 24 13.33 -40.77 53.83
C VAL E 24 14.04 -41.36 52.61
N ILE E 25 13.90 -42.69 52.44
CA ILE E 25 14.50 -43.46 51.32
C ILE E 25 13.54 -43.48 50.12
N ALA E 26 13.79 -42.66 49.09
CA ALA E 26 12.88 -42.62 47.93
C ALA E 26 13.42 -41.86 46.71
N HIS E 27 13.14 -42.40 45.53
CA HIS E 27 13.58 -41.74 44.30
C HIS E 27 12.87 -40.40 44.29
N VAL E 28 13.58 -39.36 43.84
CA VAL E 28 13.02 -38.01 43.78
C VAL E 28 11.73 -37.87 42.95
N ASP E 29 11.59 -38.69 41.91
CA ASP E 29 10.40 -38.62 41.09
C ASP E 29 9.30 -39.57 41.54
N HIS E 30 9.34 -39.94 42.83
CA HIS E 30 8.35 -40.82 43.45
C HIS E 30 7.72 -40.09 44.64
N GLY E 31 7.67 -38.76 44.54
CA GLY E 31 7.10 -37.95 45.60
C GLY E 31 7.90 -37.97 46.90
N LYS E 32 9.22 -37.97 46.78
CA LYS E 32 10.06 -37.96 47.96
C LYS E 32 9.87 -36.65 48.71
N SER E 33 9.94 -35.53 47.98
CA SER E 33 9.80 -34.19 48.55
C SER E 33 8.36 -33.89 48.93
N THR E 34 7.46 -34.27 48.04
CA THR E 34 6.04 -34.04 48.27
C THR E 34 5.62 -34.68 49.58
N LEU E 35 5.91 -35.97 49.75
CA LEU E 35 5.56 -36.68 50.98
C LEU E 35 6.17 -36.02 52.23
N THR E 36 7.44 -35.61 52.15
CA THR E 36 8.15 -34.97 53.27
C THR E 36 7.49 -33.66 53.68
N ASP E 37 7.17 -32.85 52.68
CA ASP E 37 6.54 -31.57 52.94
C ASP E 37 5.23 -31.77 53.69
N SER E 38 4.54 -32.87 53.40
CA SER E 38 3.27 -33.14 54.05
C SER E 38 3.43 -33.43 55.53
N LEU E 39 4.58 -33.98 55.93
CA LEU E 39 4.80 -34.25 57.35
C LEU E 39 5.29 -32.97 58.02
N VAL E 40 5.82 -32.05 57.22
CA VAL E 40 6.31 -30.78 57.74
C VAL E 40 5.13 -29.85 57.96
N GLN E 41 4.28 -29.74 56.94
CA GLN E 41 3.07 -28.89 56.97
C GLN E 41 2.04 -29.50 57.91
N ARG E 42 2.46 -30.52 58.66
CA ARG E 42 1.57 -31.21 59.58
C ARG E 42 2.07 -31.26 61.03
N ALA E 43 3.27 -31.80 61.22
CA ALA E 43 3.85 -31.91 62.56
C ALA E 43 5.18 -31.17 62.69
N GLY E 44 5.41 -30.21 61.80
CA GLY E 44 6.63 -29.44 61.85
C GLY E 44 6.69 -28.63 63.12
N ILE E 45 7.87 -28.56 63.74
CA ILE E 45 8.05 -27.79 64.97
C ILE E 45 8.80 -26.45 64.79
N ILE E 46 8.16 -25.37 65.21
CA ILE E 46 8.76 -24.05 65.10
C ILE E 46 9.12 -23.63 66.50
N SER E 47 10.08 -22.73 66.62
CA SER E 47 10.48 -22.27 67.93
C SER E 47 9.59 -21.09 68.31
N ALA E 48 9.27 -20.95 69.60
CA ALA E 48 8.43 -19.84 70.07
C ALA E 48 9.22 -18.57 70.38
N GLY E 67 19.12 -14.29 64.28
CA GLY E 67 19.34 -13.91 62.89
C GLY E 67 20.29 -14.85 62.16
N ILE E 68 20.55 -16.01 62.74
CA ILE E 68 21.45 -16.99 62.14
C ILE E 68 20.67 -18.07 61.41
N THR E 69 20.78 -18.08 60.08
CA THR E 69 20.08 -19.05 59.24
C THR E 69 21.07 -20.13 58.75
N ILE E 70 20.65 -21.39 58.72
CA ILE E 70 21.53 -22.47 58.27
C ILE E 70 20.97 -23.21 57.05
N LYS E 71 21.80 -24.10 56.52
CA LYS E 71 21.40 -24.91 55.37
C LYS E 71 20.58 -26.07 55.92
N SER E 72 19.29 -26.09 55.62
CA SER E 72 18.41 -27.16 56.12
C SER E 72 18.98 -28.58 55.98
N THR E 73 19.14 -29.25 57.12
CA THR E 73 19.68 -30.60 57.18
C THR E 73 18.69 -31.56 57.83
N ALA E 74 18.02 -31.11 58.88
CA ALA E 74 17.07 -31.93 59.60
C ALA E 74 15.86 -31.10 60.00
N ILE E 75 14.72 -31.76 60.22
CA ILE E 75 13.49 -31.09 60.61
C ILE E 75 12.88 -31.78 61.83
N SER E 76 12.41 -30.99 62.80
CA SER E 76 11.80 -31.54 64.01
C SER E 76 10.29 -31.70 63.86
N LEU E 77 9.81 -32.93 64.07
CA LEU E 77 8.38 -33.23 63.96
C LEU E 77 7.74 -33.68 65.26
N TYR E 78 6.60 -33.09 65.61
CA TYR E 78 5.90 -33.44 66.84
C TYR E 78 4.65 -34.29 66.60
N SER E 79 4.46 -35.33 67.42
CA SER E 79 3.29 -36.20 67.30
C SER E 79 2.90 -36.76 68.67
N GLU E 80 1.60 -36.86 68.90
CA GLU E 80 1.09 -37.38 70.17
C GLU E 80 0.16 -38.57 69.95
N MET E 81 0.12 -39.47 70.93
CA MET E 81 -0.73 -40.67 70.86
C MET E 81 -1.45 -40.81 72.21
N SER E 82 -2.19 -41.91 72.39
CA SER E 82 -2.91 -42.15 73.65
C SER E 82 -2.26 -43.28 74.47
N ASP E 83 -2.54 -43.29 75.78
CA ASP E 83 -1.98 -44.30 76.70
C ASP E 83 -2.24 -45.76 76.27
N GLU E 84 -3.23 -45.96 75.41
CA GLU E 84 -3.58 -47.29 74.90
C GLU E 84 -2.69 -47.59 73.69
N ASP E 85 -2.37 -46.55 72.92
CA ASP E 85 -1.52 -46.69 71.75
C ASP E 85 -0.08 -46.80 72.20
N VAL E 86 0.25 -46.14 73.30
CA VAL E 86 1.60 -46.18 73.83
C VAL E 86 1.87 -47.59 74.37
N LYS E 87 0.81 -48.34 74.63
CA LYS E 87 0.93 -49.69 75.13
C LYS E 87 1.21 -50.67 73.98
N GLU E 88 0.72 -50.33 72.78
CA GLU E 88 0.87 -51.16 71.58
C GLU E 88 2.30 -51.31 71.02
N ILE E 89 3.12 -50.28 71.22
CA ILE E 89 4.50 -50.31 70.74
C ILE E 89 5.27 -51.29 71.62
N LYS E 90 5.68 -52.40 71.01
CA LYS E 90 6.42 -53.42 71.72
C LYS E 90 7.77 -52.85 72.22
N GLN E 91 7.86 -51.53 72.25
CA GLN E 91 9.07 -50.83 72.66
C GLN E 91 8.85 -49.92 73.87
N LYS E 92 9.80 -49.95 74.80
CA LYS E 92 9.73 -49.15 76.03
C LYS E 92 9.55 -47.67 75.73
N THR E 93 8.42 -47.12 76.17
CA THR E 93 8.14 -45.72 75.93
C THR E 93 7.75 -45.03 77.24
N ASP E 94 7.48 -43.72 77.15
CA ASP E 94 7.08 -42.92 78.30
C ASP E 94 6.48 -41.59 77.88
N GLY E 95 5.16 -41.51 77.96
CA GLY E 95 4.44 -40.31 77.58
C GLY E 95 3.62 -40.55 76.33
N ASN E 96 3.00 -39.49 75.82
CA ASN E 96 2.19 -39.59 74.62
C ASN E 96 2.75 -38.71 73.50
N SER E 97 3.65 -37.79 73.86
CA SER E 97 4.29 -36.87 72.92
C SER E 97 5.51 -37.55 72.27
N PHE E 98 5.76 -37.25 70.99
CA PHE E 98 6.89 -37.87 70.31
C PHE E 98 7.65 -36.90 69.42
N LEU E 99 8.98 -36.88 69.57
CA LEU E 99 9.84 -36.01 68.78
C LEU E 99 10.47 -36.78 67.61
N ILE E 100 10.14 -36.33 66.39
CA ILE E 100 10.63 -36.94 65.16
C ILE E 100 11.66 -36.06 64.45
N ASN E 101 12.88 -36.57 64.37
CA ASN E 101 13.96 -35.85 63.71
C ASN E 101 14.00 -36.31 62.26
N LEU E 102 13.54 -35.45 61.33
CA LEU E 102 13.56 -35.81 59.92
C LEU E 102 14.88 -35.36 59.27
N ILE E 103 15.87 -36.25 59.25
CA ILE E 103 17.20 -35.96 58.67
C ILE E 103 17.24 -36.08 57.16
N ASP E 104 17.37 -34.92 56.52
CA ASP E 104 17.43 -34.78 55.06
C ASP E 104 18.32 -35.85 54.37
N SER E 105 18.00 -36.12 53.10
CA SER E 105 18.72 -37.08 52.25
C SER E 105 18.89 -36.49 50.85
N PRO E 106 19.96 -36.91 50.14
CA PRO E 106 20.23 -36.41 48.80
C PRO E 106 19.16 -36.73 47.76
N GLY E 107 19.39 -36.27 46.53
CA GLY E 107 18.47 -36.52 45.43
C GLY E 107 19.01 -37.67 44.59
N HIS E 108 20.28 -37.57 44.18
CA HIS E 108 20.97 -38.60 43.39
C HIS E 108 21.71 -39.56 44.33
N VAL E 109 21.83 -40.82 43.92
CA VAL E 109 22.50 -41.83 44.74
C VAL E 109 24.01 -41.73 44.57
N ASP E 110 24.45 -40.92 43.62
CA ASP E 110 25.86 -40.73 43.33
C ASP E 110 26.54 -40.06 44.53
N PHE E 111 25.73 -39.52 45.44
CA PHE E 111 26.26 -38.87 46.62
C PHE E 111 26.72 -39.86 47.67
N SER E 112 26.83 -41.12 47.25
CA SER E 112 27.27 -42.24 48.11
C SER E 112 27.65 -41.91 49.55
N SER E 113 28.80 -41.29 49.70
CA SER E 113 29.34 -40.93 51.00
C SER E 113 28.36 -40.28 51.99
N GLU E 114 27.82 -39.11 51.64
CA GLU E 114 26.88 -38.41 52.52
C GLU E 114 25.55 -39.15 52.66
N VAL E 115 25.29 -40.10 51.77
CA VAL E 115 24.07 -40.91 51.84
C VAL E 115 24.25 -41.79 53.06
N THR E 116 25.38 -42.49 53.12
CA THR E 116 25.68 -43.35 54.25
C THR E 116 25.83 -42.49 55.49
N ALA E 117 26.11 -41.20 55.27
CA ALA E 117 26.26 -40.23 56.37
C ALA E 117 24.92 -40.11 57.09
N ALA E 118 23.92 -39.59 56.39
CA ALA E 118 22.58 -39.42 56.95
C ALA E 118 22.06 -40.74 57.55
N LEU E 119 22.48 -41.88 56.97
CA LEU E 119 22.06 -43.23 57.42
C LEU E 119 22.67 -43.67 58.75
N ARG E 120 23.96 -43.43 58.91
CA ARG E 120 24.66 -43.83 60.13
C ARG E 120 24.15 -43.13 61.39
N VAL E 121 23.50 -42.00 61.24
CA VAL E 121 22.99 -41.29 62.39
C VAL E 121 21.53 -41.59 62.70
N THR E 122 20.83 -42.24 61.78
CA THR E 122 19.40 -42.54 61.99
C THR E 122 19.13 -43.98 62.45
N ASP E 123 17.89 -44.22 62.88
CA ASP E 123 17.45 -45.52 63.37
C ASP E 123 16.43 -46.09 62.41
N GLY E 124 15.57 -45.21 61.91
CA GLY E 124 14.54 -45.64 60.99
C GLY E 124 14.71 -45.03 59.61
N ALA E 125 13.86 -45.48 58.68
CA ALA E 125 13.85 -45.01 57.29
C ALA E 125 12.46 -45.26 56.67
N LEU E 126 11.94 -44.25 55.99
CA LEU E 126 10.62 -44.35 55.36
C LEU E 126 10.82 -44.62 53.87
N VAL E 127 10.78 -45.90 53.47
CA VAL E 127 10.97 -46.29 52.07
C VAL E 127 9.72 -46.01 51.20
N VAL E 128 9.81 -44.98 50.36
CA VAL E 128 8.72 -44.55 49.45
C VAL E 128 8.81 -45.21 48.05
N VAL E 129 8.09 -46.33 47.91
CA VAL E 129 8.05 -47.09 46.66
C VAL E 129 6.88 -46.60 45.81
N ASP E 130 6.89 -46.92 44.52
CA ASP E 130 5.82 -46.50 43.61
C ASP E 130 4.78 -47.61 43.36
N THR E 131 3.56 -47.21 43.02
CA THR E 131 2.48 -48.17 42.77
C THR E 131 2.69 -48.91 41.45
N ILE E 132 2.90 -48.15 40.38
CA ILE E 132 3.12 -48.71 39.05
C ILE E 132 4.49 -49.35 38.84
N GLU E 133 5.57 -48.59 39.07
CA GLU E 133 6.93 -49.10 38.88
C GLU E 133 7.44 -49.98 40.02
N GLY E 134 6.83 -49.84 41.19
CA GLY E 134 7.26 -50.64 42.33
C GLY E 134 8.59 -50.16 42.86
N VAL E 135 9.42 -51.10 43.32
CA VAL E 135 10.73 -50.77 43.88
C VAL E 135 11.74 -50.64 42.74
N CYS E 136 12.18 -49.40 42.50
CA CYS E 136 13.17 -49.14 41.46
C CYS E 136 14.54 -49.57 41.96
N VAL E 137 15.50 -49.70 41.05
CA VAL E 137 16.85 -50.12 41.42
C VAL E 137 17.49 -49.22 42.49
N GLN E 138 17.37 -47.91 42.30
CA GLN E 138 17.91 -46.92 43.23
C GLN E 138 17.44 -47.02 44.69
N THR E 139 16.13 -46.97 44.92
CA THR E 139 15.57 -47.06 46.28
C THR E 139 15.91 -48.42 46.89
N GLU E 140 16.14 -49.42 46.04
CA GLU E 140 16.47 -50.78 46.46
C GLU E 140 17.90 -50.84 46.95
N THR E 141 18.75 -50.09 46.25
CA THR E 141 20.15 -50.02 46.60
C THR E 141 20.27 -49.36 47.96
N VAL E 142 19.76 -48.14 48.04
CA VAL E 142 19.78 -47.35 49.27
C VAL E 142 19.35 -48.23 50.43
N LEU E 143 18.33 -49.04 50.19
CA LEU E 143 17.80 -49.93 51.22
C LEU E 143 18.87 -50.94 51.67
N ARG E 144 19.55 -51.57 50.72
CA ARG E 144 20.59 -52.53 51.08
C ARG E 144 21.47 -51.85 52.11
N GLN E 145 21.67 -50.55 51.89
CA GLN E 145 22.48 -49.70 52.77
C GLN E 145 21.87 -49.56 54.17
N ALA E 146 20.68 -48.98 54.24
CA ALA E 146 20.01 -48.82 55.51
C ALA E 146 20.14 -50.15 56.27
N LEU E 147 19.97 -51.25 55.54
CA LEU E 147 20.05 -52.61 56.11
C LEU E 147 21.45 -52.92 56.64
N GLY E 148 22.46 -52.43 55.96
CA GLY E 148 23.81 -52.66 56.44
C GLY E 148 23.97 -51.91 57.75
N GLU E 149 23.30 -50.75 57.84
CA GLU E 149 23.34 -49.87 59.01
C GLU E 149 22.38 -50.29 60.14
N ARG E 150 21.59 -51.34 59.93
CA ARG E 150 20.64 -51.80 60.95
C ARG E 150 19.52 -50.79 61.18
N ILE E 151 18.95 -50.27 60.09
CA ILE E 151 17.86 -49.29 60.15
C ILE E 151 16.50 -49.97 59.85
N LYS E 152 15.53 -49.91 60.77
CA LYS E 152 14.22 -50.52 60.54
C LYS E 152 13.53 -49.86 59.34
N PRO E 153 13.01 -50.66 58.39
CA PRO E 153 12.36 -50.01 57.24
C PRO E 153 10.84 -49.90 57.42
N VAL E 154 10.25 -48.84 56.86
CA VAL E 154 8.80 -48.59 56.91
C VAL E 154 8.37 -48.25 55.48
N VAL E 155 7.48 -49.08 54.92
CA VAL E 155 7.03 -48.88 53.53
C VAL E 155 5.81 -48.01 53.31
N VAL E 156 5.83 -47.31 52.19
CA VAL E 156 4.78 -46.39 51.78
C VAL E 156 4.62 -46.43 50.27
N ILE E 157 3.58 -47.09 49.79
CA ILE E 157 3.36 -47.14 48.36
C ILE E 157 2.62 -45.87 47.94
N ASN E 158 3.38 -44.97 47.31
CA ASN E 158 2.92 -43.65 46.83
C ASN E 158 2.48 -43.61 45.35
N LYS E 159 1.76 -42.56 44.98
CA LYS E 159 1.26 -42.38 43.61
C LYS E 159 0.22 -43.43 43.21
N VAL E 160 -0.77 -43.67 44.06
CA VAL E 160 -1.82 -44.66 43.79
C VAL E 160 -2.83 -44.07 42.83
N ASP E 161 -2.89 -42.75 42.81
CA ASP E 161 -3.80 -42.03 41.93
C ASP E 161 -3.45 -42.34 40.48
N ARG E 162 -2.15 -42.47 40.21
CA ARG E 162 -1.62 -42.76 38.88
C ARG E 162 -2.12 -44.09 38.35
N ALA E 163 -2.44 -44.99 39.27
CA ALA E 163 -2.95 -46.31 38.93
C ALA E 163 -4.43 -46.26 38.53
N LEU E 164 -5.19 -45.36 39.14
CA LEU E 164 -6.62 -45.22 38.85
C LEU E 164 -6.86 -44.34 37.61
N LEU E 165 -6.58 -43.05 37.75
CA LEU E 165 -6.77 -42.09 36.66
C LEU E 165 -6.19 -42.57 35.32
N GLU E 166 -4.98 -43.14 35.34
CA GLU E 166 -4.35 -43.63 34.13
C GLU E 166 -4.86 -45.00 33.68
N LEU E 167 -4.33 -46.05 34.29
CA LEU E 167 -4.69 -47.43 33.94
C LEU E 167 -6.15 -47.83 34.15
N GLN E 168 -6.86 -47.10 35.02
CA GLN E 168 -8.25 -47.42 35.31
C GLN E 168 -8.31 -48.85 35.78
N VAL E 169 -7.38 -49.20 36.65
CA VAL E 169 -7.27 -50.55 37.20
C VAL E 169 -8.43 -50.90 38.14
N SER E 170 -8.83 -52.17 38.12
CA SER E 170 -9.92 -52.64 38.97
C SER E 170 -9.41 -52.81 40.39
N LYS E 171 -10.32 -53.15 41.29
CA LYS E 171 -9.95 -53.31 42.69
C LYS E 171 -8.99 -54.48 42.96
N GLU E 172 -9.26 -55.63 42.36
CA GLU E 172 -8.42 -56.83 42.54
C GLU E 172 -7.03 -56.68 41.92
N ASP E 173 -6.96 -56.17 40.70
CA ASP E 173 -5.68 -55.99 40.03
C ASP E 173 -4.77 -55.06 40.82
N LEU E 174 -5.34 -53.99 41.37
CA LEU E 174 -4.58 -53.03 42.16
C LEU E 174 -4.16 -53.67 43.48
N TYR E 175 -4.98 -54.59 43.97
CA TYR E 175 -4.65 -55.27 45.21
C TYR E 175 -3.44 -56.15 44.95
N GLN E 176 -3.47 -56.84 43.82
CA GLN E 176 -2.38 -57.73 43.42
C GLN E 176 -1.09 -56.92 43.28
N THR E 177 -1.22 -55.64 42.91
CA THR E 177 -0.08 -54.74 42.72
C THR E 177 0.72 -54.48 44.02
N PHE E 178 0.00 -54.24 45.11
CA PHE E 178 0.63 -53.96 46.39
C PHE E 178 1.28 -55.21 46.96
N ALA E 179 0.63 -56.36 46.76
CA ALA E 179 1.16 -57.62 47.25
C ALA E 179 2.44 -58.05 46.50
N ARG E 180 2.61 -57.63 45.25
CA ARG E 180 3.82 -57.97 44.48
C ARG E 180 4.88 -56.99 44.91
N THR E 181 4.45 -55.74 45.08
CA THR E 181 5.33 -54.66 45.50
C THR E 181 5.90 -54.96 46.90
N VAL E 182 5.03 -55.16 47.89
CA VAL E 182 5.50 -55.44 49.25
C VAL E 182 6.28 -56.74 49.31
N GLU E 183 6.07 -57.61 48.33
CA GLU E 183 6.79 -58.88 48.27
C GLU E 183 8.22 -58.58 47.81
N SER E 184 8.36 -57.77 46.76
CA SER E 184 9.68 -57.37 46.22
C SER E 184 10.50 -56.65 47.27
N VAL E 185 9.80 -55.96 48.17
CA VAL E 185 10.41 -55.23 49.27
C VAL E 185 10.95 -56.25 50.27
N ASN E 186 10.05 -57.11 50.78
CA ASN E 186 10.44 -58.13 51.76
C ASN E 186 11.60 -59.03 51.28
N VAL E 187 11.59 -59.43 50.01
CA VAL E 187 12.68 -60.26 49.46
C VAL E 187 14.02 -59.58 49.80
N ILE E 188 14.10 -58.28 49.49
CA ILE E 188 15.29 -57.48 49.77
C ILE E 188 15.48 -57.36 51.30
N VAL E 189 14.39 -57.07 52.00
CA VAL E 189 14.43 -56.92 53.44
C VAL E 189 14.97 -58.17 54.16
N SER E 190 14.45 -59.35 53.86
CA SER E 190 14.89 -60.60 54.49
C SER E 190 16.31 -60.96 54.11
N THR E 191 16.59 -60.75 52.83
CA THR E 191 17.89 -61.05 52.29
C THR E 191 19.00 -60.23 52.96
N TYR E 192 18.92 -58.89 52.91
CA TYR E 192 19.96 -58.01 53.49
C TYR E 192 19.79 -57.58 54.97
N ALA E 193 18.73 -58.03 55.62
CA ALA E 193 18.52 -57.66 57.02
C ALA E 193 19.20 -58.64 57.99
N ASP E 194 19.97 -58.07 58.91
CA ASP E 194 20.67 -58.84 59.90
C ASP E 194 19.75 -59.81 60.59
N GLU E 195 20.30 -60.95 60.95
CA GLU E 195 19.56 -61.99 61.63
C GLU E 195 19.24 -61.50 63.06
N VAL E 196 20.21 -60.79 63.64
CA VAL E 196 20.11 -60.25 64.99
C VAL E 196 18.85 -59.38 65.14
N LEU E 197 18.67 -58.45 64.20
CA LEU E 197 17.50 -57.56 64.20
C LEU E 197 16.21 -58.40 64.17
N GLY E 198 16.31 -59.65 63.77
CA GLY E 198 15.15 -60.52 63.68
C GLY E 198 14.38 -60.19 62.43
N ASP E 199 13.26 -60.85 62.17
CA ASP E 199 12.50 -60.53 60.98
C ASP E 199 12.03 -59.10 61.10
N VAL E 200 12.36 -58.29 60.10
CA VAL E 200 11.98 -56.86 60.11
C VAL E 200 11.12 -56.55 58.89
N GLN E 201 10.68 -57.61 58.20
CA GLN E 201 9.82 -57.50 57.02
C GLN E 201 8.60 -56.61 57.24
N VAL E 202 8.21 -55.87 56.21
CA VAL E 202 7.07 -54.97 56.29
C VAL E 202 5.77 -55.68 55.95
N TYR E 203 4.88 -55.71 56.93
CA TYR E 203 3.60 -56.37 56.76
C TYR E 203 2.48 -55.33 56.83
N PRO E 204 1.65 -55.21 55.76
CA PRO E 204 0.55 -54.26 55.75
C PRO E 204 -0.47 -54.54 56.86
N ALA E 205 -0.73 -55.83 57.10
CA ALA E 205 -1.68 -56.29 58.12
C ALA E 205 -1.24 -56.04 59.57
N ARG E 206 -0.06 -55.46 59.70
CA ARG E 206 0.48 -55.18 61.02
C ARG E 206 0.59 -53.66 61.19
N GLY E 207 0.46 -52.92 60.10
CA GLY E 207 0.53 -51.47 60.17
C GLY E 207 1.88 -50.87 59.80
N THR E 208 2.72 -51.66 59.12
CA THR E 208 4.04 -51.21 58.71
C THR E 208 4.10 -50.92 57.22
N VAL E 209 2.93 -50.73 56.61
CA VAL E 209 2.87 -50.45 55.19
C VAL E 209 1.63 -49.61 54.84
N ALA E 210 1.86 -48.37 54.39
CA ALA E 210 0.78 -47.46 54.02
C ALA E 210 0.66 -47.26 52.51
N PHE E 211 -0.49 -46.75 52.08
CA PHE E 211 -0.76 -46.56 50.66
C PHE E 211 -1.42 -45.21 50.45
N GLY E 212 -1.02 -44.52 49.39
CA GLY E 212 -1.62 -43.22 49.13
C GLY E 212 -0.92 -42.42 48.05
N SER E 213 -1.33 -41.18 47.87
CA SER E 213 -0.73 -40.30 46.87
C SER E 213 -0.38 -38.94 47.49
N GLY E 214 0.80 -38.44 47.16
CA GLY E 214 1.26 -37.17 47.69
C GLY E 214 0.65 -36.02 46.92
N LEU E 215 0.42 -36.23 45.62
CA LEU E 215 -0.17 -35.20 44.76
C LEU E 215 -1.51 -34.74 45.31
N HIS E 216 -2.39 -35.72 45.57
CA HIS E 216 -3.73 -35.47 46.11
C HIS E 216 -3.70 -35.24 47.62
N GLY E 217 -2.66 -35.74 48.28
CA GLY E 217 -2.52 -35.57 49.71
C GLY E 217 -3.21 -36.58 50.61
N TRP E 218 -3.32 -37.82 50.15
CA TRP E 218 -3.96 -38.86 50.95
C TRP E 218 -3.05 -40.09 51.08
N ALA E 219 -3.26 -40.86 52.15
CA ALA E 219 -2.47 -42.06 52.41
C ALA E 219 -3.11 -42.79 53.57
N PHE E 220 -3.08 -44.11 53.54
CA PHE E 220 -3.70 -44.88 54.60
C PHE E 220 -2.96 -46.14 55.02
N THR E 221 -3.22 -46.54 56.25
CA THR E 221 -2.62 -47.76 56.80
C THR E 221 -3.80 -48.66 57.13
N ILE E 222 -3.56 -49.96 57.03
CA ILE E 222 -4.61 -50.90 57.34
C ILE E 222 -5.12 -50.63 58.77
N ARG E 223 -4.22 -50.22 59.67
CA ARG E 223 -4.60 -49.96 61.07
C ARG E 223 -5.54 -48.77 61.22
N GLN E 224 -5.66 -47.96 60.17
CA GLN E 224 -6.54 -46.81 60.22
C GLN E 224 -7.96 -47.23 59.96
N PHE E 225 -8.17 -47.94 58.86
CA PHE E 225 -9.51 -48.40 58.54
C PHE E 225 -9.93 -49.53 59.47
N ALA E 226 -9.01 -49.94 60.33
CA ALA E 226 -9.22 -51.02 61.30
C ALA E 226 -9.76 -50.43 62.61
N THR E 227 -9.53 -49.14 62.80
CA THR E 227 -9.98 -48.43 63.99
C THR E 227 -11.36 -47.83 63.71
N ARG E 228 -11.70 -47.76 62.42
CA ARG E 228 -12.99 -47.23 61.95
C ARG E 228 -14.01 -48.38 61.95
N TYR E 229 -13.73 -49.41 61.17
CA TYR E 229 -14.62 -50.57 61.07
C TYR E 229 -14.62 -51.38 62.36
N ALA E 230 -13.76 -50.99 63.30
CA ALA E 230 -13.67 -51.68 64.58
C ALA E 230 -14.93 -51.36 65.38
N LYS E 231 -15.36 -50.11 65.32
CA LYS E 231 -16.55 -49.65 66.02
C LYS E 231 -17.83 -50.08 65.31
N LYS E 232 -17.81 -50.02 63.97
CA LYS E 232 -18.97 -50.44 63.17
C LYS E 232 -19.32 -51.88 63.49
N PHE E 233 -18.38 -52.78 63.24
CA PHE E 233 -18.57 -54.20 63.53
C PHE E 233 -18.56 -54.37 65.05
N GLY E 234 -18.07 -55.51 65.53
CA GLY E 234 -18.03 -55.76 66.96
C GLY E 234 -16.81 -56.55 67.35
N VAL E 235 -15.71 -56.25 66.67
CA VAL E 235 -14.45 -56.93 66.91
C VAL E 235 -13.35 -55.91 67.10
N ASP E 236 -12.40 -56.22 67.97
CA ASP E 236 -11.27 -55.34 68.23
C ASP E 236 -10.54 -55.11 66.91
N LYS E 237 -9.79 -54.03 66.80
CA LYS E 237 -9.11 -53.75 65.56
C LYS E 237 -7.94 -54.68 65.33
N ALA E 238 -7.53 -55.39 66.38
CA ALA E 238 -6.42 -56.33 66.24
C ALA E 238 -6.83 -57.31 65.14
N LYS E 239 -7.88 -58.08 65.41
CA LYS E 239 -8.37 -59.06 64.45
C LYS E 239 -9.02 -58.34 63.26
N MET E 240 -9.39 -57.07 63.46
CA MET E 240 -10.03 -56.30 62.40
C MET E 240 -9.04 -55.93 61.30
N MET E 241 -7.84 -55.49 61.69
CA MET E 241 -6.86 -55.11 60.70
C MET E 241 -6.36 -56.38 60.02
N ASP E 242 -6.34 -57.46 60.78
CA ASP E 242 -5.88 -58.73 60.28
C ASP E 242 -6.66 -59.20 59.04
N ARG E 243 -7.98 -59.13 59.10
CA ARG E 243 -8.82 -59.57 57.97
C ARG E 243 -8.65 -58.66 56.77
N LEU E 244 -8.62 -57.37 57.05
CA LEU E 244 -8.49 -56.37 56.01
C LEU E 244 -7.45 -56.69 54.95
N TRP E 245 -6.47 -57.53 55.29
CA TRP E 245 -5.42 -57.91 54.33
C TRP E 245 -5.38 -59.43 54.12
N GLY E 246 -4.83 -59.84 52.98
CA GLY E 246 -4.73 -61.24 52.67
C GLY E 246 -6.06 -61.84 52.25
N ASP E 247 -6.21 -63.12 52.53
CA ASP E 247 -7.43 -63.80 52.18
C ASP E 247 -8.36 -63.88 53.37
N SER E 248 -9.38 -63.04 53.32
CA SER E 248 -10.42 -62.96 54.34
C SER E 248 -11.54 -62.27 53.58
N PHE E 249 -12.71 -62.90 53.50
CA PHE E 249 -13.84 -62.33 52.76
C PHE E 249 -15.06 -62.15 53.62
N PHE E 250 -15.97 -61.31 53.15
CA PHE E 250 -17.20 -61.03 53.89
C PHE E 250 -18.38 -61.14 52.94
N ASN E 251 -19.08 -62.27 52.98
CA ASN E 251 -20.25 -62.48 52.13
C ASN E 251 -21.36 -61.53 52.55
N PRO E 252 -21.92 -60.77 51.61
CA PRO E 252 -23.00 -59.83 51.93
C PRO E 252 -24.24 -60.60 52.36
N LYS E 253 -24.49 -61.70 51.65
CA LYS E 253 -25.63 -62.55 51.90
C LYS E 253 -25.58 -63.30 53.24
N THR E 254 -24.58 -64.16 53.41
CA THR E 254 -24.44 -64.94 54.63
C THR E 254 -24.12 -64.11 55.87
N LYS E 255 -23.65 -62.89 55.65
CA LYS E 255 -23.30 -62.00 56.74
C LYS E 255 -22.35 -62.73 57.69
N LYS E 256 -21.37 -63.41 57.10
CA LYS E 256 -20.37 -64.14 57.87
C LYS E 256 -18.99 -64.14 57.19
N TRP E 257 -17.93 -64.10 58.00
CA TRP E 257 -16.54 -64.09 57.48
C TRP E 257 -16.02 -65.48 57.15
N THR E 258 -15.37 -65.61 55.99
CA THR E 258 -14.83 -66.89 55.57
C THR E 258 -13.40 -66.68 55.13
N ASN E 259 -12.72 -67.77 54.79
CA ASN E 259 -11.34 -67.74 54.32
C ASN E 259 -11.25 -68.44 52.97
N LYS E 260 -12.37 -68.42 52.26
CA LYS E 260 -12.49 -69.02 50.94
C LYS E 260 -12.93 -67.91 49.98
N ASP E 261 -12.31 -67.83 48.82
CA ASP E 261 -12.68 -66.81 47.84
C ASP E 261 -13.94 -67.18 47.07
N THR E 262 -14.72 -68.12 47.60
CA THR E 262 -15.96 -68.55 46.95
C THR E 262 -17.04 -69.02 47.93
N ASP E 263 -18.27 -68.67 47.62
CA ASP E 263 -19.41 -69.02 48.45
C ASP E 263 -19.82 -70.47 48.18
N ALA E 264 -20.66 -71.02 49.05
CA ALA E 264 -21.13 -72.39 48.92
C ALA E 264 -21.42 -72.85 47.49
N GLU E 265 -22.19 -72.05 46.75
CA GLU E 265 -22.55 -72.41 45.37
C GLU E 265 -21.43 -72.21 44.33
N GLY E 266 -20.30 -71.68 44.77
CA GLY E 266 -19.19 -71.49 43.84
C GLY E 266 -19.04 -70.10 43.24
N LYS E 267 -19.74 -69.12 43.80
CA LYS E 267 -19.66 -67.74 43.30
C LYS E 267 -18.51 -66.99 43.96
N PRO E 268 -17.86 -66.08 43.21
CA PRO E 268 -16.73 -65.26 43.68
C PRO E 268 -17.03 -64.23 44.79
N LEU E 269 -16.20 -64.24 45.84
CA LEU E 269 -16.35 -63.32 46.97
C LEU E 269 -15.26 -62.26 46.94
N GLU E 270 -15.64 -61.00 47.12
CA GLU E 270 -14.68 -59.91 47.12
C GLU E 270 -13.85 -59.92 48.41
N ARG E 271 -12.56 -59.67 48.28
CA ARG E 271 -11.64 -59.65 49.42
C ARG E 271 -11.97 -58.53 50.41
N ALA E 272 -11.71 -58.76 51.70
CA ALA E 272 -12.00 -57.79 52.76
C ALA E 272 -11.44 -56.41 52.46
N PHE E 273 -10.23 -56.40 51.91
CA PHE E 273 -9.56 -55.15 51.54
C PHE E 273 -10.37 -54.45 50.47
N ASN E 274 -10.50 -55.11 49.32
CA ASN E 274 -11.25 -54.57 48.19
C ASN E 274 -12.66 -54.09 48.62
N MET E 275 -13.28 -54.83 49.52
CA MET E 275 -14.63 -54.53 49.99
C MET E 275 -14.76 -53.31 50.87
N PHE E 276 -13.90 -53.22 51.87
CA PHE E 276 -13.97 -52.14 52.83
C PHE E 276 -12.97 -50.98 52.70
N ILE E 277 -11.93 -51.14 51.88
CA ILE E 277 -10.92 -50.08 51.73
C ILE E 277 -10.82 -49.48 50.33
N LEU E 278 -10.55 -50.34 49.38
CA LEU E 278 -10.45 -49.92 48.00
C LEU E 278 -11.80 -49.52 47.45
N ASP E 279 -12.87 -50.15 47.96
CA ASP E 279 -14.21 -49.86 47.48
C ASP E 279 -14.64 -48.41 47.74
N PRO E 280 -14.59 -47.96 49.01
CA PRO E 280 -14.99 -46.58 49.35
C PRO E 280 -14.20 -45.53 48.56
N ILE E 281 -12.89 -45.70 48.53
CA ILE E 281 -11.98 -44.81 47.84
C ILE E 281 -12.20 -44.87 46.31
N PHE E 282 -12.61 -46.03 45.81
CA PHE E 282 -12.84 -46.22 44.37
C PHE E 282 -14.07 -45.51 43.85
N ARG E 283 -15.11 -45.47 44.67
CA ARG E 283 -16.36 -44.83 44.28
C ARG E 283 -16.24 -43.31 44.31
N LEU E 284 -15.54 -42.80 45.32
CA LEU E 284 -15.36 -41.36 45.41
C LEU E 284 -14.66 -40.85 44.16
N PHE E 285 -13.74 -41.65 43.62
CA PHE E 285 -13.01 -41.27 42.41
C PHE E 285 -13.93 -41.41 41.19
N THR E 286 -14.78 -42.44 41.21
CA THR E 286 -15.71 -42.68 40.11
C THR E 286 -16.82 -41.63 40.10
N ALA E 287 -17.29 -41.26 41.30
CA ALA E 287 -18.35 -40.27 41.44
C ALA E 287 -17.89 -38.88 41.04
N ILE E 288 -16.91 -38.36 41.77
CA ILE E 288 -16.37 -37.02 41.54
C ILE E 288 -15.77 -36.77 40.15
N MET E 289 -14.97 -37.71 39.65
CA MET E 289 -14.36 -37.52 38.34
C MET E 289 -15.35 -37.59 37.20
N ASN E 290 -16.55 -38.11 37.46
CA ASN E 290 -17.57 -38.20 36.42
C ASN E 290 -18.59 -37.07 36.57
N PHE E 291 -18.40 -36.24 37.59
CA PHE E 291 -19.29 -35.11 37.86
C PHE E 291 -20.73 -35.50 38.20
N LYS E 292 -20.94 -36.73 38.66
CA LYS E 292 -22.28 -37.21 39.04
C LYS E 292 -22.75 -36.47 40.29
N LYS E 293 -23.31 -35.28 40.06
CA LYS E 293 -23.81 -34.39 41.10
C LYS E 293 -24.81 -35.00 42.09
N ASP E 294 -25.49 -36.06 41.69
CA ASP E 294 -26.47 -36.70 42.56
C ASP E 294 -25.83 -37.62 43.59
N GLU E 295 -24.72 -38.25 43.22
CA GLU E 295 -24.03 -39.19 44.11
C GLU E 295 -23.06 -38.50 45.06
N ILE E 296 -22.13 -37.72 44.51
CA ILE E 296 -21.12 -37.02 45.31
C ILE E 296 -21.58 -36.64 46.74
N PRO E 297 -22.69 -35.90 46.87
CA PRO E 297 -23.18 -35.50 48.20
C PRO E 297 -23.53 -36.69 49.08
N VAL E 298 -24.33 -37.60 48.53
CA VAL E 298 -24.76 -38.80 49.24
C VAL E 298 -23.55 -39.63 49.67
N LEU E 299 -22.66 -39.88 48.69
CA LEU E 299 -21.45 -40.67 48.93
C LEU E 299 -20.58 -39.98 49.96
N LEU E 300 -20.53 -38.65 49.92
CA LEU E 300 -19.72 -37.90 50.86
C LEU E 300 -20.18 -38.02 52.30
N GLU E 301 -21.47 -37.77 52.56
CA GLU E 301 -21.96 -37.86 53.93
C GLU E 301 -21.76 -39.22 54.59
N LYS E 302 -21.89 -40.28 53.82
CA LYS E 302 -21.70 -41.62 54.35
C LYS E 302 -20.42 -41.67 55.21
N LEU E 303 -19.27 -41.64 54.53
CA LEU E 303 -17.95 -41.68 55.17
C LEU E 303 -17.83 -40.53 56.14
N GLU E 304 -18.59 -39.48 55.85
CA GLU E 304 -18.63 -38.27 56.65
C GLU E 304 -17.55 -37.28 56.27
N ILE E 305 -17.58 -36.84 55.02
CA ILE E 305 -16.60 -35.88 54.52
C ILE E 305 -17.25 -34.50 54.40
N VAL E 306 -17.29 -33.77 55.51
CA VAL E 306 -17.89 -32.43 55.55
C VAL E 306 -17.02 -31.37 54.88
N LEU E 307 -17.46 -30.92 53.71
CA LEU E 307 -16.73 -29.90 52.94
C LEU E 307 -16.80 -28.52 53.59
N LYS E 308 -15.72 -27.75 53.39
CA LYS E 308 -15.59 -26.40 53.94
C LYS E 308 -16.21 -25.32 53.04
N GLY E 309 -17.43 -25.57 52.59
CA GLY E 309 -18.13 -24.61 51.74
C GLY E 309 -17.50 -24.37 50.39
N ASP E 310 -16.50 -23.48 50.34
CA ASP E 310 -15.82 -23.16 49.09
C ASP E 310 -15.38 -24.43 48.39
N GLU E 311 -15.12 -25.47 49.16
CA GLU E 311 -14.68 -26.75 48.61
C GLU E 311 -15.86 -27.46 47.97
N LYS E 312 -17.06 -27.09 48.40
CA LYS E 312 -18.30 -27.68 47.89
C LYS E 312 -18.47 -27.43 46.38
N ASP E 313 -18.27 -26.18 45.94
CA ASP E 313 -18.43 -25.83 44.53
C ASP E 313 -17.37 -26.46 43.64
N LEU E 314 -16.29 -26.94 44.26
CA LEU E 314 -15.18 -27.56 43.54
C LEU E 314 -15.61 -28.84 42.80
N GLU E 315 -15.08 -28.99 41.58
CA GLU E 315 -15.35 -30.14 40.73
C GLU E 315 -14.06 -30.65 40.05
N GLY E 316 -14.09 -31.89 39.56
CA GLY E 316 -12.94 -32.47 38.91
C GLY E 316 -11.82 -32.73 39.89
N LYS E 317 -10.60 -32.79 39.39
CA LYS E 317 -9.46 -33.04 40.26
C LYS E 317 -9.45 -32.08 41.44
N ALA E 318 -9.83 -30.83 41.19
CA ALA E 318 -9.86 -29.82 42.24
C ALA E 318 -10.71 -30.28 43.44
N LEU E 319 -11.82 -30.97 43.16
CA LEU E 319 -12.71 -31.46 44.20
C LEU E 319 -12.16 -32.70 44.89
N LEU E 320 -11.83 -33.72 44.11
CA LEU E 320 -11.29 -34.97 44.63
C LEU E 320 -10.06 -34.79 45.53
N LYS E 321 -9.19 -33.84 45.19
CA LYS E 321 -7.99 -33.56 45.98
C LYS E 321 -8.35 -33.01 47.35
N VAL E 322 -9.51 -32.36 47.44
CA VAL E 322 -10.00 -31.80 48.70
C VAL E 322 -10.73 -32.85 49.55
N VAL E 323 -11.43 -33.77 48.87
CA VAL E 323 -12.18 -34.84 49.53
C VAL E 323 -11.23 -35.85 50.16
N MET E 324 -10.21 -36.25 49.38
CA MET E 324 -9.23 -37.21 49.84
C MET E 324 -8.34 -36.66 50.97
N ARG E 325 -8.19 -35.34 51.03
CA ARG E 325 -7.36 -34.72 52.08
C ARG E 325 -8.02 -34.89 53.44
N LYS E 326 -9.31 -34.61 53.48
CA LYS E 326 -10.08 -34.72 54.72
C LYS E 326 -10.41 -36.18 55.02
N PHE E 327 -10.62 -36.97 53.97
CA PHE E 327 -10.95 -38.40 54.15
C PHE E 327 -9.75 -39.15 54.72
N LEU E 328 -8.64 -39.14 54.00
CA LEU E 328 -7.46 -39.84 54.46
C LEU E 328 -6.22 -38.94 54.44
N PRO E 329 -6.00 -38.18 55.53
CA PRO E 329 -4.86 -37.27 55.66
C PRO E 329 -3.52 -38.02 55.59
N ALA E 330 -2.87 -37.97 54.43
CA ALA E 330 -1.58 -38.63 54.20
C ALA E 330 -0.58 -38.50 55.37
N ALA E 331 -0.25 -37.26 55.73
CA ALA E 331 0.69 -36.94 56.81
C ALA E 331 0.55 -37.81 58.06
N ASP E 332 -0.68 -38.11 58.43
CA ASP E 332 -0.94 -38.92 59.61
C ASP E 332 -0.64 -40.41 59.41
N ALA E 333 -1.07 -40.98 58.30
CA ALA E 333 -0.82 -42.39 58.03
C ALA E 333 0.67 -42.62 58.16
N LEU E 334 1.44 -41.63 57.72
CA LEU E 334 2.89 -41.68 57.77
C LEU E 334 3.42 -41.52 59.19
N LEU E 335 2.85 -40.57 59.95
CA LEU E 335 3.28 -40.31 61.33
C LEU E 335 2.90 -41.46 62.28
N GLU E 336 1.95 -42.28 61.83
CA GLU E 336 1.45 -43.43 62.58
C GLU E 336 2.53 -44.51 62.70
N MET E 337 2.87 -45.12 61.56
CA MET E 337 3.88 -46.17 61.49
C MET E 337 5.16 -45.73 62.21
N ILE E 338 5.71 -44.59 61.78
CA ILE E 338 6.93 -44.03 62.35
C ILE E 338 7.00 -44.28 63.85
N VAL E 339 6.02 -43.74 64.57
CA VAL E 339 5.93 -43.86 66.02
C VAL E 339 5.78 -45.29 66.53
N LEU E 340 4.70 -45.95 66.09
CA LEU E 340 4.38 -47.30 66.52
C LEU E 340 5.41 -48.37 66.14
N HIS E 341 6.15 -48.10 65.08
CA HIS E 341 7.12 -49.08 64.62
C HIS E 341 8.55 -48.60 64.71
N LEU E 342 8.88 -47.52 64.01
CA LEU E 342 10.26 -47.03 64.05
C LEU E 342 10.84 -47.03 65.46
N PRO E 343 12.14 -47.37 65.60
CA PRO E 343 12.84 -47.43 66.89
C PRO E 343 13.43 -46.12 67.43
N SER E 344 13.55 -46.09 68.76
CA SER E 344 14.10 -44.94 69.43
C SER E 344 15.59 -45.20 69.61
N PRO E 345 16.33 -44.17 70.06
CA PRO E 345 17.78 -44.24 70.28
C PRO E 345 18.20 -44.95 71.57
N VAL E 346 17.58 -46.07 71.90
CA VAL E 346 17.97 -46.80 73.09
C VAL E 346 18.04 -48.26 72.71
N THR E 347 17.07 -48.67 71.89
CA THR E 347 16.96 -50.04 71.42
C THR E 347 18.06 -50.33 70.41
N ALA E 348 18.30 -49.36 69.52
CA ALA E 348 19.29 -49.49 68.45
C ALA E 348 20.77 -49.41 68.83
N GLN E 349 21.11 -48.49 69.73
CA GLN E 349 22.50 -48.32 70.15
C GLN E 349 23.05 -49.53 70.88
N ALA E 350 22.16 -50.37 71.41
CA ALA E 350 22.59 -51.57 72.11
C ALA E 350 23.19 -52.58 71.12
N TYR E 351 22.64 -52.64 69.90
CA TYR E 351 23.14 -53.56 68.90
C TYR E 351 23.82 -52.86 67.74
N ARG E 352 24.00 -51.55 67.85
CA ARG E 352 24.65 -50.80 66.80
C ARG E 352 25.98 -50.22 67.28
N ALA E 353 26.13 -50.12 68.61
CA ALA E 353 27.33 -49.57 69.26
C ALA E 353 28.66 -50.15 68.76
N GLU E 354 28.82 -51.45 68.98
CA GLU E 354 30.03 -52.17 68.58
C GLU E 354 30.40 -51.89 67.11
N GLN E 355 29.39 -51.78 66.24
CA GLN E 355 29.59 -51.52 64.82
C GLN E 355 30.03 -50.09 64.53
N LEU E 356 29.67 -49.17 65.42
CA LEU E 356 30.02 -47.77 65.26
C LEU E 356 31.22 -47.32 66.07
N TYR E 357 31.73 -48.16 66.95
CA TYR E 357 32.91 -47.81 67.74
C TYR E 357 34.11 -48.63 67.23
N GLU E 358 35.20 -47.96 66.84
CA GLU E 358 36.39 -48.64 66.31
C GLU E 358 37.42 -48.95 67.40
N GLY E 359 36.92 -49.10 68.62
CA GLY E 359 37.79 -49.42 69.74
C GLY E 359 37.33 -50.76 70.33
N PRO E 360 37.72 -51.10 71.58
CA PRO E 360 37.34 -52.34 72.27
C PRO E 360 35.83 -52.48 72.55
N ALA E 361 35.22 -53.55 72.06
CA ALA E 361 33.80 -53.77 72.26
C ALA E 361 33.41 -53.83 73.73
N ASP E 362 34.39 -53.69 74.61
CA ASP E 362 34.15 -53.71 76.04
C ASP E 362 34.73 -52.45 76.67
N ASP E 363 35.30 -51.61 75.83
CA ASP E 363 35.88 -50.35 76.26
C ASP E 363 34.83 -49.57 77.07
N ALA E 364 35.30 -48.73 77.99
CA ALA E 364 34.41 -47.95 78.85
C ALA E 364 33.37 -47.16 78.07
N ASN E 365 33.78 -46.69 76.90
CA ASN E 365 32.88 -45.91 76.08
C ASN E 365 31.92 -46.78 75.28
N CYS E 366 32.44 -47.79 74.56
CA CYS E 366 31.59 -48.66 73.75
C CYS E 366 30.42 -49.12 74.58
N ILE E 367 30.65 -49.30 75.88
CA ILE E 367 29.61 -49.73 76.80
C ILE E 367 28.65 -48.57 76.94
N ALA E 368 29.21 -47.40 77.23
CA ALA E 368 28.42 -46.19 77.39
C ALA E 368 27.55 -45.95 76.15
N ILE E 369 27.96 -46.49 75.01
CA ILE E 369 27.22 -46.32 73.76
C ILE E 369 25.99 -47.22 73.77
N LYS E 370 26.22 -48.50 74.07
CA LYS E 370 25.16 -49.48 74.12
C LYS E 370 24.09 -49.06 75.11
N ASN E 371 24.54 -48.61 76.28
CA ASN E 371 23.62 -48.18 77.34
C ASN E 371 23.11 -46.76 77.17
N CYS E 372 23.48 -46.12 76.06
CA CYS E 372 23.08 -44.74 75.75
C CYS E 372 23.06 -43.93 77.05
N ASP E 373 24.10 -44.11 77.85
CA ASP E 373 24.21 -43.44 79.12
C ASP E 373 24.65 -41.99 79.00
N PRO E 374 23.85 -41.07 79.52
CA PRO E 374 24.10 -39.63 79.51
C PRO E 374 25.04 -39.17 80.62
N LYS E 375 25.56 -40.13 81.38
CA LYS E 375 26.48 -39.83 82.49
C LYS E 375 27.95 -40.06 82.10
N ALA E 376 28.14 -41.01 81.20
CA ALA E 376 29.47 -41.39 80.73
C ALA E 376 30.18 -40.29 79.96
N ASP E 377 31.42 -40.58 79.62
CA ASP E 377 32.25 -39.64 78.87
C ASP E 377 31.62 -39.39 77.52
N LEU E 378 31.74 -38.16 77.06
CA LEU E 378 31.16 -37.78 75.79
C LEU E 378 31.63 -38.66 74.65
N MET E 379 30.68 -38.92 73.74
CA MET E 379 30.85 -39.69 72.53
C MET E 379 29.84 -39.13 71.54
N LEU E 380 30.19 -37.99 70.96
CA LEU E 380 29.33 -37.31 70.02
C LEU E 380 29.87 -37.50 68.60
N TYR E 381 29.01 -37.95 67.70
CA TYR E 381 29.43 -38.20 66.33
C TYR E 381 29.05 -37.09 65.37
N VAL E 382 30.02 -36.53 64.67
CA VAL E 382 29.75 -35.46 63.72
C VAL E 382 29.66 -36.04 62.32
N SER E 383 28.45 -36.10 61.80
CA SER E 383 28.23 -36.65 60.47
C SER E 383 28.52 -35.67 59.33
N LYS E 384 28.32 -34.37 59.57
CA LYS E 384 28.58 -33.37 58.54
C LYS E 384 28.60 -31.92 59.05
N MET E 385 29.25 -31.06 58.28
CA MET E 385 29.34 -29.64 58.60
C MET E 385 28.35 -28.91 57.69
N VAL E 386 27.44 -28.16 58.28
CA VAL E 386 26.43 -27.41 57.51
C VAL E 386 26.63 -25.89 57.53
N PRO E 387 26.57 -25.26 56.35
CA PRO E 387 26.74 -23.82 56.15
C PRO E 387 25.71 -22.96 56.87
N THR E 388 26.19 -21.91 57.54
CA THR E 388 25.32 -20.99 58.28
C THR E 388 25.36 -19.59 57.69
N SER E 389 24.42 -18.74 58.11
CA SER E 389 24.36 -17.37 57.64
C SER E 389 25.39 -16.57 58.39
N ASP E 390 25.56 -16.91 59.66
CA ASP E 390 26.53 -16.25 60.51
C ASP E 390 27.93 -16.45 59.94
N LYS E 391 28.31 -15.61 58.97
CA LYS E 391 29.62 -15.67 58.34
C LYS E 391 29.76 -16.87 57.40
N GLY E 392 31.00 -17.25 57.10
CA GLY E 392 31.26 -18.40 56.26
C GLY E 392 31.53 -19.57 57.20
N ARG E 393 31.02 -19.43 58.41
CA ARG E 393 31.17 -20.44 59.44
C ARG E 393 30.26 -21.61 59.18
N PHE E 394 30.62 -22.73 59.75
CA PHE E 394 29.83 -23.94 59.60
C PHE E 394 29.52 -24.53 60.99
N TYR E 395 28.32 -25.08 61.15
CA TYR E 395 27.91 -25.72 62.41
C TYR E 395 27.97 -27.25 62.23
N ALA E 396 28.53 -27.93 63.22
CA ALA E 396 28.65 -29.37 63.12
C ALA E 396 27.30 -30.03 63.36
N PHE E 397 26.99 -31.03 62.56
CA PHE E 397 25.73 -31.75 62.72
C PHE E 397 26.07 -33.19 63.09
N GLY E 398 25.40 -33.70 64.12
CA GLY E 398 25.69 -35.05 64.54
C GLY E 398 24.74 -35.60 65.58
N ARG E 399 25.21 -36.61 66.30
CA ARG E 399 24.42 -37.29 67.32
C ARG E 399 25.27 -37.60 68.55
N VAL E 400 24.64 -37.51 69.71
CA VAL E 400 25.30 -37.79 70.98
C VAL E 400 25.03 -39.25 71.34
N PHE E 401 26.03 -40.09 71.13
CA PHE E 401 25.90 -41.51 71.41
C PHE E 401 26.13 -41.84 72.88
N ALA E 402 26.79 -40.95 73.60
CA ALA E 402 27.06 -41.17 75.02
C ALA E 402 27.39 -39.87 75.72
N GLY E 403 27.00 -39.80 76.99
CA GLY E 403 27.24 -38.59 77.77
C GLY E 403 26.32 -37.48 77.30
N THR E 404 26.62 -36.25 77.70
CA THR E 404 25.81 -35.11 77.29
C THR E 404 26.74 -33.94 76.96
N VAL E 405 26.44 -33.30 75.84
CA VAL E 405 27.22 -32.16 75.39
C VAL E 405 26.54 -30.91 75.92
N LYS E 406 27.31 -29.87 76.20
CA LYS E 406 26.75 -28.63 76.74
C LYS E 406 27.59 -27.39 76.42
N SER E 407 26.91 -26.31 76.06
CA SER E 407 27.57 -25.06 75.72
C SER E 407 28.70 -24.72 76.68
N GLY E 408 29.87 -24.38 76.13
CA GLY E 408 31.00 -24.03 76.96
C GLY E 408 31.87 -25.20 77.33
N GLN E 409 31.24 -26.38 77.46
CA GLN E 409 31.98 -27.57 77.80
C GLN E 409 33.15 -27.71 76.85
N LYS E 410 34.34 -27.95 77.38
CA LYS E 410 35.49 -28.11 76.52
C LYS E 410 35.55 -29.58 76.16
N VAL E 411 35.75 -29.85 74.88
CA VAL E 411 35.78 -31.21 74.39
C VAL E 411 37.02 -31.53 73.58
N ARG E 412 37.32 -32.82 73.44
CA ARG E 412 38.46 -33.27 72.65
C ARG E 412 37.88 -33.52 71.26
N ILE E 413 38.41 -32.83 70.26
CA ILE E 413 37.91 -33.03 68.91
C ILE E 413 38.88 -33.94 68.18
N GLN E 414 38.47 -35.20 68.06
CA GLN E 414 39.29 -36.21 67.42
C GLN E 414 39.00 -36.38 65.95
N GLY E 415 39.95 -35.90 65.13
CA GLY E 415 39.82 -35.97 63.68
C GLY E 415 40.08 -37.34 63.09
N PRO E 416 39.91 -37.45 61.75
CA PRO E 416 40.09 -38.68 60.98
C PRO E 416 41.37 -39.47 61.28
N ASN E 417 42.48 -38.76 61.38
CA ASN E 417 43.75 -39.41 61.62
C ASN E 417 44.08 -39.71 63.07
N TYR E 418 43.26 -39.24 64.00
CA TYR E 418 43.52 -39.46 65.41
C TYR E 418 43.63 -40.91 65.83
N VAL E 419 44.42 -41.13 66.88
CA VAL E 419 44.66 -42.44 67.48
C VAL E 419 45.02 -42.18 68.93
N PRO E 420 44.22 -42.72 69.86
CA PRO E 420 44.43 -42.56 71.29
C PRO E 420 45.89 -42.46 71.66
N GLY E 421 46.71 -43.26 70.99
CA GLY E 421 48.13 -43.27 71.27
C GLY E 421 48.83 -41.93 71.11
N LYS E 422 48.84 -41.42 69.88
CA LYS E 422 49.52 -40.16 69.61
C LYS E 422 48.67 -38.92 69.86
N LYS E 423 49.24 -37.76 69.54
CA LYS E 423 48.56 -36.48 69.70
C LYS E 423 48.23 -35.85 68.36
N ASP E 424 48.37 -36.63 67.30
CA ASP E 424 48.08 -36.13 65.95
C ASP E 424 46.59 -35.92 65.70
N ASP E 425 46.28 -34.83 65.00
CA ASP E 425 44.91 -34.56 64.65
C ASP E 425 43.98 -34.37 65.84
N LEU E 426 44.48 -33.76 66.91
CA LEU E 426 43.63 -33.54 68.09
C LEU E 426 43.49 -32.05 68.30
N PHE E 427 42.36 -31.63 68.89
CA PHE E 427 42.14 -30.22 69.13
C PHE E 427 41.30 -29.97 70.37
N ILE E 428 41.91 -30.06 71.54
CA ILE E 428 41.18 -29.83 72.78
C ILE E 428 40.68 -28.38 72.86
N LYS E 429 39.45 -28.16 72.41
CA LYS E 429 38.85 -26.83 72.40
C LYS E 429 37.54 -26.80 73.21
N ALA E 430 36.93 -25.63 73.26
CA ALA E 430 35.67 -25.42 73.98
C ALA E 430 34.48 -25.23 73.04
N ILE E 431 33.41 -25.97 73.31
CA ILE E 431 32.20 -25.89 72.49
C ILE E 431 31.53 -24.55 72.71
N GLN E 432 31.69 -23.65 71.76
CA GLN E 432 31.11 -22.34 71.88
C GLN E 432 29.61 -22.35 72.15
N ARG E 433 28.85 -23.10 71.36
CA ARG E 433 27.39 -23.11 71.53
C ARG E 433 26.68 -24.35 71.01
N VAL E 434 25.70 -24.86 71.76
CA VAL E 434 24.92 -26.02 71.35
C VAL E 434 23.57 -25.54 70.83
N VAL E 435 23.19 -25.97 69.63
CA VAL E 435 21.93 -25.51 69.08
C VAL E 435 21.12 -26.62 68.45
N LEU E 436 19.80 -26.47 68.44
CA LEU E 436 18.90 -27.45 67.83
C LEU E 436 18.77 -27.16 66.33
N MET E 437 18.89 -28.19 65.49
CA MET E 437 18.78 -28.02 64.04
C MET E 437 17.33 -28.08 63.61
N MET E 438 16.60 -27.02 63.92
CA MET E 438 15.19 -26.93 63.58
C MET E 438 15.00 -26.68 62.11
N GLY E 439 15.53 -27.56 61.27
CA GLY E 439 15.37 -27.37 59.85
C GLY E 439 16.27 -26.30 59.27
N ARG E 440 15.77 -25.07 59.22
CA ARG E 440 16.52 -23.96 58.64
C ARG E 440 17.03 -22.98 59.70
N PHE E 441 16.43 -23.05 60.88
CA PHE E 441 16.81 -22.17 61.99
C PHE E 441 17.42 -22.99 63.10
N VAL E 442 18.22 -22.32 63.93
CA VAL E 442 18.87 -22.98 65.06
C VAL E 442 18.35 -22.38 66.37
N GLU E 443 18.22 -23.23 67.39
CA GLU E 443 17.72 -22.77 68.68
C GLU E 443 18.66 -23.19 69.81
N PRO E 444 19.34 -22.21 70.42
CA PRO E 444 20.29 -22.44 71.52
C PRO E 444 19.69 -23.27 72.64
N ILE E 445 20.49 -24.23 73.13
CA ILE E 445 20.11 -25.13 74.21
C ILE E 445 21.33 -25.42 75.07
N ASP E 446 21.17 -25.36 76.39
CA ASP E 446 22.27 -25.61 77.31
C ASP E 446 22.99 -26.90 77.00
N ASP E 447 22.35 -28.01 77.35
CA ASP E 447 22.94 -29.32 77.14
C ASP E 447 22.04 -30.23 76.32
N CYS E 448 22.55 -31.41 76.04
CA CYS E 448 21.81 -32.38 75.25
C CYS E 448 22.35 -33.75 75.56
N PRO E 449 21.50 -34.61 76.14
CA PRO E 449 21.84 -35.98 76.51
C PRO E 449 21.91 -36.97 75.35
N ALA E 450 22.65 -38.06 75.54
CA ALA E 450 22.82 -39.10 74.53
C ALA E 450 21.51 -39.56 73.90
N GLY E 451 21.54 -39.81 72.61
CA GLY E 451 20.36 -40.28 71.91
C GLY E 451 19.72 -39.27 70.98
N ASN E 452 20.19 -38.04 70.99
CA ASN E 452 19.58 -37.05 70.12
C ASN E 452 20.47 -36.52 69.02
N ILE E 453 19.84 -35.94 68.00
CA ILE E 453 20.57 -35.34 66.91
C ILE E 453 20.69 -33.88 67.31
N ILE E 454 21.92 -33.39 67.47
CA ILE E 454 22.11 -32.01 67.87
C ILE E 454 23.11 -31.29 67.00
N GLY E 455 23.24 -29.98 67.22
CA GLY E 455 24.16 -29.17 66.46
C GLY E 455 25.13 -28.42 67.35
N LEU E 456 26.36 -28.27 66.87
CA LEU E 456 27.41 -27.58 67.62
C LEU E 456 27.94 -26.35 66.88
N VAL E 457 28.32 -25.34 67.65
CA VAL E 457 28.84 -24.09 67.10
C VAL E 457 30.27 -23.83 67.60
N GLY E 458 31.20 -23.75 66.66
CA GLY E 458 32.58 -23.47 67.03
C GLY E 458 33.61 -24.56 66.75
N ILE E 459 33.29 -25.47 65.83
CA ILE E 459 34.21 -26.55 65.47
C ILE E 459 34.76 -26.38 64.04
N ASP E 460 34.04 -25.63 63.20
CA ASP E 460 34.43 -25.40 61.81
C ASP E 460 35.94 -25.43 61.48
N GLN E 461 36.76 -24.75 62.29
CA GLN E 461 38.20 -24.71 62.04
C GLN E 461 38.99 -25.87 62.64
N PHE E 462 38.30 -26.93 63.04
CA PHE E 462 38.97 -28.06 63.65
C PHE E 462 38.59 -29.33 62.89
N LEU E 463 37.33 -29.39 62.48
CA LEU E 463 36.80 -30.54 61.74
C LEU E 463 36.43 -30.11 60.34
N LEU E 464 37.00 -30.78 59.34
CA LEU E 464 36.70 -30.44 57.95
C LEU E 464 35.25 -30.78 57.64
N LYS E 465 34.89 -32.03 57.90
CA LYS E 465 33.54 -32.48 57.63
C LYS E 465 33.08 -33.49 58.67
N THR E 466 33.83 -34.58 58.83
CA THR E 466 33.48 -35.63 59.78
C THR E 466 34.44 -35.67 60.96
N GLY E 467 33.98 -36.23 62.07
CA GLY E 467 34.81 -36.33 63.24
C GLY E 467 34.12 -36.85 64.48
N THR E 468 34.92 -37.04 65.53
CA THR E 468 34.44 -37.54 66.80
C THR E 468 34.80 -36.57 67.93
N LEU E 469 33.86 -36.35 68.84
CA LEU E 469 34.07 -35.48 70.00
C LEU E 469 33.91 -36.34 71.27
N THR E 470 34.94 -36.34 72.13
CA THR E 470 34.89 -37.12 73.37
C THR E 470 35.39 -36.35 74.58
N THR E 471 35.57 -37.07 75.67
CA THR E 471 36.06 -36.48 76.89
C THR E 471 37.06 -37.47 77.44
N SER E 472 36.83 -38.75 77.13
CA SER E 472 37.70 -39.81 77.58
C SER E 472 39.02 -39.68 76.84
N GLU E 473 40.11 -39.64 77.58
CA GLU E 473 41.43 -39.51 76.98
C GLU E 473 41.83 -40.82 76.30
N THR E 474 41.11 -41.88 76.62
CA THR E 474 41.37 -43.19 76.05
C THR E 474 40.22 -43.64 75.15
N ALA E 475 39.61 -42.67 74.46
CA ALA E 475 38.48 -42.92 73.57
C ALA E 475 38.84 -42.95 72.07
N HIS E 476 38.57 -44.07 71.41
CA HIS E 476 38.86 -44.20 69.99
C HIS E 476 37.83 -43.40 69.20
N ASN E 477 38.04 -43.26 67.90
CA ASN E 477 37.09 -42.52 67.09
C ASN E 477 35.99 -43.49 66.70
N MET E 478 34.87 -42.94 66.25
CA MET E 478 33.74 -43.76 65.82
C MET E 478 33.80 -43.91 64.27
N LYS E 479 33.32 -45.05 63.77
CA LYS E 479 33.33 -45.36 62.34
C LYS E 479 33.44 -44.12 61.51
N VAL E 480 34.66 -43.81 61.11
CA VAL E 480 34.92 -42.64 60.33
C VAL E 480 34.37 -42.79 58.93
N MET E 481 34.12 -41.65 58.28
CA MET E 481 33.62 -41.61 56.90
C MET E 481 34.69 -40.89 56.09
N LYS E 482 35.44 -41.64 55.29
CA LYS E 482 36.49 -41.06 54.50
C LYS E 482 36.02 -39.98 53.54
N PHE E 483 36.45 -38.75 53.80
CA PHE E 483 36.13 -37.61 52.96
C PHE E 483 37.46 -36.97 52.64
N SER E 484 37.67 -36.58 51.38
CA SER E 484 38.92 -35.94 51.01
C SER E 484 38.68 -34.56 50.50
N VAL E 485 39.59 -33.65 50.84
CA VAL E 485 39.47 -32.28 50.43
C VAL E 485 40.44 -32.04 49.27
N SER E 486 41.03 -33.11 48.76
CA SER E 486 41.97 -32.98 47.68
C SER E 486 41.32 -32.70 46.31
N PRO E 487 41.59 -31.52 45.73
CA PRO E 487 41.06 -31.09 44.43
C PRO E 487 41.71 -31.87 43.30
N VAL E 488 41.21 -33.08 43.03
CA VAL E 488 41.79 -33.91 41.98
C VAL E 488 41.12 -33.78 40.63
N VAL E 489 40.15 -32.88 40.55
CA VAL E 489 39.46 -32.66 39.30
C VAL E 489 39.04 -31.21 39.25
N GLN E 490 39.30 -30.55 38.14
CA GLN E 490 38.94 -29.15 38.04
C GLN E 490 38.45 -28.78 36.67
N VAL E 491 38.03 -27.54 36.56
CA VAL E 491 37.59 -27.05 35.29
C VAL E 491 37.83 -25.58 35.33
N ALA E 492 37.63 -24.97 34.19
CA ALA E 492 37.78 -23.57 34.07
C ALA E 492 36.41 -23.13 33.70
N VAL E 493 36.04 -22.04 34.31
CA VAL E 493 34.76 -21.56 34.08
C VAL E 493 34.84 -20.30 33.30
N GLU E 494 33.68 -19.91 32.87
CA GLU E 494 33.54 -18.75 32.08
C GLU E 494 32.08 -18.79 31.78
N VAL E 495 31.54 -17.60 31.56
CA VAL E 495 30.15 -17.46 31.23
C VAL E 495 30.05 -17.44 29.72
N LYS E 496 28.84 -17.17 29.26
CA LYS E 496 28.54 -17.08 27.85
C LYS E 496 28.23 -15.63 27.49
N ASN E 497 28.32 -14.74 28.47
CA ASN E 497 28.06 -13.31 28.29
C ASN E 497 29.02 -12.46 29.17
N ALA E 498 29.37 -11.24 28.74
CA ALA E 498 30.36 -10.36 29.43
C ALA E 498 29.97 -9.41 30.58
N ASN E 499 29.00 -8.54 30.36
CA ASN E 499 28.53 -7.59 31.40
C ASN E 499 28.40 -8.28 32.75
N ASP E 500 28.13 -9.57 32.65
CA ASP E 500 27.90 -10.50 33.76
C ASP E 500 29.07 -10.91 34.61
N LEU E 501 30.26 -10.62 34.12
CA LEU E 501 31.50 -10.99 34.79
C LEU E 501 31.52 -10.87 36.32
N PRO E 502 31.03 -9.74 36.87
CA PRO E 502 30.98 -9.50 38.30
C PRO E 502 30.13 -10.60 38.93
N LYS E 503 29.15 -11.03 38.12
CA LYS E 503 28.21 -12.08 38.52
C LYS E 503 28.90 -13.44 38.66
N LEU E 504 29.96 -13.65 37.89
CA LEU E 504 30.72 -14.89 37.97
C LEU E 504 31.69 -14.78 39.14
N VAL E 505 32.41 -13.66 39.21
CA VAL E 505 33.38 -13.42 40.28
C VAL E 505 32.71 -13.48 41.63
N GLU E 506 31.38 -13.38 41.61
CA GLU E 506 30.62 -13.42 42.84
C GLU E 506 30.14 -14.82 43.20
N GLY E 507 29.50 -15.50 42.24
CA GLY E 507 29.02 -16.86 42.48
C GLY E 507 30.10 -17.83 42.90
N LEU E 508 31.27 -17.69 42.29
CA LEU E 508 32.43 -18.52 42.60
C LEU E 508 32.75 -18.38 44.08
N LYS E 509 32.79 -17.14 44.57
CA LYS E 509 33.07 -16.89 45.98
C LYS E 509 31.92 -17.45 46.83
N ARG E 510 30.68 -17.25 46.36
CA ARG E 510 29.51 -17.74 47.07
C ARG E 510 29.50 -19.25 47.09
N LEU E 511 30.01 -19.85 46.03
CA LEU E 511 30.07 -21.29 45.94
C LEU E 511 31.05 -21.82 46.96
N SER E 512 32.21 -21.17 47.06
CA SER E 512 33.25 -21.57 47.99
C SER E 512 32.77 -21.45 49.41
N LYS E 513 31.73 -20.65 49.60
CA LYS E 513 31.17 -20.44 50.92
C LYS E 513 30.24 -21.59 51.27
N SER E 514 29.47 -22.00 50.28
CA SER E 514 28.51 -23.06 50.46
C SER E 514 29.11 -24.45 50.68
N ASP E 515 30.33 -24.66 50.17
CA ASP E 515 30.98 -25.98 50.28
C ASP E 515 32.46 -25.86 50.77
N PRO E 516 32.89 -26.75 51.69
CA PRO E 516 34.25 -26.76 52.25
C PRO E 516 35.31 -27.37 51.32
N CYS E 517 34.88 -28.37 50.57
CA CYS E 517 35.75 -29.10 49.66
C CYS E 517 35.83 -28.60 48.21
N VAL E 518 34.95 -27.68 47.81
CA VAL E 518 35.05 -27.18 46.45
C VAL E 518 36.08 -26.07 46.52
N LEU E 519 36.74 -25.79 45.42
CA LEU E 519 37.75 -24.75 45.44
C LEU E 519 37.72 -23.92 44.17
N THR E 520 37.71 -22.59 44.33
CA THR E 520 37.71 -21.67 43.20
C THR E 520 38.93 -20.76 43.29
N TYR E 521 39.50 -20.41 42.14
CA TYR E 521 40.67 -19.55 42.16
C TYR E 521 41.04 -18.93 40.82
N MET E 522 41.62 -17.75 40.92
CA MET E 522 42.08 -16.95 39.78
C MET E 522 43.49 -17.34 39.36
N SER E 523 43.62 -18.07 38.26
CA SER E 523 44.93 -18.49 37.77
C SER E 523 45.79 -17.32 37.26
N GLU E 524 46.98 -17.63 36.77
CA GLU E 524 47.89 -16.62 36.25
C GLU E 524 47.44 -16.07 34.91
N SER E 525 46.88 -16.94 34.09
CA SER E 525 46.37 -16.52 32.80
C SER E 525 45.07 -15.71 33.00
N GLY E 526 44.77 -15.34 34.25
CA GLY E 526 43.55 -14.59 34.55
C GLY E 526 42.32 -15.48 34.44
N GLU E 527 42.60 -16.80 34.51
CA GLU E 527 41.64 -17.90 34.42
C GLU E 527 40.95 -18.24 35.73
N HIS E 528 39.65 -18.50 35.66
CA HIS E 528 38.90 -18.86 36.84
C HIS E 528 38.77 -20.37 36.83
N ILE E 529 39.04 -21.00 37.97
CA ILE E 529 38.95 -22.46 38.02
C ILE E 529 38.01 -22.95 39.13
N VAL E 530 37.52 -24.18 38.96
CA VAL E 530 36.63 -24.82 39.93
C VAL E 530 36.98 -26.29 40.03
N ALA E 531 37.53 -26.67 41.18
CA ALA E 531 37.95 -28.04 41.44
C ALA E 531 37.16 -28.75 42.53
N GLY E 532 36.91 -30.03 42.29
CA GLY E 532 36.17 -30.83 43.23
C GLY E 532 36.79 -32.18 43.53
N THR E 533 36.19 -32.85 44.52
CA THR E 533 36.66 -34.14 44.98
C THR E 533 36.55 -35.22 43.91
N GLY E 534 35.69 -35.01 42.93
CA GLY E 534 35.57 -36.03 41.91
C GLY E 534 34.66 -35.62 40.76
N GLU E 535 34.37 -36.59 39.89
CA GLU E 535 33.52 -36.36 38.73
C GLU E 535 32.19 -35.73 39.09
N LEU E 536 31.42 -36.47 39.86
CA LEU E 536 30.13 -35.99 40.27
C LEU E 536 30.23 -34.70 41.03
N HIS E 537 30.84 -34.77 42.21
CA HIS E 537 31.00 -33.62 43.09
C HIS E 537 31.21 -32.35 42.27
N LEU E 538 32.16 -32.40 41.33
CA LEU E 538 32.43 -31.24 40.49
C LEU E 538 31.21 -30.96 39.64
N GLU E 539 30.69 -32.02 39.02
CA GLU E 539 29.52 -31.89 38.19
C GLU E 539 28.45 -31.08 38.90
N ILE E 540 28.09 -31.52 40.09
CA ILE E 540 27.07 -30.84 40.89
C ILE E 540 27.38 -29.36 41.06
N CYS E 541 28.52 -29.07 41.68
CA CYS E 541 28.96 -27.70 41.93
C CYS E 541 28.83 -26.78 40.72
N LEU E 542 29.04 -27.32 39.52
CA LEU E 542 28.95 -26.53 38.30
C LEU E 542 27.54 -26.05 38.05
N GLN E 543 26.59 -26.98 38.08
CA GLN E 543 25.18 -26.62 37.87
C GLN E 543 24.80 -25.48 38.79
N ASP E 544 24.81 -25.77 40.09
CA ASP E 544 24.46 -24.80 41.12
C ASP E 544 25.10 -23.43 40.89
N LEU E 545 26.22 -23.39 40.20
CA LEU E 545 26.87 -22.12 39.97
C LEU E 545 26.22 -21.36 38.82
N GLU E 546 26.11 -22.01 37.66
CA GLU E 546 25.51 -21.38 36.47
C GLU E 546 24.01 -21.19 36.64
N HIS E 547 23.47 -21.79 37.69
CA HIS E 547 22.04 -21.70 37.97
C HIS E 547 21.69 -20.80 39.12
N ASP E 548 22.49 -20.84 40.18
CA ASP E 548 22.22 -20.01 41.35
C ASP E 548 23.30 -18.96 41.64
N HIS E 549 24.35 -19.37 42.35
CA HIS E 549 25.47 -18.51 42.71
C HIS E 549 25.80 -17.46 41.69
N ALA E 550 25.77 -17.90 40.44
CA ALA E 550 26.13 -17.04 39.34
C ALA E 550 25.09 -16.07 38.89
N GLY E 551 25.58 -14.94 38.39
CA GLY E 551 24.69 -13.91 37.91
C GLY E 551 24.15 -14.17 36.51
N VAL E 552 24.70 -15.14 35.77
CA VAL E 552 24.26 -15.43 34.39
C VAL E 552 24.78 -16.84 33.98
N PRO E 553 24.47 -17.33 32.75
CA PRO E 553 24.86 -18.65 32.19
C PRO E 553 26.37 -18.87 32.00
N LEU E 554 26.81 -20.13 31.80
CA LEU E 554 28.24 -20.44 31.67
C LEU E 554 28.69 -21.55 30.70
N LYS E 555 29.97 -21.50 30.33
CA LYS E 555 30.59 -22.47 29.45
C LYS E 555 31.79 -23.14 30.13
N ILE E 556 31.70 -24.45 30.29
CA ILE E 556 32.73 -25.24 30.93
C ILE E 556 33.56 -25.96 29.85
N SER E 557 34.27 -26.99 30.25
CA SER E 557 35.06 -27.76 29.33
C SER E 557 35.28 -29.09 30.01
N PRO E 558 35.54 -30.14 29.21
CA PRO E 558 35.77 -31.51 29.70
C PRO E 558 36.51 -31.54 31.04
N PRO E 559 36.40 -32.66 31.78
CA PRO E 559 37.03 -32.87 33.09
C PRO E 559 38.53 -33.14 32.94
N VAL E 560 39.33 -32.54 33.82
CA VAL E 560 40.79 -32.70 33.80
C VAL E 560 41.27 -33.14 35.18
N VAL E 561 42.16 -34.11 35.19
CA VAL E 561 42.69 -34.59 36.45
C VAL E 561 43.87 -33.72 36.82
N ALA E 562 43.97 -33.37 38.11
CA ALA E 562 45.07 -32.55 38.60
C ALA E 562 46.28 -33.44 38.91
N TYR E 563 47.44 -33.07 38.35
CA TYR E 563 48.67 -33.82 38.54
C TYR E 563 49.61 -33.04 39.44
N ARG E 564 50.82 -33.56 39.59
CA ARG E 564 51.82 -32.93 40.42
C ARG E 564 53.17 -33.03 39.75
N GLU E 565 53.95 -31.98 39.86
CA GLU E 565 55.29 -31.95 39.29
C GLU E 565 56.32 -32.20 40.38
N THR E 566 57.17 -33.18 40.20
CA THR E 566 58.16 -33.47 41.24
C THR E 566 59.50 -33.87 40.62
N VAL E 567 60.53 -34.00 41.46
CA VAL E 567 61.86 -34.38 41.00
C VAL E 567 62.26 -35.77 41.53
N GLU E 568 63.18 -36.45 40.85
CA GLU E 568 63.58 -37.78 41.29
C GLU E 568 64.96 -37.81 41.89
N SER E 569 65.71 -36.74 41.68
CA SER E 569 67.07 -36.67 42.19
C SER E 569 67.57 -35.23 42.37
N GLU E 570 68.83 -35.09 42.73
CA GLU E 570 69.42 -33.77 42.91
C GLU E 570 69.77 -33.21 41.52
N SER E 571 69.69 -31.90 41.39
CA SER E 571 69.99 -31.23 40.13
C SER E 571 71.33 -31.70 39.54
N SER E 572 71.36 -32.05 38.25
CA SER E 572 72.59 -32.49 37.58
C SER E 572 73.77 -31.62 37.95
N GLN E 573 73.54 -30.31 37.97
CA GLN E 573 74.57 -29.32 38.29
C GLN E 573 73.89 -28.08 38.87
N THR E 574 74.67 -27.22 39.53
CA THR E 574 74.12 -26.02 40.13
C THR E 574 73.33 -25.13 39.19
N ALA E 575 72.17 -24.72 39.65
CA ALA E 575 71.32 -23.88 38.85
C ALA E 575 71.62 -22.44 39.19
N LEU E 576 71.62 -21.60 38.18
CA LEU E 576 71.92 -20.19 38.38
C LEU E 576 71.13 -19.24 37.47
N SER E 577 70.74 -18.10 38.04
CA SER E 577 69.99 -17.08 37.32
C SER E 577 70.33 -15.73 37.90
N LYS E 578 70.21 -14.70 37.09
CA LYS E 578 70.46 -13.36 37.59
C LYS E 578 69.30 -12.47 37.20
N SER E 579 69.10 -11.42 37.96
CA SER E 579 68.01 -10.49 37.71
C SER E 579 68.20 -9.73 36.39
N PRO E 580 67.19 -8.93 36.00
CA PRO E 580 67.33 -8.16 34.76
C PRO E 580 68.47 -7.17 34.94
N ASN E 581 68.55 -6.57 36.13
CA ASN E 581 69.61 -5.61 36.46
C ASN E 581 70.94 -6.17 35.99
N LYS E 582 71.12 -7.45 36.31
CA LYS E 582 72.32 -8.21 36.02
C LYS E 582 73.28 -7.96 37.18
N HIS E 583 72.70 -7.56 38.30
CA HIS E 583 73.47 -7.28 39.49
C HIS E 583 73.23 -8.30 40.57
N ASN E 584 72.13 -9.05 40.47
CA ASN E 584 71.83 -10.04 41.47
C ASN E 584 71.80 -11.44 40.90
N ARG E 585 72.35 -12.38 41.67
CA ARG E 585 72.40 -13.79 41.27
C ARG E 585 71.93 -14.71 42.39
N ILE E 586 71.31 -15.82 41.99
CA ILE E 586 70.86 -16.82 42.94
C ILE E 586 71.34 -18.16 42.41
N TYR E 587 72.04 -18.88 43.27
CA TYR E 587 72.59 -20.19 42.94
C TYR E 587 71.83 -21.20 43.79
N LEU E 588 71.32 -22.26 43.16
CA LEU E 588 70.61 -23.24 43.93
C LEU E 588 70.60 -24.58 43.28
N LYS E 589 70.14 -25.55 44.05
CA LYS E 589 70.06 -26.89 43.58
C LYS E 589 68.77 -27.45 44.15
N ALA E 590 68.15 -28.37 43.42
CA ALA E 590 66.90 -28.96 43.86
C ALA E 590 67.08 -30.42 44.16
N GLU E 591 66.38 -30.91 45.17
CA GLU E 591 66.48 -32.32 45.50
C GLU E 591 65.14 -32.82 46.01
N PRO E 592 64.90 -34.15 45.90
CA PRO E 592 63.67 -34.81 46.34
C PRO E 592 63.35 -34.75 47.85
N ILE E 593 62.07 -34.80 48.20
CA ILE E 593 61.65 -34.84 49.60
C ILE E 593 61.03 -36.22 49.72
N ASP E 594 61.32 -36.93 50.80
CA ASP E 594 60.75 -38.27 50.97
C ASP E 594 59.23 -38.23 51.18
N GLU E 595 58.50 -39.16 50.56
CA GLU E 595 57.05 -39.20 50.69
C GLU E 595 56.60 -39.08 52.14
N GLU E 596 57.39 -39.64 53.04
CA GLU E 596 57.04 -39.59 54.45
C GLU E 596 56.95 -38.16 54.94
N VAL E 597 57.97 -37.37 54.62
CA VAL E 597 58.01 -35.98 55.05
C VAL E 597 56.88 -35.20 54.42
N SER E 598 56.65 -35.47 53.14
CA SER E 598 55.60 -34.80 52.41
C SER E 598 54.27 -35.07 53.09
N LEU E 599 54.06 -36.33 53.41
CA LEU E 599 52.84 -36.73 54.08
C LEU E 599 52.81 -36.04 55.42
N ALA E 600 53.98 -36.03 56.07
CA ALA E 600 54.11 -35.40 57.37
C ALA E 600 53.66 -33.96 57.26
N ILE E 601 54.08 -33.29 56.19
CA ILE E 601 53.72 -31.90 55.95
C ILE E 601 52.22 -31.81 55.64
N GLU E 602 51.75 -32.73 54.82
CA GLU E 602 50.35 -32.76 54.45
C GLU E 602 49.46 -33.04 55.64
N ASN E 603 49.95 -33.83 56.58
CA ASN E 603 49.18 -34.19 57.77
C ASN E 603 49.53 -33.42 59.04
N GLY E 604 49.87 -32.14 58.90
CA GLY E 604 50.19 -31.31 60.06
C GLY E 604 51.37 -31.60 61.00
N ILE E 605 52.01 -32.76 60.88
CA ILE E 605 53.15 -33.10 61.76
C ILE E 605 54.21 -32.02 61.61
N ILE E 606 54.74 -31.89 60.38
CA ILE E 606 55.74 -30.87 60.06
C ILE E 606 54.90 -29.62 59.76
N ASN E 607 54.82 -28.69 60.70
CA ASN E 607 54.00 -27.52 60.48
C ASN E 607 54.72 -26.20 60.24
N PRO E 608 54.27 -25.44 59.23
CA PRO E 608 54.84 -24.15 58.86
C PRO E 608 54.82 -23.13 59.98
N ARG E 609 53.75 -23.17 60.77
CA ARG E 609 53.55 -22.24 61.88
C ARG E 609 54.30 -22.65 63.15
N ASP E 610 54.86 -23.85 63.17
CA ASP E 610 55.59 -24.33 64.34
C ASP E 610 56.78 -23.45 64.69
N ASP E 611 57.42 -23.77 65.82
CA ASP E 611 58.62 -23.08 66.26
C ASP E 611 59.70 -23.75 65.40
N PHE E 612 60.48 -22.97 64.65
CA PHE E 612 61.49 -23.57 63.78
C PHE E 612 62.39 -24.59 64.50
N LYS E 613 62.65 -24.37 65.79
CA LYS E 613 63.49 -25.28 66.56
C LYS E 613 62.81 -26.63 66.85
N ALA E 614 61.58 -26.58 67.34
CA ALA E 614 60.85 -27.81 67.65
C ALA E 614 60.68 -28.61 66.38
N ARG E 615 60.19 -27.94 65.35
CA ARG E 615 59.95 -28.55 64.05
C ARG E 615 61.21 -29.22 63.60
N ALA E 616 62.30 -28.52 63.80
CA ALA E 616 63.57 -29.04 63.40
C ALA E 616 63.86 -30.31 64.18
N ARG E 617 63.64 -30.24 65.47
CA ARG E 617 63.91 -31.38 66.30
C ARG E 617 63.17 -32.56 65.72
N ILE E 618 61.92 -32.32 65.36
CA ILE E 618 61.10 -33.38 64.82
C ILE E 618 61.70 -33.96 63.54
N MET E 619 61.99 -33.10 62.57
CA MET E 619 62.52 -33.56 61.30
C MET E 619 63.85 -34.28 61.45
N ALA E 620 64.68 -33.77 62.36
CA ALA E 620 65.97 -34.37 62.59
C ALA E 620 65.74 -35.75 63.12
N ASP E 621 65.01 -35.80 64.23
CA ASP E 621 64.71 -37.05 64.90
C ASP E 621 63.95 -38.09 64.05
N ASP E 622 62.64 -37.91 63.95
CA ASP E 622 61.78 -38.85 63.23
C ASP E 622 61.90 -38.95 61.69
N TYR E 623 62.67 -38.08 61.06
CA TYR E 623 62.75 -38.13 59.60
C TYR E 623 64.14 -38.07 58.97
N GLY E 624 65.16 -38.23 59.78
CA GLY E 624 66.50 -38.22 59.23
C GLY E 624 66.86 -36.99 58.42
N TRP E 625 66.78 -35.84 59.07
CA TRP E 625 67.11 -34.56 58.47
C TRP E 625 68.21 -33.91 59.36
N ASP E 626 69.15 -33.17 58.75
CA ASP E 626 70.21 -32.49 59.51
C ASP E 626 69.59 -31.35 60.26
N VAL E 627 69.58 -31.45 61.57
CA VAL E 627 68.96 -30.42 62.35
C VAL E 627 69.46 -29.07 61.84
N THR E 628 70.58 -29.08 61.15
CA THR E 628 71.08 -27.84 60.64
C THR E 628 70.23 -27.33 59.51
N ASP E 629 70.01 -28.18 58.53
CA ASP E 629 69.19 -27.78 57.40
C ASP E 629 67.81 -27.37 57.85
N ALA E 630 67.16 -28.23 58.60
CA ALA E 630 65.82 -27.96 59.07
C ALA E 630 65.62 -26.62 59.80
N ARG E 631 66.64 -26.16 60.51
CA ARG E 631 66.52 -24.90 61.24
C ARG E 631 66.62 -23.74 60.29
N LYS E 632 66.98 -24.06 59.05
CA LYS E 632 67.13 -23.05 57.99
C LYS E 632 65.98 -23.04 56.98
N ILE E 633 64.84 -23.62 57.33
CA ILE E 633 63.72 -23.62 56.38
C ILE E 633 63.23 -22.17 56.22
N TRP E 634 63.09 -21.70 54.98
CA TRP E 634 62.65 -20.33 54.77
C TRP E 634 61.15 -20.28 54.55
N CYS E 635 60.61 -21.32 53.96
CA CYS E 635 59.20 -21.35 53.73
C CYS E 635 58.77 -22.67 53.11
N PHE E 636 57.45 -22.88 53.09
CA PHE E 636 56.85 -24.06 52.51
C PHE E 636 56.11 -23.54 51.26
N GLY E 637 55.54 -24.45 50.48
CA GLY E 637 54.82 -24.01 49.29
C GLY E 637 54.08 -25.12 48.54
N PRO E 638 53.02 -24.78 47.79
CA PRO E 638 52.44 -23.45 47.58
C PRO E 638 51.61 -22.99 48.76
N ASP E 639 50.90 -21.89 48.57
CA ASP E 639 50.02 -21.37 49.60
C ASP E 639 50.67 -21.34 50.99
N GLY E 640 51.99 -21.15 51.04
CA GLY E 640 52.69 -21.10 52.30
C GLY E 640 52.65 -22.32 53.23
N ASN E 641 52.21 -23.48 52.76
CA ASN E 641 52.18 -24.66 53.63
C ASN E 641 52.23 -25.97 52.86
N GLY E 642 52.58 -25.88 51.59
CA GLY E 642 52.65 -27.06 50.72
C GLY E 642 53.82 -27.98 50.99
N PRO E 643 53.78 -29.19 50.43
CA PRO E 643 54.88 -30.14 50.65
C PRO E 643 56.11 -29.83 49.81
N ASN E 644 56.62 -28.62 49.98
CA ASN E 644 57.82 -28.21 49.27
C ASN E 644 58.53 -27.23 50.18
N LEU E 645 59.86 -27.26 50.16
CA LEU E 645 60.63 -26.39 51.02
C LEU E 645 61.79 -25.66 50.34
N VAL E 646 62.21 -24.59 51.01
CA VAL E 646 63.34 -23.79 50.58
C VAL E 646 64.28 -23.76 51.78
N ILE E 647 65.49 -24.22 51.55
CA ILE E 647 66.44 -24.26 52.63
C ILE E 647 67.57 -23.31 52.35
N ASP E 648 67.84 -22.44 53.32
CA ASP E 648 68.90 -21.46 53.19
C ASP E 648 70.26 -22.04 53.50
N GLN E 649 70.94 -22.54 52.48
CA GLN E 649 72.25 -23.07 52.74
C GLN E 649 73.35 -22.06 52.39
N THR E 650 73.01 -20.80 52.19
CA THR E 650 74.07 -19.83 51.87
C THR E 650 75.03 -19.67 53.04
N LYS E 651 76.19 -19.06 52.79
CA LYS E 651 77.20 -18.85 53.82
C LYS E 651 77.73 -17.44 53.70
N ALA E 652 77.44 -16.60 54.69
CA ALA E 652 77.95 -15.23 54.73
C ALA E 652 77.56 -14.29 53.59
N VAL E 653 76.27 -14.27 53.27
CA VAL E 653 75.81 -13.41 52.21
C VAL E 653 75.21 -12.17 52.84
N GLN E 654 75.97 -11.08 52.82
CA GLN E 654 75.47 -9.86 53.40
C GLN E 654 74.17 -9.40 52.75
N TYR E 655 73.26 -8.88 53.58
CA TYR E 655 71.96 -8.38 53.16
C TYR E 655 70.95 -9.49 52.83
N LEU E 656 71.39 -10.73 52.95
CA LEU E 656 70.54 -11.86 52.62
C LEU E 656 69.10 -11.73 53.07
N HIS E 657 68.89 -11.42 54.32
CA HIS E 657 67.54 -11.31 54.81
C HIS E 657 66.71 -10.26 54.09
N GLU E 658 67.36 -9.28 53.47
CA GLU E 658 66.60 -8.24 52.78
C GLU E 658 65.89 -8.70 51.51
N ILE E 659 66.20 -9.91 51.04
CA ILE E 659 65.57 -10.42 49.83
C ILE E 659 64.70 -11.63 50.14
N LYS E 660 64.69 -12.03 51.39
CA LYS E 660 63.92 -13.19 51.82
C LYS E 660 62.47 -13.16 51.36
N ASP E 661 61.73 -12.11 51.72
CA ASP E 661 60.32 -12.03 51.35
C ASP E 661 60.16 -12.26 49.86
N SER E 662 61.05 -11.68 49.09
CA SER E 662 60.99 -11.85 47.66
C SER E 662 61.21 -13.33 47.33
N VAL E 663 62.29 -13.90 47.87
CA VAL E 663 62.62 -15.29 47.62
C VAL E 663 61.45 -16.18 47.90
N VAL E 664 60.80 -15.94 49.02
CA VAL E 664 59.66 -16.76 49.37
C VAL E 664 58.52 -16.53 48.41
N ALA E 665 58.24 -15.27 48.13
CA ALA E 665 57.17 -14.92 47.23
C ALA E 665 57.38 -15.63 45.93
N ALA E 666 58.60 -15.59 45.42
CA ALA E 666 58.88 -16.27 44.17
C ALA E 666 58.63 -17.78 44.32
N PHE E 667 58.97 -18.34 45.49
CA PHE E 667 58.80 -19.78 45.70
C PHE E 667 57.35 -20.21 45.65
N GLN E 668 56.47 -19.33 46.13
CA GLN E 668 55.05 -19.63 46.11
C GLN E 668 54.54 -19.79 44.67
N TRP E 669 55.04 -18.99 43.74
CA TRP E 669 54.60 -19.11 42.34
C TRP E 669 55.25 -20.28 41.64
N ALA E 670 56.54 -20.47 41.91
CA ALA E 670 57.27 -21.56 41.31
C ALA E 670 56.63 -22.88 41.69
N THR E 671 56.22 -23.02 42.93
CA THR E 671 55.62 -24.29 43.33
C THR E 671 54.16 -24.45 42.94
N LYS E 672 53.45 -23.35 42.69
CA LYS E 672 52.04 -23.43 42.31
C LYS E 672 51.86 -23.87 40.87
N GLU E 673 52.75 -23.40 40.01
CA GLU E 673 52.67 -23.77 38.61
C GLU E 673 54.07 -24.07 38.11
N GLY E 674 54.38 -25.36 38.07
CA GLY E 674 55.70 -25.82 37.65
C GLY E 674 56.02 -25.62 36.18
N PRO E 675 57.24 -25.96 35.76
CA PRO E 675 57.71 -25.82 34.38
C PRO E 675 57.45 -27.00 33.49
N ILE E 676 56.93 -28.11 34.01
CA ILE E 676 56.65 -29.23 33.13
C ILE E 676 55.40 -28.94 32.33
N PHE E 677 54.35 -28.46 33.00
CA PHE E 677 53.11 -28.08 32.33
C PHE E 677 52.08 -27.35 33.20
N GLY E 678 52.56 -26.43 34.03
CA GLY E 678 51.69 -25.61 34.87
C GLY E 678 51.10 -26.24 36.11
N GLU E 679 51.46 -27.49 36.39
CA GLU E 679 50.94 -28.19 37.56
C GLU E 679 51.70 -27.88 38.83
N GLU E 680 51.08 -28.21 39.96
CA GLU E 680 51.69 -27.98 41.24
C GLU E 680 52.86 -28.91 41.48
N MET E 681 53.82 -28.39 42.23
CA MET E 681 55.01 -29.15 42.59
C MET E 681 54.69 -29.89 43.89
N ARG E 682 55.33 -31.05 44.05
CA ARG E 682 55.16 -31.86 45.24
C ARG E 682 56.44 -32.60 45.64
N SER E 683 56.81 -32.46 46.90
CA SER E 683 58.00 -33.10 47.44
C SER E 683 59.26 -32.54 46.79
N VAL E 684 59.34 -31.23 46.63
CA VAL E 684 60.51 -30.62 46.02
C VAL E 684 61.28 -29.80 47.04
N ARG E 685 62.57 -30.11 47.13
CA ARG E 685 63.46 -29.44 48.05
C ARG E 685 64.38 -28.50 47.26
N VAL E 686 64.45 -27.25 47.69
CA VAL E 686 65.29 -26.25 47.03
C VAL E 686 66.28 -25.69 48.01
N ASN E 687 67.56 -25.93 47.76
CA ASN E 687 68.60 -25.44 48.64
C ASN E 687 69.30 -24.23 48.02
N ILE E 688 69.22 -23.08 48.69
CA ILE E 688 69.89 -21.87 48.19
C ILE E 688 71.36 -21.97 48.59
N LEU E 689 72.20 -22.23 47.59
CA LEU E 689 73.62 -22.39 47.79
C LEU E 689 74.36 -21.08 47.89
N ASP E 690 74.03 -20.14 47.04
CA ASP E 690 74.72 -18.88 47.09
C ASP E 690 73.87 -17.74 46.57
N VAL E 691 74.25 -16.52 46.94
CA VAL E 691 73.55 -15.33 46.50
C VAL E 691 74.53 -14.14 46.46
N THR E 692 74.43 -13.31 45.42
CA THR E 692 75.28 -12.12 45.30
C THR E 692 74.31 -10.98 45.07
N LEU E 693 74.34 -10.00 45.96
CA LEU E 693 73.42 -8.88 45.89
C LEU E 693 74.06 -7.52 45.71
N HIS E 694 73.39 -6.67 44.95
CA HIS E 694 73.88 -5.30 44.73
C HIS E 694 73.91 -4.71 46.13
N ALA E 695 74.91 -3.88 46.38
CA ALA E 695 75.05 -3.26 47.67
C ALA E 695 73.85 -2.35 48.01
N ASP E 696 73.33 -1.64 47.01
CA ASP E 696 72.20 -0.72 47.21
C ASP E 696 70.83 -1.40 47.05
N ALA E 697 69.98 -1.22 48.04
CA ALA E 697 68.65 -1.83 48.03
C ALA E 697 67.83 -1.51 46.79
N ILE E 698 67.91 -0.27 46.31
CA ILE E 698 67.15 0.15 45.13
C ILE E 698 67.16 -0.87 44.00
N ARG E 700 67.76 -4.18 44.37
CA ARG E 700 67.45 -5.55 44.79
C ARG E 700 65.99 -5.72 45.16
N GLY E 701 65.14 -4.92 44.54
CA GLY E 701 63.73 -5.00 44.85
C GLY E 701 63.04 -6.26 44.37
N GLY E 702 61.77 -6.37 44.73
CA GLY E 702 61.00 -7.53 44.34
C GLY E 702 60.99 -7.77 42.85
N GLY E 703 60.73 -6.71 42.09
CA GLY E 703 60.68 -6.84 40.66
C GLY E 703 61.95 -7.48 40.13
N GLN E 704 63.03 -7.32 40.88
CA GLN E 704 64.31 -7.88 40.46
C GLN E 704 64.54 -9.28 41.00
N ILE E 705 64.39 -9.48 42.29
CA ILE E 705 64.67 -10.81 42.77
C ILE E 705 63.60 -11.85 42.45
N ILE E 706 62.34 -11.52 42.66
CA ILE E 706 61.30 -12.51 42.41
C ILE E 706 61.43 -13.29 41.15
N PRO E 707 61.69 -12.60 40.04
CA PRO E 707 61.81 -13.37 38.80
C PRO E 707 63.03 -14.29 38.83
N THR E 708 64.13 -13.76 39.34
CA THR E 708 65.38 -14.51 39.39
C THR E 708 65.17 -15.83 40.10
N MET E 709 64.71 -15.77 41.34
CA MET E 709 64.48 -16.96 42.14
C MET E 709 63.58 -17.93 41.38
N ARG E 710 62.52 -17.40 40.82
CA ARG E 710 61.55 -18.21 40.09
C ARG E 710 62.23 -18.96 38.94
N ARG E 711 63.10 -18.28 38.21
CA ARG E 711 63.74 -18.92 37.08
C ARG E 711 64.78 -19.92 37.55
N ALA E 712 65.51 -19.56 38.57
CA ALA E 712 66.52 -20.46 39.07
C ALA E 712 65.84 -21.74 39.49
N THR E 713 64.78 -21.60 40.29
CA THR E 713 64.07 -22.76 40.76
C THR E 713 63.62 -23.62 39.59
N TYR E 714 63.16 -22.99 38.54
CA TYR E 714 62.71 -23.77 37.40
C TYR E 714 63.89 -24.51 36.86
N ALA E 715 64.98 -23.79 36.70
CA ALA E 715 66.17 -24.40 36.16
C ALA E 715 66.60 -25.58 37.01
N GLY E 716 66.70 -25.36 38.32
CA GLY E 716 67.13 -26.42 39.19
C GLY E 716 66.22 -27.60 39.03
N PHE E 717 64.92 -27.32 39.12
CA PHE E 717 63.90 -28.34 39.01
C PHE E 717 64.12 -29.18 37.78
N LEU E 718 64.26 -28.53 36.62
CA LEU E 718 64.45 -29.24 35.36
C LEU E 718 65.76 -30.04 35.34
N LEU E 719 66.71 -29.67 36.20
CA LEU E 719 68.00 -30.36 36.25
C LEU E 719 68.01 -31.51 37.24
N ALA E 720 67.02 -31.52 38.11
CA ALA E 720 66.92 -32.56 39.12
C ALA E 720 66.13 -33.79 38.68
N ASP E 721 66.14 -34.08 37.38
CA ASP E 721 65.44 -35.25 36.85
C ASP E 721 63.94 -35.18 37.10
N PRO E 722 63.22 -34.50 36.21
CA PRO E 722 61.77 -34.31 36.28
C PRO E 722 60.91 -35.56 36.12
N LYS E 723 59.76 -35.53 36.77
CA LYS E 723 58.78 -36.62 36.73
C LYS E 723 57.44 -36.05 37.21
N ILE E 724 56.35 -36.72 36.87
CA ILE E 724 55.06 -36.22 37.32
C ILE E 724 54.29 -37.28 38.11
N GLN E 725 53.42 -36.82 39.01
CA GLN E 725 52.64 -37.74 39.81
C GLN E 725 51.16 -37.65 39.44
N GLU E 726 50.47 -38.78 39.54
CA GLU E 726 49.04 -38.84 39.23
C GLU E 726 48.28 -39.23 40.52
N PRO E 727 47.06 -38.70 40.71
CA PRO E 727 46.27 -39.02 41.91
C PRO E 727 45.66 -40.43 41.85
N VAL E 728 45.53 -41.08 43.01
CA VAL E 728 44.97 -42.42 43.08
C VAL E 728 43.92 -42.57 44.20
N PHE E 729 42.88 -43.37 43.93
CA PHE E 729 41.80 -43.63 44.88
C PHE E 729 42.03 -44.97 45.60
N LEU E 730 41.60 -45.06 46.84
CA LEU E 730 41.72 -46.31 47.58
C LEU E 730 40.27 -46.78 47.62
N VAL E 731 39.90 -47.71 46.75
CA VAL E 731 38.52 -48.20 46.71
C VAL E 731 38.27 -49.47 47.52
N GLU E 732 37.32 -49.39 48.44
CA GLU E 732 36.93 -50.52 49.30
C GLU E 732 35.63 -51.09 48.70
N ILE E 733 35.57 -52.40 48.50
CA ILE E 733 34.39 -53.04 47.91
C ILE E 733 33.81 -54.25 48.65
N GLN E 734 32.51 -54.19 48.91
CA GLN E 734 31.80 -55.27 49.57
C GLN E 734 31.15 -56.09 48.49
N CYS E 735 31.35 -57.40 48.50
CA CYS E 735 30.73 -58.23 47.49
C CYS E 735 30.77 -59.71 47.81
N PRO E 736 29.68 -60.42 47.48
CA PRO E 736 29.52 -61.85 47.70
C PRO E 736 30.59 -62.66 46.97
N GLU E 737 31.24 -63.57 47.67
CA GLU E 737 32.29 -64.38 47.09
C GLU E 737 32.00 -64.70 45.63
N GLN E 738 30.72 -64.89 45.35
CA GLN E 738 30.19 -65.20 44.03
C GLN E 738 30.53 -64.19 42.94
N ALA E 739 30.30 -62.92 43.23
CA ALA E 739 30.56 -61.85 42.28
C ALA E 739 31.94 -61.19 42.39
N VAL E 740 32.77 -61.61 43.36
CA VAL E 740 34.11 -61.02 43.53
C VAL E 740 34.92 -61.13 42.25
N GLY E 741 34.47 -62.01 41.37
CA GLY E 741 35.15 -62.19 40.10
C GLY E 741 35.12 -60.89 39.31
N GLY E 742 33.92 -60.32 39.14
CA GLY E 742 33.77 -59.07 38.40
C GLY E 742 34.65 -57.94 38.89
N ILE E 743 35.00 -57.99 40.17
CA ILE E 743 35.86 -56.97 40.74
C ILE E 743 37.17 -56.97 39.99
N TYR E 744 37.99 -57.98 40.27
CA TYR E 744 39.31 -58.14 39.65
C TYR E 744 39.25 -57.96 38.14
N SER E 745 38.11 -58.31 37.56
CA SER E 745 37.91 -58.20 36.13
C SER E 745 38.02 -56.73 35.69
N VAL E 746 37.25 -55.86 36.32
CA VAL E 746 37.28 -54.45 35.96
C VAL E 746 38.55 -53.76 36.43
N LEU E 747 39.07 -54.16 37.59
CA LEU E 747 40.29 -53.54 38.12
C LEU E 747 41.45 -53.72 37.14
N ASN E 748 41.44 -54.81 36.39
CA ASN E 748 42.50 -55.09 35.43
C ASN E 748 42.38 -54.32 34.13
N LYS E 749 41.29 -53.58 33.96
CA LYS E 749 41.09 -52.79 32.75
C LYS E 749 41.08 -51.31 33.12
N LYS E 750 41.61 -51.01 34.29
CA LYS E 750 41.67 -49.65 34.79
C LYS E 750 43.00 -49.37 35.47
N ARG E 751 43.92 -50.33 35.42
CA ARG E 751 45.21 -50.19 36.06
C ARG E 751 45.02 -50.20 37.59
N GLY E 752 44.03 -50.96 38.03
CA GLY E 752 43.75 -51.08 39.45
C GLY E 752 44.79 -51.97 40.11
N GLN E 753 45.05 -51.73 41.39
CA GLN E 753 46.04 -52.52 42.10
C GLN E 753 45.43 -53.03 43.38
N VAL E 754 45.21 -54.33 43.46
CA VAL E 754 44.61 -54.95 44.63
C VAL E 754 45.52 -54.84 45.86
N VAL E 755 45.02 -54.23 46.93
CA VAL E 755 45.80 -54.07 48.16
C VAL E 755 45.52 -55.16 49.17
N SER E 756 44.27 -55.60 49.21
CA SER E 756 43.87 -56.65 50.13
C SER E 756 42.44 -57.13 49.91
N GLU E 757 42.25 -58.41 50.17
CA GLU E 757 40.96 -59.05 50.03
C GLU E 757 40.70 -59.97 51.22
N GLU E 758 39.64 -59.71 51.97
CA GLU E 758 39.30 -60.53 53.13
C GLU E 758 37.86 -61.00 53.08
N GLN E 759 37.52 -61.87 54.02
CA GLN E 759 36.17 -62.39 54.11
C GLN E 759 35.64 -62.18 55.50
N ARG E 760 34.34 -61.92 55.59
CA ARG E 760 33.67 -61.73 56.86
C ARG E 760 33.43 -63.12 57.44
N PRO E 761 34.11 -63.48 58.55
CA PRO E 761 33.97 -64.80 59.18
C PRO E 761 32.82 -65.71 58.74
N GLY E 762 31.63 -65.46 59.24
CA GLY E 762 30.48 -66.28 58.91
C GLY E 762 30.03 -66.33 57.47
N THR E 763 29.50 -65.21 56.99
CA THR E 763 28.99 -65.06 55.63
C THR E 763 30.03 -65.25 54.49
N PRO E 764 29.58 -65.33 53.20
CA PRO E 764 30.44 -65.49 52.01
C PRO E 764 30.76 -64.11 51.40
N LEU E 765 30.67 -63.08 52.24
CA LEU E 765 30.89 -61.68 51.87
C LEU E 765 32.32 -61.20 51.92
N PHE E 766 32.93 -61.14 50.75
CA PHE E 766 34.29 -60.68 50.64
C PHE E 766 34.31 -59.16 50.65
N THR E 767 35.49 -58.61 50.94
CA THR E 767 35.69 -57.18 50.98
C THR E 767 37.05 -56.85 50.39
N VAL E 768 37.04 -56.52 49.10
CA VAL E 768 38.26 -56.22 48.39
C VAL E 768 38.69 -54.77 48.49
N LYS E 769 39.98 -54.55 48.73
CA LYS E 769 40.53 -53.19 48.79
C LYS E 769 41.60 -53.04 47.71
N ALA E 770 41.50 -51.99 46.91
CA ALA E 770 42.47 -51.74 45.84
C ALA E 770 42.71 -50.25 45.55
N TYR E 771 43.71 -49.98 44.71
CA TYR E 771 44.04 -48.62 44.32
C TYR E 771 43.53 -48.39 42.90
N LEU E 772 42.74 -47.33 42.72
CA LEU E 772 42.20 -47.00 41.42
C LEU E 772 42.61 -45.60 40.98
N PRO E 773 43.36 -45.50 39.86
CA PRO E 773 43.82 -44.21 39.34
C PRO E 773 42.63 -43.30 39.05
N VAL E 774 42.58 -42.16 39.73
CA VAL E 774 41.47 -41.22 39.56
C VAL E 774 41.19 -40.95 38.09
N ASN E 775 42.24 -40.77 37.30
CA ASN E 775 42.01 -40.48 35.88
C ASN E 775 41.56 -41.73 35.14
N GLU E 776 41.25 -42.79 35.89
CA GLU E 776 40.79 -44.05 35.31
C GLU E 776 39.47 -44.48 35.93
N SER E 777 38.95 -43.64 36.82
CA SER E 777 37.70 -43.96 37.52
C SER E 777 36.42 -43.37 36.93
N PHE E 778 36.48 -42.77 35.74
CA PHE E 778 35.27 -42.19 35.15
C PHE E 778 34.27 -43.25 34.72
N GLY E 779 33.08 -43.22 35.32
CA GLY E 779 32.05 -44.19 35.00
C GLY E 779 32.37 -45.55 35.60
N PHE E 780 33.25 -45.55 36.60
CA PHE E 780 33.67 -46.77 37.27
C PHE E 780 32.49 -47.55 37.81
N THR E 781 31.68 -46.90 38.63
CA THR E 781 30.53 -47.55 39.22
C THR E 781 29.62 -48.13 38.16
N GLY E 782 29.41 -47.36 37.09
CA GLY E 782 28.57 -47.81 36.00
C GLY E 782 29.08 -49.14 35.46
N GLU E 783 30.39 -49.25 35.28
CA GLU E 783 30.97 -50.48 34.77
C GLU E 783 31.01 -51.60 35.79
N LEU E 784 31.21 -51.25 37.06
CA LEU E 784 31.25 -52.25 38.11
C LEU E 784 29.84 -52.84 38.28
N ARG E 785 28.83 -52.06 37.94
CA ARG E 785 27.45 -52.54 38.06
C ARG E 785 27.28 -53.75 37.15
N GLN E 786 27.47 -53.60 35.85
CA GLN E 786 27.33 -54.73 34.92
C GLN E 786 28.14 -55.96 35.37
N ALA E 787 29.44 -55.76 35.59
CA ALA E 787 30.37 -56.80 36.00
C ALA E 787 29.90 -57.75 37.11
N THR E 788 29.78 -57.24 38.32
CA THR E 788 29.38 -58.06 39.46
C THR E 788 27.90 -58.20 39.69
N GLY E 789 27.12 -58.20 38.62
CA GLY E 789 25.67 -58.34 38.74
C GLY E 789 24.96 -57.38 39.70
N GLY E 790 25.59 -56.23 39.97
CA GLY E 790 25.00 -55.25 40.87
C GLY E 790 25.04 -55.61 42.35
N GLN E 791 25.76 -56.68 42.72
CA GLN E 791 25.84 -57.11 44.11
C GLN E 791 26.95 -56.40 44.84
N ALA E 792 27.83 -55.79 44.07
CA ALA E 792 28.95 -55.08 44.64
C ALA E 792 28.59 -53.71 45.17
N PHE E 793 29.14 -53.38 46.34
CA PHE E 793 28.90 -52.09 46.98
C PHE E 793 30.23 -51.31 47.07
N PRO E 794 30.53 -50.49 46.03
CA PRO E 794 31.75 -49.68 45.90
C PRO E 794 31.87 -48.58 46.95
N GLN E 795 33.12 -48.21 47.24
CA GLN E 795 33.44 -47.17 48.22
C GLN E 795 34.87 -46.75 47.90
N MET E 796 35.08 -45.47 47.63
CA MET E 796 36.42 -44.99 47.31
C MET E 796 36.70 -43.57 47.79
N VAL E 797 37.96 -43.35 48.14
CA VAL E 797 38.43 -42.06 48.65
C VAL E 797 39.82 -41.77 48.09
N PHE E 798 40.20 -40.51 48.09
CA PHE E 798 41.52 -40.15 47.60
C PHE E 798 42.55 -40.74 48.54
N ASP E 799 43.56 -41.39 47.98
CA ASP E 799 44.56 -42.00 48.83
C ASP E 799 45.95 -41.39 48.77
N HIS E 800 46.53 -41.39 47.57
CA HIS E 800 47.89 -40.91 47.41
C HIS E 800 48.24 -40.42 46.03
N TRP E 801 49.50 -40.07 45.89
CA TRP E 801 50.03 -39.63 44.62
C TRP E 801 51.00 -40.70 44.16
N SER E 802 50.88 -41.06 42.89
CA SER E 802 51.73 -42.07 42.26
C SER E 802 52.63 -41.44 41.19
N THR E 803 53.92 -41.59 41.39
CA THR E 803 54.91 -41.06 40.48
C THR E 803 55.02 -41.94 39.25
N LEU E 804 54.65 -41.41 38.10
CA LEU E 804 54.75 -42.21 36.89
C LEU E 804 56.23 -42.40 36.57
N GLY E 805 56.58 -43.57 36.02
CA GLY E 805 57.97 -43.86 35.68
C GLY E 805 58.46 -43.16 34.43
N SER E 806 57.66 -43.21 33.37
CA SER E 806 58.01 -42.58 32.11
C SER E 806 58.50 -41.14 32.27
N ASP E 807 59.22 -40.69 31.23
CA ASP E 807 59.79 -39.34 31.15
C ASP E 807 58.81 -38.28 30.63
N PRO E 808 58.39 -37.34 31.50
CA PRO E 808 57.45 -36.31 31.05
C PRO E 808 58.00 -35.50 29.86
N LEU E 809 59.30 -35.54 29.67
CA LEU E 809 59.93 -34.80 28.59
C LEU E 809 59.82 -35.51 27.25
N ASP E 810 59.60 -36.82 27.28
CA ASP E 810 59.46 -37.57 26.03
C ASP E 810 58.01 -37.67 25.58
N PRO E 811 57.65 -36.92 24.54
CA PRO E 811 56.31 -36.86 23.95
C PRO E 811 55.62 -38.21 23.78
N THR E 812 56.32 -39.21 23.24
CA THR E 812 55.72 -40.52 23.04
C THR E 812 55.53 -41.33 24.31
N SER E 813 56.24 -40.98 25.38
CA SER E 813 56.11 -41.72 26.63
C SER E 813 54.69 -41.55 27.16
N LYS E 814 54.35 -42.28 28.22
CA LYS E 814 53.01 -42.21 28.79
C LYS E 814 52.78 -40.88 29.47
N ALA E 815 53.75 -40.46 30.27
CA ALA E 815 53.63 -39.19 30.96
C ALA E 815 53.73 -38.08 29.95
N GLY E 816 54.73 -38.19 29.08
CA GLY E 816 54.94 -37.19 28.06
C GLY E 816 53.67 -36.97 27.27
N GLU E 817 52.87 -38.01 27.19
CA GLU E 817 51.61 -37.91 26.47
C GLU E 817 50.69 -36.98 27.24
N ILE E 818 50.62 -37.18 28.55
CA ILE E 818 49.78 -36.36 29.41
C ILE E 818 50.21 -34.90 29.26
N VAL E 819 51.51 -34.67 29.45
CA VAL E 819 52.11 -33.33 29.36
C VAL E 819 51.84 -32.61 28.04
N LEU E 820 52.03 -33.30 26.92
CA LEU E 820 51.82 -32.69 25.59
C LEU E 820 50.38 -32.22 25.42
N ALA E 821 49.46 -33.12 25.69
CA ALA E 821 48.06 -32.82 25.56
C ALA E 821 47.73 -31.63 26.43
N ALA E 822 48.18 -31.70 27.67
CA ALA E 822 47.95 -30.64 28.63
C ALA E 822 48.56 -29.35 28.09
N ARG E 823 49.83 -29.41 27.70
CA ARG E 823 50.49 -28.22 27.16
C ARG E 823 49.68 -27.60 26.04
N LYS E 824 49.21 -28.45 25.12
CA LYS E 824 48.42 -27.99 23.98
C LYS E 824 47.12 -27.35 24.44
N ARG E 825 46.43 -28.05 25.32
CA ARG E 825 45.18 -27.54 25.85
C ARG E 825 45.35 -26.12 26.41
N HIS E 826 46.42 -25.89 27.17
CA HIS E 826 46.71 -24.56 27.76
C HIS E 826 47.28 -23.60 26.73
N GLY E 827 47.42 -24.07 25.49
CA GLY E 827 47.99 -23.19 24.48
C GLY E 827 49.42 -22.76 24.77
N MET E 828 50.24 -23.63 25.36
CA MET E 828 51.65 -23.33 25.64
C MET E 828 52.49 -23.90 24.51
N LYS E 829 53.78 -23.61 24.52
CA LYS E 829 54.63 -24.17 23.48
C LYS E 829 54.58 -25.68 23.69
N GLU E 830 54.30 -26.42 22.62
CA GLU E 830 54.17 -27.86 22.72
C GLU E 830 55.33 -28.60 23.39
N GLU E 831 56.53 -28.08 23.28
CA GLU E 831 57.70 -28.74 23.87
C GLU E 831 57.98 -28.18 25.24
N VAL E 832 58.58 -28.98 26.12
CA VAL E 832 58.89 -28.51 27.46
C VAL E 832 60.22 -27.75 27.43
N PRO E 833 60.25 -26.54 28.02
CA PRO E 833 61.47 -25.75 28.03
C PRO E 833 62.60 -26.51 28.73
N GLY E 834 63.78 -26.49 28.12
CA GLY E 834 64.91 -27.16 28.72
C GLY E 834 65.39 -26.26 29.84
N TRP E 835 66.28 -26.75 30.68
CA TRP E 835 66.74 -25.91 31.76
C TRP E 835 67.46 -24.65 31.26
N GLN E 836 68.11 -24.72 30.11
CA GLN E 836 68.83 -23.57 29.54
C GLN E 836 67.99 -22.29 29.40
N GLU E 837 66.68 -22.44 29.24
CA GLU E 837 65.79 -21.29 29.10
C GLU E 837 65.76 -20.50 30.38
N TYR E 838 65.92 -21.18 31.50
CA TYR E 838 65.86 -20.48 32.76
C TYR E 838 67.21 -20.22 33.39
N TYR E 839 68.24 -20.91 32.93
CA TYR E 839 69.57 -20.70 33.46
C TYR E 839 70.02 -19.38 32.86
N ASP E 840 71.06 -18.77 33.41
CA ASP E 840 71.53 -17.51 32.88
C ASP E 840 71.91 -17.72 31.43
N LYS E 841 71.56 -16.78 30.57
CA LYS E 841 71.87 -16.94 29.16
C LYS E 841 73.35 -16.75 28.84
N LEU E 842 74.20 -17.40 29.61
CA LEU E 842 75.64 -17.32 29.39
C LEU E 842 76.09 -18.44 28.48
N GLU F 1 45.54 8.45 13.85
CA GLU F 1 45.44 7.00 14.16
C GLU F 1 46.55 6.28 13.42
N PHE F 2 47.58 5.87 14.13
CA PHE F 2 48.68 5.19 13.48
C PHE F 2 48.72 3.70 13.75
N LEU F 3 47.61 3.11 14.19
CA LEU F 3 47.57 1.68 14.49
C LEU F 3 47.13 0.76 13.36
N GLY F 4 47.08 1.27 12.13
CA GLY F 4 46.65 0.43 11.03
C GLY F 4 45.21 0.05 11.31
N ASP F 5 44.63 -0.83 10.51
CA ASP F 5 43.25 -1.20 10.77
C ASP F 5 43.06 -2.66 11.12
N GLY F 6 42.05 -2.94 11.95
CA GLY F 6 41.76 -4.31 12.35
C GLY F 6 41.21 -4.61 13.76
N GLY F 7 40.29 -3.79 14.26
CA GLY F 7 39.76 -4.09 15.58
C GLY F 7 40.68 -3.77 16.73
N ASP F 8 40.11 -3.10 17.72
CA ASP F 8 40.81 -2.65 18.91
C ASP F 8 41.98 -3.43 19.43
N VAL F 9 43.05 -2.68 19.65
CA VAL F 9 44.31 -3.21 20.15
C VAL F 9 44.39 -2.99 21.67
N SER F 10 44.72 -4.05 22.42
CA SER F 10 44.85 -3.96 23.88
C SER F 10 46.06 -4.76 24.36
N PHE F 11 46.48 -4.50 25.59
CA PHE F 11 47.63 -5.21 26.11
C PHE F 11 47.31 -6.24 27.19
N SER F 12 47.62 -7.49 26.89
CA SER F 12 47.38 -8.61 27.80
C SER F 12 48.63 -9.36 28.18
N THR F 13 48.55 -9.99 29.35
CA THR F 13 49.64 -10.78 29.84
C THR F 13 49.80 -11.92 28.83
N ARG F 14 48.68 -12.26 28.21
CA ARG F 14 48.61 -13.30 27.21
C ARG F 14 49.15 -12.86 25.84
N GLY F 15 49.50 -11.58 25.72
CA GLY F 15 50.01 -11.05 24.46
C GLY F 15 49.15 -9.95 23.87
N THR F 16 49.73 -9.04 23.11
CA THR F 16 48.94 -7.95 22.55
C THR F 16 47.83 -8.41 21.61
N GLN F 17 46.62 -7.99 21.95
CA GLN F 17 45.43 -8.35 21.19
C GLN F 17 45.24 -7.60 19.90
N ASN F 18 44.97 -8.34 18.82
CA ASN F 18 44.76 -7.76 17.49
C ASN F 18 46.01 -7.03 17.05
N TRP F 19 47.11 -7.73 16.85
CA TRP F 19 48.31 -7.05 16.39
C TRP F 19 49.25 -8.04 15.80
N THR F 20 49.15 -8.16 14.48
CA THR F 20 49.97 -9.08 13.71
C THR F 20 51.07 -8.33 13.01
N VAL F 21 52.06 -9.08 12.53
CA VAL F 21 53.19 -8.49 11.81
C VAL F 21 52.66 -7.72 10.63
N GLU F 22 51.68 -8.31 9.97
CA GLU F 22 51.11 -7.67 8.82
C GLU F 22 50.61 -6.31 9.23
N ARG F 23 49.73 -6.27 10.23
CA ARG F 23 49.19 -4.98 10.66
C ARG F 23 50.32 -4.02 11.00
N LEU F 24 51.41 -4.55 11.52
CA LEU F 24 52.53 -3.70 11.90
C LEU F 24 53.10 -3.01 10.68
N LEU F 25 53.47 -3.81 9.70
CA LEU F 25 54.04 -3.25 8.49
C LEU F 25 53.19 -2.10 7.98
N GLN F 26 51.87 -2.24 8.04
CA GLN F 26 50.98 -1.19 7.57
C GLN F 26 51.16 0.10 8.37
N ALA F 27 50.93 0.01 9.68
CA ALA F 27 51.09 1.17 10.51
C ALA F 27 52.45 1.79 10.29
N HIS F 28 53.43 0.94 10.11
CA HIS F 28 54.77 1.45 9.91
C HIS F 28 54.84 2.38 8.73
N ARG F 29 54.49 1.89 7.55
CA ARG F 29 54.56 2.75 6.37
C ARG F 29 53.66 3.95 6.58
N GLN F 30 52.43 3.74 7.01
CA GLN F 30 51.52 4.85 7.22
C GLN F 30 52.17 5.92 8.07
N LEU F 31 53.11 5.52 8.91
CA LEU F 31 53.82 6.44 9.78
C LEU F 31 54.94 7.18 9.06
N GLU F 32 55.51 6.55 8.03
CA GLU F 32 56.58 7.17 7.26
C GLU F 32 56.00 8.18 6.31
N GLU F 33 54.93 7.76 5.64
CA GLU F 33 54.22 8.58 4.68
C GLU F 33 53.79 9.92 5.32
N ARG F 34 53.78 9.97 6.64
CA ARG F 34 53.41 11.19 7.33
C ARG F 34 54.65 11.90 7.83
N GLY F 35 55.81 11.35 7.51
CA GLY F 35 57.05 11.96 7.94
C GLY F 35 57.54 11.54 9.32
N TYR F 36 57.28 10.30 9.72
CA TYR F 36 57.78 9.87 11.01
C TYR F 36 58.86 8.86 10.79
N VAL F 37 59.73 8.73 11.77
CA VAL F 37 60.83 7.80 11.68
C VAL F 37 60.98 7.03 12.98
N PHE F 38 61.43 5.79 12.85
CA PHE F 38 61.62 4.93 13.99
C PHE F 38 62.92 5.24 14.69
N VAL F 39 62.86 5.39 16.01
CA VAL F 39 64.05 5.67 16.79
C VAL F 39 64.32 4.60 17.81
N GLY F 40 63.33 3.76 18.09
CA GLY F 40 63.60 2.72 19.06
C GLY F 40 62.49 1.91 19.69
N TYR F 41 62.91 1.08 20.63
CA TYR F 41 62.03 0.20 21.38
C TYR F 41 61.89 0.68 22.82
N HIS F 42 60.71 0.47 23.40
CA HIS F 42 60.48 0.86 24.79
C HIS F 42 59.58 -0.19 25.43
N GLY F 43 60.13 -0.84 26.46
CA GLY F 43 59.40 -1.86 27.18
C GLY F 43 58.86 -1.26 28.47
N THR F 44 57.81 -1.85 29.00
CA THR F 44 57.21 -1.33 30.22
C THR F 44 56.06 -2.25 30.60
N PHE F 45 55.33 -1.87 31.64
CA PHE F 45 54.24 -2.71 32.06
C PHE F 45 52.94 -2.46 31.33
N LEU F 46 52.14 -3.51 31.28
CA LEU F 46 50.87 -3.47 30.62
C LEU F 46 50.12 -2.15 30.78
N GLU F 47 49.86 -1.72 32.01
CA GLU F 47 49.13 -0.47 32.18
C GLU F 47 49.75 0.67 31.40
N ALA F 48 51.05 0.87 31.59
CA ALA F 48 51.75 1.94 30.91
C ALA F 48 51.62 1.81 29.41
N ALA F 49 51.92 0.62 28.91
CA ALA F 49 51.84 0.38 27.48
C ALA F 49 50.54 0.94 26.93
N GLN F 50 49.47 0.72 27.68
CA GLN F 50 48.16 1.21 27.27
C GLN F 50 48.14 2.72 27.31
N SER F 51 48.54 3.30 28.41
CA SER F 51 48.52 4.74 28.55
C SER F 51 49.28 5.41 27.41
N ILE F 52 50.44 4.85 27.08
CA ILE F 52 51.28 5.40 26.03
C ILE F 52 50.61 5.34 24.67
N VAL F 53 50.36 4.12 24.20
CA VAL F 53 49.77 3.97 22.89
C VAL F 53 48.44 4.69 22.67
N PHE F 54 47.71 4.96 23.74
CA PHE F 54 46.43 5.65 23.60
C PHE F 54 46.42 6.85 24.53
N GLY F 55 47.07 7.92 24.11
CA GLY F 55 47.14 9.10 24.95
C GLY F 55 48.55 9.64 24.97
N GLY F 56 49.44 8.91 24.31
CA GLY F 56 50.82 9.33 24.25
C GLY F 56 51.64 9.44 25.51
N VAL F 57 52.95 9.44 25.28
CA VAL F 57 53.95 9.55 26.30
C VAL F 57 53.81 10.92 26.91
N ARG F 58 53.78 10.99 28.22
CA ARG F 58 53.70 12.28 28.87
C ARG F 58 54.51 12.23 30.15
N ALA F 59 55.26 13.29 30.45
CA ALA F 59 56.03 13.33 31.69
C ALA F 59 54.98 13.59 32.75
N ARG F 60 55.33 13.48 34.02
CA ARG F 60 54.34 13.70 35.06
C ARG F 60 54.98 13.96 36.38
N SER F 61 55.09 15.22 36.74
CA SER F 61 55.68 15.55 38.01
C SER F 61 57.10 15.01 38.18
N GLN F 62 57.93 15.15 37.15
CA GLN F 62 59.30 14.68 37.24
C GLN F 62 60.02 15.48 38.32
N ASP F 63 61.11 14.94 38.84
CA ASP F 63 61.88 15.65 39.84
C ASP F 63 62.60 16.69 39.00
N LEU F 64 62.23 17.95 39.16
CA LEU F 64 62.87 19.00 38.36
C LEU F 64 64.38 19.06 38.50
N ASP F 65 64.88 18.79 39.70
CA ASP F 65 66.31 18.82 39.93
C ASP F 65 67.04 17.67 39.23
N ALA F 66 66.32 16.60 38.90
CA ALA F 66 66.92 15.44 38.25
C ALA F 66 67.27 15.70 36.79
N ILE F 67 68.54 16.01 36.55
CA ILE F 67 69.00 16.36 35.21
C ILE F 67 68.95 15.30 34.10
N TRP F 68 68.91 14.02 34.45
CA TRP F 68 68.85 13.01 33.41
C TRP F 68 67.43 12.56 33.19
N ARG F 69 66.48 13.38 33.62
CA ARG F 69 65.07 13.05 33.49
C ARG F 69 64.67 13.01 32.01
N GLY F 70 63.86 12.03 31.62
CA GLY F 70 63.44 11.92 30.24
C GLY F 70 62.90 10.55 29.89
N PHE F 71 62.53 10.34 28.64
CA PHE F 71 61.97 9.07 28.19
C PHE F 71 63.06 8.16 27.63
N TYR F 72 63.41 7.13 28.39
CA TYR F 72 64.44 6.19 27.95
C TYR F 72 63.89 5.10 27.02
N ILE F 73 64.68 4.76 25.99
CA ILE F 73 64.31 3.75 25.01
C ILE F 73 65.58 3.14 24.45
N ALA F 74 65.43 2.17 23.55
CA ALA F 74 66.59 1.49 22.96
C ALA F 74 66.39 1.04 21.53
N GLY F 75 67.48 1.06 20.77
CA GLY F 75 67.43 0.63 19.39
C GLY F 75 67.42 -0.89 19.34
N ASP F 76 67.93 -1.50 20.40
CA ASP F 76 67.99 -2.96 20.51
C ASP F 76 66.81 -3.47 21.35
N PRO F 77 65.84 -4.14 20.72
CA PRO F 77 64.71 -4.62 21.51
C PRO F 77 65.18 -5.32 22.77
N ALA F 78 66.20 -6.16 22.63
CA ALA F 78 66.73 -6.88 23.77
C ALA F 78 66.87 -6.00 25.00
N LEU F 79 67.69 -4.95 24.91
CA LEU F 79 67.88 -4.09 26.07
C LEU F 79 66.58 -3.52 26.60
N ALA F 80 65.63 -3.29 25.71
CA ALA F 80 64.36 -2.74 26.14
C ALA F 80 63.54 -3.85 26.82
N TYR F 81 63.54 -4.99 26.15
CA TYR F 81 62.82 -6.15 26.60
C TYR F 81 62.97 -6.42 28.09
N GLY F 82 64.08 -5.97 28.66
CA GLY F 82 64.30 -6.22 30.07
C GLY F 82 63.40 -5.43 30.97
N TYR F 83 62.86 -4.34 30.44
CA TYR F 83 62.02 -3.46 31.22
C TYR F 83 60.54 -3.70 31.00
N ALA F 84 60.23 -4.67 30.15
CA ALA F 84 58.85 -4.96 29.85
C ALA F 84 58.27 -5.93 30.87
N GLN F 85 58.14 -5.47 32.11
CA GLN F 85 57.62 -6.30 33.18
C GLN F 85 57.31 -5.41 34.38
N ASP F 86 56.45 -5.89 35.28
CA ASP F 86 56.13 -5.12 36.48
C ASP F 86 57.44 -4.99 37.22
N GLN F 87 57.55 -3.97 38.05
CA GLN F 87 58.79 -3.88 38.77
C GLN F 87 58.54 -3.99 40.26
N GLU F 88 57.53 -4.79 40.59
CA GLU F 88 57.15 -5.09 41.96
C GLU F 88 55.87 -5.88 41.95
N PRO F 89 55.71 -6.85 42.88
CA PRO F 89 54.56 -7.75 43.04
C PRO F 89 53.17 -7.16 43.15
N ASP F 90 52.15 -7.99 42.92
CA ASP F 90 50.80 -7.50 43.10
C ASP F 90 50.34 -8.12 44.42
N ALA F 91 49.07 -8.03 44.75
CA ALA F 91 48.59 -8.57 46.03
C ALA F 91 48.79 -10.07 46.23
N ARG F 92 49.09 -10.77 45.14
CA ARG F 92 49.30 -12.22 45.21
C ARG F 92 50.74 -12.63 44.81
N GLY F 93 51.71 -11.77 45.07
CA GLY F 93 53.10 -12.06 44.73
C GLY F 93 53.36 -12.05 43.23
N ARG F 94 52.35 -11.66 42.46
CA ARG F 94 52.44 -11.64 41.00
C ARG F 94 53.36 -10.56 40.42
N ILE F 95 54.03 -10.94 39.34
CA ILE F 95 54.93 -10.08 38.59
C ILE F 95 54.69 -10.54 37.15
N ARG F 96 53.76 -9.90 36.47
CA ARG F 96 53.51 -10.31 35.13
C ARG F 96 54.36 -9.56 34.13
N ASN F 97 54.49 -10.14 32.95
CA ASN F 97 55.28 -9.55 31.90
C ASN F 97 54.55 -8.33 31.37
N GLY F 98 55.28 -7.48 30.65
CA GLY F 98 54.70 -6.29 30.09
C GLY F 98 54.62 -6.38 28.57
N ALA F 99 54.90 -5.27 27.89
CA ALA F 99 54.85 -5.21 26.43
C ALA F 99 55.94 -4.34 25.79
N LEU F 100 56.39 -4.76 24.62
CA LEU F 100 57.44 -4.05 23.91
C LEU F 100 56.87 -3.05 22.93
N LEU F 101 57.23 -1.78 23.12
CA LEU F 101 56.75 -0.71 22.27
C LEU F 101 57.77 -0.16 21.27
N ARG F 102 57.28 0.27 20.10
CA ARG F 102 58.09 0.89 19.03
C ARG F 102 57.83 2.38 19.11
N VAL F 103 58.91 3.15 19.19
CA VAL F 103 58.81 4.59 19.30
C VAL F 103 59.19 5.31 18.02
N TYR F 104 58.32 6.23 17.61
CA TYR F 104 58.52 7.06 16.42
C TYR F 104 58.40 8.56 16.79
N VAL F 105 59.23 9.39 16.15
CA VAL F 105 59.17 10.85 16.37
C VAL F 105 58.94 11.53 15.04
N PRO F 106 58.63 12.82 15.07
CA PRO F 106 58.43 13.48 13.80
C PRO F 106 59.83 13.56 13.21
N ARG F 107 59.93 13.21 11.93
CA ARG F 107 61.22 13.22 11.27
C ARG F 107 61.91 14.58 11.44
N SER F 108 61.11 15.63 11.46
CA SER F 108 61.65 16.97 11.59
C SER F 108 62.40 17.16 12.89
N SER F 109 62.50 16.13 13.70
CA SER F 109 63.20 16.28 14.97
C SER F 109 64.54 15.59 14.93
N LEU F 110 64.82 14.88 13.87
CA LEU F 110 66.10 14.21 13.75
C LEU F 110 67.33 15.07 14.11
N PRO F 111 67.41 16.33 13.64
CA PRO F 111 68.54 17.24 13.92
C PRO F 111 68.97 17.36 15.38
N GLY F 112 68.07 17.03 16.29
CA GLY F 112 68.38 17.14 17.71
C GLY F 112 68.86 15.85 18.32
N PHE F 113 68.88 14.77 17.54
CA PHE F 113 69.35 13.49 18.04
C PHE F 113 70.89 13.52 17.97
N TYR F 114 71.56 13.18 19.09
CA TYR F 114 73.03 13.16 19.14
C TYR F 114 73.52 11.88 19.79
N ARG F 115 74.83 11.61 19.67
CA ARG F 115 75.41 10.40 20.24
C ARG F 115 76.80 10.58 20.82
N THR F 116 77.10 9.78 21.84
CA THR F 116 78.40 9.80 22.52
C THR F 116 78.78 8.39 22.91
N SER F 117 80.06 8.19 23.14
CA SER F 117 80.54 6.88 23.53
C SER F 117 80.68 6.83 25.02
N LEU F 118 80.40 7.95 25.68
CA LEU F 118 80.50 8.01 27.11
C LEU F 118 79.28 7.32 27.70
N THR F 119 79.39 6.78 28.90
CA THR F 119 78.23 6.13 29.52
C THR F 119 77.41 7.30 30.01
N LEU F 120 76.15 7.07 30.40
CA LEU F 120 75.32 8.20 30.79
C LEU F 120 75.19 8.78 32.20
N ALA F 121 74.70 8.01 33.17
CA ALA F 121 74.50 8.55 34.51
C ALA F 121 75.76 8.94 35.29
N ALA F 122 76.27 10.12 35.00
CA ALA F 122 77.46 10.59 35.68
C ALA F 122 77.73 12.01 35.30
N PRO F 123 78.34 12.75 36.21
CA PRO F 123 78.68 14.15 35.96
C PRO F 123 79.62 14.27 34.74
N GLU F 124 80.53 13.31 34.59
CA GLU F 124 81.49 13.34 33.48
C GLU F 124 80.88 13.42 32.10
N ALA F 125 79.81 12.68 31.87
CA ALA F 125 79.19 12.69 30.57
C ALA F 125 78.27 13.90 30.43
N ALA F 126 77.87 14.44 31.57
CA ALA F 126 76.97 15.57 31.61
C ALA F 126 77.43 16.69 30.68
N GLY F 127 78.62 17.20 30.94
CA GLY F 127 79.15 18.28 30.14
C GLY F 127 79.31 17.93 28.67
N GLU F 128 79.70 16.68 28.38
CA GLU F 128 79.90 16.29 27.00
C GLU F 128 78.58 16.24 26.32
N VAL F 129 77.57 15.84 27.06
CA VAL F 129 76.25 15.77 26.49
C VAL F 129 75.80 17.20 26.28
N GLU F 130 76.16 18.07 27.22
CA GLU F 130 75.74 19.46 27.11
C GLU F 130 76.44 20.20 25.96
N ARG F 131 77.66 19.78 25.66
CA ARG F 131 78.41 20.39 24.59
C ARG F 131 77.66 20.06 23.30
N LEU F 132 77.32 18.79 23.12
CA LEU F 132 76.63 18.36 21.92
C LEU F 132 75.22 18.93 21.81
N ILE F 133 74.53 18.98 22.94
CA ILE F 133 73.15 19.44 22.98
C ILE F 133 73.03 20.93 22.76
N GLY F 134 74.05 21.67 23.16
CA GLY F 134 73.98 23.10 22.96
C GLY F 134 73.37 23.84 24.12
N HIS F 135 73.21 23.19 25.26
CA HIS F 135 72.67 23.86 26.43
C HIS F 135 72.70 22.93 27.62
N PRO F 136 72.64 23.46 28.85
CA PRO F 136 72.69 22.62 30.05
C PRO F 136 71.56 21.60 30.13
N LEU F 137 71.81 20.47 30.78
CA LEU F 137 70.77 19.46 30.92
C LEU F 137 69.70 20.09 31.78
N PRO F 138 68.50 19.50 31.83
CA PRO F 138 68.09 18.29 31.13
C PRO F 138 67.93 18.48 29.64
N LEU F 139 67.85 17.37 28.94
CA LEU F 139 67.65 17.39 27.51
C LEU F 139 66.26 17.98 27.38
N ARG F 140 65.91 18.49 26.21
CA ARG F 140 64.59 19.04 26.05
C ARG F 140 63.99 18.61 24.72
N LEU F 141 64.26 19.35 23.65
CA LEU F 141 63.74 18.98 22.35
C LEU F 141 64.85 18.31 21.58
N ASP F 142 65.66 17.56 22.29
CA ASP F 142 66.79 16.85 21.70
C ASP F 142 66.91 15.54 22.42
N ALA F 143 67.73 14.66 21.88
CA ALA F 143 67.93 13.34 22.48
C ALA F 143 69.42 12.97 22.47
N ILE F 144 69.81 12.04 23.35
CA ILE F 144 71.19 11.58 23.43
C ILE F 144 71.22 10.06 23.44
N THR F 145 72.15 9.47 22.72
CA THR F 145 72.26 8.02 22.66
C THR F 145 73.65 7.57 23.01
N GLY F 146 73.76 6.72 24.02
CA GLY F 146 75.05 6.22 24.45
C GLY F 146 74.96 4.96 25.30
N PRO F 147 76.10 4.33 25.61
CA PRO F 147 76.12 3.13 26.43
C PRO F 147 75.35 3.22 27.73
N GLU F 148 74.52 2.21 27.96
CA GLU F 148 73.70 2.13 29.16
C GLU F 148 74.65 2.29 30.35
N GLU F 149 75.75 1.56 30.29
CA GLU F 149 76.82 1.56 31.29
C GLU F 149 78.07 1.06 30.54
N GLU F 150 79.18 0.83 31.25
CA GLU F 150 80.41 0.37 30.58
C GLU F 150 80.32 -0.96 29.83
N GLY F 151 80.48 -0.89 28.51
CA GLY F 151 80.42 -2.09 27.68
C GLY F 151 79.03 -2.60 27.39
N GLY F 152 78.03 -1.95 27.98
CA GLY F 152 76.66 -2.37 27.77
C GLY F 152 76.12 -1.95 26.43
N ARG F 153 74.82 -2.16 26.27
CA ARG F 153 74.13 -1.82 25.03
C ARG F 153 73.74 -0.34 25.09
N LEU F 154 73.26 0.21 23.99
CA LEU F 154 72.89 1.62 23.92
C LEU F 154 71.46 1.96 24.24
N GLU F 155 71.30 2.99 25.05
CA GLU F 155 69.98 3.47 25.41
C GLU F 155 69.90 4.87 24.82
N THR F 156 68.68 5.30 24.52
CA THR F 156 68.48 6.62 23.99
C THR F 156 67.50 7.35 24.91
N ILE F 157 67.94 8.48 25.45
CA ILE F 157 67.10 9.28 26.32
C ILE F 157 66.52 10.42 25.53
N LEU F 158 65.23 10.39 25.26
CA LEU F 158 64.62 11.49 24.53
C LEU F 158 64.18 12.43 25.62
N GLY F 159 64.37 13.72 25.41
CA GLY F 159 63.96 14.71 26.39
C GLY F 159 62.45 14.64 26.54
N TRP F 160 61.91 15.15 27.65
CA TRP F 160 60.48 15.08 27.82
C TRP F 160 59.77 15.86 26.72
N PRO F 161 60.26 17.07 26.40
CA PRO F 161 59.57 17.78 25.33
C PRO F 161 59.49 16.94 24.07
N LEU F 162 60.64 16.43 23.64
CA LEU F 162 60.66 15.60 22.43
C LEU F 162 59.72 14.44 22.64
N ALA F 163 59.91 13.74 23.75
CA ALA F 163 59.12 12.56 24.09
C ALA F 163 57.62 12.70 23.91
N GLU F 164 57.08 13.84 24.27
CA GLU F 164 55.65 14.03 24.13
C GLU F 164 55.29 14.21 22.66
N ARG F 165 56.31 14.22 21.81
CA ARG F 165 56.11 14.40 20.38
C ARG F 165 56.33 13.14 19.57
N THR F 166 56.38 12.03 20.28
CA THR F 166 56.60 10.75 19.68
C THR F 166 55.25 10.15 19.38
N VAL F 167 55.26 8.97 18.80
CA VAL F 167 54.03 8.23 18.50
C VAL F 167 54.42 6.79 18.67
N VAL F 168 53.78 6.15 19.63
CA VAL F 168 54.13 4.80 19.89
C VAL F 168 53.06 3.83 19.47
N ILE F 169 53.51 2.71 18.93
CA ILE F 169 52.63 1.63 18.50
C ILE F 169 53.24 0.33 18.99
N PRO F 170 52.42 -0.73 19.09
CA PRO F 170 52.88 -2.03 19.56
C PRO F 170 54.01 -2.61 18.72
N SER F 171 54.64 -3.66 19.22
CA SER F 171 55.73 -4.34 18.52
C SER F 171 55.26 -5.75 18.26
N ALA F 172 55.72 -6.35 17.18
CA ALA F 172 55.30 -7.70 16.91
C ALA F 172 56.15 -8.67 17.71
N ILE F 173 56.91 -8.13 18.65
CA ILE F 173 57.72 -8.98 19.49
C ILE F 173 56.97 -9.24 20.78
N PRO F 174 56.59 -10.49 21.03
CA PRO F 174 55.84 -10.89 22.22
C PRO F 174 56.73 -11.01 23.44
N THR F 175 56.15 -10.84 24.63
CA THR F 175 56.91 -11.01 25.84
C THR F 175 56.45 -12.38 26.34
N ASP F 176 57.27 -13.07 27.13
CA ASP F 176 56.87 -14.40 27.59
C ASP F 176 56.22 -14.40 28.96
N PRO F 177 54.92 -14.73 29.02
CA PRO F 177 54.20 -14.77 30.29
C PRO F 177 54.70 -15.91 31.17
N ARG F 178 55.27 -16.92 30.53
CA ARG F 178 55.79 -18.08 31.23
C ARG F 178 57.31 -18.10 31.42
N ASN F 179 57.93 -16.92 31.41
CA ASN F 179 59.39 -16.78 31.59
C ASN F 179 59.79 -15.32 31.87
N VAL F 180 58.98 -14.66 32.67
CA VAL F 180 59.25 -13.28 33.03
C VAL F 180 60.68 -13.30 33.53
N GLY F 181 61.44 -12.30 33.14
CA GLY F 181 62.80 -12.27 33.62
C GLY F 181 63.78 -12.81 32.62
N GLY F 182 63.34 -13.73 31.75
CA GLY F 182 64.27 -14.25 30.76
C GLY F 182 64.77 -13.19 29.79
N ASP F 183 65.85 -13.46 29.04
CA ASP F 183 66.40 -12.50 28.06
C ASP F 183 65.73 -12.75 26.70
N LEU F 184 65.55 -11.67 25.94
CA LEU F 184 64.89 -11.77 24.64
C LEU F 184 65.63 -12.73 23.73
N ASP F 185 64.91 -13.74 23.28
CA ASP F 185 65.45 -14.73 22.36
C ASP F 185 65.26 -14.17 20.94
N PRO F 186 66.34 -13.71 20.31
CA PRO F 186 66.36 -13.13 18.96
C PRO F 186 65.54 -13.82 17.89
N SER F 187 65.29 -15.12 18.08
CA SER F 187 64.53 -15.89 17.11
C SER F 187 63.05 -15.54 17.17
N SER F 188 62.62 -14.90 18.25
CA SER F 188 61.21 -14.56 18.33
C SER F 188 60.96 -13.16 17.76
N ILE F 189 62.00 -12.54 17.23
CA ILE F 189 61.84 -11.23 16.60
C ILE F 189 61.39 -11.64 15.20
N PRO F 190 60.23 -11.14 14.74
CA PRO F 190 59.75 -11.49 13.38
C PRO F 190 60.58 -10.82 12.29
N ASP F 191 61.09 -11.59 11.32
CA ASP F 191 61.93 -11.04 10.26
C ASP F 191 61.42 -9.77 9.62
N LYS F 192 60.15 -9.77 9.28
CA LYS F 192 59.58 -8.59 8.65
C LYS F 192 59.69 -7.37 9.53
N GLU F 193 59.60 -7.56 10.84
CA GLU F 193 59.69 -6.43 11.75
C GLU F 193 61.11 -5.89 11.81
N GLN F 194 62.07 -6.81 11.78
CA GLN F 194 63.48 -6.44 11.85
C GLN F 194 63.79 -5.59 10.63
N ALA F 195 63.12 -5.91 9.53
CA ALA F 195 63.29 -5.21 8.27
C ALA F 195 62.95 -3.72 8.38
N ILE F 196 61.96 -3.41 9.20
CA ILE F 196 61.57 -2.03 9.35
C ILE F 196 62.17 -1.44 10.62
N SER F 197 63.14 -2.12 11.20
CA SER F 197 63.72 -1.66 12.45
C SER F 197 65.11 -1.05 12.42
N ALA F 198 65.54 -0.55 11.28
CA ALA F 198 66.86 0.08 11.21
C ALA F 198 66.74 1.46 11.84
N LEU F 199 67.81 1.92 12.47
CA LEU F 199 67.78 3.23 13.12
C LEU F 199 68.37 4.31 12.29
N PRO F 200 68.03 5.56 12.62
CA PRO F 200 68.59 6.68 11.86
C PRO F 200 70.04 6.82 12.32
N ASP F 201 70.80 7.61 11.59
CA ASP F 201 72.20 7.84 11.94
C ASP F 201 72.27 9.17 12.70
N TYR F 202 72.67 9.10 13.96
CA TYR F 202 72.75 10.31 14.78
C TYR F 202 74.09 11.02 14.65
N ALA F 203 74.02 12.35 14.79
CA ALA F 203 75.20 13.19 14.72
C ALA F 203 76.00 13.08 16.01
N SER F 204 77.31 13.12 15.88
CA SER F 204 78.18 13.02 17.02
C SER F 204 78.84 14.35 17.28
N GLN F 205 78.61 15.31 16.39
CA GLN F 205 79.19 16.64 16.54
C GLN F 205 78.10 17.66 16.78
N PRO F 206 78.33 18.59 17.70
CA PRO F 206 77.36 19.63 18.04
C PRO F 206 76.66 20.22 16.84
N GLY F 207 75.41 20.63 17.06
CA GLY F 207 74.59 21.21 16.01
C GLY F 207 75.28 22.34 15.27
#